data_9F02
#
_entry.id   9F02
#
_cell.length_a   1.00
_cell.length_b   1.00
_cell.length_c   1.00
_cell.angle_alpha   90.00
_cell.angle_beta   90.00
_cell.angle_gamma   90.00
#
_symmetry.space_group_name_H-M   'P 1'
#
loop_
_entity.id
_entity.type
_entity.pdbx_description
1 polymer 'Transmembrane protein gp41'
2 polymer 'Envelope glycoprotein gp160'
3 polymer 'ELC07 heavy chain'
4 polymer 'ELC07 light chain'
5 branched alpha-D-mannopyranose-(1-3)-beta-D-mannopyranose-(1-4)-2-acetamido-2-deoxy-beta-D-glucopyranose-(1-4)-2-acetamido-2-deoxy-beta-D-glucopyranose
6 branched beta-D-mannopyranose-(1-4)-2-acetamido-2-deoxy-beta-D-glucopyranose-(1-4)-2-acetamido-2-deoxy-beta-D-glucopyranose
7 branched 2-acetamido-2-deoxy-beta-D-glucopyranose-(1-4)-2-acetamido-2-deoxy-beta-D-glucopyranose
8 non-polymer 2-acetamido-2-deoxy-beta-D-glucopyranose
#
loop_
_entity_poly.entity_id
_entity_poly.type
_entity_poly.pdbx_seq_one_letter_code
_entity_poly.pdbx_strand_id
1 'polypeptide(L)'
;AVGIGAVFLGFLGAAGSTMGAASMTLTVQARNLLSGIVQQQSNLLRAPEAQQHLLKLTVWGIKQLQARVLAVERYLRDQQ
LLGIWGCSGKLICCTNVPWNSSWSNRNLSEIWDNMTWLQWDKEISNYTQIIYGLLEESQNQQEKNEQDLLALDGSGLNDI
FEAQKIEWHE
;
A,F,E
2 'polypeptide(L)'
;MDAMKRGLCCVLLLCGAVFVSPSQEIHARFRRGARAENLWVTVYYGVPVWKDAETTLFCASDAKAYETEKHNVWATHACV
PTDPNPQEIHLENVTEEFNMWKNNMVEQMHTDIISLWDQSLKPCVKLTPLCVTLQCTNVTNNITDDMRGELKNCSFNMTT
ELRDKKQKVYSLFYRLDVVQINENQGNRSNNSNKEYRLINCNTSAITQACPKVSFEPIPIHYCAPAGFAILKCKDKKFNG
TGPCPSVSTVQCTHGIKPVVSTQLLLNGSLAEEEVMIRSENITNNAKNILVQFNTPVQINCTRPNNNTRKSIRIGPGQAF
YATGDIIGDIRQAHCNVSKATWNETLGKVVKQLRKHFGNNTIIRFANSSGGDLEVTTHSFNCGGEFFYCNTSGLFNSTWI
SNTSVQGSNSTGSNDSITLPCRIKQIINMWQRIGQAMYAPPIQGVIRCVSNITGLILTRDGGSTNSTTETFRPGGGDMRD
NWRSELYKYKVVKIEPLGVAPTRCKRRVVGRRRRRR
;
C,G,N
3 'polypeptide(L)'
;METDTLLLWVLLLWVPGSTGEVQLVQSGAELKKAGSSVKLSCQAYGVAFSTYSFHWVRQAPGQGLEWLGGFIPLVGKPNY
TNKFRGRLTITADESARTTYMELRSLRSDDTAIYYCAGGGAYSSGGGRFHYFGMAVWGQGSTVTVSSASTKGPSVFPLAP
SSKSTSGGTAALGCLVKDYFPEPVTVSWNSGALTSGVHTFPAVLQSSGLYSLSSVVTVPSSSLGTQTYICNVNHKPSNTK
VDKRVEPKSCGSGENLYFQSAGHHHHHH
;
H,I,K
4 'polypeptide(L)'
;MTQTPASLLFLLLLWLPGAKCDIQLTQSPSTLSAPVGAGVTITCQASQSISNGLAWYQQKPGRAPKMLITEGSSLKSGVP
DRFRGSGSGTHFILTISDLQPDDSATYFCQQYNTFPWTFGRGTKVEIKRTVAAPSVFIFPPSDEQLKSGTASVVCLLNNF
YPREAKVQWKVDNALQSGNSQESVTEQDSKDSTYSLSSTLTLSKADYEKHKVYACEVTHQGLSSPVTKSFNRGEC
;
L,J,M
#
# COMPACT_ATOMS: atom_id res chain seq x y z
N GLY A 10 -16.35 -2.48 20.59
CA GLY A 10 -15.25 -2.70 19.68
C GLY A 10 -15.62 -2.51 18.22
N PHE A 11 -15.41 -3.55 17.42
CA PHE A 11 -15.67 -3.48 15.99
C PHE A 11 -17.16 -3.31 15.72
N LEU A 12 -17.50 -2.30 14.91
CA LEU A 12 -18.89 -1.99 14.55
C LEU A 12 -19.74 -1.69 15.78
N GLY A 13 -19.11 -1.21 16.85
CA GLY A 13 -19.84 -0.97 18.09
C GLY A 13 -20.87 0.15 17.99
N ALA A 14 -20.53 1.21 17.25
CA ALA A 14 -21.38 2.39 17.14
C ALA A 14 -22.31 2.35 15.94
N ALA A 15 -22.68 1.16 15.47
CA ALA A 15 -23.56 1.07 14.32
C ALA A 15 -24.98 1.53 14.62
N GLY A 16 -25.36 1.59 15.89
CA GLY A 16 -26.68 2.06 16.27
C GLY A 16 -26.65 3.43 16.91
N SER A 17 -25.44 3.94 17.16
CA SER A 17 -25.29 5.27 17.73
C SER A 17 -25.41 6.33 16.63
N THR A 18 -25.53 7.59 17.06
CA THR A 18 -25.68 8.69 16.13
C THR A 18 -24.41 8.87 15.31
N MET A 19 -24.50 9.71 14.28
CA MET A 19 -23.33 10.00 13.45
C MET A 19 -22.25 10.70 14.26
N GLY A 20 -22.62 11.56 15.20
CA GLY A 20 -21.63 12.24 16.01
C GLY A 20 -20.86 11.31 16.91
N ALA A 21 -21.55 10.35 17.53
CA ALA A 21 -20.88 9.42 18.43
C ALA A 21 -19.97 8.47 17.68
N ALA A 22 -20.33 8.08 16.47
CA ALA A 22 -19.54 7.15 15.67
C ALA A 22 -18.32 7.80 15.01
N SER A 23 -18.19 9.12 15.10
CA SER A 23 -17.04 9.82 14.51
C SER A 23 -15.80 9.76 15.40
N MET A 24 -15.92 9.25 16.62
CA MET A 24 -14.81 9.20 17.56
C MET A 24 -14.18 7.82 17.63
N THR A 25 -14.66 6.86 16.84
CA THR A 25 -14.17 5.48 16.87
C THR A 25 -13.85 4.98 15.48
N LEU A 26 -13.32 5.85 14.61
CA LEU A 26 -13.06 5.46 13.24
C LEU A 26 -11.91 4.46 13.15
N THR A 27 -10.92 4.59 14.04
CA THR A 27 -9.75 3.73 13.97
C THR A 27 -10.09 2.27 14.23
N VAL A 28 -11.18 2.01 14.96
CA VAL A 28 -11.58 0.63 15.23
C VAL A 28 -11.96 -0.07 13.94
N GLN A 29 -12.77 0.58 13.12
CA GLN A 29 -13.09 0.01 11.81
C GLN A 29 -11.90 0.07 10.86
N ALA A 30 -11.05 1.09 10.99
CA ALA A 30 -9.89 1.20 10.11
C ALA A 30 -8.92 0.04 10.29
N ARG A 31 -8.67 -0.36 11.54
CA ARG A 31 -7.74 -1.47 11.77
C ARG A 31 -8.29 -2.79 11.24
N ASN A 32 -9.58 -3.05 11.43
CA ASN A 32 -10.18 -4.32 11.02
C ASN A 32 -10.56 -4.31 9.54
N LEU A 33 -9.58 -3.98 8.69
CA LEU A 33 -9.74 -4.05 7.24
C LEU A 33 -8.52 -4.59 6.54
N LEU A 34 -7.42 -4.84 7.24
CA LEU A 34 -6.16 -5.26 6.66
C LEU A 34 -5.67 -6.60 7.18
N SER A 35 -5.82 -6.86 8.48
CA SER A 35 -5.43 -8.15 9.04
C SER A 35 -6.44 -8.73 10.01
N GLY A 36 -7.49 -8.00 10.38
CA GLY A 36 -8.49 -8.51 11.31
C GLY A 36 -9.81 -8.84 10.65
N LEU A 57 -5.18 -28.97 1.11
CA LEU A 57 -4.78 -29.23 -0.27
C LEU A 57 -4.54 -27.93 -1.03
N THR A 58 -4.12 -28.06 -2.29
CA THR A 58 -3.84 -26.88 -3.09
C THR A 58 -5.13 -26.14 -3.45
N VAL A 59 -6.25 -26.87 -3.52
CA VAL A 59 -7.52 -26.24 -3.88
C VAL A 59 -7.93 -25.23 -2.81
N TRP A 60 -7.84 -25.61 -1.54
CA TRP A 60 -8.18 -24.69 -0.47
C TRP A 60 -7.11 -23.63 -0.27
N GLY A 61 -5.85 -23.98 -0.54
CA GLY A 61 -4.78 -23.01 -0.41
C GLY A 61 -4.93 -21.85 -1.38
N ILE A 62 -5.38 -22.13 -2.60
CA ILE A 62 -5.58 -21.07 -3.58
C ILE A 62 -6.74 -20.18 -3.19
N LYS A 63 -7.81 -20.78 -2.65
CA LYS A 63 -8.99 -19.99 -2.28
C LYS A 63 -8.66 -18.98 -1.18
N GLN A 64 -7.89 -19.39 -0.18
CA GLN A 64 -7.58 -18.50 0.93
C GLN A 64 -6.66 -17.37 0.47
N LEU A 65 -5.73 -17.66 -0.43
CA LEU A 65 -4.80 -16.64 -0.93
C LEU A 65 -5.54 -15.54 -1.66
N GLN A 66 -6.54 -15.91 -2.46
CA GLN A 66 -7.29 -14.93 -3.24
C GLN A 66 -8.02 -13.94 -2.33
N ALA A 67 -8.52 -14.41 -1.19
CA ALA A 67 -9.20 -13.53 -0.25
C ALA A 67 -8.26 -12.44 0.25
N ARG A 68 -7.05 -12.83 0.64
CA ARG A 68 -6.06 -11.87 1.11
C ARG A 68 -5.66 -10.89 0.01
N VAL A 69 -5.46 -11.40 -1.20
CA VAL A 69 -5.14 -10.51 -2.32
C VAL A 69 -6.26 -9.51 -2.57
N LEU A 70 -7.52 -9.95 -2.50
CA LEU A 70 -8.66 -9.06 -2.72
C LEU A 70 -8.76 -8.01 -1.62
N ALA A 71 -8.52 -8.40 -0.37
CA ALA A 71 -8.53 -7.43 0.72
C ALA A 71 -7.45 -6.38 0.54
N VAL A 72 -6.25 -6.81 0.15
CA VAL A 72 -5.17 -5.86 -0.11
C VAL A 72 -5.54 -4.91 -1.24
N GLU A 73 -6.15 -5.44 -2.31
CA GLU A 73 -6.53 -4.59 -3.43
C GLU A 73 -7.58 -3.57 -3.05
N ARG A 74 -8.58 -3.97 -2.27
CA ARG A 74 -9.59 -3.03 -1.82
C ARG A 74 -8.99 -1.93 -0.95
N TYR A 75 -8.11 -2.31 -0.03
CA TYR A 75 -7.45 -1.32 0.82
C TYR A 75 -6.64 -0.35 -0.02
N LEU A 76 -5.91 -0.86 -1.02
CA LEU A 76 -5.07 0.01 -1.84
C LEU A 76 -5.91 0.94 -2.70
N ARG A 77 -7.05 0.47 -3.22
CA ARG A 77 -7.92 1.35 -3.99
C ARG A 77 -8.48 2.47 -3.12
N ASP A 78 -8.92 2.14 -1.90
CA ASP A 78 -9.41 3.19 -1.01
C ASP A 78 -8.30 4.20 -0.69
N GLN A 79 -7.09 3.72 -0.44
CA GLN A 79 -5.99 4.62 -0.12
C GLN A 79 -5.65 5.52 -1.30
N GLN A 80 -5.68 4.97 -2.52
CA GLN A 80 -5.42 5.78 -3.71
C GLN A 80 -6.48 6.85 -3.89
N LEU A 81 -7.75 6.50 -3.67
CA LEU A 81 -8.82 7.49 -3.78
C LEU A 81 -8.63 8.62 -2.76
N LEU A 82 -8.31 8.25 -1.51
CA LEU A 82 -8.07 9.27 -0.50
C LEU A 82 -6.89 10.17 -0.86
N GLY A 83 -5.81 9.57 -1.36
CA GLY A 83 -4.66 10.36 -1.76
C GLY A 83 -4.96 11.30 -2.91
N ILE A 84 -5.74 10.83 -3.90
CA ILE A 84 -6.15 11.69 -4.99
C ILE A 84 -6.99 12.86 -4.51
N TRP A 85 -7.90 12.63 -3.55
CA TRP A 85 -8.73 13.71 -3.03
C TRP A 85 -7.95 14.72 -2.19
N GLY A 86 -6.66 14.52 -1.98
CA GLY A 86 -5.87 15.40 -1.13
C GLY A 86 -5.89 15.06 0.33
N CYS A 87 -6.35 13.87 0.70
CA CYS A 87 -6.56 13.47 2.09
C CYS A 87 -5.68 12.30 2.48
N SER A 88 -4.42 12.32 2.06
CA SER A 88 -3.52 11.19 2.29
C SER A 88 -3.21 11.06 3.78
N GLY A 89 -3.33 9.84 4.30
CA GLY A 89 -3.00 9.56 5.69
C GLY A 89 -3.87 10.26 6.70
N LYS A 90 -5.18 10.31 6.47
CA LYS A 90 -6.11 10.97 7.38
C LYS A 90 -7.35 10.12 7.55
N LEU A 91 -7.99 10.27 8.71
CA LEU A 91 -9.29 9.66 8.97
C LEU A 91 -10.45 10.64 8.82
N ILE A 92 -10.23 11.91 9.17
CA ILE A 92 -11.19 12.98 8.93
C ILE A 92 -10.48 14.07 8.14
N CYS A 93 -11.11 14.52 7.05
CA CYS A 93 -10.46 15.43 6.12
C CYS A 93 -11.45 16.48 5.64
N CYS A 94 -11.12 17.75 5.84
CA CYS A 94 -11.93 18.85 5.36
C CYS A 94 -11.54 19.20 3.93
N THR A 95 -12.52 19.66 3.14
CA THR A 95 -12.33 19.95 1.74
C THR A 95 -12.81 21.36 1.44
N ASN A 96 -12.56 21.81 0.21
CA ASN A 96 -12.97 23.13 -0.26
C ASN A 96 -14.25 23.09 -1.07
N VAL A 97 -14.91 21.93 -1.15
CA VAL A 97 -16.12 21.77 -1.94
C VAL A 97 -17.31 22.18 -1.07
N PRO A 98 -18.06 23.22 -1.43
CA PRO A 98 -19.24 23.58 -0.65
C PRO A 98 -20.35 22.54 -0.80
N TRP A 99 -21.19 22.45 0.21
CA TRP A 99 -22.28 21.48 0.24
C TRP A 99 -23.49 22.06 -0.48
N ASN A 100 -23.90 21.42 -1.57
CA ASN A 100 -25.08 21.84 -2.29
C ASN A 100 -26.33 21.49 -1.48
N SER A 101 -27.25 22.44 -1.37
CA SER A 101 -28.47 22.21 -0.61
C SER A 101 -29.41 21.23 -1.29
N SER A 102 -29.21 20.94 -2.58
CA SER A 102 -30.07 19.98 -3.26
C SER A 102 -29.68 18.55 -2.96
N TRP A 103 -28.50 18.33 -2.37
CA TRP A 103 -28.13 16.99 -1.93
C TRP A 103 -28.88 16.58 -0.68
N SER A 104 -29.05 17.52 0.26
CA SER A 104 -29.81 17.28 1.47
C SER A 104 -30.11 18.63 2.11
N ASN A 105 -31.33 18.76 2.65
CA ASN A 105 -31.78 20.00 3.26
C ASN A 105 -31.80 19.96 4.77
N ARG A 106 -31.47 18.83 5.38
CA ARG A 106 -31.46 18.72 6.83
C ARG A 106 -30.34 19.57 7.41
N ASN A 107 -30.62 20.19 8.56
CA ASN A 107 -29.61 21.00 9.23
C ASN A 107 -28.70 20.11 10.08
N LEU A 108 -27.61 20.71 10.57
CA LEU A 108 -26.59 19.95 11.28
C LEU A 108 -27.10 19.37 12.59
N SER A 109 -28.16 19.93 13.16
CA SER A 109 -28.64 19.43 14.45
C SER A 109 -29.34 18.09 14.32
N GLU A 110 -30.01 17.85 13.19
CA GLU A 110 -30.72 16.59 12.97
C GLU A 110 -29.97 15.62 12.08
N ILE A 111 -28.71 15.90 11.77
CA ILE A 111 -27.85 14.99 11.03
C ILE A 111 -26.83 14.33 11.95
N TRP A 112 -26.09 15.12 12.72
CA TRP A 112 -25.06 14.61 13.60
C TRP A 112 -25.58 14.18 14.96
N ASP A 113 -26.85 14.44 15.26
CA ASP A 113 -27.41 14.12 16.58
C ASP A 113 -28.68 13.28 16.53
N ASN A 114 -29.31 13.12 15.37
CA ASN A 114 -30.53 12.35 15.26
C ASN A 114 -30.50 11.47 14.01
N MET A 115 -29.35 10.85 13.75
CA MET A 115 -29.19 10.05 12.54
C MET A 115 -27.98 9.15 12.69
N THR A 116 -28.04 8.00 12.02
CA THR A 116 -26.92 7.08 11.95
C THR A 116 -26.36 7.05 10.53
N TRP A 117 -25.18 6.45 10.38
CA TRP A 117 -24.54 6.41 9.08
C TRP A 117 -25.29 5.50 8.11
N LEU A 118 -25.91 4.43 8.61
CA LEU A 118 -26.65 3.53 7.75
C LEU A 118 -27.85 4.23 7.12
N GLN A 119 -28.48 5.14 7.85
CA GLN A 119 -29.59 5.91 7.29
C GLN A 119 -29.09 7.01 6.36
N TRP A 120 -27.95 7.63 6.69
CA TRP A 120 -27.39 8.68 5.86
C TRP A 120 -26.95 8.16 4.50
N ASP A 121 -26.36 6.96 4.46
CA ASP A 121 -25.96 6.37 3.19
C ASP A 121 -27.16 6.10 2.30
N LYS A 122 -28.24 5.56 2.87
CA LYS A 122 -29.43 5.27 2.08
C LYS A 122 -30.05 6.54 1.49
N GLU A 123 -29.81 7.69 2.09
CA GLU A 123 -30.35 8.95 1.58
C GLU A 123 -29.43 9.60 0.56
N ILE A 124 -28.12 9.57 0.77
CA ILE A 124 -27.20 10.24 -0.13
C ILE A 124 -26.59 9.29 -1.17
N SER A 125 -27.12 8.08 -1.28
CA SER A 125 -26.60 7.15 -2.29
C SER A 125 -26.78 7.66 -3.71
N ASN A 126 -27.73 8.56 -3.95
CA ASN A 126 -27.98 9.04 -5.30
C ASN A 126 -26.93 10.03 -5.78
N TYR A 127 -26.37 10.84 -4.87
CA TYR A 127 -25.48 11.93 -5.24
C TYR A 127 -24.01 11.63 -4.99
N THR A 128 -23.67 10.37 -4.70
CA THR A 128 -22.30 10.05 -4.31
C THR A 128 -21.31 10.31 -5.44
N GLN A 129 -21.64 9.90 -6.66
CA GLN A 129 -20.70 10.04 -7.78
C GLN A 129 -20.45 11.50 -8.13
N ILE A 130 -21.49 12.34 -8.06
CA ILE A 130 -21.32 13.77 -8.33
C ILE A 130 -20.36 14.38 -7.32
N ILE A 131 -20.52 14.03 -6.04
CA ILE A 131 -19.65 14.55 -5.00
C ILE A 131 -18.22 14.07 -5.20
N TYR A 132 -18.04 12.80 -5.58
CA TYR A 132 -16.69 12.28 -5.81
C TYR A 132 -16.01 13.01 -6.96
N GLY A 133 -16.74 13.21 -8.05
CA GLY A 133 -16.19 13.94 -9.19
C GLY A 133 -15.83 15.38 -8.83
N LEU A 134 -16.70 16.04 -8.06
CA LEU A 134 -16.42 17.40 -7.61
C LEU A 134 -15.17 17.44 -6.74
N LEU A 135 -15.02 16.46 -5.84
CA LEU A 135 -13.83 16.42 -4.99
C LEU A 135 -12.57 16.26 -5.84
N GLU A 136 -12.60 15.34 -6.81
CA GLU A 136 -11.44 15.12 -7.66
C GLU A 136 -11.07 16.37 -8.45
N GLU A 137 -12.05 16.98 -9.11
CA GLU A 137 -11.75 18.14 -9.95
C GLU A 137 -11.42 19.37 -9.13
N SER A 138 -11.89 19.43 -7.87
CA SER A 138 -11.53 20.54 -7.00
C SER A 138 -10.09 20.40 -6.51
N GLN A 139 -9.69 19.18 -6.14
CA GLN A 139 -8.33 18.98 -5.67
C GLN A 139 -7.32 19.16 -6.81
N ASN A 140 -7.65 18.66 -8.01
CA ASN A 140 -6.72 18.81 -9.12
C ASN A 140 -6.56 20.28 -9.51
N GLN A 141 -7.62 21.07 -9.35
CA GLN A 141 -7.57 22.50 -9.65
C GLN A 141 -7.75 23.34 -8.39
N ASN B 38 -22.74 28.23 5.02
CA ASN B 38 -21.33 27.98 4.79
C ASN B 38 -20.93 26.58 5.24
N LEU B 39 -21.36 25.58 4.48
CA LEU B 39 -21.07 24.18 4.79
C LEU B 39 -20.20 23.57 3.70
N TRP B 40 -19.31 22.68 4.12
CA TRP B 40 -18.34 22.05 3.24
C TRP B 40 -18.41 20.54 3.41
N VAL B 41 -17.98 19.83 2.36
CA VAL B 41 -17.94 18.37 2.39
C VAL B 41 -16.74 17.92 3.21
N THR B 42 -16.98 17.02 4.15
CA THR B 42 -15.93 16.43 4.97
C THR B 42 -15.97 14.91 4.82
N VAL B 43 -14.79 14.31 4.67
CA VAL B 43 -14.65 12.89 4.37
C VAL B 43 -14.29 12.16 5.66
N TYR B 44 -14.98 11.05 5.92
CA TYR B 44 -14.73 10.20 7.06
C TYR B 44 -14.41 8.80 6.56
N TYR B 45 -13.31 8.23 7.04
CA TYR B 45 -12.87 6.90 6.64
C TYR B 45 -12.95 6.00 7.87
N GLY B 46 -13.83 5.01 7.81
CA GLY B 46 -14.01 4.09 8.93
C GLY B 46 -15.38 4.18 9.57
N VAL B 47 -16.40 4.49 8.77
CA VAL B 47 -17.76 4.63 9.28
C VAL B 47 -18.40 3.25 9.40
N PRO B 48 -19.32 3.04 10.34
CA PRO B 48 -19.97 1.71 10.51
C PRO B 48 -21.11 1.48 9.54
N VAL B 49 -20.77 1.18 8.29
CA VAL B 49 -21.75 0.90 7.24
C VAL B 49 -21.40 -0.45 6.62
N TRP B 50 -22.41 -1.23 6.25
CA TRP B 50 -22.20 -2.53 5.64
C TRP B 50 -23.27 -2.80 4.60
N LYS B 51 -22.98 -3.77 3.73
CA LYS B 51 -23.90 -4.21 2.69
C LYS B 51 -23.89 -5.74 2.67
N ASP B 52 -24.85 -6.32 1.96
CA ASP B 52 -24.90 -7.76 1.81
C ASP B 52 -23.95 -8.22 0.71
N ALA B 53 -23.24 -9.31 0.96
CA ALA B 53 -22.24 -9.78 0.01
C ALA B 53 -22.04 -11.28 0.16
N GLU B 54 -21.40 -11.87 -0.84
CA GLU B 54 -20.99 -13.27 -0.84
C GLU B 54 -19.47 -13.33 -0.92
N THR B 55 -18.87 -14.23 -0.15
CA THR B 55 -17.43 -14.37 -0.12
C THR B 55 -17.08 -15.79 0.27
N THR B 56 -15.78 -16.08 0.32
CA THR B 56 -15.28 -17.38 0.73
C THR B 56 -14.82 -17.30 2.18
N LEU B 57 -15.53 -18.01 3.06
CA LEU B 57 -15.15 -18.12 4.46
C LEU B 57 -14.19 -19.28 4.64
N PHE B 58 -13.30 -19.17 5.61
CA PHE B 58 -12.30 -20.20 5.83
C PHE B 58 -12.59 -20.95 7.13
N CYS B 59 -11.92 -22.10 7.28
CA CYS B 59 -12.22 -23.03 8.34
C CYS B 59 -11.25 -22.88 9.51
N ALA B 60 -11.77 -23.14 10.71
CA ALA B 60 -10.96 -23.13 11.92
C ALA B 60 -11.39 -24.29 12.80
N SER B 61 -10.46 -24.81 13.60
CA SER B 61 -10.75 -25.92 14.49
C SER B 61 -9.87 -25.82 15.72
N ASP B 62 -10.33 -26.47 16.80
CA ASP B 62 -9.59 -26.45 18.06
C ASP B 62 -8.29 -27.24 17.92
N ALA B 63 -7.28 -26.84 18.70
CA ALA B 63 -5.99 -27.52 18.69
C ALA B 63 -5.82 -28.36 19.94
N LYS B 70 -5.26 -37.93 14.43
CA LYS B 70 -4.99 -36.90 13.45
C LYS B 70 -5.65 -37.23 12.12
N HIS B 71 -5.86 -38.52 11.88
CA HIS B 71 -6.46 -38.99 10.64
C HIS B 71 -7.97 -38.81 10.73
N ASN B 72 -8.48 -37.78 10.09
CA ASN B 72 -9.91 -37.48 10.07
C ASN B 72 -10.32 -37.13 8.65
N VAL B 73 -11.57 -37.45 8.31
CA VAL B 73 -12.07 -37.19 6.96
C VAL B 73 -12.03 -35.71 6.65
N TRP B 74 -12.51 -34.89 7.58
CA TRP B 74 -12.45 -33.43 7.44
C TRP B 74 -11.15 -32.96 8.08
N ALA B 75 -10.24 -32.42 7.26
CA ALA B 75 -8.88 -32.13 7.69
C ALA B 75 -8.90 -30.89 8.60
N THR B 76 -9.36 -31.11 9.83
CA THR B 76 -9.36 -30.04 10.82
C THR B 76 -7.94 -29.63 11.22
N HIS B 77 -6.96 -30.51 11.04
CA HIS B 77 -5.57 -30.16 11.34
C HIS B 77 -5.06 -29.09 10.39
N ALA B 78 -5.59 -29.03 9.17
CA ALA B 78 -5.14 -28.06 8.18
C ALA B 78 -5.82 -26.70 8.32
N CYS B 79 -6.79 -26.57 9.23
CA CYS B 79 -7.46 -25.31 9.47
C CYS B 79 -6.74 -24.52 10.56
N VAL B 80 -7.05 -23.24 10.62
CA VAL B 80 -6.41 -22.35 11.60
C VAL B 80 -6.84 -22.73 13.00
N PRO B 81 -5.94 -22.70 14.00
CA PRO B 81 -6.37 -22.89 15.38
C PRO B 81 -7.31 -21.79 15.84
N THR B 82 -8.19 -22.15 16.77
CA THR B 82 -9.24 -21.26 17.26
C THR B 82 -8.81 -20.60 18.56
N ASP B 83 -9.20 -19.34 18.71
CA ASP B 83 -8.91 -18.60 19.94
C ASP B 83 -9.67 -19.19 21.11
N PRO B 84 -9.13 -19.10 22.33
CA PRO B 84 -9.84 -19.66 23.49
C PRO B 84 -11.09 -18.87 23.88
N ASN B 85 -11.03 -17.54 23.78
CA ASN B 85 -12.15 -16.67 24.15
C ASN B 85 -12.49 -15.77 22.97
N PRO B 86 -13.38 -16.19 22.09
CA PRO B 86 -13.74 -15.34 20.94
C PRO B 86 -14.49 -14.09 21.38
N GLN B 87 -14.38 -13.05 20.56
CA GLN B 87 -15.04 -11.78 20.81
C GLN B 87 -16.40 -11.74 20.14
N GLU B 88 -17.41 -11.30 20.87
CA GLU B 88 -18.77 -11.11 20.35
C GLU B 88 -19.24 -9.72 20.77
N ILE B 89 -19.54 -8.87 19.80
CA ILE B 89 -19.85 -7.47 20.07
C ILE B 89 -21.33 -7.25 19.80
N HIS B 90 -22.09 -6.98 20.87
CA HIS B 90 -23.52 -6.74 20.73
C HIS B 90 -23.76 -5.36 20.13
N LEU B 91 -24.46 -5.29 19.01
CA LEU B 91 -24.70 -4.02 18.32
C LEU B 91 -25.98 -3.43 18.90
N GLU B 92 -25.81 -2.39 19.72
CA GLU B 92 -26.94 -1.77 20.40
C GLU B 92 -27.79 -0.98 19.42
N ASN B 93 -29.11 -1.05 19.58
CA ASN B 93 -30.09 -0.32 18.79
C ASN B 93 -30.00 -0.62 17.30
N VAL B 94 -29.63 -1.84 16.92
CA VAL B 94 -29.46 -2.23 15.52
C VAL B 94 -30.48 -3.31 15.19
N THR B 95 -31.25 -3.09 14.14
CA THR B 95 -32.23 -4.05 13.64
C THR B 95 -31.81 -4.51 12.25
N GLU B 96 -31.77 -5.82 12.04
CA GLU B 96 -31.30 -6.38 10.79
C GLU B 96 -32.39 -7.26 10.17
N GLU B 97 -32.17 -7.69 8.93
CA GLU B 97 -33.07 -8.61 8.25
C GLU B 97 -32.33 -9.89 7.90
N PHE B 98 -32.92 -11.02 8.23
CA PHE B 98 -32.33 -12.32 7.96
C PHE B 98 -33.27 -13.14 7.08
N ASN B 99 -32.68 -14.03 6.29
CA ASN B 99 -33.44 -14.94 5.43
C ASN B 99 -32.79 -16.31 5.53
N MET B 100 -33.46 -17.22 6.24
CA MET B 100 -32.90 -18.55 6.47
C MET B 100 -32.77 -19.35 5.18
N TRP B 101 -33.65 -19.13 4.23
CA TRP B 101 -33.80 -20.00 3.06
C TRP B 101 -33.03 -19.50 1.84
N LYS B 102 -32.38 -18.34 1.92
CA LYS B 102 -31.53 -17.83 0.86
C LYS B 102 -30.18 -17.44 1.42
N ASN B 103 -29.60 -18.32 2.22
CA ASN B 103 -28.29 -18.11 2.81
C ASN B 103 -27.24 -18.83 1.97
N ASN B 104 -26.15 -18.13 1.66
CA ASN B 104 -25.11 -18.67 0.80
C ASN B 104 -24.03 -19.42 1.58
N MET B 105 -24.10 -19.45 2.91
CA MET B 105 -23.15 -20.25 3.68
C MET B 105 -23.45 -21.73 3.56
N VAL B 106 -24.73 -22.09 3.37
CA VAL B 106 -25.12 -23.48 3.26
C VAL B 106 -24.52 -24.12 2.02
N GLU B 107 -24.54 -23.42 0.89
CA GLU B 107 -23.98 -23.96 -0.34
C GLU B 107 -22.48 -24.19 -0.21
N GLN B 108 -21.77 -23.25 0.39
CA GLN B 108 -20.33 -23.41 0.59
C GLN B 108 -20.03 -24.56 1.54
N MET B 109 -20.83 -24.72 2.60
CA MET B 109 -20.61 -25.84 3.51
C MET B 109 -20.85 -27.17 2.81
N HIS B 110 -21.90 -27.26 2.01
CA HIS B 110 -22.17 -28.48 1.25
C HIS B 110 -21.02 -28.81 0.33
N THR B 111 -20.54 -27.81 -0.41
CA THR B 111 -19.43 -28.03 -1.35
C THR B 111 -18.16 -28.45 -0.62
N ASP B 112 -17.87 -27.82 0.52
CA ASP B 112 -16.68 -28.18 1.29
C ASP B 112 -16.76 -29.61 1.80
N ILE B 113 -17.93 -30.02 2.31
CA ILE B 113 -18.08 -31.38 2.82
C ILE B 113 -17.88 -32.38 1.69
N ILE B 114 -18.51 -32.14 0.54
CA ILE B 114 -18.38 -33.06 -0.58
C ILE B 114 -16.92 -33.15 -1.04
N SER B 115 -16.25 -32.00 -1.13
CA SER B 115 -14.87 -31.98 -1.59
C SER B 115 -13.94 -32.71 -0.63
N LEU B 116 -14.13 -32.52 0.68
CA LEU B 116 -13.30 -33.23 1.65
C LEU B 116 -13.54 -34.73 1.58
N TRP B 117 -14.80 -35.14 1.42
CA TRP B 117 -15.10 -36.57 1.29
C TRP B 117 -14.42 -37.16 0.06
N ASP B 118 -14.48 -36.46 -1.06
CA ASP B 118 -13.82 -36.95 -2.27
C ASP B 118 -12.31 -36.99 -2.11
N GLN B 119 -11.74 -35.99 -1.45
CA GLN B 119 -10.28 -35.95 -1.26
C GLN B 119 -9.80 -37.07 -0.37
N SER B 120 -10.58 -37.44 0.65
CA SER B 120 -10.13 -38.45 1.60
C SER B 120 -9.97 -39.85 0.99
N LEU B 121 -10.48 -40.08 -0.22
CA LEU B 121 -10.49 -41.41 -0.82
C LEU B 121 -9.40 -41.61 -1.88
N LYS B 122 -8.59 -40.60 -2.14
CA LYS B 122 -7.59 -40.69 -3.21
C LYS B 122 -6.51 -41.75 -2.95
N PRO B 123 -5.87 -41.80 -1.78
CA PRO B 123 -4.75 -42.74 -1.61
C PRO B 123 -5.15 -44.15 -1.21
N CYS B 124 -6.43 -44.51 -1.28
CA CYS B 124 -6.84 -45.81 -0.78
C CYS B 124 -6.95 -46.83 -1.90
N VAL B 125 -7.17 -48.08 -1.52
CA VAL B 125 -7.04 -49.22 -2.43
C VAL B 125 -8.25 -49.29 -3.35
N LYS B 126 -8.00 -49.56 -4.63
CA LYS B 126 -9.06 -49.82 -5.59
C LYS B 126 -9.40 -51.31 -5.60
N LEU B 127 -10.69 -51.61 -5.69
CA LEU B 127 -11.19 -52.97 -5.61
C LEU B 127 -11.71 -53.48 -6.95
N THR B 128 -11.00 -53.16 -8.02
CA THR B 128 -11.37 -53.66 -9.34
C THR B 128 -11.40 -55.19 -9.44
N PRO B 129 -10.44 -55.96 -8.90
CA PRO B 129 -10.52 -57.41 -9.04
C PRO B 129 -11.67 -58.06 -8.28
N LEU B 130 -12.43 -57.30 -7.48
CA LEU B 130 -13.55 -57.85 -6.74
C LEU B 130 -14.80 -58.01 -7.58
N CYS B 131 -14.81 -57.50 -8.81
CA CYS B 131 -15.98 -57.62 -9.69
C CYS B 131 -15.85 -58.92 -10.47
N VAL B 132 -16.13 -60.02 -9.78
CA VAL B 132 -16.12 -61.36 -10.36
C VAL B 132 -17.41 -62.06 -9.95
N THR B 133 -17.53 -63.32 -10.35
CA THR B 133 -18.69 -64.13 -9.99
C THR B 133 -18.43 -64.84 -8.68
N LEU B 134 -19.32 -64.65 -7.72
CA LEU B 134 -19.22 -65.28 -6.41
C LEU B 134 -20.18 -66.46 -6.34
N GLN B 135 -19.77 -67.51 -5.63
CA GLN B 135 -20.65 -68.64 -5.35
C GLN B 135 -21.06 -68.56 -3.89
N CYS B 136 -22.36 -68.34 -3.65
CA CYS B 136 -22.84 -67.96 -2.34
C CYS B 136 -23.81 -68.99 -1.79
N THR B 137 -23.76 -69.19 -0.47
CA THR B 137 -24.68 -70.06 0.25
C THR B 137 -25.29 -69.31 1.43
N ASN B 138 -26.44 -69.78 1.89
CA ASN B 138 -27.08 -69.17 3.04
C ASN B 138 -26.30 -69.48 4.32
N VAL B 139 -26.40 -68.57 5.28
CA VAL B 139 -25.67 -68.68 6.53
C VAL B 139 -26.55 -69.35 7.59
N THR B 140 -25.97 -70.31 8.30
CA THR B 140 -26.67 -71.11 9.30
C THR B 140 -25.85 -71.03 10.58
N ASN B 141 -26.09 -71.98 11.49
CA ASN B 141 -25.32 -72.07 12.73
C ASN B 141 -25.59 -70.89 13.67
N ASN B 142 -26.77 -70.92 14.30
CA ASN B 142 -27.17 -70.02 15.38
C ASN B 142 -27.62 -68.64 14.89
N ILE B 143 -28.22 -68.59 13.71
CA ILE B 143 -29.00 -67.40 13.35
C ILE B 143 -30.37 -67.46 14.01
N THR B 144 -31.06 -66.33 14.03
CA THR B 144 -32.40 -66.24 14.58
C THR B 144 -33.42 -66.20 13.44
N ASP B 145 -34.70 -66.13 13.81
CA ASP B 145 -35.76 -66.11 12.81
C ASP B 145 -35.74 -64.81 12.01
N ASP B 146 -35.46 -63.68 12.67
CA ASP B 146 -35.44 -62.39 11.99
C ASP B 146 -34.16 -62.17 11.19
N MET B 147 -33.15 -63.02 11.35
CA MET B 147 -31.87 -62.87 10.67
C MET B 147 -31.69 -63.88 9.53
N ARG B 148 -32.78 -64.51 9.10
CA ARG B 148 -32.69 -65.50 8.03
C ARG B 148 -32.53 -64.81 6.69
N GLY B 149 -31.51 -65.21 5.93
CA GLY B 149 -31.31 -64.67 4.59
C GLY B 149 -30.63 -63.33 4.53
N GLU B 150 -30.17 -62.79 5.66
CA GLU B 150 -29.51 -61.48 5.66
C GLU B 150 -28.02 -61.57 5.43
N LEU B 151 -27.41 -62.73 5.69
CA LEU B 151 -25.99 -62.94 5.47
C LEU B 151 -25.79 -64.07 4.47
N LYS B 152 -24.73 -63.93 3.67
CA LYS B 152 -24.39 -64.94 2.67
C LYS B 152 -22.89 -65.23 2.74
N ASN B 153 -22.55 -66.50 2.55
CA ASN B 153 -21.19 -66.99 2.58
C ASN B 153 -20.76 -67.22 1.14
N CYS B 154 -19.89 -66.36 0.62
CA CYS B 154 -19.55 -66.35 -0.80
C CYS B 154 -18.08 -66.65 -1.00
N SER B 155 -17.79 -67.59 -1.91
CA SER B 155 -16.42 -67.94 -2.27
C SER B 155 -16.13 -67.49 -3.71
N PHE B 156 -14.86 -67.20 -3.97
CA PHE B 156 -14.45 -66.68 -5.27
C PHE B 156 -12.93 -66.86 -5.43
N ASN B 157 -12.45 -66.52 -6.62
CA ASN B 157 -11.03 -66.54 -6.94
C ASN B 157 -10.49 -65.12 -7.00
N MET B 158 -9.35 -64.88 -6.37
CA MET B 158 -8.76 -63.56 -6.23
C MET B 158 -7.32 -63.58 -6.68
N THR B 159 -6.86 -62.45 -7.22
CA THR B 159 -5.47 -62.32 -7.66
C THR B 159 -4.53 -62.33 -6.46
N THR B 160 -3.28 -62.69 -6.73
CA THR B 160 -2.24 -62.75 -5.71
C THR B 160 -1.20 -61.65 -5.94
N GLU B 161 -0.17 -61.66 -5.10
CA GLU B 161 0.91 -60.68 -5.20
C GLU B 161 1.81 -60.98 -6.40
N LEU B 162 1.67 -62.17 -6.98
CA LEU B 162 2.36 -62.56 -8.19
C LEU B 162 1.36 -62.57 -9.35
N ARG B 163 1.74 -61.98 -10.48
CA ARG B 163 0.87 -61.97 -11.65
C ARG B 163 0.93 -63.27 -12.41
N ASP B 164 0.80 -64.39 -11.70
CA ASP B 164 0.93 -65.71 -12.31
C ASP B 164 -0.09 -66.71 -11.80
N LYS B 165 -0.78 -66.46 -10.69
CA LYS B 165 -1.60 -67.45 -10.04
C LYS B 165 -2.72 -66.78 -9.24
N LYS B 166 -3.70 -67.58 -8.87
CA LYS B 166 -4.88 -67.12 -8.15
C LYS B 166 -4.99 -67.84 -6.82
N GLN B 167 -5.88 -67.34 -5.97
CA GLN B 167 -6.16 -67.96 -4.67
C GLN B 167 -7.66 -68.04 -4.48
N LYS B 168 -8.11 -69.14 -3.90
CA LYS B 168 -9.52 -69.34 -3.59
C LYS B 168 -9.79 -68.80 -2.19
N VAL B 169 -10.66 -67.79 -2.09
CA VAL B 169 -10.96 -67.14 -0.83
C VAL B 169 -12.47 -67.06 -0.66
N TYR B 170 -12.91 -66.67 0.54
CA TYR B 170 -14.32 -66.53 0.81
C TYR B 170 -14.53 -65.41 1.81
N SER B 171 -15.78 -64.95 1.89
CA SER B 171 -16.14 -63.85 2.76
C SER B 171 -17.64 -63.92 3.06
N LEU B 172 -18.09 -63.03 3.93
CA LEU B 172 -19.50 -62.90 4.29
C LEU B 172 -20.02 -61.56 3.80
N PHE B 173 -21.12 -61.59 3.06
CA PHE B 173 -21.72 -60.39 2.48
C PHE B 173 -23.17 -60.25 2.93
N TYR B 174 -23.60 -59.02 3.15
CA TYR B 174 -25.00 -58.76 3.46
C TYR B 174 -25.85 -58.89 2.19
N ARG B 175 -27.13 -59.23 2.39
CA ARG B 175 -28.01 -59.48 1.27
C ARG B 175 -28.18 -58.24 0.39
N LEU B 176 -28.07 -57.05 0.98
CA LEU B 176 -28.25 -55.81 0.23
C LEU B 176 -27.05 -55.46 -0.64
N ASP B 177 -25.95 -56.19 -0.53
CA ASP B 177 -24.73 -55.89 -1.28
C ASP B 177 -24.49 -56.81 -2.47
N VAL B 178 -25.24 -57.89 -2.61
CA VAL B 178 -25.03 -58.86 -3.68
C VAL B 178 -26.34 -59.05 -4.44
N VAL B 179 -26.22 -59.18 -5.75
CA VAL B 179 -27.36 -59.41 -6.64
C VAL B 179 -27.11 -60.70 -7.38
N GLN B 180 -28.13 -61.56 -7.42
CA GLN B 180 -28.01 -62.85 -8.08
C GLN B 180 -27.99 -62.70 -9.59
N ILE B 181 -27.11 -63.45 -10.25
CA ILE B 181 -27.05 -63.49 -11.71
C ILE B 181 -27.46 -64.89 -12.14
N ASN B 182 -28.49 -64.99 -12.98
CA ASN B 182 -29.03 -66.27 -13.39
C ASN B 182 -28.16 -66.92 -14.45
N ASN B 193 -24.98 -74.45 -5.21
CA ASN B 193 -25.30 -73.12 -4.71
C ASN B 193 -25.75 -72.19 -5.83
N LYS B 194 -25.54 -70.89 -5.64
CA LYS B 194 -26.00 -69.89 -6.59
C LYS B 194 -24.89 -68.87 -6.87
N GLU B 195 -25.03 -68.20 -8.00
CA GLU B 195 -24.04 -67.24 -8.48
C GLU B 195 -24.52 -65.82 -8.27
N TYR B 196 -23.71 -65.04 -7.57
CA TYR B 196 -24.02 -63.65 -7.25
C TYR B 196 -22.89 -62.75 -7.72
N ARG B 197 -23.15 -61.45 -7.68
CA ARG B 197 -22.14 -60.45 -7.99
C ARG B 197 -22.39 -59.22 -7.11
N LEU B 198 -21.38 -58.38 -6.98
CA LEU B 198 -21.55 -57.16 -6.21
C LEU B 198 -22.58 -56.26 -6.88
N ILE B 199 -23.31 -55.51 -6.06
CA ILE B 199 -24.41 -54.68 -6.55
C ILE B 199 -23.91 -53.58 -7.47
N ASN B 200 -22.64 -53.20 -7.38
CA ASN B 200 -22.11 -52.05 -8.10
C ASN B 200 -21.41 -52.40 -9.39
N CYS B 201 -21.17 -53.69 -9.68
CA CYS B 201 -20.34 -54.00 -10.83
C CYS B 201 -21.13 -53.98 -12.13
N ASN B 202 -21.95 -52.96 -12.33
CA ASN B 202 -22.44 -52.59 -13.65
C ASN B 202 -22.67 -51.09 -13.79
N THR B 203 -22.39 -50.29 -12.76
CA THR B 203 -22.66 -48.86 -12.83
C THR B 203 -21.45 -48.03 -12.44
N SER B 204 -20.60 -48.55 -11.55
CA SER B 204 -19.54 -47.73 -10.97
C SER B 204 -18.41 -48.62 -10.48
N ALA B 205 -17.37 -47.98 -9.96
CA ALA B 205 -16.23 -48.65 -9.36
C ALA B 205 -16.19 -48.36 -7.87
N ILE B 206 -15.67 -49.32 -7.10
CA ILE B 206 -15.62 -49.27 -5.66
C ILE B 206 -14.20 -48.96 -5.20
N THR B 207 -14.08 -48.04 -4.25
CA THR B 207 -12.83 -47.78 -3.56
C THR B 207 -12.99 -48.20 -2.11
N GLN B 208 -11.98 -48.89 -1.57
CA GLN B 208 -12.03 -49.32 -0.19
C GLN B 208 -11.58 -48.19 0.72
N ALA B 209 -12.39 -47.88 1.73
CA ALA B 209 -12.05 -46.82 2.66
C ALA B 209 -10.78 -47.19 3.44
N CYS B 210 -9.89 -46.22 3.57
CA CYS B 210 -8.66 -46.42 4.33
C CYS B 210 -9.01 -46.69 5.80
N PRO B 211 -8.56 -47.80 6.38
CA PRO B 211 -9.00 -48.15 7.76
C PRO B 211 -8.42 -47.25 8.84
N LYS B 212 -7.38 -46.47 8.54
CA LYS B 212 -6.78 -45.59 9.54
C LYS B 212 -7.50 -44.26 9.67
N VAL B 213 -8.46 -43.96 8.80
CA VAL B 213 -9.18 -42.70 8.80
C VAL B 213 -10.55 -42.93 9.44
N SER B 214 -10.91 -42.08 10.40
CA SER B 214 -12.14 -42.22 11.15
C SER B 214 -13.22 -41.30 10.57
N PHE B 215 -14.47 -41.72 10.74
CA PHE B 215 -15.63 -40.98 10.25
C PHE B 215 -16.26 -40.10 11.33
N GLU B 216 -15.65 -40.01 12.50
CA GLU B 216 -16.22 -39.25 13.61
C GLU B 216 -16.28 -37.76 13.24
N PRO B 217 -17.44 -37.13 13.35
CA PRO B 217 -17.51 -35.69 13.08
C PRO B 217 -16.74 -34.90 14.12
N ILE B 218 -16.15 -33.80 13.67
CA ILE B 218 -15.38 -32.91 14.53
C ILE B 218 -15.91 -31.49 14.35
N PRO B 219 -16.15 -30.74 15.42
CA PRO B 219 -16.69 -29.38 15.27
C PRO B 219 -15.74 -28.49 14.47
N ILE B 220 -16.33 -27.69 13.58
CA ILE B 220 -15.58 -26.75 12.76
C ILE B 220 -16.23 -25.37 12.86
N HIS B 221 -15.43 -24.34 12.65
CA HIS B 221 -15.88 -22.96 12.72
C HIS B 221 -15.61 -22.28 11.39
N TYR B 222 -16.52 -21.39 10.99
CA TYR B 222 -16.37 -20.62 9.76
C TYR B 222 -16.05 -19.18 10.09
N CYS B 223 -14.99 -18.66 9.48
CA CYS B 223 -14.52 -17.31 9.73
C CYS B 223 -14.53 -16.49 8.44
N ALA B 224 -14.79 -15.20 8.59
CA ALA B 224 -14.88 -14.23 7.50
C ALA B 224 -13.54 -13.51 7.32
N PRO B 225 -13.19 -13.16 6.08
CA PRO B 225 -11.92 -12.46 5.83
C PRO B 225 -11.92 -11.02 6.33
N ALA B 226 -10.85 -10.29 6.02
CA ALA B 226 -10.78 -8.88 6.38
C ALA B 226 -11.69 -8.06 5.47
N GLY B 227 -12.42 -7.13 6.09
CA GLY B 227 -13.43 -6.37 5.37
C GLY B 227 -14.81 -6.95 5.41
N PHE B 228 -15.01 -8.04 6.15
CA PHE B 228 -16.29 -8.71 6.28
C PHE B 228 -16.56 -8.99 7.75
N ALA B 229 -17.84 -9.16 8.09
CA ALA B 229 -18.25 -9.50 9.45
C ALA B 229 -19.39 -10.50 9.37
N ILE B 230 -19.60 -11.24 10.47
CA ILE B 230 -20.70 -12.19 10.55
C ILE B 230 -21.70 -11.65 11.56
N LEU B 231 -22.88 -11.27 11.09
CA LEU B 231 -23.95 -10.82 11.96
C LEU B 231 -24.75 -12.01 12.47
N LYS B 232 -25.07 -11.98 13.76
CA LYS B 232 -25.73 -13.09 14.44
C LYS B 232 -26.95 -12.57 15.16
N CYS B 233 -28.10 -13.20 14.91
CA CYS B 233 -29.35 -12.81 15.54
C CYS B 233 -29.48 -13.49 16.89
N LYS B 234 -29.76 -12.71 17.92
CA LYS B 234 -29.86 -13.22 19.28
C LYS B 234 -31.28 -13.35 19.77
N ASP B 235 -32.27 -13.20 18.89
CA ASP B 235 -33.65 -13.40 19.27
C ASP B 235 -33.91 -14.88 19.55
N LYS B 236 -34.70 -15.16 20.58
CA LYS B 236 -34.94 -16.52 21.03
C LYS B 236 -36.15 -17.17 20.36
N LYS B 237 -37.02 -16.39 19.71
CA LYS B 237 -38.16 -16.92 19.00
C LYS B 237 -38.13 -16.52 17.53
N PHE B 238 -36.93 -16.47 16.95
CA PHE B 238 -36.77 -16.12 15.55
C PHE B 238 -37.15 -17.30 14.68
N ASN B 239 -38.00 -17.04 13.68
CA ASN B 239 -38.55 -18.11 12.84
C ASN B 239 -37.87 -18.19 11.48
N GLY B 240 -36.63 -17.71 11.37
CA GLY B 240 -35.81 -17.89 10.19
C GLY B 240 -35.78 -16.71 9.25
N THR B 241 -36.92 -16.07 9.01
CA THR B 241 -37.00 -14.97 8.07
C THR B 241 -37.59 -13.73 8.72
N GLY B 242 -37.15 -12.57 8.26
CA GLY B 242 -37.70 -11.31 8.71
C GLY B 242 -36.74 -10.47 9.52
N PRO B 243 -37.27 -9.49 10.24
CA PRO B 243 -36.41 -8.60 11.03
C PRO B 243 -36.07 -9.16 12.39
N CYS B 244 -34.78 -9.08 12.73
CA CYS B 244 -34.27 -9.43 14.06
C CYS B 244 -33.79 -8.16 14.75
N PRO B 245 -34.38 -7.79 15.90
CA PRO B 245 -33.99 -6.54 16.56
C PRO B 245 -32.85 -6.66 17.54
N SER B 246 -32.40 -7.87 17.87
CA SER B 246 -31.28 -8.08 18.77
C SER B 246 -30.15 -8.74 17.97
N VAL B 247 -29.10 -7.98 17.70
CA VAL B 247 -28.05 -8.39 16.77
C VAL B 247 -26.69 -8.24 17.45
N SER B 248 -25.80 -9.20 17.19
CA SER B 248 -24.41 -9.08 17.56
C SER B 248 -23.55 -9.33 16.32
N THR B 249 -22.27 -9.01 16.43
CA THR B 249 -21.32 -9.26 15.36
C THR B 249 -20.19 -10.14 15.90
N VAL B 250 -19.73 -11.05 15.03
CA VAL B 250 -18.68 -12.01 15.36
C VAL B 250 -17.78 -12.18 14.15
N GLN B 251 -16.69 -12.92 14.38
CA GLN B 251 -15.76 -13.34 13.34
C GLN B 251 -15.85 -14.83 13.02
N CYS B 252 -16.25 -15.66 13.99
CA CYS B 252 -16.36 -17.10 13.80
C CYS B 252 -17.71 -17.58 14.31
N THR B 253 -18.20 -18.66 13.72
CA THR B 253 -19.41 -19.31 14.17
C THR B 253 -19.08 -20.39 15.19
N HIS B 254 -20.11 -20.86 15.89
CA HIS B 254 -19.92 -21.91 16.88
C HIS B 254 -19.58 -23.23 16.20
N GLY B 255 -19.05 -24.16 16.99
CA GLY B 255 -18.64 -25.46 16.48
C GLY B 255 -19.77 -26.27 15.91
N ILE B 256 -19.77 -26.49 14.61
CA ILE B 256 -20.82 -27.22 13.91
C ILE B 256 -20.26 -28.57 13.50
N LYS B 257 -20.89 -29.64 13.96
CA LYS B 257 -20.47 -30.99 13.60
C LYS B 257 -21.22 -31.44 12.36
N PRO B 258 -20.53 -31.77 11.27
CA PRO B 258 -21.23 -32.23 10.04
C PRO B 258 -21.74 -33.67 10.15
N VAL B 259 -22.87 -33.82 10.84
CA VAL B 259 -23.49 -35.12 11.03
C VAL B 259 -24.43 -35.38 9.86
N VAL B 260 -24.23 -36.53 9.20
CA VAL B 260 -25.03 -36.91 8.04
C VAL B 260 -26.07 -37.93 8.52
N SER B 261 -27.35 -37.58 8.36
CA SER B 261 -28.44 -38.45 8.79
C SER B 261 -29.71 -38.03 8.06
N THR B 262 -30.69 -38.93 8.07
CA THR B 262 -31.97 -38.69 7.43
C THR B 262 -33.11 -38.89 8.41
N GLN B 263 -34.14 -38.04 8.27
CA GLN B 263 -35.41 -38.13 9.00
C GLN B 263 -35.29 -37.75 10.46
N LEU B 264 -34.06 -37.59 10.95
CA LEU B 264 -33.82 -37.26 12.35
C LEU B 264 -32.52 -36.48 12.43
N LEU B 265 -32.50 -35.42 13.23
CA LEU B 265 -31.31 -34.61 13.44
C LEU B 265 -30.63 -35.05 14.73
N LEU B 266 -29.34 -35.34 14.64
CA LEU B 266 -28.59 -35.91 15.74
C LEU B 266 -27.43 -35.01 16.13
N ASN B 267 -27.14 -34.99 17.44
CA ASN B 267 -25.97 -34.29 17.98
C ASN B 267 -25.94 -32.82 17.60
N GLY B 268 -27.12 -32.19 17.53
CA GLY B 268 -27.24 -30.81 17.12
C GLY B 268 -27.46 -29.86 18.28
N SER B 269 -28.09 -28.72 17.98
CA SER B 269 -28.36 -27.68 18.96
C SER B 269 -29.83 -27.67 19.33
N LEU B 270 -30.11 -27.22 20.55
CA LEU B 270 -31.46 -27.21 21.10
C LEU B 270 -31.97 -25.78 21.19
N ALA B 271 -33.27 -25.62 20.99
CA ALA B 271 -33.91 -24.32 21.12
C ALA B 271 -33.95 -23.89 22.58
N GLU B 272 -34.00 -22.57 22.79
CA GLU B 272 -33.87 -22.01 24.12
C GLU B 272 -35.18 -21.99 24.91
N GLU B 273 -36.31 -21.73 24.25
CA GLU B 273 -37.58 -21.58 24.95
C GLU B 273 -38.59 -22.67 24.60
N GLU B 274 -38.94 -22.81 23.32
CA GLU B 274 -39.99 -23.73 22.91
C GLU B 274 -39.52 -24.53 21.71
N VAL B 275 -40.41 -25.42 21.24
CA VAL B 275 -40.16 -26.14 20.00
C VAL B 275 -40.39 -25.21 18.83
N MET B 276 -39.43 -25.15 17.92
CA MET B 276 -39.46 -24.19 16.81
C MET B 276 -39.83 -24.90 15.53
N ILE B 277 -40.76 -24.33 14.77
CA ILE B 277 -41.20 -24.88 13.50
C ILE B 277 -40.89 -23.86 12.41
N ARG B 278 -40.12 -24.28 11.40
CA ARG B 278 -39.66 -23.38 10.36
C ARG B 278 -39.95 -23.97 8.98
N SER B 279 -40.38 -23.11 8.06
CA SER B 279 -40.72 -23.53 6.71
C SER B 279 -40.64 -22.32 5.80
N GLU B 280 -40.19 -22.54 4.56
CA GLU B 280 -40.06 -21.45 3.60
C GLU B 280 -41.42 -20.88 3.23
N ASN B 281 -42.41 -21.75 3.03
CA ASN B 281 -43.79 -21.36 2.75
C ASN B 281 -44.68 -22.42 3.36
N ILE B 282 -45.24 -22.13 4.55
CA ILE B 282 -45.95 -23.14 5.30
C ILE B 282 -47.23 -23.61 4.61
N THR B 283 -47.84 -22.78 3.77
CA THR B 283 -49.04 -23.18 3.05
C THR B 283 -48.74 -24.00 1.80
N ASN B 284 -47.49 -24.03 1.36
CA ASN B 284 -47.09 -24.84 0.22
C ASN B 284 -46.61 -26.19 0.72
N ASN B 285 -47.30 -27.25 0.31
CA ASN B 285 -46.98 -28.60 0.80
C ASN B 285 -45.78 -29.21 0.10
N ALA B 286 -45.25 -28.55 -0.93
CA ALA B 286 -44.03 -29.02 -1.59
C ALA B 286 -42.77 -28.68 -0.82
N LYS B 287 -42.88 -27.89 0.24
CA LYS B 287 -41.73 -27.48 1.05
C LYS B 287 -41.64 -28.35 2.29
N ASN B 288 -40.42 -28.46 2.83
CA ASN B 288 -40.18 -29.25 4.02
C ASN B 288 -40.31 -28.40 5.28
N ILE B 289 -40.65 -29.06 6.38
CA ILE B 289 -40.82 -28.42 7.68
C ILE B 289 -39.69 -28.88 8.59
N LEU B 290 -38.95 -27.92 9.15
CA LEU B 290 -37.88 -28.22 10.09
C LEU B 290 -38.36 -27.97 11.51
N VAL B 291 -38.24 -28.99 12.36
CA VAL B 291 -38.68 -28.92 13.75
C VAL B 291 -37.45 -28.99 14.64
N GLN B 292 -37.33 -28.04 15.55
CA GLN B 292 -36.23 -27.99 16.49
C GLN B 292 -36.78 -28.19 17.90
N PHE B 293 -36.21 -29.17 18.61
CA PHE B 293 -36.71 -29.55 19.92
C PHE B 293 -36.20 -28.59 20.99
N ASN B 294 -36.87 -28.63 22.15
CA ASN B 294 -36.44 -27.91 23.34
C ASN B 294 -35.56 -28.78 24.22
N THR B 295 -35.84 -30.07 24.30
CA THR B 295 -35.05 -31.05 25.02
C THR B 295 -34.74 -32.23 24.11
N PRO B 296 -33.58 -32.87 24.26
CA PRO B 296 -33.20 -33.96 23.36
C PRO B 296 -33.87 -35.27 23.74
N VAL B 297 -33.90 -36.19 22.79
CA VAL B 297 -34.43 -37.54 23.01
C VAL B 297 -33.28 -38.52 22.84
N GLN B 298 -32.93 -39.23 23.91
CA GLN B 298 -31.79 -40.14 23.85
C GLN B 298 -32.15 -41.41 23.10
N ILE B 299 -31.25 -41.85 22.24
CA ILE B 299 -31.44 -43.05 21.43
C ILE B 299 -30.18 -43.90 21.52
N ASN B 300 -30.36 -45.20 21.75
CA ASN B 300 -29.25 -46.14 21.88
C ASN B 300 -29.30 -47.15 20.73
N CYS B 301 -28.27 -47.17 19.90
CA CYS B 301 -28.21 -48.07 18.76
C CYS B 301 -27.06 -49.05 18.95
N THR B 302 -27.23 -50.28 18.45
CA THR B 302 -26.19 -51.29 18.63
C THR B 302 -26.24 -52.34 17.52
N ARG B 303 -25.05 -52.81 17.17
CA ARG B 303 -24.86 -54.04 16.41
C ARG B 303 -24.19 -55.05 17.34
N PRO B 304 -24.88 -56.13 17.72
CA PRO B 304 -24.39 -57.02 18.77
C PRO B 304 -23.49 -58.17 18.32
N ASN B 305 -23.30 -58.37 17.01
CA ASN B 305 -22.49 -59.48 16.53
C ASN B 305 -21.02 -59.21 16.78
N ASN B 306 -20.30 -60.27 17.17
CA ASN B 306 -18.86 -60.20 17.38
C ASN B 306 -18.18 -60.55 16.06
N ASN B 307 -17.77 -59.51 15.32
CA ASN B 307 -17.24 -59.69 13.98
C ASN B 307 -15.73 -59.91 13.99
N THR B 308 -15.26 -60.61 12.96
CA THR B 308 -13.84 -60.86 12.75
C THR B 308 -13.44 -60.31 11.39
N ARG B 309 -12.24 -59.72 11.33
CA ARG B 309 -11.73 -59.11 10.11
C ARG B 309 -10.50 -59.88 9.65
N LYS B 310 -10.46 -60.19 8.36
CA LYS B 310 -9.36 -60.93 7.76
C LYS B 310 -8.78 -60.13 6.60
N SER B 311 -7.46 -60.20 6.45
CA SER B 311 -6.75 -59.45 5.42
C SER B 311 -6.32 -60.39 4.30
N ILE B 312 -6.62 -60.00 3.07
CA ILE B 312 -6.30 -60.79 1.88
C ILE B 312 -5.42 -59.94 0.97
N ARG B 313 -4.24 -60.45 0.63
CA ARG B 313 -3.30 -59.72 -0.20
C ARG B 313 -3.70 -59.87 -1.66
N ILE B 314 -4.12 -58.77 -2.30
CA ILE B 314 -4.60 -58.82 -3.67
C ILE B 314 -3.59 -58.28 -4.66
N GLY B 315 -2.39 -57.95 -4.22
CA GLY B 315 -1.36 -57.43 -5.08
C GLY B 315 -0.18 -56.93 -4.28
N PRO B 316 0.84 -56.41 -4.97
CA PRO B 316 2.00 -55.87 -4.24
C PRO B 316 1.64 -54.65 -3.42
N GLY B 317 1.64 -54.80 -2.10
CA GLY B 317 1.30 -53.70 -1.22
C GLY B 317 -0.16 -53.30 -1.20
N GLN B 318 -1.07 -54.22 -1.49
CA GLN B 318 -2.50 -53.94 -1.49
C GLN B 318 -3.26 -55.06 -0.80
N ALA B 319 -4.07 -54.69 0.18
CA ALA B 319 -4.81 -55.64 0.99
C ALA B 319 -6.30 -55.33 0.97
N PHE B 320 -7.11 -56.36 1.18
CA PHE B 320 -8.56 -56.26 1.18
C PHE B 320 -9.07 -56.87 2.47
N TYR B 321 -9.89 -56.12 3.20
CA TYR B 321 -10.39 -56.53 4.51
C TYR B 321 -11.77 -57.14 4.35
N ALA B 322 -11.87 -58.44 4.56
CA ALA B 322 -13.12 -59.18 4.45
C ALA B 322 -13.61 -59.58 5.83
N THR B 323 -14.88 -59.97 5.89
CA THR B 323 -15.46 -60.51 7.12
C THR B 323 -15.10 -61.97 7.25
N GLY B 324 -14.69 -62.38 8.45
CA GLY B 324 -14.32 -63.76 8.68
C GLY B 324 -15.50 -64.60 9.16
N ASP B 325 -15.43 -65.07 10.40
CA ASP B 325 -16.52 -65.83 11.01
C ASP B 325 -17.06 -65.05 12.21
N ILE B 326 -18.35 -65.25 12.48
CA ILE B 326 -19.00 -64.61 13.62
C ILE B 326 -19.08 -65.62 14.76
N ILE B 327 -18.37 -65.35 15.84
CA ILE B 327 -18.30 -66.27 16.97
C ILE B 327 -19.48 -66.02 17.89
N GLY B 328 -20.19 -67.09 18.23
CA GLY B 328 -21.41 -66.99 19.00
C GLY B 328 -22.64 -67.07 18.10
N ASP B 329 -23.71 -66.46 18.58
CA ASP B 329 -24.95 -66.42 17.82
C ASP B 329 -25.01 -65.14 16.97
N ILE B 330 -25.99 -65.10 16.08
CA ILE B 330 -26.17 -63.99 15.15
C ILE B 330 -27.52 -63.35 15.44
N ARG B 331 -27.51 -62.05 15.72
CA ARG B 331 -28.72 -61.30 16.03
C ARG B 331 -28.77 -60.05 15.17
N GLN B 332 -29.87 -59.31 15.28
CA GLN B 332 -30.14 -58.16 14.43
C GLN B 332 -29.80 -56.87 15.15
N ALA B 333 -29.13 -55.97 14.43
CA ALA B 333 -28.82 -54.64 14.97
C ALA B 333 -30.10 -53.82 15.13
N HIS B 334 -30.13 -52.99 16.15
CA HIS B 334 -31.37 -52.28 16.45
C HIS B 334 -31.10 -51.06 17.30
N CYS B 335 -32.11 -50.19 17.40
CA CYS B 335 -32.07 -49.00 18.23
C CYS B 335 -33.23 -48.99 19.22
N ASN B 336 -33.01 -48.34 20.36
CA ASN B 336 -34.02 -48.16 21.38
C ASN B 336 -34.22 -46.68 21.63
N VAL B 337 -35.48 -46.26 21.73
CA VAL B 337 -35.84 -44.92 22.14
C VAL B 337 -36.85 -45.04 23.28
N SER B 338 -36.97 -43.95 24.06
CA SER B 338 -37.90 -43.92 25.18
C SER B 338 -39.30 -43.61 24.68
N LYS B 339 -40.29 -44.28 25.29
CA LYS B 339 -41.67 -44.12 24.84
C LYS B 339 -42.32 -42.89 25.44
N ALA B 340 -42.12 -42.66 26.74
CA ALA B 340 -42.72 -41.49 27.39
C ALA B 340 -42.10 -40.19 26.88
N THR B 341 -40.78 -40.17 26.69
CA THR B 341 -40.13 -38.98 26.18
C THR B 341 -40.59 -38.65 24.76
N TRP B 342 -40.73 -39.67 23.92
CA TRP B 342 -41.25 -39.45 22.58
C TRP B 342 -42.71 -38.98 22.61
N ASN B 343 -43.50 -39.52 23.54
CA ASN B 343 -44.87 -39.06 23.73
C ASN B 343 -44.90 -37.57 24.05
N GLU B 344 -44.10 -37.15 25.02
CA GLU B 344 -44.06 -35.74 25.41
C GLU B 344 -43.59 -34.86 24.26
N THR B 345 -42.55 -35.29 23.56
CA THR B 345 -42.03 -34.50 22.44
C THR B 345 -43.05 -34.35 21.34
N LEU B 346 -43.76 -35.43 21.00
CA LEU B 346 -44.79 -35.34 19.96
C LEU B 346 -45.96 -34.46 20.42
N GLY B 347 -46.29 -34.50 21.71
CA GLY B 347 -47.31 -33.60 22.22
C GLY B 347 -46.92 -32.15 22.06
N LYS B 348 -45.68 -31.81 22.41
CA LYS B 348 -45.21 -30.44 22.21
C LYS B 348 -45.19 -30.06 20.74
N VAL B 349 -44.77 -30.98 19.87
CA VAL B 349 -44.69 -30.69 18.44
C VAL B 349 -46.08 -30.42 17.87
N VAL B 350 -47.07 -31.24 18.24
CA VAL B 350 -48.42 -31.03 17.72
C VAL B 350 -49.03 -29.76 18.31
N LYS B 351 -48.71 -29.45 19.57
CA LYS B 351 -49.18 -28.20 20.16
C LYS B 351 -48.64 -27.00 19.40
N GLN B 352 -47.36 -27.04 19.01
CA GLN B 352 -46.80 -25.96 18.21
C GLN B 352 -47.35 -25.94 16.78
N LEU B 353 -47.64 -27.12 16.21
CA LEU B 353 -48.19 -27.20 14.87
C LEU B 353 -49.59 -26.63 14.80
N ARG B 354 -50.36 -26.75 15.88
CA ARG B 354 -51.74 -26.27 15.87
C ARG B 354 -51.85 -24.75 15.84
N LYS B 355 -50.73 -24.03 15.74
CA LYS B 355 -50.78 -22.58 15.59
C LYS B 355 -50.83 -22.15 14.13
N HIS B 356 -50.65 -23.06 13.18
CA HIS B 356 -50.68 -22.73 11.76
C HIS B 356 -51.87 -23.32 11.03
N PHE B 357 -52.54 -24.33 11.59
CA PHE B 357 -53.60 -25.04 10.89
C PHE B 357 -54.94 -25.03 11.60
N GLY B 358 -55.05 -24.44 12.78
CA GLY B 358 -56.31 -24.36 13.50
C GLY B 358 -56.24 -25.05 14.84
N ASN B 359 -57.33 -24.88 15.60
CA ASN B 359 -57.44 -25.46 16.93
C ASN B 359 -58.31 -26.71 16.98
N ASN B 360 -59.01 -27.05 15.90
CA ASN B 360 -59.90 -28.20 15.88
C ASN B 360 -59.56 -29.19 14.77
N THR B 361 -58.31 -29.18 14.30
CA THR B 361 -57.90 -30.09 13.24
C THR B 361 -57.18 -31.29 13.81
N ILE B 362 -57.60 -32.48 13.37
CA ILE B 362 -56.97 -33.72 13.79
C ILE B 362 -55.60 -33.82 13.12
N ILE B 363 -54.57 -34.12 13.90
CA ILE B 363 -53.21 -34.17 13.39
C ILE B 363 -52.65 -35.56 13.63
N ARG B 364 -52.28 -36.26 12.55
CA ARG B 364 -51.82 -37.63 12.65
C ARG B 364 -50.46 -37.79 11.99
N PHE B 365 -49.63 -38.63 12.60
CA PHE B 365 -48.31 -38.96 12.09
C PHE B 365 -48.33 -40.37 11.51
N ALA B 366 -47.93 -40.48 10.25
CA ALA B 366 -47.77 -41.76 9.55
C ALA B 366 -46.30 -41.92 9.16
N ASN B 367 -46.00 -43.03 8.47
CA ASN B 367 -44.63 -43.33 8.09
C ASN B 367 -44.35 -42.85 6.67
N SER B 368 -43.14 -43.13 6.19
CA SER B 368 -42.70 -42.66 4.89
C SER B 368 -43.50 -43.33 3.77
N SER B 369 -43.34 -42.82 2.55
CA SER B 369 -44.12 -43.32 1.41
C SER B 369 -43.22 -43.33 0.19
N GLY B 370 -42.66 -44.49 -0.14
CA GLY B 370 -41.92 -44.66 -1.38
C GLY B 370 -40.53 -44.03 -1.38
N GLY B 371 -39.66 -44.57 -2.22
CA GLY B 371 -38.30 -44.10 -2.36
C GLY B 371 -37.29 -45.23 -2.19
N ASP B 372 -36.02 -44.85 -2.29
CA ASP B 372 -34.94 -45.81 -2.09
C ASP B 372 -34.68 -46.00 -0.60
N LEU B 373 -33.68 -46.82 -0.28
CA LEU B 373 -33.42 -47.18 1.11
C LEU B 373 -32.94 -45.99 1.93
N GLU B 374 -32.26 -45.02 1.31
CA GLU B 374 -31.72 -43.91 2.07
C GLU B 374 -32.81 -42.92 2.51
N VAL B 375 -33.85 -42.75 1.71
CA VAL B 375 -34.85 -41.74 2.00
C VAL B 375 -36.05 -42.28 2.78
N THR B 376 -36.25 -43.59 2.80
CA THR B 376 -37.36 -44.19 3.53
C THR B 376 -36.95 -44.73 4.89
N THR B 377 -35.69 -44.56 5.29
CA THR B 377 -35.21 -45.06 6.56
C THR B 377 -34.32 -44.01 7.22
N HIS B 378 -34.19 -44.11 8.54
CA HIS B 378 -33.24 -43.29 9.27
C HIS B 378 -31.85 -43.87 9.01
N SER B 379 -31.10 -43.22 8.13
CA SER B 379 -29.77 -43.68 7.75
C SER B 379 -28.73 -42.83 8.47
N PHE B 380 -27.80 -43.50 9.14
CA PHE B 380 -26.77 -42.79 9.90
C PHE B 380 -25.52 -43.67 9.96
N ASN B 381 -24.50 -43.19 10.69
CA ASN B 381 -23.24 -43.89 10.80
C ASN B 381 -22.86 -43.97 12.28
N CYS B 382 -22.64 -45.20 12.76
CA CYS B 382 -22.38 -45.47 14.18
C CYS B 382 -21.03 -46.17 14.30
N GLY B 383 -19.97 -45.37 14.42
CA GLY B 383 -18.63 -45.90 14.64
C GLY B 383 -18.07 -46.72 13.50
N GLY B 384 -18.28 -46.29 12.26
CA GLY B 384 -17.75 -46.96 11.10
C GLY B 384 -18.73 -47.84 10.35
N GLU B 385 -19.89 -48.09 10.93
CA GLU B 385 -20.91 -48.93 10.30
C GLU B 385 -22.11 -48.08 9.93
N PHE B 386 -22.65 -48.31 8.73
CA PHE B 386 -23.74 -47.52 8.20
C PHE B 386 -25.06 -48.22 8.47
N PHE B 387 -25.89 -47.61 9.30
CA PHE B 387 -27.17 -48.17 9.72
C PHE B 387 -28.31 -47.56 8.92
N TYR B 388 -29.29 -48.40 8.58
CA TYR B 388 -30.54 -47.96 7.97
C TYR B 388 -31.68 -48.52 8.82
N CYS B 389 -32.28 -47.68 9.66
CA CYS B 389 -33.26 -48.12 10.63
C CYS B 389 -34.68 -47.77 10.18
N ASN B 390 -35.61 -48.65 10.54
CA ASN B 390 -37.01 -48.52 10.14
C ASN B 390 -37.78 -47.81 11.25
N THR B 391 -38.34 -46.64 10.92
CA THR B 391 -38.96 -45.77 11.90
C THR B 391 -40.49 -45.78 11.76
N SER B 392 -41.07 -46.95 11.57
CA SER B 392 -42.52 -47.06 11.50
C SER B 392 -43.17 -47.07 12.88
N GLY B 393 -42.38 -47.23 13.93
CA GLY B 393 -42.93 -47.20 15.29
C GLY B 393 -42.82 -45.83 15.92
N LEU B 394 -42.08 -44.92 15.30
CA LEU B 394 -41.95 -43.57 15.83
C LEU B 394 -43.07 -42.66 15.32
N PHE B 395 -43.36 -42.71 14.03
CA PHE B 395 -44.37 -41.86 13.41
C PHE B 395 -45.56 -42.72 13.05
N ASN B 396 -46.40 -43.01 14.06
CA ASN B 396 -47.64 -43.75 13.83
C ASN B 396 -48.56 -43.44 15.02
N SER B 397 -49.48 -42.49 14.80
CA SER B 397 -50.38 -42.05 15.87
C SER B 397 -51.30 -40.98 15.31
N THR B 398 -52.30 -40.61 16.12
CA THR B 398 -53.22 -39.53 15.78
C THR B 398 -53.52 -38.72 17.05
N TRP B 399 -53.82 -37.44 16.85
CA TRP B 399 -54.06 -36.51 17.93
C TRP B 399 -55.33 -35.71 17.64
N ILE B 400 -56.22 -35.68 18.62
CA ILE B 400 -57.53 -35.04 18.50
C ILE B 400 -57.57 -33.86 19.46
N SER B 401 -58.10 -32.73 19.00
CA SER B 401 -58.19 -31.53 19.82
C SER B 401 -59.01 -31.77 21.08
N ASN B 414 -40.08 -46.42 31.40
CA ASN B 414 -40.11 -47.83 31.71
C ASN B 414 -40.03 -48.68 30.44
N ASP B 415 -40.98 -48.50 29.53
CA ASP B 415 -40.98 -49.22 28.27
C ASP B 415 -40.02 -48.56 27.29
N SER B 416 -39.91 -49.15 26.09
CA SER B 416 -39.05 -48.65 25.05
C SER B 416 -39.65 -48.99 23.70
N ILE B 417 -39.25 -48.22 22.69
CA ILE B 417 -39.58 -48.48 21.29
C ILE B 417 -38.34 -48.99 20.61
N THR B 418 -38.45 -50.17 20.00
CA THR B 418 -37.32 -50.84 19.34
C THR B 418 -37.48 -50.69 17.83
N LEU B 419 -36.47 -50.10 17.20
CA LEU B 419 -36.43 -49.90 15.76
C LEU B 419 -35.44 -50.88 15.16
N PRO B 420 -35.88 -51.82 14.32
CA PRO B 420 -34.94 -52.72 13.65
C PRO B 420 -34.17 -52.01 12.55
N CYS B 421 -32.92 -52.42 12.36
CA CYS B 421 -32.02 -51.75 11.44
C CYS B 421 -31.35 -52.77 10.52
N ARG B 422 -30.85 -52.25 9.40
CA ARG B 422 -30.09 -53.03 8.43
C ARG B 422 -28.71 -52.41 8.25
N ILE B 423 -27.76 -53.23 7.82
CA ILE B 423 -26.37 -52.83 7.64
C ILE B 423 -26.00 -53.01 6.18
N LYS B 424 -25.32 -52.01 5.61
CA LYS B 424 -24.87 -52.04 4.23
C LYS B 424 -23.39 -51.67 4.18
N GLN B 425 -22.68 -52.26 3.23
CA GLN B 425 -21.23 -52.04 3.12
C GLN B 425 -20.80 -51.32 1.85
N ILE B 426 -21.62 -51.28 0.81
CA ILE B 426 -21.33 -50.51 -0.40
C ILE B 426 -22.18 -49.25 -0.35
N ILE B 427 -21.52 -48.10 -0.28
CA ILE B 427 -22.15 -46.84 0.08
C ILE B 427 -22.05 -45.88 -1.10
N ASN B 428 -23.18 -45.29 -1.47
CA ASN B 428 -23.23 -44.20 -2.44
C ASN B 428 -23.67 -42.94 -1.70
N MET B 429 -22.73 -42.04 -1.45
CA MET B 429 -22.98 -40.82 -0.70
C MET B 429 -23.32 -39.67 -1.64
N TRP B 430 -23.99 -38.67 -1.08
CA TRP B 430 -24.32 -37.42 -1.77
C TRP B 430 -25.18 -37.65 -3.01
N GLN B 431 -25.91 -38.77 -3.03
CA GLN B 431 -26.89 -39.08 -4.08
C GLN B 431 -26.25 -39.06 -5.48
N ARG B 432 -24.97 -39.36 -5.57
CA ARG B 432 -24.26 -39.38 -6.84
C ARG B 432 -24.23 -40.80 -7.39
N ILE B 433 -23.72 -40.92 -8.61
CA ILE B 433 -23.54 -42.20 -9.28
C ILE B 433 -22.20 -42.17 -10.00
N GLY B 434 -21.59 -43.35 -10.14
CA GLY B 434 -20.29 -43.48 -10.75
C GLY B 434 -19.15 -43.67 -9.79
N GLN B 435 -19.38 -43.48 -8.49
CA GLN B 435 -18.36 -43.67 -7.46
C GLN B 435 -18.99 -44.38 -6.28
N ALA B 436 -18.40 -45.50 -5.85
CA ALA B 436 -18.90 -46.22 -4.69
C ALA B 436 -17.77 -46.45 -3.71
N MET B 437 -18.13 -46.53 -2.43
CA MET B 437 -17.19 -46.76 -1.36
C MET B 437 -17.51 -48.07 -0.66
N TYR B 438 -16.47 -48.79 -0.26
CA TYR B 438 -16.60 -50.02 0.50
C TYR B 438 -16.09 -49.77 1.91
N ALA B 439 -16.92 -50.07 2.90
CA ALA B 439 -16.56 -49.85 4.29
C ALA B 439 -16.01 -51.13 4.88
N PRO B 440 -14.73 -51.17 5.28
CA PRO B 440 -14.18 -52.40 5.86
C PRO B 440 -14.88 -52.73 7.16
N PRO B 441 -14.98 -54.02 7.51
CA PRO B 441 -15.70 -54.40 8.73
C PRO B 441 -15.02 -53.89 9.99
N ILE B 442 -15.82 -53.63 11.00
CA ILE B 442 -15.34 -53.25 12.32
C ILE B 442 -15.33 -54.50 13.19
N GLN B 443 -14.30 -54.62 14.03
CA GLN B 443 -14.11 -55.82 14.85
C GLN B 443 -14.72 -55.60 16.23
N GLY B 444 -15.60 -56.51 16.63
CA GLY B 444 -16.23 -56.45 17.94
C GLY B 444 -17.64 -55.92 17.91
N VAL B 445 -18.25 -55.90 19.10
CA VAL B 445 -19.60 -55.39 19.25
C VAL B 445 -19.58 -53.87 19.17
N ILE B 446 -20.65 -53.29 18.63
CA ILE B 446 -20.73 -51.85 18.41
C ILE B 446 -21.94 -51.29 19.13
N ARG B 447 -21.75 -50.21 19.88
CA ARG B 447 -22.83 -49.53 20.58
C ARG B 447 -22.58 -48.03 20.54
N CYS B 448 -23.65 -47.27 20.32
CA CYS B 448 -23.58 -45.81 20.27
C CYS B 448 -24.83 -45.23 20.93
N VAL B 449 -24.67 -44.02 21.48
CA VAL B 449 -25.76 -43.28 22.11
C VAL B 449 -25.77 -41.86 21.55
N SER B 450 -26.95 -41.37 21.21
CA SER B 450 -27.06 -40.07 20.54
C SER B 450 -28.28 -39.32 21.03
N ASN B 451 -28.32 -38.03 20.68
CA ASN B 451 -29.44 -37.15 20.96
C ASN B 451 -30.22 -36.89 19.68
N ILE B 452 -31.54 -37.02 19.74
CA ILE B 452 -32.42 -36.53 18.71
C ILE B 452 -32.81 -35.11 19.10
N THR B 453 -32.50 -34.15 18.22
CA THR B 453 -32.72 -32.74 18.51
C THR B 453 -33.54 -32.04 17.45
N GLY B 454 -34.13 -32.77 16.50
CA GLY B 454 -34.90 -32.13 15.46
C GLY B 454 -35.56 -33.15 14.57
N LEU B 455 -36.37 -32.64 13.65
CA LEU B 455 -37.13 -33.46 12.72
C LEU B 455 -37.23 -32.75 11.38
N ILE B 456 -37.37 -33.55 10.33
CA ILE B 456 -37.71 -33.07 9.00
C ILE B 456 -39.03 -33.72 8.61
N LEU B 457 -40.02 -32.90 8.24
CA LEU B 457 -41.35 -33.40 7.94
C LEU B 457 -41.82 -32.86 6.59
N THR B 458 -42.79 -33.55 6.02
CA THR B 458 -43.48 -33.11 4.82
C THR B 458 -44.96 -33.36 4.99
N ARG B 459 -45.77 -32.54 4.33
CA ARG B 459 -47.22 -32.58 4.51
C ARG B 459 -47.90 -33.07 3.23
N ASP B 460 -48.89 -33.93 3.40
CA ASP B 460 -49.67 -34.42 2.27
C ASP B 460 -50.71 -33.39 1.87
N GLY B 461 -50.84 -33.19 0.56
CA GLY B 461 -51.76 -32.19 0.04
C GLY B 461 -53.20 -32.67 0.00
N GLY B 462 -53.83 -32.75 1.17
CA GLY B 462 -55.21 -33.21 1.25
C GLY B 462 -56.21 -32.14 0.85
N SER B 463 -56.82 -32.32 -0.32
CA SER B 463 -57.79 -31.38 -0.86
C SER B 463 -59.22 -31.86 -0.55
N THR B 464 -60.19 -31.21 -1.20
CA THR B 464 -61.61 -31.56 -1.08
C THR B 464 -62.08 -31.49 0.37
N ASN B 465 -61.84 -30.33 0.98
CA ASN B 465 -62.30 -30.01 2.33
C ASN B 465 -61.82 -31.07 3.34
N SER B 466 -60.49 -31.14 3.49
CA SER B 466 -59.87 -32.08 4.41
C SER B 466 -59.75 -31.45 5.79
N THR B 467 -60.33 -32.10 6.79
CA THR B 467 -60.27 -31.63 8.17
C THR B 467 -59.12 -32.23 8.95
N THR B 468 -58.31 -33.09 8.33
CA THR B 468 -57.18 -33.74 9.00
C THR B 468 -55.91 -33.47 8.21
N GLU B 469 -54.79 -33.41 8.92
CA GLU B 469 -53.48 -33.19 8.32
C GLU B 469 -52.58 -34.38 8.65
N THR B 470 -51.85 -34.86 7.66
CA THR B 470 -50.95 -35.99 7.82
C THR B 470 -49.53 -35.54 7.52
N PHE B 471 -48.61 -35.81 8.45
CA PHE B 471 -47.21 -35.45 8.31
C PHE B 471 -46.35 -36.70 8.24
N ARG B 472 -45.40 -36.71 7.31
CA ARG B 472 -44.54 -37.86 7.10
C ARG B 472 -43.08 -37.45 7.16
N PRO B 473 -42.21 -38.28 7.71
CA PRO B 473 -40.79 -37.95 7.74
C PRO B 473 -40.21 -37.85 6.35
N GLY B 474 -39.24 -36.95 6.19
CA GLY B 474 -38.62 -36.73 4.89
C GLY B 474 -37.11 -36.62 4.99
N GLY B 475 -36.49 -35.98 3.99
CA GLY B 475 -35.07 -35.79 3.96
C GLY B 475 -34.51 -36.11 2.59
N GLY B 476 -33.21 -36.41 2.55
CA GLY B 476 -32.55 -36.76 1.31
C GLY B 476 -31.54 -35.70 0.89
N ASP B 477 -31.90 -34.44 1.03
CA ASP B 477 -31.02 -33.32 0.72
C ASP B 477 -30.32 -32.88 1.99
N MET B 478 -28.99 -32.90 1.98
CA MET B 478 -28.23 -32.60 3.19
C MET B 478 -28.11 -31.11 3.44
N ARG B 479 -28.56 -30.25 2.53
CA ARG B 479 -28.51 -28.82 2.78
C ARG B 479 -29.45 -28.42 3.92
N ASP B 480 -30.58 -29.10 4.06
CA ASP B 480 -31.48 -28.83 5.17
C ASP B 480 -30.94 -29.35 6.50
N ASN B 481 -29.95 -30.24 6.47
CA ASN B 481 -29.32 -30.67 7.71
C ASN B 481 -28.45 -29.57 8.30
N TRP B 482 -27.67 -28.90 7.45
CA TRP B 482 -26.81 -27.80 7.88
C TRP B 482 -27.48 -26.45 7.77
N ARG B 483 -28.70 -26.39 7.24
CA ARG B 483 -29.48 -25.16 7.30
C ARG B 483 -30.11 -24.98 8.68
N SER B 484 -30.21 -26.05 9.47
CA SER B 484 -30.74 -25.96 10.81
C SER B 484 -29.70 -25.53 11.84
N GLU B 485 -28.46 -25.32 11.41
CA GLU B 485 -27.39 -24.81 12.25
C GLU B 485 -26.91 -23.42 11.82
N LEU B 486 -26.78 -23.19 10.52
CA LEU B 486 -26.44 -21.89 9.98
C LEU B 486 -27.69 -21.09 9.63
N TYR B 487 -28.62 -20.98 10.58
CA TYR B 487 -29.87 -20.27 10.35
C TYR B 487 -29.92 -18.90 11.01
N LYS B 488 -28.95 -18.58 11.86
CA LYS B 488 -28.92 -17.32 12.58
C LYS B 488 -27.70 -16.47 12.24
N TYR B 489 -27.01 -16.80 11.14
CA TYR B 489 -25.82 -16.08 10.74
C TYR B 489 -26.01 -15.46 9.36
N LYS B 490 -25.36 -14.33 9.14
CA LYS B 490 -25.28 -13.75 7.80
C LYS B 490 -23.94 -13.05 7.66
N VAL B 491 -23.52 -12.84 6.41
CA VAL B 491 -22.22 -12.26 6.11
C VAL B 491 -22.42 -10.88 5.50
N VAL B 492 -21.70 -9.89 6.01
CA VAL B 492 -21.80 -8.52 5.51
C VAL B 492 -20.42 -7.99 5.16
N LYS B 493 -20.40 -7.03 4.24
CA LYS B 493 -19.19 -6.41 3.71
C LYS B 493 -19.16 -4.94 4.10
N ILE B 494 -18.06 -4.50 4.69
CA ILE B 494 -17.95 -3.18 5.28
C ILE B 494 -17.62 -2.16 4.18
N GLU B 495 -18.22 -0.97 4.29
CA GLU B 495 -17.99 0.13 3.36
C GLU B 495 -17.57 1.37 4.14
N PRO B 496 -16.29 1.48 4.49
CA PRO B 496 -15.82 2.49 5.45
C PRO B 496 -15.47 3.84 4.83
N LEU B 497 -16.39 4.42 4.05
CA LEU B 497 -16.13 5.71 3.42
C LEU B 497 -17.42 6.50 3.37
N GLY B 498 -17.40 7.72 3.94
CA GLY B 498 -18.58 8.56 3.95
C GLY B 498 -18.22 10.03 3.81
N VAL B 499 -19.21 10.81 3.40
CA VAL B 499 -19.08 12.25 3.25
C VAL B 499 -20.25 12.91 3.97
N ALA B 500 -19.98 14.04 4.63
CA ALA B 500 -21.01 14.70 5.41
C ALA B 500 -20.76 16.20 5.41
N PRO B 501 -21.81 17.01 5.62
CA PRO B 501 -21.61 18.47 5.66
C PRO B 501 -21.18 18.98 7.02
N THR B 502 -20.00 19.59 7.09
CA THR B 502 -19.54 20.24 8.31
C THR B 502 -19.28 21.71 8.01
N ARG B 503 -18.68 22.43 8.95
CA ARG B 503 -18.29 23.82 8.71
C ARG B 503 -16.79 24.01 8.92
N CYS B 504 -16.00 23.01 8.53
CA CYS B 504 -14.56 23.12 8.50
C CYS B 504 -14.07 23.23 7.06
N LYS B 505 -13.19 24.20 6.83
CA LYS B 505 -12.65 24.45 5.50
C LYS B 505 -11.15 24.17 5.50
N ARG B 506 -10.67 23.63 4.38
CA ARG B 506 -9.26 23.31 4.27
C ARG B 506 -8.42 24.58 4.31
N ARG B 507 -7.33 24.55 5.08
CA ARG B 507 -6.46 25.71 5.23
C ARG B 507 -5.23 25.59 4.35
N ASN C 38 17.14 29.76 -12.74
CA ASN C 38 16.57 29.25 -11.50
C ASN C 38 15.50 28.19 -11.78
N LEU C 39 15.95 27.00 -12.19
CA LEU C 39 15.07 25.89 -12.51
C LEU C 39 15.26 24.77 -11.50
N TRP C 40 14.16 24.10 -11.17
CA TRP C 40 14.15 23.05 -10.16
C TRP C 40 13.53 21.79 -10.74
N VAL C 41 13.93 20.65 -10.19
CA VAL C 41 13.40 19.36 -10.62
C VAL C 41 12.00 19.18 -10.06
N THR C 42 11.04 18.87 -10.93
CA THR C 42 9.67 18.60 -10.54
C THR C 42 9.30 17.19 -10.99
N VAL C 43 8.61 16.46 -10.11
CA VAL C 43 8.29 15.06 -10.33
C VAL C 43 6.83 14.95 -10.73
N TYR C 44 6.57 14.19 -11.79
CA TYR C 44 5.22 13.93 -12.28
C TYR C 44 4.96 12.44 -12.26
N TYR C 45 3.82 12.04 -11.71
CA TYR C 45 3.43 10.64 -11.59
C TYR C 45 2.16 10.42 -12.40
N GLY C 46 2.26 9.61 -13.46
CA GLY C 46 1.13 9.35 -14.32
C GLY C 46 1.31 9.87 -15.73
N VAL C 47 2.55 9.88 -16.21
CA VAL C 47 2.87 10.40 -17.54
C VAL C 47 2.65 9.31 -18.59
N PRO C 48 2.27 9.65 -19.82
CA PRO C 48 2.01 8.63 -20.86
C PRO C 48 3.28 8.12 -21.53
N VAL C 49 3.99 7.24 -20.83
CA VAL C 49 5.21 6.63 -21.35
C VAL C 49 5.08 5.12 -21.21
N TRP C 50 5.56 4.39 -22.22
CA TRP C 50 5.47 2.93 -22.20
C TRP C 50 6.73 2.33 -22.81
N LYS C 51 6.90 1.04 -22.56
CA LYS C 51 8.04 0.28 -23.09
C LYS C 51 7.52 -1.08 -23.57
N ASP C 52 8.36 -1.78 -24.34
CA ASP C 52 8.00 -3.12 -24.80
C ASP C 52 8.25 -4.13 -23.69
N ALA C 53 7.31 -5.06 -23.52
CA ALA C 53 7.40 -6.02 -22.42
C ALA C 53 6.64 -7.29 -22.77
N GLU C 54 6.93 -8.34 -22.01
CA GLU C 54 6.23 -9.61 -22.09
C GLU C 54 5.53 -9.88 -20.76
N THR C 55 4.32 -10.42 -20.83
CA THR C 55 3.54 -10.69 -19.62
C THR C 55 2.56 -11.81 -19.92
N THR C 56 1.76 -12.15 -18.92
CA THR C 56 0.73 -13.17 -19.05
C THR C 56 -0.63 -12.48 -19.19
N LEU C 57 -1.24 -12.63 -20.35
CA LEU C 57 -2.58 -12.13 -20.60
C LEU C 57 -3.60 -13.18 -20.20
N PHE C 58 -4.78 -12.73 -19.78
CA PHE C 58 -5.81 -13.66 -19.32
C PHE C 58 -6.96 -13.69 -20.32
N CYS C 59 -7.84 -14.68 -20.15
CA CYS C 59 -8.87 -14.97 -21.13
C CYS C 59 -10.21 -14.40 -20.71
N ALA C 60 -10.99 -13.99 -21.71
CA ALA C 60 -12.35 -13.51 -21.49
C ALA C 60 -13.23 -14.08 -22.59
N SER C 61 -14.51 -14.28 -22.28
CA SER C 61 -15.44 -14.83 -23.25
C SER C 61 -16.83 -14.23 -23.00
N ASP C 62 -17.64 -14.23 -24.06
CA ASP C 62 -18.99 -13.69 -23.96
C ASP C 62 -19.85 -14.57 -23.05
N ALA C 63 -20.77 -13.94 -22.33
CA ALA C 63 -21.66 -14.66 -21.42
C ALA C 63 -23.04 -14.86 -22.06
N LYS C 70 -22.38 -26.00 -22.20
CA LYS C 70 -21.36 -25.58 -21.26
C LYS C 70 -20.11 -26.44 -21.43
N HIS C 71 -20.28 -27.66 -21.93
CA HIS C 71 -19.18 -28.60 -22.12
C HIS C 71 -18.46 -28.23 -23.41
N ASN C 72 -17.32 -27.55 -23.27
CA ASN C 72 -16.51 -27.14 -24.41
C ASN C 72 -15.05 -27.45 -24.10
N VAL C 73 -14.28 -27.74 -25.16
CA VAL C 73 -12.87 -28.09 -24.98
C VAL C 73 -12.12 -26.93 -24.35
N TRP C 74 -12.34 -25.72 -24.85
CA TRP C 74 -11.72 -24.52 -24.29
C TRP C 74 -12.68 -23.97 -23.25
N ALA C 75 -12.31 -24.12 -21.97
CA ALA C 75 -13.23 -23.83 -20.89
C ALA C 75 -13.43 -22.33 -20.73
N THR C 76 -14.33 -21.76 -21.54
CA THR C 76 -14.64 -20.34 -21.47
C THR C 76 -15.50 -19.98 -20.27
N HIS C 77 -16.09 -20.98 -19.59
CA HIS C 77 -16.85 -20.69 -18.39
C HIS C 77 -15.96 -20.19 -17.27
N ALA C 78 -14.68 -20.56 -17.28
CA ALA C 78 -13.73 -20.10 -16.28
C ALA C 78 -13.14 -18.74 -16.59
N CYS C 79 -13.34 -18.22 -17.80
CA CYS C 79 -12.84 -16.91 -18.17
C CYS C 79 -13.80 -15.83 -17.73
N VAL C 80 -13.28 -14.62 -17.59
CA VAL C 80 -14.08 -13.48 -17.14
C VAL C 80 -15.11 -13.12 -18.21
N PRO C 81 -16.33 -12.75 -17.84
CA PRO C 81 -17.28 -12.25 -18.85
C PRO C 81 -16.80 -10.95 -19.47
N THR C 82 -17.21 -10.75 -20.73
CA THR C 82 -16.77 -9.60 -21.50
C THR C 82 -17.77 -8.46 -21.41
N ASP C 83 -17.25 -7.23 -21.42
CA ASP C 83 -18.11 -6.06 -21.39
C ASP C 83 -18.90 -5.93 -22.70
N PRO C 84 -20.09 -5.34 -22.64
CA PRO C 84 -20.88 -5.20 -23.88
C PRO C 84 -20.29 -4.21 -24.86
N ASN C 85 -19.76 -3.09 -24.37
CA ASN C 85 -19.18 -2.04 -25.23
C ASN C 85 -17.75 -1.76 -24.77
N PRO C 86 -16.77 -2.46 -25.33
CA PRO C 86 -15.38 -2.21 -24.95
C PRO C 86 -14.92 -0.82 -25.35
N GLN C 87 -13.96 -0.29 -24.58
CA GLN C 87 -13.40 1.03 -24.84
C GLN C 87 -12.17 0.91 -25.73
N GLU C 88 -12.15 1.68 -26.81
CA GLU C 88 -11.00 1.79 -27.71
C GLU C 88 -10.63 3.26 -27.81
N ILE C 89 -9.39 3.60 -27.47
CA ILE C 89 -8.96 4.99 -27.40
C ILE C 89 -7.95 5.24 -28.53
N HIS C 90 -8.34 6.05 -29.50
CA HIS C 90 -7.44 6.37 -30.61
C HIS C 90 -6.37 7.35 -30.14
N LEU C 91 -5.10 6.97 -30.30
CA LEU C 91 -3.99 7.81 -29.84
C LEU C 91 -3.59 8.74 -30.99
N GLU C 92 -3.97 10.01 -30.87
CA GLU C 92 -3.71 10.98 -31.92
C GLU C 92 -2.22 11.32 -31.98
N ASN C 93 -1.71 11.48 -33.20
CA ASN C 93 -0.32 11.87 -33.47
C ASN C 93 0.69 10.90 -32.90
N VAL C 94 0.38 9.62 -32.83
CA VAL C 94 1.26 8.60 -32.26
C VAL C 94 1.63 7.61 -33.36
N THR C 95 2.93 7.39 -33.54
CA THR C 95 3.45 6.42 -34.49
C THR C 95 4.18 5.32 -33.73
N GLU C 96 3.87 4.07 -34.05
CA GLU C 96 4.43 2.93 -33.32
C GLU C 96 5.16 2.03 -34.30
N GLU C 97 5.93 1.08 -33.77
CA GLU C 97 6.66 0.11 -34.57
C GLU C 97 6.16 -1.28 -34.21
N PHE C 98 5.70 -2.03 -35.21
CA PHE C 98 5.16 -3.37 -35.02
C PHE C 98 6.01 -4.40 -35.73
N ASN C 99 6.02 -5.61 -35.18
CA ASN C 99 6.72 -6.74 -35.78
C ASN C 99 5.83 -7.97 -35.67
N MET C 100 5.31 -8.42 -36.82
CA MET C 100 4.37 -9.53 -36.84
C MET C 100 5.04 -10.84 -36.46
N TRP C 101 6.33 -10.99 -36.79
CA TRP C 101 7.01 -12.28 -36.72
C TRP C 101 7.80 -12.49 -35.44
N LYS C 102 7.77 -11.54 -34.51
CA LYS C 102 8.43 -11.67 -33.22
C LYS C 102 7.45 -11.32 -32.10
N ASN C 103 6.24 -11.85 -32.18
CA ASN C 103 5.20 -11.58 -31.18
C ASN C 103 5.11 -12.74 -30.21
N ASN C 104 4.88 -12.43 -28.94
CA ASN C 104 4.79 -13.42 -27.89
C ASN C 104 3.36 -13.85 -27.58
N MET C 105 2.38 -13.07 -28.00
CA MET C 105 0.98 -13.49 -27.87
C MET C 105 0.73 -14.78 -28.65
N VAL C 106 1.42 -14.97 -29.78
CA VAL C 106 1.28 -16.20 -30.55
C VAL C 106 1.76 -17.40 -29.74
N GLU C 107 2.92 -17.27 -29.10
CA GLU C 107 3.45 -18.37 -28.29
C GLU C 107 2.54 -18.67 -27.12
N GLN C 108 2.04 -17.64 -26.45
CA GLN C 108 1.15 -17.87 -25.32
C GLN C 108 -0.15 -18.54 -25.76
N MET C 109 -0.70 -18.11 -26.91
CA MET C 109 -1.93 -18.73 -27.41
C MET C 109 -1.70 -20.18 -27.78
N HIS C 110 -0.58 -20.50 -28.42
CA HIS C 110 -0.26 -21.88 -28.75
C HIS C 110 -0.18 -22.74 -27.49
N THR C 111 0.54 -22.24 -26.47
CA THR C 111 0.67 -22.99 -25.23
C THR C 111 -0.68 -23.18 -24.55
N ASP C 112 -1.51 -22.13 -24.53
CA ASP C 112 -2.83 -22.25 -23.90
C ASP C 112 -3.71 -23.25 -24.61
N ILE C 113 -3.71 -23.24 -25.95
CA ILE C 113 -4.53 -24.19 -26.70
C ILE C 113 -4.08 -25.62 -26.42
N ILE C 114 -2.76 -25.85 -26.45
CA ILE C 114 -2.26 -27.20 -26.19
C ILE C 114 -2.64 -27.66 -24.79
N SER C 115 -2.49 -26.76 -23.80
CA SER C 115 -2.79 -27.11 -22.42
C SER C 115 -4.27 -27.41 -22.23
N LEU C 116 -5.15 -26.62 -22.84
CA LEU C 116 -6.58 -26.89 -22.72
C LEU C 116 -6.95 -28.22 -23.37
N TRP C 117 -6.36 -28.52 -24.54
CA TRP C 117 -6.63 -29.79 -25.19
C TRP C 117 -6.19 -30.96 -24.32
N ASP C 118 -5.00 -30.85 -23.71
CA ASP C 118 -4.54 -31.91 -22.83
C ASP C 118 -5.42 -32.06 -21.60
N GLN C 119 -5.87 -30.93 -21.03
CA GLN C 119 -6.71 -30.98 -19.84
C GLN C 119 -8.07 -31.62 -20.14
N SER C 120 -8.63 -31.38 -21.32
CA SER C 120 -9.96 -31.88 -21.63
C SER C 120 -10.03 -33.41 -21.69
N LEU C 121 -8.90 -34.11 -21.76
CA LEU C 121 -8.87 -35.55 -21.96
C LEU C 121 -8.57 -36.34 -20.69
N LYS C 122 -8.57 -35.69 -19.53
CA LYS C 122 -8.23 -36.38 -18.29
C LYS C 122 -9.31 -37.33 -17.79
N PRO C 123 -10.58 -36.91 -17.66
CA PRO C 123 -11.59 -37.79 -17.06
C PRO C 123 -12.21 -38.79 -18.02
N CYS C 124 -11.66 -38.98 -19.21
CA CYS C 124 -12.32 -39.82 -20.20
C CYS C 124 -11.73 -41.23 -20.17
N VAL C 125 -12.39 -42.12 -20.91
CA VAL C 125 -12.15 -43.56 -20.80
C VAL C 125 -10.85 -43.94 -21.51
N LYS C 126 -10.05 -44.77 -20.85
CA LYS C 126 -8.86 -45.34 -21.47
C LYS C 126 -9.23 -46.61 -22.23
N LEU C 127 -8.64 -46.77 -23.41
CA LEU C 127 -8.95 -47.89 -24.30
C LEU C 127 -7.79 -48.89 -24.38
N THR C 128 -7.16 -49.16 -23.24
CA THR C 128 -6.09 -50.16 -23.21
C THR C 128 -6.53 -51.56 -23.67
N PRO C 129 -7.69 -52.10 -23.27
CA PRO C 129 -8.06 -53.45 -23.74
C PRO C 129 -8.37 -53.52 -25.23
N LEU C 130 -8.36 -52.40 -25.95
CA LEU C 130 -8.64 -52.41 -27.38
C LEU C 130 -7.42 -52.75 -28.22
N CYS C 131 -6.24 -52.88 -27.61
CA CYS C 131 -5.02 -53.24 -28.33
C CYS C 131 -4.91 -54.76 -28.34
N VAL C 132 -5.74 -55.39 -29.18
CA VAL C 132 -5.76 -56.82 -29.38
C VAL C 132 -5.70 -57.10 -30.88
N THR C 133 -5.75 -58.38 -31.22
CA THR C 133 -5.73 -58.79 -32.62
C THR C 133 -7.15 -58.87 -33.15
N LEU C 134 -7.43 -58.16 -34.23
CA LEU C 134 -8.74 -58.14 -34.85
C LEU C 134 -8.74 -59.03 -36.09
N GLN C 135 -9.87 -59.67 -36.35
CA GLN C 135 -10.07 -60.44 -37.57
C GLN C 135 -11.00 -59.65 -38.48
N CYS C 136 -10.49 -59.19 -39.62
CA CYS C 136 -11.17 -58.20 -40.43
C CYS C 136 -11.50 -58.75 -41.81
N THR C 137 -12.65 -58.33 -42.34
CA THR C 137 -13.07 -58.65 -43.69
C THR C 137 -13.44 -57.36 -44.42
N ASN C 138 -13.48 -57.45 -45.74
CA ASN C 138 -13.87 -56.31 -46.56
C ASN C 138 -15.37 -56.05 -46.46
N VAL C 139 -15.76 -54.81 -46.73
CA VAL C 139 -17.16 -54.39 -46.60
C VAL C 139 -17.81 -54.42 -47.98
N THR C 140 -19.01 -54.99 -48.03
CA THR C 140 -19.76 -55.18 -49.27
C THR C 140 -21.14 -54.57 -49.04
N ASN C 141 -22.11 -54.97 -49.87
CA ASN C 141 -23.49 -54.52 -49.74
C ASN C 141 -23.66 -53.03 -49.98
N ASN C 142 -23.57 -52.64 -51.26
CA ASN C 142 -23.88 -51.31 -51.77
C ASN C 142 -22.79 -50.28 -51.53
N ILE C 143 -21.54 -50.71 -51.55
CA ILE C 143 -20.44 -49.76 -51.68
C ILE C 143 -20.29 -49.35 -53.14
N THR C 144 -19.62 -48.22 -53.36
CA THR C 144 -19.36 -47.72 -54.70
C THR C 144 -17.94 -48.08 -55.11
N ASP C 145 -17.57 -47.69 -56.33
CA ASP C 145 -16.24 -48.00 -56.84
C ASP C 145 -15.15 -47.21 -56.10
N ASP C 146 -15.42 -45.94 -55.80
CA ASP C 146 -14.45 -45.11 -55.10
C ASP C 146 -14.34 -45.44 -53.62
N MET C 147 -15.34 -46.13 -53.05
CA MET C 147 -15.34 -46.49 -51.64
C MET C 147 -14.91 -47.94 -51.41
N ARG C 148 -14.36 -48.58 -52.43
CA ARG C 148 -13.98 -49.98 -52.34
C ARG C 148 -12.70 -50.12 -51.53
N GLY C 149 -12.77 -50.90 -50.45
CA GLY C 149 -11.60 -51.14 -49.62
C GLY C 149 -11.31 -50.10 -48.56
N GLU C 150 -12.20 -49.13 -48.36
CA GLU C 150 -11.96 -48.08 -47.38
C GLU C 150 -12.50 -48.45 -46.00
N LEU C 151 -13.48 -49.32 -45.92
CA LEU C 151 -14.06 -49.77 -44.66
C LEU C 151 -13.76 -51.25 -44.44
N LYS C 152 -13.55 -51.62 -43.18
CA LYS C 152 -13.31 -53.01 -42.82
C LYS C 152 -14.20 -53.39 -41.65
N ASN C 153 -14.64 -54.65 -41.64
CA ASN C 153 -15.52 -55.19 -40.62
C ASN C 153 -14.69 -56.14 -39.77
N CYS C 154 -14.40 -55.74 -38.53
CA CYS C 154 -13.44 -56.44 -37.69
C CYS C 154 -14.11 -56.98 -36.44
N SER C 155 -13.87 -58.25 -36.12
CA SER C 155 -14.36 -58.88 -34.92
C SER C 155 -13.20 -59.19 -33.97
N PHE C 156 -13.50 -59.18 -32.68
CA PHE C 156 -12.48 -59.37 -31.65
C PHE C 156 -13.15 -59.78 -30.34
N ASN C 157 -12.30 -60.09 -29.35
CA ASN C 157 -12.76 -60.42 -28.01
C ASN C 157 -12.47 -59.26 -27.07
N MET C 158 -13.45 -58.93 -26.23
CA MET C 158 -13.39 -57.77 -25.35
C MET C 158 -13.75 -58.18 -23.93
N THR C 159 -13.16 -57.47 -22.97
CA THR C 159 -13.45 -57.74 -21.56
C THR C 159 -14.87 -57.30 -21.21
N THR C 160 -15.37 -57.85 -20.11
CA THR C 160 -16.71 -57.55 -19.63
C THR C 160 -16.65 -56.79 -18.31
N GLU C 161 -17.82 -56.52 -17.75
CA GLU C 161 -17.92 -55.83 -16.46
C GLU C 161 -17.51 -56.74 -15.32
N LEU C 162 -17.38 -58.04 -15.60
CA LEU C 162 -16.90 -59.02 -14.64
C LEU C 162 -15.51 -59.46 -15.07
N ARG C 163 -14.58 -59.52 -14.11
CA ARG C 163 -13.22 -59.96 -14.40
C ARG C 163 -13.11 -61.47 -14.48
N ASP C 164 -14.02 -62.10 -15.21
CA ASP C 164 -14.07 -63.56 -15.30
C ASP C 164 -14.34 -64.09 -16.70
N LYS C 165 -14.77 -63.27 -17.65
CA LYS C 165 -15.24 -63.76 -18.94
C LYS C 165 -15.08 -62.69 -20.01
N LYS C 166 -15.16 -63.12 -21.27
CA LYS C 166 -15.01 -62.26 -22.43
C LYS C 166 -16.30 -62.23 -23.23
N GLN C 167 -16.34 -61.33 -24.21
CA GLN C 167 -17.45 -61.25 -25.15
C GLN C 167 -16.89 -61.03 -26.55
N LYS C 168 -17.49 -61.70 -27.53
CA LYS C 168 -17.09 -61.53 -28.92
C LYS C 168 -17.92 -60.40 -29.53
N VAL C 169 -17.24 -59.34 -29.94
CA VAL C 169 -17.89 -58.15 -30.48
C VAL C 169 -17.25 -57.83 -31.83
N TYR C 170 -17.87 -56.89 -32.54
CA TYR C 170 -17.34 -56.46 -33.83
C TYR C 170 -17.64 -54.99 -34.05
N SER C 171 -16.91 -54.39 -34.98
CA SER C 171 -17.05 -52.99 -35.29
C SER C 171 -16.57 -52.75 -36.72
N LEU C 172 -16.69 -51.52 -37.18
CA LEU C 172 -16.23 -51.10 -38.50
C LEU C 172 -15.11 -50.07 -38.34
N PHE C 173 -13.99 -50.31 -39.01
CA PHE C 173 -12.83 -49.44 -38.93
C PHE C 173 -12.44 -48.95 -40.31
N TYR C 174 -12.00 -47.70 -40.38
CA TYR C 174 -11.46 -47.18 -41.63
C TYR C 174 -10.09 -47.78 -41.92
N ARG C 175 -9.75 -47.84 -43.21
CA ARG C 175 -8.51 -48.49 -43.62
C ARG C 175 -7.29 -47.81 -43.03
N LEU C 176 -7.37 -46.49 -42.78
CA LEU C 176 -6.24 -45.74 -42.26
C LEU C 176 -6.01 -45.98 -40.77
N ASP C 177 -6.90 -46.69 -40.08
CA ASP C 177 -6.80 -46.90 -38.65
C ASP C 177 -6.29 -48.28 -38.26
N VAL C 178 -6.17 -49.20 -39.21
CA VAL C 178 -5.76 -50.57 -38.92
C VAL C 178 -4.58 -50.94 -39.82
N VAL C 179 -3.63 -51.67 -39.25
CA VAL C 179 -2.45 -52.17 -39.95
C VAL C 179 -2.44 -53.68 -39.85
N GLN C 180 -2.22 -54.35 -40.97
CA GLN C 180 -2.23 -55.81 -41.02
C GLN C 180 -0.97 -56.37 -40.38
N ILE C 181 -1.13 -57.42 -39.58
CA ILE C 181 -0.02 -58.14 -38.98
C ILE C 181 0.02 -59.54 -39.58
N ASN C 182 1.13 -59.88 -40.21
CA ASN C 182 1.26 -61.15 -40.92
C ASN C 182 1.47 -62.31 -39.95
N ASN C 193 -10.19 -64.90 -43.33
CA ASN C 193 -9.95 -63.47 -43.28
C ASN C 193 -8.50 -63.16 -42.92
N LYS C 194 -8.26 -61.95 -42.42
CA LYS C 194 -6.91 -61.49 -42.11
C LYS C 194 -6.88 -60.86 -40.72
N GLU C 195 -5.66 -60.77 -40.18
CA GLU C 195 -5.43 -60.27 -38.84
C GLU C 195 -4.85 -58.87 -38.87
N TYR C 196 -5.53 -57.94 -38.23
CA TYR C 196 -5.13 -56.55 -38.17
C TYR C 196 -4.98 -56.10 -36.72
N ARG C 197 -4.40 -54.92 -36.55
CA ARG C 197 -4.29 -54.29 -35.24
C ARG C 197 -4.44 -52.79 -35.41
N LEU C 198 -4.78 -52.11 -34.32
CA LEU C 198 -4.88 -50.65 -34.38
C LEU C 198 -3.52 -50.05 -34.72
N ILE C 199 -3.55 -48.94 -35.47
CA ILE C 199 -2.33 -48.31 -35.96
C ILE C 199 -1.45 -47.81 -34.82
N ASN C 200 -2.02 -47.59 -33.65
CA ASN C 200 -1.30 -46.96 -32.55
C ASN C 200 -0.72 -47.94 -31.53
N CYS C 201 -1.06 -49.23 -31.61
CA CYS C 201 -0.65 -50.14 -30.54
C CYS C 201 0.78 -50.65 -30.70
N ASN C 202 1.71 -49.74 -31.01
CA ASN C 202 3.13 -49.99 -30.81
C ASN C 202 3.89 -48.72 -30.48
N THR C 203 3.22 -47.57 -30.38
CA THR C 203 3.90 -46.30 -30.16
C THR C 203 3.31 -45.55 -28.97
N SER C 204 2.01 -45.64 -28.76
CA SER C 204 1.33 -44.79 -27.80
C SER C 204 0.08 -45.48 -27.29
N ALA C 205 -0.64 -44.78 -26.41
CA ALA C 205 -1.92 -45.24 -25.88
C ALA C 205 -3.02 -44.28 -26.32
N ILE C 206 -4.22 -44.83 -26.45
CA ILE C 206 -5.39 -44.11 -26.96
C ILE C 206 -6.33 -43.81 -25.80
N THR C 207 -6.84 -42.58 -25.77
CA THR C 207 -7.91 -42.19 -24.87
C THR C 207 -9.15 -41.87 -25.70
N GLN C 208 -10.30 -42.37 -25.27
CA GLN C 208 -11.54 -42.10 -25.99
C GLN C 208 -12.08 -40.73 -25.60
N ALA C 209 -12.34 -39.89 -26.59
CA ALA C 209 -12.86 -38.56 -26.32
C ALA C 209 -14.23 -38.65 -25.66
N CYS C 210 -14.42 -37.84 -24.63
CA CYS C 210 -15.70 -37.79 -23.92
C CYS C 210 -16.79 -37.32 -24.88
N PRO C 211 -17.89 -38.07 -25.04
CA PRO C 211 -18.88 -37.71 -26.07
C PRO C 211 -19.68 -36.47 -25.75
N LYS C 212 -19.71 -36.03 -24.49
CA LYS C 212 -20.50 -34.85 -24.13
C LYS C 212 -19.77 -33.54 -24.39
N VAL C 213 -18.46 -33.59 -24.68
CA VAL C 213 -17.66 -32.40 -24.92
C VAL C 213 -17.60 -32.15 -26.42
N SER C 214 -17.91 -30.91 -26.82
CA SER C 214 -17.96 -30.53 -28.22
C SER C 214 -16.65 -29.88 -28.65
N PHE C 215 -16.31 -30.06 -29.92
CA PHE C 215 -15.10 -29.50 -30.50
C PHE C 215 -15.33 -28.16 -31.19
N GLU C 216 -16.53 -27.61 -31.08
CA GLU C 216 -16.87 -26.37 -31.75
C GLU C 216 -16.03 -25.21 -31.23
N PRO C 217 -15.32 -24.48 -32.08
CA PRO C 217 -14.57 -23.31 -31.60
C PRO C 217 -15.51 -22.15 -31.30
N ILE C 218 -15.20 -21.41 -30.25
CA ILE C 218 -15.96 -20.21 -29.89
C ILE C 218 -14.98 -19.06 -29.70
N PRO C 219 -15.38 -17.82 -29.96
CA PRO C 219 -14.45 -16.70 -29.84
C PRO C 219 -13.95 -16.51 -28.42
N ILE C 220 -12.68 -16.14 -28.29
CA ILE C 220 -12.06 -15.80 -27.02
C ILE C 220 -11.33 -14.47 -27.18
N HIS C 221 -11.18 -13.76 -26.06
CA HIS C 221 -10.51 -12.47 -26.04
C HIS C 221 -9.36 -12.52 -25.06
N TYR C 222 -8.27 -11.84 -25.39
CA TYR C 222 -7.09 -11.75 -24.55
C TYR C 222 -7.02 -10.37 -23.92
N CYS C 223 -6.85 -10.32 -22.60
CA CYS C 223 -6.83 -9.09 -21.85
C CYS C 223 -5.51 -8.95 -21.09
N ALA C 224 -5.05 -7.71 -20.97
CA ALA C 224 -3.81 -7.31 -20.31
C ALA C 224 -4.07 -6.91 -18.85
N PRO C 225 -3.12 -7.20 -17.96
CA PRO C 225 -3.30 -6.87 -16.55
C PRO C 225 -3.17 -5.38 -16.27
N ALA C 226 -3.21 -5.00 -14.99
CA ALA C 226 -3.03 -3.61 -14.62
C ALA C 226 -1.56 -3.21 -14.79
N GLY C 227 -1.34 -2.03 -15.37
CA GLY C 227 -0.01 -1.58 -15.70
C GLY C 227 0.44 -1.92 -17.10
N PHE C 228 -0.41 -2.55 -17.90
CA PHE C 228 -0.10 -2.90 -19.28
C PHE C 228 -1.24 -2.43 -20.18
N ALA C 229 -0.92 -2.27 -21.46
CA ALA C 229 -1.92 -1.88 -22.46
C ALA C 229 -1.68 -2.67 -23.73
N ILE C 230 -2.71 -2.80 -24.57
CA ILE C 230 -2.60 -3.46 -25.85
C ILE C 230 -2.73 -2.41 -26.93
N LEU C 231 -1.65 -2.17 -27.67
CA LEU C 231 -1.67 -1.25 -28.78
C LEU C 231 -2.10 -1.97 -30.05
N LYS C 232 -2.97 -1.32 -30.82
CA LYS C 232 -3.57 -1.89 -32.00
C LYS C 232 -3.35 -0.96 -33.19
N CYS C 233 -2.85 -1.51 -34.28
CA CYS C 233 -2.61 -0.74 -35.49
C CYS C 233 -3.86 -0.69 -36.34
N LYS C 234 -4.23 0.51 -36.78
CA LYS C 234 -5.43 0.72 -37.56
C LYS C 234 -5.15 1.00 -39.03
N ASP C 235 -3.91 0.84 -39.48
CA ASP C 235 -3.59 0.99 -40.88
C ASP C 235 -4.22 -0.15 -41.68
N LYS C 236 -4.79 0.19 -42.84
CA LYS C 236 -5.51 -0.76 -43.67
C LYS C 236 -4.61 -1.52 -44.64
N LYS C 237 -3.41 -1.02 -44.93
CA LYS C 237 -2.47 -1.71 -45.80
C LYS C 237 -1.18 -2.05 -45.06
N PHE C 238 -1.30 -2.39 -43.78
CA PHE C 238 -0.14 -2.76 -42.98
C PHE C 238 0.32 -4.17 -43.36
N ASN C 239 1.63 -4.32 -43.59
CA ASN C 239 2.18 -5.58 -44.08
C ASN C 239 2.91 -6.36 -42.98
N GLY C 240 2.59 -6.10 -41.73
CA GLY C 240 3.08 -6.90 -40.62
C GLY C 240 4.26 -6.29 -39.87
N THR C 241 5.21 -5.70 -40.56
CA THR C 241 6.41 -5.16 -39.92
C THR C 241 6.58 -3.70 -40.30
N GLY C 242 7.14 -2.93 -39.37
CA GLY C 242 7.48 -1.55 -39.64
C GLY C 242 6.65 -0.56 -38.86
N PRO C 243 6.67 0.70 -39.28
CA PRO C 243 5.93 1.74 -38.56
C PRO C 243 4.47 1.82 -38.96
N CYS C 244 3.61 1.88 -37.95
CA CYS C 244 2.18 2.11 -38.12
C CYS C 244 1.85 3.50 -37.56
N PRO C 245 1.37 4.42 -38.39
CA PRO C 245 1.10 5.79 -37.92
C PRO C 245 -0.29 6.02 -37.37
N SER C 246 -1.20 5.04 -37.48
CA SER C 246 -2.55 5.16 -36.94
C SER C 246 -2.72 4.10 -35.87
N VAL C 247 -2.73 4.51 -34.61
CA VAL C 247 -2.64 3.60 -33.48
C VAL C 247 -3.79 3.89 -32.51
N SER C 248 -4.34 2.83 -31.93
CA SER C 248 -5.29 2.95 -30.83
C SER C 248 -4.82 2.05 -29.70
N THR C 249 -5.41 2.23 -28.53
CA THR C 249 -5.12 1.41 -27.37
C THR C 249 -6.40 0.77 -26.88
N VAL C 250 -6.27 -0.47 -26.41
CA VAL C 250 -7.36 -1.27 -25.88
C VAL C 250 -6.83 -2.12 -24.73
N GLN C 251 -7.75 -2.87 -24.12
CA GLN C 251 -7.42 -3.88 -23.13
C GLN C 251 -7.81 -5.29 -23.55
N CYS C 252 -8.68 -5.44 -24.54
CA CYS C 252 -9.10 -6.74 -25.03
C CYS C 252 -8.99 -6.79 -26.55
N THR C 253 -8.60 -7.94 -27.07
CA THR C 253 -8.60 -8.18 -28.50
C THR C 253 -9.97 -8.68 -28.96
N HIS C 254 -10.18 -8.64 -30.27
CA HIS C 254 -11.44 -9.11 -30.83
C HIS C 254 -11.55 -10.63 -30.65
N GLY C 255 -12.78 -11.13 -30.76
CA GLY C 255 -13.03 -12.54 -30.60
C GLY C 255 -12.34 -13.41 -31.63
N ILE C 256 -11.44 -14.27 -31.17
CA ILE C 256 -10.63 -15.12 -32.04
C ILE C 256 -11.07 -16.56 -31.84
N LYS C 257 -11.48 -17.22 -32.91
CA LYS C 257 -11.89 -18.62 -32.86
C LYS C 257 -10.69 -19.50 -33.16
N PRO C 258 -10.27 -20.36 -32.23
CA PRO C 258 -9.12 -21.26 -32.50
C PRO C 258 -9.47 -22.40 -33.45
N VAL C 259 -9.52 -22.08 -34.73
CA VAL C 259 -9.81 -23.05 -35.78
C VAL C 259 -8.52 -23.72 -36.20
N VAL C 260 -8.50 -25.05 -36.16
CA VAL C 260 -7.33 -25.84 -36.52
C VAL C 260 -7.54 -26.40 -37.92
N SER C 261 -6.68 -26.01 -38.86
CA SER C 261 -6.80 -26.45 -40.24
C SER C 261 -5.44 -26.29 -40.91
N THR C 262 -5.29 -26.97 -42.06
CA THR C 262 -4.06 -26.91 -42.84
C THR C 262 -4.36 -26.50 -44.26
N GLN C 263 -3.44 -25.72 -44.83
CA GLN C 263 -3.41 -25.31 -46.24
C GLN C 263 -4.50 -24.31 -46.59
N LEU C 264 -5.43 -24.06 -45.68
CA LEU C 264 -6.54 -23.15 -45.91
C LEU C 264 -6.97 -22.58 -44.58
N LEU C 265 -7.17 -21.27 -44.52
CA LEU C 265 -7.64 -20.62 -43.30
C LEU C 265 -9.16 -20.49 -43.38
N LEU C 266 -9.83 -20.93 -42.32
CA LEU C 266 -11.28 -21.00 -42.30
C LEU C 266 -11.86 -20.14 -41.20
N ASN C 267 -13.03 -19.55 -41.47
CA ASN C 267 -13.81 -18.83 -40.47
C ASN C 267 -13.00 -17.73 -39.78
N GLY C 268 -12.22 -17.00 -40.57
CA GLY C 268 -11.37 -15.97 -40.02
C GLY C 268 -11.74 -14.54 -40.40
N SER C 269 -10.76 -13.66 -40.45
CA SER C 269 -10.98 -12.24 -40.74
C SER C 269 -10.56 -11.92 -42.16
N LEU C 270 -11.20 -10.91 -42.72
CA LEU C 270 -10.99 -10.50 -44.10
C LEU C 270 -10.31 -9.12 -44.15
N ALA C 271 -9.43 -8.95 -45.13
CA ALA C 271 -8.78 -7.66 -45.33
C ALA C 271 -9.79 -6.64 -45.84
N GLU C 272 -9.55 -5.38 -45.49
CA GLU C 272 -10.51 -4.31 -45.76
C GLU C 272 -10.47 -3.81 -47.20
N GLU C 273 -9.29 -3.74 -47.82
CA GLU C 273 -9.16 -3.13 -49.14
C GLU C 273 -8.75 -4.14 -50.21
N GLU C 274 -7.61 -4.81 -50.04
CA GLU C 274 -7.08 -5.68 -51.07
C GLU C 274 -6.63 -7.00 -50.44
N VAL C 275 -6.22 -7.93 -51.30
CA VAL C 275 -5.62 -9.18 -50.84
C VAL C 275 -4.23 -8.86 -50.30
N MET C 276 -3.94 -9.33 -49.09
CA MET C 276 -2.70 -9.00 -48.41
C MET C 276 -1.74 -10.19 -48.47
N ILE C 277 -0.47 -9.89 -48.72
CA ILE C 277 0.58 -10.90 -48.79
C ILE C 277 1.64 -10.55 -47.76
N ARG C 278 1.92 -11.48 -46.85
CA ARG C 278 2.84 -11.23 -45.75
C ARG C 278 3.87 -12.35 -45.67
N SER C 279 5.12 -11.96 -45.40
CA SER C 279 6.21 -12.92 -45.30
C SER C 279 7.33 -12.28 -44.49
N GLU C 280 8.05 -13.12 -43.73
CA GLU C 280 9.14 -12.60 -42.91
C GLU C 280 10.32 -12.14 -43.77
N ASN C 281 10.62 -12.88 -44.83
CA ASN C 281 11.67 -12.50 -45.78
C ASN C 281 11.23 -13.06 -47.13
N ILE C 282 10.64 -12.20 -47.97
CA ILE C 282 10.01 -12.66 -49.21
C ILE C 282 11.02 -13.24 -50.18
N THR C 283 12.29 -12.83 -50.11
CA THR C 283 13.32 -13.38 -50.99
C THR C 283 13.87 -14.71 -50.49
N ASN C 284 13.59 -15.08 -49.24
CA ASN C 284 14.01 -16.36 -48.68
C ASN C 284 12.91 -17.38 -48.93
N ASN C 285 13.21 -18.40 -49.73
CA ASN C 285 12.20 -19.39 -50.09
C ASN C 285 11.91 -20.38 -48.97
N ALA C 286 12.67 -20.35 -47.88
CA ALA C 286 12.42 -21.22 -46.75
C ALA C 286 11.35 -20.69 -45.81
N LYS C 287 10.82 -19.50 -46.07
CA LYS C 287 9.77 -18.89 -45.26
C LYS C 287 8.41 -19.08 -45.93
N ASN C 288 7.37 -19.10 -45.12
CA ASN C 288 6.01 -19.26 -45.63
C ASN C 288 5.40 -17.92 -45.96
N ILE C 289 4.46 -17.93 -46.90
CA ILE C 289 3.75 -16.75 -47.36
C ILE C 289 2.30 -16.86 -46.89
N LEU C 290 1.85 -15.86 -46.14
CA LEU C 290 0.47 -15.80 -45.67
C LEU C 290 -0.34 -14.87 -46.56
N VAL C 291 -1.44 -15.39 -47.10
CA VAL C 291 -2.30 -14.65 -48.01
C VAL C 291 -3.64 -14.44 -47.31
N GLN C 292 -4.09 -13.19 -47.26
CA GLN C 292 -5.36 -12.82 -46.66
C GLN C 292 -6.30 -12.31 -47.73
N PHE C 293 -7.49 -12.90 -47.80
CA PHE C 293 -8.44 -12.58 -48.86
C PHE C 293 -9.19 -11.29 -48.55
N ASN C 294 -9.81 -10.74 -49.59
CA ASN C 294 -10.70 -9.60 -49.46
C ASN C 294 -12.16 -10.04 -49.34
N THR C 295 -12.54 -11.10 -50.04
CA THR C 295 -13.85 -11.72 -49.95
C THR C 295 -13.72 -13.21 -49.69
N PRO C 296 -14.61 -13.80 -48.91
CA PRO C 296 -14.48 -15.22 -48.58
C PRO C 296 -14.92 -16.12 -49.75
N VAL C 297 -14.46 -17.36 -49.68
CA VAL C 297 -14.86 -18.38 -50.66
C VAL C 297 -15.63 -19.46 -49.93
N GLN C 298 -16.90 -19.63 -50.28
CA GLN C 298 -17.74 -20.59 -49.57
C GLN C 298 -17.41 -22.02 -49.98
N ILE C 299 -17.32 -22.91 -49.00
CA ILE C 299 -17.03 -24.32 -49.23
C ILE C 299 -18.01 -25.17 -48.43
N ASN C 300 -18.57 -26.20 -49.08
CA ASN C 300 -19.54 -27.08 -48.44
C ASN C 300 -18.97 -28.49 -48.37
N CYS C 301 -18.82 -29.02 -47.16
CA CYS C 301 -18.27 -30.35 -46.97
C CYS C 301 -19.32 -31.27 -46.36
N THR C 302 -19.28 -32.55 -46.71
CA THR C 302 -20.28 -33.48 -46.20
C THR C 302 -19.75 -34.90 -46.15
N ARG C 303 -20.21 -35.63 -45.14
CA ARG C 303 -20.14 -37.08 -45.05
C ARG C 303 -21.57 -37.61 -45.17
N PRO C 304 -21.91 -38.30 -46.26
CA PRO C 304 -23.32 -38.64 -46.53
C PRO C 304 -23.79 -39.96 -45.96
N ASN C 305 -22.93 -40.76 -45.34
CA ASN C 305 -23.35 -42.05 -44.82
C ASN C 305 -24.17 -41.88 -43.55
N ASN C 306 -25.20 -42.72 -43.39
CA ASN C 306 -26.05 -42.73 -42.21
C ASN C 306 -25.43 -43.72 -41.23
N ASN C 307 -24.71 -43.20 -40.25
CA ASN C 307 -23.96 -44.04 -39.33
C ASN C 307 -24.79 -44.40 -38.10
N THR C 308 -24.42 -45.52 -37.48
CA THR C 308 -25.04 -45.99 -36.26
C THR C 308 -23.96 -46.17 -35.20
N ARG C 309 -24.31 -45.86 -33.95
CA ARG C 309 -23.38 -45.96 -32.84
C ARG C 309 -23.89 -46.98 -31.83
N LYS C 310 -22.98 -47.84 -31.37
CA LYS C 310 -23.32 -48.89 -30.41
C LYS C 310 -22.38 -48.81 -29.21
N SER C 311 -22.94 -49.02 -28.03
CA SER C 311 -22.19 -48.92 -26.78
C SER C 311 -21.86 -50.32 -26.27
N ILE C 312 -20.58 -50.54 -25.94
CA ILE C 312 -20.10 -51.82 -25.46
C ILE C 312 -19.48 -51.60 -24.08
N ARG C 313 -19.96 -52.35 -23.09
CA ARG C 313 -19.49 -52.20 -21.71
C ARG C 313 -18.19 -52.98 -21.56
N ILE C 314 -17.08 -52.26 -21.31
CA ILE C 314 -15.78 -52.90 -21.20
C ILE C 314 -15.29 -52.98 -19.77
N GLY C 315 -16.12 -52.63 -18.79
CA GLY C 315 -15.74 -52.67 -17.40
C GLY C 315 -16.78 -52.01 -16.54
N PRO C 316 -16.56 -51.98 -15.23
CA PRO C 316 -17.52 -51.31 -14.34
C PRO C 316 -17.54 -49.81 -14.56
N GLY C 317 -18.62 -49.31 -15.17
CA GLY C 317 -18.74 -47.90 -15.45
C GLY C 317 -17.89 -47.38 -16.59
N GLN C 318 -17.58 -48.22 -17.58
CA GLN C 318 -16.77 -47.80 -18.72
C GLN C 318 -17.34 -48.38 -20.00
N ALA C 319 -17.59 -47.52 -20.97
CA ALA C 319 -18.20 -47.90 -22.23
C ALA C 319 -17.34 -47.47 -23.40
N PHE C 320 -17.50 -48.18 -24.52
CA PHE C 320 -16.77 -47.94 -25.75
C PHE C 320 -17.78 -47.82 -26.88
N TYR C 321 -17.67 -46.73 -27.65
CA TYR C 321 -18.63 -46.42 -28.70
C TYR C 321 -18.07 -46.88 -30.04
N ALA C 322 -18.65 -47.92 -30.60
CA ALA C 322 -18.23 -48.48 -31.87
C ALA C 322 -19.24 -48.13 -32.97
N THR C 323 -18.81 -48.31 -34.21
CA THR C 323 -19.69 -48.12 -35.35
C THR C 323 -20.50 -49.39 -35.60
N GLY C 324 -21.78 -49.22 -35.85
CA GLY C 324 -22.64 -50.37 -36.11
C GLY C 324 -22.72 -50.70 -37.58
N ASP C 325 -23.90 -50.53 -38.18
CA ASP C 325 -24.09 -50.76 -39.61
C ASP C 325 -24.55 -49.48 -40.28
N ILE C 326 -24.12 -49.28 -41.52
CA ILE C 326 -24.54 -48.14 -42.32
C ILE C 326 -25.79 -48.55 -43.09
N ILE C 327 -26.91 -47.91 -42.79
CA ILE C 327 -28.18 -48.24 -43.43
C ILE C 327 -28.30 -47.46 -44.73
N GLY C 328 -28.45 -48.18 -45.83
CA GLY C 328 -28.46 -47.61 -47.16
C GLY C 328 -27.20 -47.97 -47.92
N ASP C 329 -26.83 -47.09 -48.83
CA ASP C 329 -25.60 -47.26 -49.60
C ASP C 329 -24.45 -46.52 -48.93
N ILE C 330 -23.24 -46.79 -49.40
CA ILE C 330 -22.01 -46.22 -48.86
C ILE C 330 -21.35 -45.39 -49.94
N ARG C 331 -21.12 -44.12 -49.64
CA ARG C 331 -20.50 -43.19 -50.57
C ARG C 331 -19.35 -42.46 -49.89
N GLN C 332 -18.62 -41.67 -50.66
CA GLN C 332 -17.42 -41.00 -50.20
C GLN C 332 -17.72 -39.57 -49.78
N ALA C 333 -17.16 -39.18 -48.63
CA ALA C 333 -17.28 -37.81 -48.15
C ALA C 333 -16.48 -36.87 -49.03
N HIS C 334 -16.99 -35.65 -49.21
CA HIS C 334 -16.36 -34.76 -50.17
C HIS C 334 -16.74 -33.31 -49.85
N CYS C 335 -16.03 -32.39 -50.50
CA CYS C 335 -16.28 -30.96 -50.39
C CYS C 335 -16.51 -30.36 -51.77
N ASN C 336 -17.29 -29.30 -51.82
CA ASN C 336 -17.56 -28.54 -53.04
C ASN C 336 -17.12 -27.09 -52.84
N VAL C 337 -16.45 -26.54 -53.85
CA VAL C 337 -16.13 -25.13 -53.90
C VAL C 337 -16.57 -24.59 -55.25
N SER C 338 -16.73 -23.27 -55.32
CA SER C 338 -17.17 -22.61 -56.54
C SER C 338 -15.98 -22.36 -57.47
N LYS C 339 -16.15 -22.70 -58.74
CA LYS C 339 -15.05 -22.59 -59.69
C LYS C 339 -14.78 -21.14 -60.08
N ALA C 340 -15.83 -20.37 -60.35
CA ALA C 340 -15.65 -18.99 -60.78
C ALA C 340 -15.09 -18.12 -59.66
N THR C 341 -15.62 -18.29 -58.44
CA THR C 341 -15.11 -17.53 -57.31
C THR C 341 -13.65 -17.86 -57.03
N TRP C 342 -13.29 -19.14 -57.11
CA TRP C 342 -11.90 -19.53 -56.91
C TRP C 342 -11.00 -18.95 -58.00
N ASN C 343 -11.49 -18.92 -59.24
CA ASN C 343 -10.70 -18.34 -60.33
C ASN C 343 -10.47 -16.85 -60.10
N GLU C 344 -11.51 -16.13 -59.70
CA GLU C 344 -11.37 -14.70 -59.42
C GLU C 344 -10.40 -14.46 -58.26
N THR C 345 -10.51 -15.26 -57.19
CA THR C 345 -9.60 -15.11 -56.06
C THR C 345 -8.16 -15.38 -56.47
N LEU C 346 -7.93 -16.42 -57.26
CA LEU C 346 -6.58 -16.71 -57.72
C LEU C 346 -6.04 -15.60 -58.62
N GLY C 347 -6.90 -15.02 -59.45
CA GLY C 347 -6.48 -13.89 -60.24
C GLY C 347 -6.04 -12.72 -59.39
N LYS C 348 -6.81 -12.39 -58.36
CA LYS C 348 -6.41 -11.33 -57.44
C LYS C 348 -5.12 -11.66 -56.72
N VAL C 349 -4.96 -12.92 -56.31
CA VAL C 349 -3.75 -13.32 -55.60
C VAL C 349 -2.52 -13.19 -56.48
N VAL C 350 -2.62 -13.63 -57.75
CA VAL C 350 -1.47 -13.52 -58.63
C VAL C 350 -1.20 -12.06 -58.99
N LYS C 351 -2.26 -11.25 -59.09
CA LYS C 351 -2.07 -9.81 -59.31
C LYS C 351 -1.29 -9.18 -58.18
N GLN C 352 -1.60 -9.55 -56.93
CA GLN C 352 -0.84 -9.03 -55.80
C GLN C 352 0.57 -9.62 -55.73
N LEU C 353 0.73 -10.87 -56.13
CA LEU C 353 2.04 -11.51 -56.13
C LEU C 353 2.98 -10.92 -57.15
N ARG C 354 2.45 -10.38 -58.26
CA ARG C 354 3.31 -9.82 -59.29
C ARG C 354 3.94 -8.49 -58.89
N LYS C 355 3.82 -8.08 -57.64
CA LYS C 355 4.49 -6.87 -57.17
C LYS C 355 5.83 -7.16 -56.51
N HIS C 356 6.15 -8.42 -56.25
CA HIS C 356 7.43 -8.77 -55.64
C HIS C 356 8.36 -9.55 -56.55
N PHE C 357 7.85 -10.13 -57.64
CA PHE C 357 8.65 -11.01 -58.48
C PHE C 357 8.75 -10.55 -59.93
N GLY C 358 8.15 -9.43 -60.28
CA GLY C 358 8.21 -8.90 -61.63
C GLY C 358 6.85 -8.81 -62.29
N ASN C 359 6.84 -8.20 -63.47
CA ASN C 359 5.62 -7.95 -64.22
C ASN C 359 5.43 -8.89 -65.40
N ASN C 360 6.46 -9.63 -65.79
CA ASN C 360 6.38 -10.53 -66.94
C ASN C 360 6.76 -11.96 -66.58
N THR C 361 6.65 -12.34 -65.31
CA THR C 361 7.01 -13.68 -64.87
C THR C 361 5.79 -14.58 -64.83
N ILE C 362 5.94 -15.79 -65.37
CA ILE C 362 4.86 -16.77 -65.36
C ILE C 362 4.71 -17.31 -63.95
N ILE C 363 3.47 -17.33 -63.45
CA ILE C 363 3.20 -17.77 -62.08
C ILE C 363 2.25 -18.96 -62.13
N ARG C 364 2.70 -20.10 -61.63
CA ARG C 364 1.91 -21.32 -61.71
C ARG C 364 1.72 -21.92 -60.33
N PHE C 365 0.54 -22.47 -60.10
CA PHE C 365 0.18 -23.15 -58.87
C PHE C 365 0.15 -24.65 -59.11
N ALA C 366 0.93 -25.39 -58.31
CA ALA C 366 0.95 -26.84 -58.29
C ALA C 366 0.47 -27.33 -56.93
N ASN C 367 0.49 -28.65 -56.74
CA ASN C 367 0.00 -29.24 -55.51
C ASN C 367 1.16 -29.54 -54.56
N SER C 368 0.84 -30.12 -53.42
CA SER C 368 1.83 -30.37 -52.38
C SER C 368 2.86 -31.39 -52.84
N SER C 369 3.98 -31.44 -52.13
CA SER C 369 5.10 -32.30 -52.49
C SER C 369 5.60 -33.02 -51.25
N GLY C 370 5.15 -34.26 -51.05
CA GLY C 370 5.67 -35.09 -49.99
C GLY C 370 5.25 -34.72 -48.59
N GLY C 371 5.29 -35.68 -47.68
CA GLY C 371 4.92 -35.49 -46.29
C GLY C 371 3.90 -36.52 -45.84
N ASP C 372 3.50 -36.39 -44.58
CA ASP C 372 2.48 -37.27 -44.02
C ASP C 372 1.09 -36.77 -44.41
N LEU C 373 0.07 -37.47 -43.92
CA LEU C 373 -1.30 -37.17 -44.34
C LEU C 373 -1.75 -35.80 -43.88
N GLU C 374 -1.27 -35.33 -42.72
CA GLU C 374 -1.73 -34.05 -42.19
C GLU C 374 -1.22 -32.87 -43.00
N VAL C 375 0.01 -32.94 -43.51
CA VAL C 375 0.61 -31.78 -44.16
C VAL C 375 0.37 -31.75 -45.67
N THR C 376 0.00 -32.88 -46.29
CA THR C 376 -0.25 -32.93 -47.72
C THR C 376 -1.72 -32.81 -48.07
N THR C 377 -2.60 -32.65 -47.08
CA THR C 377 -4.03 -32.56 -47.31
C THR C 377 -4.61 -31.42 -46.47
N HIS C 378 -5.76 -30.94 -46.90
CA HIS C 378 -6.52 -29.97 -46.10
C HIS C 378 -7.22 -30.75 -44.99
N SER C 379 -6.68 -30.65 -43.77
CA SER C 379 -7.21 -31.37 -42.63
C SER C 379 -8.01 -30.41 -41.76
N PHE C 380 -9.23 -30.80 -41.41
CA PHE C 380 -10.08 -29.96 -40.58
C PHE C 380 -11.06 -30.85 -39.82
N ASN C 381 -11.99 -30.22 -39.10
CA ASN C 381 -12.93 -30.91 -38.25
C ASN C 381 -14.32 -30.36 -38.50
N CYS C 382 -15.24 -31.24 -38.93
CA CYS C 382 -16.58 -30.86 -39.36
C CYS C 382 -17.61 -31.57 -38.46
N GLY C 383 -17.94 -30.93 -37.35
CA GLY C 383 -18.94 -31.46 -36.44
C GLY C 383 -18.58 -32.75 -35.75
N GLY C 384 -17.33 -32.89 -35.30
CA GLY C 384 -16.89 -34.05 -34.58
C GLY C 384 -16.15 -35.09 -35.41
N GLU C 385 -16.13 -34.93 -36.73
CA GLU C 385 -15.44 -35.84 -37.63
C GLU C 385 -14.24 -35.13 -38.25
N PHE C 386 -13.12 -35.84 -38.34
CA PHE C 386 -11.88 -35.26 -38.83
C PHE C 386 -11.69 -35.61 -40.30
N PHE C 387 -11.67 -34.57 -41.14
CA PHE C 387 -11.58 -34.72 -42.59
C PHE C 387 -10.17 -34.43 -43.07
N TYR C 388 -9.71 -35.23 -44.04
CA TYR C 388 -8.45 -34.99 -44.75
C TYR C 388 -8.80 -34.96 -46.24
N CYS C 389 -8.83 -33.77 -46.83
CA CYS C 389 -9.29 -33.60 -48.19
C CYS C 389 -8.12 -33.33 -49.14
N ASN C 390 -8.28 -33.77 -50.38
CA ASN C 390 -7.24 -33.70 -51.39
C ASN C 390 -7.47 -32.47 -52.27
N THR C 391 -6.55 -31.51 -52.19
CA THR C 391 -6.69 -30.22 -52.87
C THR C 391 -5.84 -30.15 -54.13
N SER C 392 -5.82 -31.22 -54.92
CA SER C 392 -5.11 -31.18 -56.19
C SER C 392 -5.91 -30.51 -57.30
N GLY C 393 -7.18 -30.22 -57.07
CA GLY C 393 -7.99 -29.55 -58.07
C GLY C 393 -8.04 -28.05 -57.87
N LEU C 394 -7.58 -27.59 -56.71
CA LEU C 394 -7.56 -26.15 -56.44
C LEU C 394 -6.25 -25.52 -56.92
N PHE C 395 -5.12 -26.07 -56.51
CA PHE C 395 -3.82 -25.49 -56.83
C PHE C 395 -3.25 -26.27 -58.02
N ASN C 396 -3.78 -25.98 -59.21
CA ASN C 396 -3.29 -26.60 -60.43
C ASN C 396 -3.65 -25.66 -61.59
N SER C 397 -2.72 -24.81 -62.00
CA SER C 397 -2.98 -23.85 -63.06
C SER C 397 -1.69 -23.06 -63.33
N THR C 398 -1.73 -22.25 -64.39
CA THR C 398 -0.62 -21.37 -64.71
C THR C 398 -1.18 -20.04 -65.23
N TRP C 399 -0.42 -18.97 -65.01
CA TRP C 399 -0.83 -17.61 -65.33
C TRP C 399 0.30 -16.91 -66.06
N ILE C 400 -0.02 -16.32 -67.21
CA ILE C 400 0.94 -15.66 -68.08
C ILE C 400 0.58 -14.17 -68.12
N SER C 401 1.60 -13.32 -68.03
CA SER C 401 1.40 -11.88 -68.05
C SER C 401 0.73 -11.42 -69.34
N ASN C 414 -21.92 -21.66 -61.62
CA ASN C 414 -22.67 -22.76 -62.22
C ASN C 414 -22.01 -24.11 -61.94
N ASP C 415 -20.74 -24.23 -62.32
CA ASP C 415 -19.98 -25.45 -62.08
C ASP C 415 -19.44 -25.45 -60.64
N SER C 416 -18.75 -26.54 -60.29
CA SER C 416 -18.16 -26.69 -58.97
C SER C 416 -16.91 -27.55 -59.08
N ILE C 417 -16.03 -27.38 -58.10
CA ILE C 417 -14.85 -28.22 -57.92
C ILE C 417 -15.11 -29.14 -56.74
N THR C 418 -14.98 -30.44 -56.96
CA THR C 418 -15.25 -31.46 -55.96
C THR C 418 -13.93 -32.02 -55.45
N LEU C 419 -13.70 -31.89 -54.14
CA LEU C 419 -12.51 -32.39 -53.50
C LEU C 419 -12.85 -33.65 -52.72
N PRO C 420 -12.31 -34.81 -53.08
CA PRO C 420 -12.56 -36.02 -52.29
C PRO C 420 -11.80 -35.99 -50.97
N CYS C 421 -12.43 -36.56 -49.93
CA CYS C 421 -11.89 -36.51 -48.59
C CYS C 421 -11.84 -37.91 -47.99
N ARG C 422 -11.10 -38.04 -46.89
CA ARG C 422 -11.00 -39.26 -46.13
C ARG C 422 -11.23 -38.97 -44.66
N ILE C 423 -11.67 -39.99 -43.93
CA ILE C 423 -12.02 -39.87 -42.52
C ILE C 423 -11.08 -40.74 -41.71
N LYS C 424 -10.62 -40.22 -40.58
CA LYS C 424 -9.76 -40.95 -39.66
C LYS C 424 -10.32 -40.81 -38.24
N GLN C 425 -10.11 -41.84 -37.42
CA GLN C 425 -10.65 -41.87 -36.07
C GLN C 425 -9.59 -41.87 -34.97
N ILE C 426 -8.36 -42.30 -35.26
CA ILE C 426 -7.27 -42.21 -34.30
C ILE C 426 -6.45 -40.98 -34.65
N ILE C 427 -6.44 -40.00 -33.76
CA ILE C 427 -5.95 -38.66 -34.06
C ILE C 427 -4.73 -38.37 -33.20
N ASN C 428 -3.66 -37.91 -33.85
CA ASN C 428 -2.49 -37.37 -33.17
C ASN C 428 -2.43 -35.88 -33.46
N MET C 429 -2.59 -35.06 -32.43
CA MET C 429 -2.65 -33.62 -32.57
C MET C 429 -1.34 -32.97 -32.14
N TRP C 430 -1.12 -31.75 -32.64
CA TRP C 430 0.02 -30.92 -32.26
C TRP C 430 1.36 -31.58 -32.59
N GLN C 431 1.36 -32.48 -33.58
CA GLN C 431 2.58 -33.09 -34.09
C GLN C 431 3.36 -33.82 -32.99
N ARG C 432 2.66 -34.30 -31.98
CA ARG C 432 3.27 -35.00 -30.86
C ARG C 432 3.17 -36.51 -31.06
N ILE C 433 3.89 -37.23 -30.20
CA ILE C 433 3.85 -38.69 -30.17
C ILE C 433 3.76 -39.12 -28.72
N GLY C 434 3.21 -40.32 -28.50
CA GLY C 434 3.03 -40.85 -27.17
C GLY C 434 1.63 -40.71 -26.61
N GLN C 435 0.78 -39.91 -27.26
CA GLN C 435 -0.60 -39.70 -26.82
C GLN C 435 -1.49 -39.72 -28.05
N ALA C 436 -2.53 -40.55 -28.05
CA ALA C 436 -3.47 -40.60 -29.15
C ALA C 436 -4.90 -40.49 -28.64
N MET C 437 -5.77 -39.95 -29.47
CA MET C 437 -7.18 -39.77 -29.14
C MET C 437 -8.02 -40.57 -30.12
N TYR C 438 -9.11 -41.13 -29.62
CA TYR C 438 -10.09 -41.84 -30.43
C TYR C 438 -11.37 -41.03 -30.48
N ALA C 439 -11.84 -40.74 -31.69
CA ALA C 439 -13.04 -39.93 -31.86
C ALA C 439 -14.24 -40.84 -32.01
N PRO C 440 -15.20 -40.82 -31.09
CA PRO C 440 -16.36 -41.70 -31.21
C PRO C 440 -17.19 -41.32 -32.43
N PRO C 441 -17.89 -42.29 -33.03
CA PRO C 441 -18.65 -41.99 -34.25
C PRO C 441 -19.82 -41.06 -33.99
N ILE C 442 -20.19 -40.31 -35.03
CA ILE C 442 -21.35 -39.42 -34.99
C ILE C 442 -22.48 -40.09 -35.74
N GLN C 443 -23.72 -39.88 -35.25
CA GLN C 443 -24.88 -40.49 -35.86
C GLN C 443 -25.49 -39.59 -36.93
N GLY C 444 -25.84 -40.20 -38.06
CA GLY C 444 -26.51 -39.49 -39.13
C GLY C 444 -25.57 -38.86 -40.13
N VAL C 445 -26.19 -38.21 -41.12
CA VAL C 445 -25.45 -37.52 -42.17
C VAL C 445 -24.88 -36.21 -41.62
N ILE C 446 -23.69 -35.85 -42.08
CA ILE C 446 -22.98 -34.67 -41.56
C ILE C 446 -22.73 -33.71 -42.72
N ARG C 447 -23.06 -32.43 -42.51
CA ARG C 447 -22.85 -31.39 -43.49
C ARG C 447 -22.41 -30.11 -42.80
N CYS C 448 -21.43 -29.41 -43.39
CA CYS C 448 -20.92 -28.16 -42.85
C CYS C 448 -20.63 -27.20 -43.99
N VAL C 449 -20.69 -25.91 -43.68
CA VAL C 449 -20.40 -24.84 -44.63
C VAL C 449 -19.43 -23.86 -43.97
N SER C 450 -18.43 -23.43 -44.72
CA SER C 450 -17.38 -22.59 -44.15
C SER C 450 -16.89 -21.57 -45.16
N ASN C 451 -16.14 -20.59 -44.66
CA ASN C 451 -15.49 -19.58 -45.48
C ASN C 451 -14.00 -19.87 -45.56
N ILE C 452 -13.46 -19.85 -46.77
CA ILE C 452 -12.01 -19.76 -46.97
C ILE C 452 -11.65 -18.29 -46.98
N THR C 453 -10.79 -17.89 -46.05
CA THR C 453 -10.41 -16.49 -45.90
C THR C 453 -8.90 -16.28 -45.93
N GLY C 454 -8.13 -17.28 -46.35
CA GLY C 454 -6.69 -17.11 -46.37
C GLY C 454 -6.02 -18.33 -46.97
N LEU C 455 -4.70 -18.22 -47.12
CA LEU C 455 -3.87 -19.26 -47.71
C LEU C 455 -2.51 -19.25 -47.06
N ILE C 456 -1.89 -20.42 -47.03
CA ILE C 456 -0.49 -20.58 -46.65
C ILE C 456 0.23 -21.19 -47.83
N LEU C 457 1.30 -20.53 -48.29
CA LEU C 457 2.02 -20.95 -49.47
C LEU C 457 3.50 -21.05 -49.19
N THR C 458 4.21 -21.81 -50.02
CA THR C 458 5.65 -21.89 -50.00
C THR C 458 6.15 -21.89 -51.44
N ARG C 459 7.36 -21.35 -51.63
CA ARG C 459 7.90 -21.15 -52.96
C ARG C 459 9.08 -22.09 -53.21
N ASP C 460 9.14 -22.64 -54.42
CA ASP C 460 10.24 -23.51 -54.80
C ASP C 460 11.45 -22.68 -55.21
N GLY C 461 12.63 -23.09 -54.74
CA GLY C 461 13.84 -22.37 -55.03
C GLY C 461 14.40 -22.65 -56.41
N GLY C 462 13.74 -22.13 -57.44
CA GLY C 462 14.17 -22.34 -58.80
C GLY C 462 15.37 -21.49 -59.18
N SER C 463 16.53 -22.13 -59.31
CA SER C 463 17.77 -21.47 -59.65
C SER C 463 18.05 -21.60 -61.15
N THR C 464 19.27 -21.24 -61.55
CA THR C 464 19.73 -21.35 -62.94
C THR C 464 18.85 -20.53 -63.89
N ASN C 465 18.68 -19.26 -63.54
CA ASN C 465 17.95 -18.29 -64.37
C ASN C 465 16.53 -18.79 -64.67
N SER C 466 15.74 -18.92 -63.60
CA SER C 466 14.36 -19.38 -63.72
C SER C 466 13.45 -18.19 -63.94
N THR C 467 12.69 -18.22 -65.03
CA THR C 467 11.74 -17.17 -65.36
C THR C 467 10.34 -17.45 -64.84
N THR C 468 10.12 -18.59 -64.20
CA THR C 468 8.83 -18.98 -63.67
C THR C 468 8.93 -19.26 -62.18
N GLU C 469 7.85 -18.99 -61.46
CA GLU C 469 7.77 -19.24 -60.03
C GLU C 469 6.63 -20.21 -59.76
N THR C 470 6.87 -21.19 -58.89
CA THR C 470 5.88 -22.19 -58.53
C THR C 470 5.59 -22.09 -57.04
N PHE C 471 4.31 -22.01 -56.70
CA PHE C 471 3.86 -21.90 -55.32
C PHE C 471 3.05 -23.14 -54.96
N ARG C 472 3.32 -23.70 -53.78
CA ARG C 472 2.65 -24.90 -53.33
C ARG C 472 2.04 -24.68 -51.95
N PRO C 473 0.88 -25.25 -51.68
CA PRO C 473 0.28 -25.10 -50.35
C PRO C 473 1.14 -25.73 -49.27
N GLY C 474 1.13 -25.13 -48.09
CA GLY C 474 1.94 -25.59 -46.98
C GLY C 474 1.17 -25.65 -45.68
N GLY C 475 1.88 -25.60 -44.55
CA GLY C 475 1.27 -25.61 -43.25
C GLY C 475 1.96 -26.61 -42.34
N GLY C 476 1.23 -27.06 -41.33
CA GLY C 476 1.76 -28.00 -40.37
C GLY C 476 1.98 -27.38 -39.00
N ASP C 477 2.52 -26.17 -38.98
CA ASP C 477 2.75 -25.42 -37.74
C ASP C 477 1.55 -24.51 -37.50
N MET C 478 0.88 -24.69 -36.37
CA MET C 478 -0.33 -23.92 -36.09
C MET C 478 -0.05 -22.51 -35.59
N ARG C 479 1.21 -22.16 -35.35
CA ARG C 479 1.52 -20.79 -34.93
C ARG C 479 1.22 -19.79 -36.04
N ASP C 480 1.30 -20.22 -37.31
CA ASP C 480 0.94 -19.37 -38.42
C ASP C 480 -0.55 -19.27 -38.65
N ASN C 481 -1.34 -20.15 -38.04
CA ASN C 481 -2.80 -20.01 -38.10
C ASN C 481 -3.27 -18.87 -37.20
N TRP C 482 -2.69 -18.76 -36.01
CA TRP C 482 -3.05 -17.72 -35.06
C TRP C 482 -2.14 -16.51 -35.16
N ARG C 483 -1.15 -16.53 -36.05
CA ARG C 483 -0.39 -15.33 -36.37
C ARG C 483 -1.10 -14.48 -37.41
N SER C 484 -2.09 -15.03 -38.10
CA SER C 484 -2.89 -14.29 -39.06
C SER C 484 -4.04 -13.54 -38.40
N GLU C 485 -4.23 -13.71 -37.09
CA GLU C 485 -5.22 -12.97 -36.32
C GLU C 485 -4.60 -12.02 -35.33
N LEU C 486 -3.53 -12.44 -34.65
CA LEU C 486 -2.80 -11.57 -33.73
C LEU C 486 -1.63 -10.89 -34.43
N TYR C 487 -1.88 -10.26 -35.57
CA TYR C 487 -0.84 -9.60 -36.33
C TYR C 487 -0.86 -8.09 -36.19
N LYS C 488 -1.92 -7.52 -35.61
CA LYS C 488 -2.06 -6.08 -35.45
C LYS C 488 -2.12 -5.66 -33.98
N TYR C 489 -1.59 -6.48 -33.07
CA TYR C 489 -1.61 -6.20 -31.65
C TYR C 489 -0.19 -6.27 -31.09
N LYS C 490 0.06 -5.46 -30.06
CA LYS C 490 1.28 -5.58 -29.28
C LYS C 490 0.99 -5.18 -27.85
N VAL C 491 1.86 -5.61 -26.93
CA VAL C 491 1.68 -5.41 -25.50
C VAL C 491 2.75 -4.45 -25.01
N VAL C 492 2.34 -3.43 -24.27
CA VAL C 492 3.27 -2.44 -23.73
C VAL C 492 3.07 -2.31 -22.23
N LYS C 493 4.13 -1.86 -21.56
CA LYS C 493 4.18 -1.71 -20.12
C LYS C 493 4.34 -0.24 -19.77
N ILE C 494 3.47 0.26 -18.90
CA ILE C 494 3.40 1.68 -18.59
C ILE C 494 4.46 2.04 -17.56
N GLU C 495 5.12 3.18 -17.75
CA GLU C 495 6.15 3.69 -16.84
C GLU C 495 5.78 5.11 -16.42
N PRO C 496 4.93 5.24 -15.40
CA PRO C 496 4.32 6.54 -15.07
C PRO C 496 5.13 7.39 -14.08
N LEU C 497 6.38 7.67 -14.41
CA LEU C 497 7.23 8.48 -13.53
C LEU C 497 8.15 9.33 -14.40
N GLY C 498 8.13 10.65 -14.19
CA GLY C 498 8.98 11.54 -14.95
C GLY C 498 9.45 12.71 -14.09
N VAL C 499 10.54 13.33 -14.56
CA VAL C 499 11.10 14.52 -13.92
C VAL C 499 11.35 15.56 -15.00
N ALA C 500 11.14 16.83 -14.65
CA ALA C 500 11.28 17.89 -15.64
C ALA C 500 11.64 19.18 -14.94
N PRO C 501 12.27 20.12 -15.64
CA PRO C 501 12.64 21.40 -14.99
C PRO C 501 11.48 22.39 -15.03
N THR C 502 11.13 22.91 -13.86
CA THR C 502 10.13 23.97 -13.73
C THR C 502 10.72 25.12 -12.93
N ARG C 503 9.86 26.07 -12.56
CA ARG C 503 10.27 27.22 -11.77
C ARG C 503 9.61 27.23 -10.39
N CYS C 504 9.10 26.08 -9.95
CA CYS C 504 8.50 25.95 -8.64
C CYS C 504 9.51 25.34 -7.66
N LYS C 505 9.62 25.95 -6.50
CA LYS C 505 10.53 25.49 -5.45
C LYS C 505 9.72 25.09 -4.22
N ARG C 506 10.17 24.03 -3.55
CA ARG C 506 9.49 23.55 -2.37
C ARG C 506 9.54 24.60 -1.26
N ARG C 507 8.41 24.83 -0.61
CA ARG C 507 8.31 25.83 0.45
C ARG C 507 8.47 25.19 1.83
N GLY D 10 26.18 -1.47 3.83
CA GLY D 10 24.87 -1.48 3.21
C GLY D 10 23.78 -1.92 4.15
N PHE D 11 23.12 -3.04 3.81
CA PHE D 11 22.00 -3.54 4.59
C PHE D 11 22.47 -4.02 5.96
N LEU D 12 21.83 -3.51 7.01
CA LEU D 12 22.15 -3.83 8.40
C LEU D 12 23.60 -3.49 8.75
N GLY D 13 24.16 -2.50 8.04
CA GLY D 13 25.57 -2.16 8.27
C GLY D 13 25.82 -1.57 9.64
N ALA D 14 24.89 -0.74 10.14
CA ALA D 14 25.04 -0.05 11.41
C ALA D 14 24.42 -0.81 12.57
N ALA D 15 24.34 -2.14 12.49
CA ALA D 15 23.75 -2.93 13.57
C ALA D 15 24.61 -2.88 14.82
N GLY D 16 25.91 -2.66 14.68
CA GLY D 16 26.81 -2.53 15.81
C GLY D 16 27.19 -1.13 16.17
N SER D 17 26.77 -0.13 15.39
CA SER D 17 27.06 1.26 15.70
C SER D 17 26.05 1.80 16.72
N THR D 18 26.34 2.99 17.23
CA THR D 18 25.48 3.62 18.21
C THR D 18 24.12 3.97 17.58
N MET D 19 23.18 4.36 18.44
CA MET D 19 21.87 4.76 17.95
C MET D 19 21.96 6.01 17.08
N GLY D 20 22.85 6.93 17.43
CA GLY D 20 22.99 8.14 16.63
C GLY D 20 23.54 7.87 15.24
N ALA D 21 24.53 6.99 15.14
CA ALA D 21 25.12 6.68 13.84
C ALA D 21 24.15 5.93 12.95
N ALA D 22 23.30 5.08 13.53
CA ALA D 22 22.33 4.30 12.76
C ALA D 22 21.10 5.10 12.36
N SER D 23 20.95 6.33 12.83
CA SER D 23 19.80 7.16 12.47
C SER D 23 19.95 7.82 11.12
N MET D 24 21.12 7.75 10.49
CA MET D 24 21.37 8.39 9.22
C MET D 24 21.29 7.43 8.04
N THR D 25 20.96 6.16 8.28
CA THR D 25 20.92 5.15 7.23
C THR D 25 19.62 4.35 7.27
N LEU D 26 18.51 5.02 7.63
CA LEU D 26 17.23 4.31 7.74
C LEU D 26 16.72 3.86 6.37
N THR D 27 17.09 4.58 5.30
CA THR D 27 16.59 4.25 3.98
C THR D 27 17.08 2.87 3.51
N VAL D 28 18.28 2.47 3.94
CA VAL D 28 18.82 1.18 3.51
C VAL D 28 17.94 0.04 4.02
N GLN D 29 17.53 0.11 5.29
CA GLN D 29 16.62 -0.89 5.81
C GLN D 29 15.21 -0.72 5.26
N ALA D 30 14.80 0.52 5.00
CA ALA D 30 13.44 0.75 4.48
C ALA D 30 13.26 0.12 3.10
N ARG D 31 14.25 0.26 2.23
CA ARG D 31 14.14 -0.32 0.88
C ARG D 31 14.10 -1.83 0.91
N ASN D 32 14.90 -2.47 1.76
CA ASN D 32 14.99 -3.93 1.81
C ASN D 32 13.89 -4.53 2.68
N LEU D 33 12.65 -4.15 2.41
CA LEU D 33 11.49 -4.73 3.07
C LEU D 33 10.34 -5.00 2.13
N LEU D 34 10.45 -4.61 0.86
CA LEU D 34 9.36 -4.71 -0.11
C LEU D 34 9.74 -5.55 -1.32
N SER D 35 10.97 -5.43 -1.82
CA SER D 35 11.41 -6.25 -2.93
C SER D 35 12.83 -6.78 -2.78
N GLY D 36 13.54 -6.41 -1.71
CA GLY D 36 14.90 -6.87 -1.52
C GLY D 36 15.04 -7.94 -0.44
N LEU D 57 6.91 -26.97 -9.70
CA LEU D 57 5.54 -27.48 -9.66
C LEU D 57 4.62 -26.50 -8.94
N THR D 58 3.35 -26.85 -8.85
CA THR D 58 2.38 -25.97 -8.19
C THR D 58 2.61 -25.91 -6.69
N VAL D 59 3.18 -26.97 -6.11
CA VAL D 59 3.43 -26.99 -4.67
C VAL D 59 4.42 -25.90 -4.29
N TRP D 60 5.53 -25.80 -5.03
CA TRP D 60 6.51 -24.77 -4.74
C TRP D 60 6.04 -23.39 -5.20
N GLY D 61 5.22 -23.36 -6.25
CA GLY D 61 4.69 -22.08 -6.72
C GLY D 61 3.80 -21.41 -5.69
N ILE D 62 2.98 -22.20 -5.00
CA ILE D 62 2.10 -21.65 -3.97
C ILE D 62 2.90 -21.17 -2.77
N LYS D 63 3.95 -21.92 -2.41
CA LYS D 63 4.75 -21.55 -1.24
C LYS D 63 5.44 -20.20 -1.42
N GLN D 64 5.99 -19.96 -2.62
CA GLN D 64 6.67 -18.70 -2.88
C GLN D 64 5.69 -17.54 -2.93
N LEU D 65 4.49 -17.78 -3.44
CA LEU D 65 3.49 -16.73 -3.54
C LEU D 65 3.07 -16.24 -2.15
N GLN D 66 2.93 -17.16 -1.20
CA GLN D 66 2.48 -16.79 0.14
C GLN D 66 3.47 -15.87 0.83
N ALA D 67 4.77 -16.09 0.64
CA ALA D 67 5.78 -15.21 1.22
C ALA D 67 5.66 -13.80 0.66
N ARG D 68 5.42 -13.69 -0.65
CA ARG D 68 5.27 -12.39 -1.29
C ARG D 68 4.02 -11.67 -0.81
N VAL D 69 2.95 -12.43 -0.54
CA VAL D 69 1.75 -11.80 0.01
C VAL D 69 1.98 -11.36 1.45
N LEU D 70 2.69 -12.17 2.25
CA LEU D 70 2.94 -11.85 3.65
C LEU D 70 3.82 -10.63 3.81
N ALA D 71 4.86 -10.48 2.98
CA ALA D 71 5.69 -9.28 3.05
C ALA D 71 4.88 -8.03 2.78
N VAL D 72 4.01 -8.08 1.76
CA VAL D 72 3.14 -6.95 1.45
C VAL D 72 2.22 -6.64 2.62
N GLU D 73 1.66 -7.68 3.25
CA GLU D 73 0.75 -7.46 4.37
C GLU D 73 1.46 -6.81 5.55
N ARG D 74 2.67 -7.27 5.86
CA ARG D 74 3.43 -6.67 6.97
C ARG D 74 3.78 -5.21 6.66
N TYR D 75 4.19 -4.93 5.42
CA TYR D 75 4.50 -3.56 5.04
C TYR D 75 3.27 -2.67 5.15
N LEU D 76 2.10 -3.17 4.71
CA LEU D 76 0.89 -2.37 4.77
C LEU D 76 0.45 -2.12 6.20
N ARG D 77 0.62 -3.12 7.08
CA ARG D 77 0.27 -2.90 8.49
C ARG D 77 1.17 -1.84 9.12
N ASP D 78 2.47 -1.90 8.83
CA ASP D 78 3.36 -0.86 9.36
C ASP D 78 2.98 0.52 8.83
N GLN D 79 2.67 0.62 7.54
CA GLN D 79 2.30 1.91 6.96
C GLN D 79 1.01 2.44 7.56
N GLN D 80 0.03 1.55 7.80
CA GLN D 80 -1.22 1.99 8.42
C GLN D 80 -0.98 2.48 9.84
N LEU D 81 -0.12 1.79 10.60
CA LEU D 81 0.18 2.25 11.95
C LEU D 81 0.84 3.63 11.94
N LEU D 82 1.80 3.82 11.03
CA LEU D 82 2.46 5.13 10.91
C LEU D 82 1.46 6.21 10.53
N GLY D 83 0.57 5.92 9.59
CA GLY D 83 -0.43 6.90 9.21
C GLY D 83 -1.39 7.25 10.34
N ILE D 84 -1.80 6.24 11.11
CA ILE D 84 -2.66 6.49 12.26
C ILE D 84 -1.96 7.35 13.30
N TRP D 85 -0.66 7.14 13.53
CA TRP D 85 0.07 7.99 14.47
C TRP D 85 0.27 9.42 13.98
N GLY D 86 -0.05 9.70 12.71
CA GLY D 86 0.19 11.01 12.15
C GLY D 86 1.52 11.18 11.45
N CYS D 87 2.20 10.08 11.12
CA CYS D 87 3.56 10.12 10.61
C CYS D 87 3.65 9.48 9.22
N SER D 88 2.64 9.66 8.39
CA SER D 88 2.62 9.03 7.08
C SER D 88 3.69 9.62 6.18
N GLY D 89 4.38 8.76 5.44
CA GLY D 89 5.41 9.20 4.50
C GLY D 89 6.62 9.83 5.15
N LYS D 90 7.04 9.32 6.31
CA LYS D 90 8.19 9.85 7.03
C LYS D 90 9.04 8.70 7.56
N LEU D 91 10.35 8.96 7.65
CA LEU D 91 11.27 8.04 8.29
C LEU D 91 11.57 8.42 9.73
N ILE D 92 11.68 9.72 10.02
CA ILE D 92 11.80 10.23 11.38
C ILE D 92 10.65 11.20 11.61
N CYS D 93 9.92 11.01 12.70
CA CYS D 93 8.70 11.76 12.97
C CYS D 93 8.65 12.17 14.43
N CYS D 94 8.40 13.45 14.68
CA CYS D 94 8.26 13.97 16.03
C CYS D 94 6.80 13.97 16.44
N THR D 95 6.55 13.76 17.72
CA THR D 95 5.20 13.67 18.27
C THR D 95 5.04 14.66 19.44
N ASN D 96 3.81 14.78 19.92
CA ASN D 96 3.49 15.65 21.04
C ASN D 96 3.39 14.91 22.36
N VAL D 97 3.76 13.63 22.39
CA VAL D 97 3.67 12.81 23.60
C VAL D 97 4.95 13.02 24.40
N PRO D 98 4.87 13.55 25.62
CA PRO D 98 6.09 13.71 26.43
C PRO D 98 6.61 12.35 26.89
N TRP D 99 7.92 12.30 27.13
CA TRP D 99 8.59 11.08 27.53
C TRP D 99 8.51 10.92 29.05
N ASN D 100 7.90 9.83 29.49
CA ASN D 100 7.82 9.55 30.93
C ASN D 100 9.17 9.05 31.43
N SER D 101 9.61 9.61 32.56
CA SER D 101 10.90 9.22 33.13
C SER D 101 10.88 7.82 33.71
N SER D 102 9.70 7.24 33.94
CA SER D 102 9.62 5.88 34.45
C SER D 102 9.86 4.84 33.37
N TRP D 103 9.82 5.24 32.10
CA TRP D 103 10.18 4.31 31.02
C TRP D 103 11.69 4.10 30.95
N SER D 104 12.45 5.17 31.18
CA SER D 104 13.90 5.10 31.19
C SER D 104 14.43 6.40 31.79
N ASN D 105 15.43 6.26 32.67
CA ASN D 105 16.02 7.40 33.37
C ASN D 105 17.34 7.85 32.78
N ARG D 106 17.83 7.18 31.73
CA ARG D 106 19.11 7.55 31.15
C ARG D 106 18.98 8.86 30.38
N ASN D 107 20.06 9.64 30.36
CA ASN D 107 20.06 10.90 29.65
C ASN D 107 20.48 10.70 28.20
N LEU D 108 20.31 11.76 27.40
CA LEU D 108 20.54 11.66 25.97
C LEU D 108 21.99 11.37 25.61
N SER D 109 22.93 11.68 26.51
CA SER D 109 24.34 11.48 26.18
C SER D 109 24.70 9.99 26.16
N GLU D 110 24.08 9.18 27.01
CA GLU D 110 24.38 7.76 27.07
C GLU D 110 23.33 6.90 26.38
N ILE D 111 22.43 7.50 25.60
CA ILE D 111 21.47 6.74 24.81
C ILE D 111 21.87 6.81 23.35
N TRP D 112 22.03 8.03 22.84
CA TRP D 112 22.35 8.23 21.43
C TRP D 112 23.83 8.09 21.12
N ASP D 113 24.69 8.00 22.14
CA ASP D 113 26.13 7.93 21.93
C ASP D 113 26.79 6.74 22.60
N ASN D 114 26.07 5.96 23.41
CA ASN D 114 26.67 4.85 24.12
C ASN D 114 25.77 3.62 24.14
N MET D 115 24.97 3.43 23.09
CA MET D 115 24.02 2.33 23.06
C MET D 115 23.62 2.07 21.62
N THR D 116 23.24 0.82 21.35
CA THR D 116 22.74 0.41 20.05
C THR D 116 21.23 0.15 20.14
N TRP D 117 20.60 0.02 18.97
CA TRP D 117 19.16 -0.20 18.93
C TRP D 117 18.79 -1.57 19.48
N LEU D 118 19.64 -2.58 19.29
CA LEU D 118 19.34 -3.91 19.80
C LEU D 118 19.31 -3.92 21.32
N GLN D 119 20.16 -3.13 21.97
CA GLN D 119 20.12 -3.03 23.42
C GLN D 119 18.95 -2.19 23.90
N TRP D 120 18.62 -1.12 23.16
CA TRP D 120 17.51 -0.26 23.53
C TRP D 120 16.18 -0.99 23.45
N ASP D 121 15.99 -1.83 22.43
CA ASP D 121 14.76 -2.61 22.32
C ASP D 121 14.59 -3.55 23.51
N LYS D 122 15.66 -4.22 23.91
CA LYS D 122 15.59 -5.11 25.07
C LYS D 122 15.25 -4.35 26.34
N GLU D 123 15.69 -3.10 26.45
CA GLU D 123 15.39 -2.32 27.65
C GLU D 123 13.94 -1.85 27.67
N ILE D 124 13.43 -1.37 26.54
CA ILE D 124 12.10 -0.77 26.52
C ILE D 124 11.03 -1.71 25.96
N SER D 125 11.32 -3.01 25.87
CA SER D 125 10.30 -3.95 25.41
C SER D 125 9.08 -4.00 26.32
N ASN D 126 9.22 -3.62 27.60
CA ASN D 126 8.10 -3.71 28.52
C ASN D 126 7.06 -2.61 28.32
N TYR D 127 7.49 -1.41 27.93
CA TYR D 127 6.62 -0.24 27.87
C TYR D 127 6.14 0.09 26.47
N THR D 128 6.35 -0.80 25.50
CA THR D 128 6.06 -0.47 24.11
C THR D 128 4.57 -0.25 23.87
N GLN D 129 3.73 -1.12 24.43
CA GLN D 129 2.29 -1.03 24.16
C GLN D 129 1.69 0.23 24.77
N ILE D 130 2.16 0.62 25.97
CA ILE D 130 1.67 1.85 26.59
C ILE D 130 2.01 3.05 25.71
N ILE D 131 3.24 3.09 25.20
CA ILE D 131 3.65 4.20 24.34
C ILE D 131 2.84 4.22 23.05
N TYR D 132 2.57 3.05 22.47
CA TYR D 132 1.79 3.01 21.24
C TYR D 132 0.37 3.52 21.48
N GLY D 133 -0.25 3.09 22.58
CA GLY D 133 -1.59 3.57 22.89
C GLY D 133 -1.62 5.06 23.15
N LEU D 134 -0.61 5.57 23.86
CA LEU D 134 -0.52 7.01 24.09
C LEU D 134 -0.38 7.77 22.79
N LEU D 135 0.45 7.26 21.87
CA LEU D 135 0.60 7.91 20.57
C LEU D 135 -0.72 7.96 19.81
N GLU D 136 -1.43 6.82 19.78
CA GLU D 136 -2.70 6.78 19.06
C GLU D 136 -3.72 7.75 19.65
N GLU D 137 -3.90 7.71 20.98
CA GLU D 137 -4.91 8.57 21.58
C GLU D 137 -4.50 10.04 21.60
N SER D 138 -3.19 10.34 21.54
CA SER D 138 -2.77 11.72 21.43
C SER D 138 -3.01 12.26 20.02
N GLN D 139 -2.71 11.46 19.00
CA GLN D 139 -2.94 11.91 17.64
C GLN D 139 -4.43 12.08 17.35
N ASN D 140 -5.25 11.12 17.80
CA ASN D 140 -6.69 11.25 17.56
C ASN D 140 -7.27 12.48 18.26
N GLN D 141 -6.83 12.75 19.48
CA GLN D 141 -7.29 13.93 20.22
C GLN D 141 -6.22 15.02 20.21
N GLY E 10 -9.28 9.22 -22.99
CA GLY E 10 -9.15 8.57 -21.70
C GLY E 10 -7.74 8.08 -21.42
N PHE E 11 -7.60 6.77 -21.28
CA PHE E 11 -6.31 6.17 -20.95
C PHE E 11 -5.32 6.36 -22.09
N LEU E 12 -4.14 6.89 -21.77
CA LEU E 12 -3.07 7.17 -22.73
C LEU E 12 -3.54 8.11 -23.84
N GLY E 13 -4.51 8.97 -23.53
CA GLY E 13 -5.05 9.85 -24.55
C GLY E 13 -4.06 10.89 -25.04
N ALA E 14 -3.26 11.44 -24.12
CA ALA E 14 -2.32 12.51 -24.44
C ALA E 14 -0.93 12.01 -24.76
N ALA E 15 -0.79 10.81 -25.31
CA ALA E 15 0.53 10.27 -25.63
C ALA E 15 1.15 10.98 -26.82
N GLY E 16 0.33 11.66 -27.64
CA GLY E 16 0.84 12.38 -28.78
C GLY E 16 0.84 13.88 -28.57
N SER E 17 0.21 14.33 -27.48
CA SER E 17 0.17 15.75 -27.15
C SER E 17 1.48 16.17 -26.48
N THR E 18 1.66 17.49 -26.37
CA THR E 18 2.86 18.03 -25.77
C THR E 18 2.94 17.68 -24.29
N MET E 19 4.10 17.95 -23.70
CA MET E 19 4.29 17.68 -22.27
C MET E 19 3.35 18.51 -21.41
N GLY E 20 3.08 19.74 -21.82
CA GLY E 20 2.18 20.61 -21.07
C GLY E 20 0.74 20.14 -21.07
N ALA E 21 0.25 19.69 -22.22
CA ALA E 21 -1.13 19.21 -22.30
C ALA E 21 -1.33 17.91 -21.54
N ALA E 22 -0.29 17.09 -21.43
CA ALA E 22 -0.38 15.81 -20.74
C ALA E 22 -0.19 15.92 -19.24
N SER E 23 0.09 17.11 -18.72
CA SER E 23 0.23 17.31 -17.28
C SER E 23 -1.09 17.52 -16.56
N MET E 24 -2.19 17.69 -17.30
CA MET E 24 -3.49 17.93 -16.71
C MET E 24 -4.36 16.68 -16.64
N THR E 25 -3.84 15.53 -17.08
CA THR E 25 -4.60 14.28 -17.12
C THR E 25 -3.83 13.15 -16.45
N LEU E 26 -3.08 13.47 -15.39
CA LEU E 26 -2.24 12.45 -14.75
C LEU E 26 -3.07 11.40 -14.04
N THR E 27 -4.23 11.81 -13.49
CA THR E 27 -5.03 10.88 -12.71
C THR E 27 -5.58 9.74 -13.56
N VAL E 28 -5.76 9.97 -14.87
CA VAL E 28 -6.28 8.93 -15.75
C VAL E 28 -5.33 7.75 -15.81
N GLN E 29 -4.03 8.03 -16.03
CA GLN E 29 -3.04 6.98 -15.99
C GLN E 29 -2.80 6.47 -14.58
N ALA E 30 -2.93 7.35 -13.58
CA ALA E 30 -2.66 6.95 -12.20
C ALA E 30 -3.64 5.89 -11.71
N ARG E 31 -4.92 6.07 -12.01
CA ARG E 31 -5.91 5.11 -11.52
C ARG E 31 -5.95 3.82 -12.35
N ASN E 32 -5.44 3.84 -13.57
CA ASN E 32 -5.35 2.62 -14.38
C ASN E 32 -4.02 1.92 -14.16
N LEU E 33 -3.68 1.66 -12.91
CA LEU E 33 -2.48 0.92 -12.56
C LEU E 33 -2.68 -0.05 -11.40
N LEU E 34 -3.87 -0.06 -10.80
CA LEU E 34 -4.14 -0.85 -9.61
C LEU E 34 -5.27 -1.86 -9.81
N SER E 35 -6.33 -1.46 -10.51
CA SER E 35 -7.42 -2.39 -10.81
C SER E 35 -7.92 -2.30 -12.24
N GLY E 36 -7.38 -1.41 -13.07
CA GLY E 36 -7.83 -1.27 -14.44
C GLY E 36 -6.81 -1.71 -15.46
N LEU E 57 -8.63 -24.30 -14.28
CA LEU E 57 -7.92 -25.22 -13.40
C LEU E 57 -6.96 -24.47 -12.48
N THR E 58 -6.21 -25.22 -11.68
CA THR E 58 -5.26 -24.60 -10.76
C THR E 58 -4.10 -23.96 -11.50
N VAL E 59 -3.74 -24.50 -12.67
CA VAL E 59 -2.62 -23.97 -13.42
C VAL E 59 -2.90 -22.54 -13.86
N TRP E 60 -4.09 -22.29 -14.41
CA TRP E 60 -4.45 -20.94 -14.81
C TRP E 60 -4.78 -20.07 -13.61
N GLY E 61 -5.27 -20.67 -12.54
CA GLY E 61 -5.56 -19.90 -11.33
C GLY E 61 -4.31 -19.29 -10.72
N ILE E 62 -3.21 -20.05 -10.73
CA ILE E 62 -1.96 -19.54 -10.16
C ILE E 62 -1.38 -18.44 -11.04
N LYS E 63 -1.48 -18.61 -12.37
CA LYS E 63 -0.91 -17.63 -13.29
C LYS E 63 -1.57 -16.26 -13.12
N GLN E 64 -2.90 -16.25 -12.99
CA GLN E 64 -3.61 -14.97 -12.85
C GLN E 64 -3.31 -14.32 -11.50
N LEU E 65 -3.13 -15.13 -10.46
CA LEU E 65 -2.84 -14.59 -9.13
C LEU E 65 -1.50 -13.87 -9.11
N GLN E 66 -0.50 -14.42 -9.81
CA GLN E 66 0.84 -13.84 -9.80
C GLN E 66 0.84 -12.46 -10.44
N ALA E 67 0.07 -12.27 -11.50
CA ALA E 67 -0.02 -10.95 -12.14
C ALA E 67 -0.60 -9.91 -11.18
N ARG E 68 -1.63 -10.31 -10.43
CA ARG E 68 -2.26 -9.41 -9.47
C ARG E 68 -1.30 -9.08 -8.32
N VAL E 69 -0.47 -10.04 -7.90
CA VAL E 69 0.53 -9.74 -6.90
C VAL E 69 1.60 -8.80 -7.45
N LEU E 70 2.03 -9.02 -8.70
CA LEU E 70 3.07 -8.21 -9.30
C LEU E 70 2.65 -6.76 -9.50
N ALA E 71 1.40 -6.53 -9.92
CA ALA E 71 0.92 -5.16 -10.06
C ALA E 71 0.94 -4.43 -8.72
N VAL E 72 0.50 -5.10 -7.66
CA VAL E 72 0.54 -4.52 -6.32
C VAL E 72 1.97 -4.21 -5.91
N GLU E 73 2.90 -5.13 -6.20
CA GLU E 73 4.30 -4.89 -5.83
C GLU E 73 4.87 -3.68 -6.55
N ARG E 74 4.58 -3.54 -7.85
CA ARG E 74 5.06 -2.37 -8.60
C ARG E 74 4.48 -1.09 -8.03
N TYR E 75 3.18 -1.09 -7.76
CA TYR E 75 2.54 0.10 -7.19
C TYR E 75 3.16 0.47 -5.85
N LEU E 76 3.42 -0.53 -4.99
CA LEU E 76 3.99 -0.25 -3.68
C LEU E 76 5.42 0.27 -3.79
N ARG E 77 6.20 -0.26 -4.73
CA ARG E 77 7.56 0.24 -4.91
C ARG E 77 7.55 1.70 -5.38
N ASP E 78 6.67 2.04 -6.31
CA ASP E 78 6.55 3.43 -6.74
C ASP E 78 6.13 4.34 -5.59
N GLN E 79 5.16 3.89 -4.79
CA GLN E 79 4.71 4.71 -3.67
C GLN E 79 5.81 4.90 -2.63
N GLN E 80 6.58 3.86 -2.36
CA GLN E 80 7.69 3.99 -1.42
C GLN E 80 8.75 4.96 -1.94
N LEU E 81 9.05 4.89 -3.24
CA LEU E 81 10.02 5.83 -3.80
C LEU E 81 9.52 7.27 -3.67
N LEU E 82 8.24 7.51 -3.99
CA LEU E 82 7.69 8.85 -3.86
C LEU E 82 7.73 9.32 -2.40
N GLY E 83 7.39 8.44 -1.46
CA GLY E 83 7.44 8.82 -0.06
C GLY E 83 8.85 9.15 0.41
N ILE E 84 9.83 8.36 -0.02
CA ILE E 84 11.22 8.64 0.32
C ILE E 84 11.67 9.98 -0.24
N TRP E 85 11.24 10.33 -1.46
CA TRP E 85 11.59 11.63 -2.02
C TRP E 85 10.92 12.79 -1.32
N GLY E 86 9.95 12.55 -0.44
CA GLY E 86 9.21 13.60 0.21
C GLY E 86 7.92 13.99 -0.47
N CYS E 87 7.44 13.20 -1.43
CA CYS E 87 6.30 13.55 -2.28
C CYS E 87 5.15 12.58 -2.11
N SER E 88 4.90 12.12 -0.89
CA SER E 88 3.86 11.14 -0.66
C SER E 88 2.48 11.74 -0.89
N GLY E 89 1.62 10.99 -1.57
CA GLY E 89 0.26 11.42 -1.83
C GLY E 89 0.13 12.62 -2.76
N LYS E 90 0.98 12.71 -3.77
CA LYS E 90 0.93 13.80 -4.73
C LYS E 90 1.12 13.26 -6.14
N LEU E 91 0.57 13.98 -7.11
CA LEU E 91 0.80 13.70 -8.52
C LEU E 91 1.86 14.62 -9.13
N ILE E 92 1.92 15.87 -8.68
CA ILE E 92 2.97 16.81 -9.07
C ILE E 92 3.63 17.32 -7.80
N CYS E 93 4.95 17.31 -7.77
CA CYS E 93 5.70 17.62 -6.56
C CYS E 93 6.96 18.41 -6.91
N CYS E 94 7.09 19.60 -6.33
CA CYS E 94 8.28 20.41 -6.49
C CYS E 94 9.34 20.00 -5.47
N THR E 95 10.60 20.16 -5.85
CA THR E 95 11.72 19.75 -5.02
C THR E 95 12.70 20.91 -4.87
N ASN E 96 13.68 20.71 -4.00
CA ASN E 96 14.73 21.69 -3.74
C ASN E 96 16.00 21.43 -4.53
N VAL E 97 15.97 20.47 -5.45
CA VAL E 97 17.14 20.10 -6.23
C VAL E 97 17.18 20.99 -7.47
N PRO E 98 18.21 21.82 -7.65
CA PRO E 98 18.31 22.63 -8.86
C PRO E 98 18.60 21.76 -10.08
N TRP E 99 18.19 22.27 -11.24
CA TRP E 99 18.34 21.54 -12.49
C TRP E 99 19.70 21.86 -13.10
N ASN E 100 20.52 20.84 -13.26
CA ASN E 100 21.84 21.00 -13.89
C ASN E 100 21.67 21.21 -15.39
N SER E 101 22.37 22.20 -15.94
CA SER E 101 22.28 22.49 -17.35
C SER E 101 22.95 21.42 -18.21
N SER E 102 23.78 20.56 -17.60
CA SER E 102 24.42 19.49 -18.37
C SER E 102 23.48 18.31 -18.60
N TRP E 103 22.35 18.26 -17.88
CA TRP E 103 21.35 17.24 -18.17
C TRP E 103 20.58 17.57 -19.44
N SER E 104 20.30 18.85 -19.66
CA SER E 104 19.61 19.31 -20.86
C SER E 104 19.78 20.82 -20.95
N ASN E 105 19.88 21.32 -22.19
CA ASN E 105 20.07 22.74 -22.44
C ASN E 105 18.86 23.42 -23.05
N ARG E 106 17.81 22.67 -23.39
CA ARG E 106 16.62 23.26 -23.98
C ARG E 106 15.90 24.13 -22.94
N ASN E 107 15.32 25.22 -23.42
CA ASN E 107 14.57 26.11 -22.53
C ASN E 107 13.13 25.63 -22.37
N LEU E 108 12.43 26.25 -21.42
CA LEU E 108 11.09 25.80 -21.07
C LEU E 108 10.08 25.96 -22.20
N SER E 109 10.36 26.83 -23.17
CA SER E 109 9.41 27.04 -24.26
C SER E 109 9.38 25.88 -25.24
N GLU E 110 10.52 25.22 -25.45
CA GLU E 110 10.59 24.10 -26.39
C GLU E 110 10.59 22.74 -25.69
N ILE E 111 10.33 22.71 -24.39
CA ILE E 111 10.18 21.47 -23.64
C ILE E 111 8.72 21.20 -23.30
N TRP E 112 8.04 22.18 -22.72
CA TRP E 112 6.65 22.01 -22.32
C TRP E 112 5.66 22.33 -23.43
N ASP E 113 6.12 22.83 -24.57
CA ASP E 113 5.23 23.22 -25.65
C ASP E 113 5.59 22.62 -27.00
N ASN E 114 6.75 22.01 -27.15
CA ASN E 114 7.17 21.44 -28.43
C ASN E 114 7.83 20.09 -28.21
N MET E 115 7.27 19.27 -27.33
CA MET E 115 7.89 18.01 -26.97
C MET E 115 6.88 17.13 -26.26
N THR E 116 7.03 15.82 -26.42
CA THR E 116 6.21 14.84 -25.74
C THR E 116 7.04 14.09 -24.71
N TRP E 117 6.35 13.37 -23.82
CA TRP E 117 7.05 12.66 -22.76
C TRP E 117 7.86 11.50 -23.30
N LEU E 118 7.38 10.87 -24.37
CA LEU E 118 8.12 9.75 -24.96
C LEU E 118 9.46 10.21 -25.53
N GLN E 119 9.51 11.42 -26.07
CA GLN E 119 10.78 11.96 -26.55
C GLN E 119 11.67 12.42 -25.39
N TRP E 120 11.07 13.01 -24.36
CA TRP E 120 11.83 13.47 -23.21
C TRP E 120 12.50 12.33 -22.47
N ASP E 121 11.81 11.19 -22.33
CA ASP E 121 12.41 10.04 -21.67
C ASP E 121 13.62 9.53 -22.44
N LYS E 122 13.51 9.45 -23.77
CA LYS E 122 14.62 8.96 -24.57
C LYS E 122 15.85 9.86 -24.45
N GLU E 123 15.64 11.14 -24.15
CA GLU E 123 16.75 12.07 -24.01
C GLU E 123 17.36 12.07 -22.62
N ILE E 124 16.53 11.96 -21.58
CA ILE E 124 17.07 12.04 -20.22
C ILE E 124 17.25 10.66 -19.60
N SER E 125 17.17 9.61 -20.43
CA SER E 125 17.40 8.27 -19.91
C SER E 125 18.80 8.08 -19.33
N ASN E 126 19.78 8.85 -19.78
CA ASN E 126 21.15 8.67 -19.30
C ASN E 126 21.35 9.21 -17.88
N TYR E 127 20.64 10.27 -17.51
CA TYR E 127 20.88 10.97 -16.26
C TYR E 127 19.86 10.65 -15.17
N THR E 128 19.02 9.64 -15.38
CA THR E 128 17.93 9.38 -14.44
C THR E 128 18.43 8.97 -13.07
N GLN E 129 19.44 8.09 -13.01
CA GLN E 129 19.92 7.59 -11.73
C GLN E 129 20.60 8.69 -10.91
N ILE E 130 21.35 9.57 -11.56
CA ILE E 130 21.99 10.68 -10.86
C ILE E 130 20.93 11.58 -10.23
N ILE E 131 19.86 11.88 -10.98
CA ILE E 131 18.80 12.73 -10.47
C ILE E 131 18.08 12.05 -9.31
N TYR E 132 17.84 10.73 -9.42
CA TYR E 132 17.18 10.02 -8.33
C TYR E 132 18.02 10.05 -7.06
N GLY E 133 19.32 9.79 -7.19
CA GLY E 133 20.20 9.85 -6.03
C GLY E 133 20.25 11.23 -5.41
N LEU E 134 20.31 12.27 -6.26
CA LEU E 134 20.31 13.64 -5.75
C LEU E 134 19.02 13.94 -5.00
N LEU E 135 17.88 13.49 -5.53
CA LEU E 135 16.61 13.71 -4.84
C LEU E 135 16.60 13.02 -3.48
N GLU E 136 17.05 11.77 -3.42
CA GLU E 136 17.06 11.04 -2.15
C GLU E 136 17.95 11.73 -1.13
N GLU E 137 19.19 12.05 -1.51
CA GLU E 137 20.11 12.65 -0.56
C GLU E 137 19.75 14.08 -0.21
N SER E 138 19.02 14.79 -1.08
CA SER E 138 18.56 16.12 -0.75
C SER E 138 17.40 16.08 0.24
N GLN E 139 16.47 15.13 0.06
CA GLN E 139 15.37 15.00 1.00
C GLN E 139 15.85 14.53 2.36
N ASN E 140 16.78 13.56 2.39
CA ASN E 140 17.28 13.09 3.67
C ASN E 140 18.01 14.19 4.43
N GLN E 141 18.81 14.99 3.73
CA GLN E 141 19.51 16.11 4.33
C GLN E 141 18.86 17.43 3.96
N GLU F 21 -35.12 6.28 25.34
CA GLU F 21 -34.73 7.63 25.73
C GLU F 21 -33.53 7.60 26.67
N VAL F 22 -33.05 8.78 27.04
CA VAL F 22 -31.87 8.94 27.89
C VAL F 22 -32.32 9.52 29.23
N GLN F 23 -31.82 8.94 30.32
CA GLN F 23 -32.20 9.38 31.66
C GLN F 23 -30.97 9.46 32.55
N LEU F 24 -31.00 10.41 33.48
CA LEU F 24 -29.91 10.63 34.43
C LEU F 24 -30.46 10.54 35.85
N VAL F 25 -29.79 9.78 36.70
CA VAL F 25 -30.20 9.58 38.09
C VAL F 25 -29.07 10.03 38.99
N GLN F 26 -29.40 10.91 39.95
CA GLN F 26 -28.41 11.47 40.87
C GLN F 26 -28.64 10.90 42.27
N SER F 27 -27.70 11.21 43.15
CA SER F 27 -27.78 10.77 44.55
C SER F 27 -28.75 11.66 45.32
N GLY F 28 -28.82 11.42 46.63
CA GLY F 28 -29.73 12.16 47.48
C GLY F 28 -29.14 13.48 47.97
N ALA F 29 -29.89 14.14 48.85
CA ALA F 29 -29.45 15.40 49.42
C ALA F 29 -28.26 15.19 50.34
N GLU F 30 -27.42 16.22 50.43
CA GLU F 30 -26.18 16.15 51.21
C GLU F 30 -26.10 17.30 52.19
N LEU F 31 -25.73 16.97 53.43
CA LEU F 31 -25.43 17.96 54.47
C LEU F 31 -23.99 17.75 54.92
N LYS F 32 -23.20 18.80 54.86
CA LYS F 32 -21.78 18.72 55.20
C LYS F 32 -21.38 19.90 56.08
N LYS F 33 -20.11 19.89 56.47
CA LYS F 33 -19.53 20.92 57.32
C LYS F 33 -18.58 21.79 56.51
N ALA F 34 -18.28 22.97 57.05
CA ALA F 34 -17.36 23.88 56.39
C ALA F 34 -15.96 23.30 56.37
N GLY F 35 -15.28 23.42 55.23
CA GLY F 35 -13.94 22.90 55.07
C GLY F 35 -13.85 21.44 54.72
N SER F 36 -14.97 20.74 54.59
CA SER F 36 -14.98 19.33 54.26
C SER F 36 -15.03 19.16 52.74
N SER F 37 -15.30 17.95 52.27
CA SER F 37 -15.44 17.68 50.84
C SER F 37 -16.74 16.93 50.58
N VAL F 38 -17.31 17.15 49.41
CA VAL F 38 -18.58 16.55 49.03
C VAL F 38 -18.41 15.86 47.67
N LYS F 39 -19.02 14.69 47.53
CA LYS F 39 -18.98 13.92 46.29
C LYS F 39 -20.38 13.58 45.85
N LEU F 40 -20.68 13.83 44.58
CA LEU F 40 -21.98 13.55 43.99
C LEU F 40 -21.80 12.63 42.80
N SER F 41 -22.78 11.75 42.57
CA SER F 41 -22.74 10.78 41.50
C SER F 41 -23.93 10.97 40.56
N CYS F 42 -23.72 10.65 39.29
CA CYS F 42 -24.74 10.78 38.26
C CYS F 42 -24.63 9.61 37.30
N GLN F 43 -25.66 8.78 37.23
CA GLN F 43 -25.66 7.57 36.42
C GLN F 43 -26.59 7.75 35.22
N ALA F 44 -26.14 7.28 34.06
CA ALA F 44 -26.84 7.50 32.79
C ALA F 44 -27.39 6.20 32.25
N TYR F 45 -28.57 6.28 31.64
CA TYR F 45 -29.21 5.15 30.99
C TYR F 45 -29.68 5.56 29.61
N GLY F 46 -29.32 4.76 28.59
CA GLY F 46 -29.87 4.92 27.26
C GLY F 46 -28.91 5.41 26.20
N VAL F 47 -27.64 5.63 26.53
CA VAL F 47 -26.63 6.08 25.55
C VAL F 47 -25.34 5.33 25.78
N ALA F 48 -24.46 5.42 24.79
CA ALA F 48 -23.07 4.99 24.98
C ALA F 48 -22.35 6.01 25.84
N PHE F 49 -21.69 5.54 26.90
CA PHE F 49 -21.17 6.45 27.92
C PHE F 49 -19.91 7.15 27.46
N SER F 50 -19.09 6.48 26.66
CA SER F 50 -17.75 7.00 26.37
C SER F 50 -17.79 8.22 25.44
N THR F 51 -18.80 8.30 24.56
CA THR F 51 -18.84 9.34 23.53
C THR F 51 -19.96 10.35 23.76
N TYR F 52 -20.43 10.48 25.00
CA TYR F 52 -21.49 11.41 25.35
C TYR F 52 -20.95 12.42 26.34
N SER F 53 -21.18 13.71 26.07
CA SER F 53 -20.63 14.77 26.92
C SER F 53 -21.50 14.95 28.15
N PHE F 54 -20.86 15.04 29.31
CA PHE F 54 -21.54 15.21 30.59
C PHE F 54 -21.06 16.50 31.25
N HIS F 55 -22.00 17.25 31.84
CA HIS F 55 -21.70 18.53 32.45
C HIS F 55 -22.33 18.61 33.83
N TRP F 56 -21.66 19.34 34.72
CA TRP F 56 -22.15 19.63 36.06
C TRP F 56 -22.41 21.14 36.18
N VAL F 57 -23.63 21.48 36.62
CA VAL F 57 -24.07 22.85 36.79
C VAL F 57 -24.60 22.99 38.21
N ARG F 58 -24.68 24.24 38.68
CA ARG F 58 -25.26 24.51 40.00
C ARG F 58 -26.15 25.74 39.94
N GLN F 59 -27.08 25.81 40.89
CA GLN F 59 -28.01 26.94 41.00
C GLN F 59 -28.18 27.27 42.47
N ALA F 60 -27.82 28.49 42.84
CA ALA F 60 -28.00 28.99 44.19
C ALA F 60 -29.46 29.35 44.43
N PRO F 61 -29.93 29.29 45.68
CA PRO F 61 -31.32 29.66 45.98
C PRO F 61 -31.60 31.10 45.60
N GLY F 62 -32.59 31.29 44.72
CA GLY F 62 -32.98 32.62 44.28
C GLY F 62 -32.03 33.27 43.31
N GLN F 63 -31.10 32.52 42.72
CA GLN F 63 -30.13 33.05 41.79
C GLN F 63 -30.23 32.32 40.46
N GLY F 64 -29.31 32.64 39.54
CA GLY F 64 -29.30 32.04 38.23
C GLY F 64 -28.50 30.75 38.19
N LEU F 65 -28.22 30.31 36.96
CA LEU F 65 -27.47 29.09 36.73
C LEU F 65 -25.99 29.39 36.55
N GLU F 66 -25.14 28.45 36.97
CA GLU F 66 -23.69 28.61 36.94
C GLU F 66 -23.07 27.33 36.43
N TRP F 67 -22.63 27.32 35.17
CA TRP F 67 -22.02 26.14 34.57
C TRP F 67 -20.68 25.87 35.25
N LEU F 68 -20.62 24.79 36.02
CA LEU F 68 -19.40 24.46 36.76
C LEU F 68 -18.36 23.80 35.86
N GLY F 69 -18.71 22.67 35.24
CA GLY F 69 -17.75 21.98 34.40
C GLY F 69 -18.43 21.03 33.43
N GLY F 70 -17.60 20.38 32.61
CA GLY F 70 -18.11 19.39 31.68
C GLY F 70 -16.98 18.78 30.88
N PHE F 71 -17.25 17.61 30.31
CA PHE F 71 -16.23 16.89 29.56
C PHE F 71 -16.84 15.74 28.78
N ILE F 72 -16.10 15.25 27.79
CA ILE F 72 -16.38 13.98 27.13
C ILE F 72 -15.48 12.92 27.76
N PRO F 73 -16.03 11.81 28.26
CA PRO F 73 -15.16 10.83 28.95
C PRO F 73 -14.06 10.25 28.08
N LEU F 74 -14.30 10.13 26.76
CA LEU F 74 -13.28 9.55 25.89
C LEU F 74 -12.02 10.39 25.84
N VAL F 75 -12.17 11.72 25.76
CA VAL F 75 -11.02 12.61 25.70
C VAL F 75 -10.25 12.55 27.01
N GLY F 76 -10.95 12.64 28.14
CA GLY F 76 -10.33 12.47 29.44
C GLY F 76 -9.73 13.71 30.05
N LYS F 77 -9.93 14.88 29.46
CA LYS F 77 -9.40 16.14 29.99
C LYS F 77 -10.54 17.11 30.23
N PRO F 78 -11.07 17.19 31.45
CA PRO F 78 -12.24 18.03 31.70
C PRO F 78 -11.91 19.51 31.61
N ASN F 79 -12.96 20.31 31.42
CA ASN F 79 -12.87 21.76 31.37
C ASN F 79 -13.53 22.34 32.61
N TYR F 80 -12.88 23.32 33.24
CA TYR F 80 -13.36 23.92 34.47
C TYR F 80 -13.48 25.43 34.32
N THR F 81 -14.29 26.02 35.20
CA THR F 81 -14.38 27.46 35.31
C THR F 81 -13.24 27.97 36.20
N ASN F 82 -12.68 29.13 35.83
CA ASN F 82 -11.53 29.65 36.55
C ASN F 82 -11.84 29.95 38.01
N LYS F 83 -13.10 30.29 38.32
CA LYS F 83 -13.47 30.54 39.70
C LYS F 83 -13.33 29.29 40.56
N PHE F 84 -13.73 28.14 40.02
CA PHE F 84 -13.70 26.88 40.75
C PHE F 84 -12.45 26.06 40.48
N ARG F 85 -11.47 26.64 39.80
CA ARG F 85 -10.21 25.93 39.54
C ARG F 85 -9.49 25.65 40.86
N GLY F 86 -9.02 24.42 41.02
CA GLY F 86 -8.34 24.01 42.22
C GLY F 86 -9.25 23.49 43.31
N ARG F 87 -10.57 23.59 43.15
CA ARG F 87 -11.53 23.08 44.13
C ARG F 87 -12.48 22.04 43.57
N LEU F 88 -12.53 21.86 42.24
CA LEU F 88 -13.51 21.01 41.60
C LEU F 88 -12.80 19.89 40.83
N THR F 89 -13.33 18.68 40.97
CA THR F 89 -12.80 17.52 40.25
C THR F 89 -13.96 16.77 39.62
N ILE F 90 -13.81 16.40 38.35
CA ILE F 90 -14.83 15.65 37.62
C ILE F 90 -14.19 14.38 37.07
N THR F 91 -14.76 13.23 37.44
CA THR F 91 -14.24 11.94 37.02
C THR F 91 -15.38 11.09 36.47
N ALA F 92 -15.03 9.97 35.86
CA ALA F 92 -16.02 9.08 35.25
C ALA F 92 -15.65 7.64 35.53
N ASP F 93 -16.65 6.77 35.43
CA ASP F 93 -16.48 5.33 35.60
C ASP F 93 -17.34 4.64 34.54
N GLU F 94 -16.69 4.12 33.50
CA GLU F 94 -17.43 3.50 32.41
C GLU F 94 -17.97 2.12 32.80
N SER F 95 -17.30 1.44 33.73
CA SER F 95 -17.80 0.14 34.18
C SER F 95 -19.16 0.28 34.84
N ALA F 96 -19.31 1.30 35.70
CA ALA F 96 -20.60 1.61 36.31
C ALA F 96 -21.35 2.70 35.56
N ARG F 97 -20.73 3.29 34.52
CA ARG F 97 -21.36 4.32 33.68
C ARG F 97 -21.87 5.49 34.52
N THR F 98 -21.06 5.94 35.47
CA THR F 98 -21.44 7.04 36.35
C THR F 98 -20.34 8.07 36.43
N THR F 99 -20.73 9.34 36.46
CA THR F 99 -19.79 10.44 36.58
C THR F 99 -19.86 11.02 37.99
N TYR F 100 -18.69 11.31 38.54
CA TYR F 100 -18.55 11.82 39.90
C TYR F 100 -18.03 13.24 39.91
N MET F 101 -18.59 14.06 40.77
CA MET F 101 -18.15 15.44 40.99
C MET F 101 -17.74 15.60 42.43
N GLU F 102 -16.52 16.08 42.66
CA GLU F 102 -15.97 16.29 44.00
C GLU F 102 -15.69 17.78 44.18
N LEU F 103 -16.24 18.35 45.23
CA LEU F 103 -16.02 19.76 45.59
C LEU F 103 -15.41 19.81 46.97
N ARG F 104 -14.28 20.51 47.09
CA ARG F 104 -13.51 20.57 48.32
C ARG F 104 -13.52 21.97 48.90
N SER F 105 -13.35 22.05 50.22
CA SER F 105 -13.31 23.32 50.95
C SER F 105 -14.59 24.13 50.72
N LEU F 106 -15.70 23.55 51.12
CA LEU F 106 -16.99 24.21 50.97
C LEU F 106 -17.08 25.42 51.88
N ARG F 107 -17.73 26.47 51.39
CA ARG F 107 -17.92 27.71 52.14
C ARG F 107 -19.42 27.92 52.39
N SER F 108 -19.73 29.05 53.04
CA SER F 108 -21.11 29.31 53.44
C SER F 108 -22.03 29.53 52.25
N ASP F 109 -21.46 29.90 51.09
CA ASP F 109 -22.26 30.21 49.91
C ASP F 109 -22.38 29.04 48.94
N ASP F 110 -21.95 27.84 49.33
CA ASP F 110 -21.99 26.69 48.46
C ASP F 110 -23.26 25.86 48.62
N THR F 111 -24.20 26.28 49.46
CA THR F 111 -25.47 25.58 49.58
C THR F 111 -26.32 25.89 48.35
N ALA F 112 -26.61 24.87 47.55
CA ALA F 112 -27.27 25.09 46.27
C ALA F 112 -27.79 23.76 45.75
N ILE F 113 -28.49 23.82 44.60
CA ILE F 113 -28.99 22.64 43.91
C ILE F 113 -28.06 22.36 42.73
N TYR F 114 -27.49 21.15 42.70
CA TYR F 114 -26.53 20.77 41.69
C TYR F 114 -27.19 19.84 40.68
N TYR F 115 -27.04 20.17 39.40
CA TYR F 115 -27.65 19.44 38.30
C TYR F 115 -26.58 18.75 37.46
N CYS F 116 -26.92 17.56 36.97
CA CYS F 116 -26.10 16.79 36.05
C CYS F 116 -26.82 16.77 34.70
N ALA F 117 -26.14 17.24 33.66
CA ALA F 117 -26.73 17.34 32.34
C ALA F 117 -25.88 16.60 31.32
N GLY F 118 -26.49 16.31 30.18
CA GLY F 118 -25.80 15.57 29.13
C GLY F 118 -26.12 16.13 27.76
N GLY F 119 -25.21 15.93 26.84
CA GLY F 119 -25.39 16.39 25.48
C GLY F 119 -24.51 15.62 24.52
N GLY F 120 -24.84 15.73 23.24
CA GLY F 120 -24.11 15.05 22.19
C GLY F 120 -23.15 15.97 21.47
N ALA F 121 -22.07 15.39 20.96
CA ALA F 121 -21.04 16.14 20.25
C ALA F 121 -20.55 15.34 19.06
N TYR F 122 -19.89 16.03 18.14
CA TYR F 122 -19.25 15.38 17.00
C TYR F 122 -17.89 16.01 16.78
N SER F 123 -17.13 15.42 15.84
CA SER F 123 -15.76 15.85 15.56
C SER F 123 -15.60 16.13 14.08
N SER F 124 -14.92 17.23 13.76
CA SER F 124 -14.62 17.60 12.40
C SER F 124 -13.16 17.35 12.03
N GLY F 125 -12.40 16.72 12.91
CA GLY F 125 -11.02 16.36 12.63
C GLY F 125 -10.04 17.33 13.25
N GLY F 126 -8.85 16.81 13.56
CA GLY F 126 -7.78 17.62 14.12
C GLY F 126 -8.04 18.16 15.50
N GLY F 127 -8.72 17.39 16.35
CA GLY F 127 -8.98 17.82 17.71
C GLY F 127 -10.10 18.81 17.88
N ARG F 128 -10.95 18.98 16.87
CA ARG F 128 -12.08 19.90 16.95
C ARG F 128 -13.34 19.13 17.34
N PHE F 129 -14.05 19.63 18.34
CA PHE F 129 -15.29 19.04 18.80
C PHE F 129 -16.39 20.10 18.80
N HIS F 130 -17.57 19.72 18.34
CA HIS F 130 -18.71 20.63 18.25
C HIS F 130 -19.86 20.03 19.05
N TYR F 131 -20.49 20.85 19.88
CA TYR F 131 -21.52 20.44 20.81
C TYR F 131 -22.89 20.96 20.37
N PHE F 132 -23.90 20.63 21.17
CA PHE F 132 -25.27 21.06 20.88
C PHE F 132 -26.02 21.57 22.10
N GLY F 133 -25.40 21.62 23.27
CA GLY F 133 -26.05 22.07 24.48
C GLY F 133 -26.17 20.99 25.52
N MET F 134 -27.24 21.08 26.30
CA MET F 134 -27.54 20.12 27.36
C MET F 134 -29.01 19.71 27.23
N ALA F 135 -29.26 18.65 26.45
CA ALA F 135 -30.63 18.23 26.18
C ALA F 135 -31.26 17.47 27.35
N VAL F 136 -30.47 16.71 28.10
CA VAL F 136 -30.98 15.87 29.18
C VAL F 136 -30.52 16.46 30.51
N TRP F 137 -31.45 16.58 31.45
CA TRP F 137 -31.17 17.13 32.77
C TRP F 137 -31.57 16.13 33.85
N GLY F 138 -30.83 16.13 34.95
CA GLY F 138 -31.19 15.36 36.11
C GLY F 138 -32.18 16.11 36.99
N GLN F 139 -32.61 15.44 38.05
CA GLN F 139 -33.56 16.04 38.98
C GLN F 139 -32.91 17.00 39.97
N GLY F 140 -31.59 16.94 40.12
CA GLY F 140 -30.89 17.86 41.01
C GLY F 140 -30.72 17.32 42.41
N SER F 141 -29.61 17.70 43.06
CA SER F 141 -29.32 17.30 44.44
C SER F 141 -29.08 18.54 45.26
N THR F 142 -29.69 18.61 46.44
CA THR F 142 -29.56 19.77 47.32
C THR F 142 -28.37 19.55 48.25
N VAL F 143 -27.42 20.48 48.23
CA VAL F 143 -26.22 20.40 49.06
C VAL F 143 -26.22 21.59 50.00
N THR F 144 -26.11 21.32 51.30
CA THR F 144 -26.15 22.35 52.33
C THR F 144 -25.02 22.14 53.32
N VAL F 145 -24.37 23.24 53.70
CA VAL F 145 -23.33 23.25 54.73
C VAL F 145 -23.70 24.27 55.78
N SER F 146 -23.69 23.86 57.04
CA SER F 146 -24.05 24.73 58.16
C SER F 146 -23.59 24.05 59.44
N SER F 147 -23.74 24.76 60.55
CA SER F 147 -23.37 24.23 61.86
C SER F 147 -24.50 23.47 62.54
N ALA F 148 -25.69 23.47 61.97
CA ALA F 148 -26.81 22.77 62.57
C ALA F 148 -26.72 21.26 62.31
N SER F 149 -27.55 20.51 63.03
CA SER F 149 -27.58 19.06 62.91
C SER F 149 -28.93 18.61 62.37
N THR F 150 -28.99 17.36 61.93
CA THR F 150 -30.22 16.80 61.38
C THR F 150 -31.30 16.73 62.46
N LYS F 151 -32.55 16.96 62.05
CA LYS F 151 -33.68 16.93 62.96
C LYS F 151 -34.87 16.31 62.25
N GLY F 152 -35.47 15.30 62.87
CA GLY F 152 -36.64 14.65 62.32
C GLY F 152 -37.83 15.59 62.21
N PRO F 153 -38.57 15.50 61.11
CA PRO F 153 -39.71 16.39 60.91
C PRO F 153 -40.83 16.10 61.88
N SER F 154 -41.59 17.16 62.19
CA SER F 154 -42.79 17.06 63.01
C SER F 154 -44.00 17.39 62.14
N VAL F 155 -44.99 16.50 62.13
CA VAL F 155 -46.14 16.60 61.25
C VAL F 155 -47.38 16.84 62.09
N PHE F 156 -48.17 17.85 61.70
CA PHE F 156 -49.42 18.15 62.39
C PHE F 156 -50.54 18.27 61.37
N PRO F 157 -51.63 17.53 61.54
CA PRO F 157 -52.70 17.53 60.53
C PRO F 157 -53.59 18.77 60.66
N LEU F 158 -53.57 19.60 59.62
CA LEU F 158 -54.50 20.72 59.51
C LEU F 158 -55.87 20.18 59.14
N ALA F 159 -56.69 19.89 60.15
CA ALA F 159 -57.99 19.25 59.97
C ALA F 159 -59.00 20.23 59.36
N PRO F 160 -59.92 19.75 58.54
CA PRO F 160 -60.99 20.61 58.05
C PRO F 160 -62.01 20.90 59.14
N SER F 161 -62.70 22.02 58.98
CA SER F 161 -63.72 22.43 59.95
C SER F 161 -64.73 23.34 59.24
N SER F 162 -65.70 23.83 60.00
CA SER F 162 -66.70 24.73 59.43
C SER F 162 -66.08 26.06 59.02
N LYS F 163 -65.02 26.49 59.70
CA LYS F 163 -64.33 27.72 59.36
C LYS F 163 -63.50 27.60 58.08
N SER F 164 -63.22 26.38 57.62
CA SER F 164 -62.44 26.16 56.42
C SER F 164 -63.30 25.68 55.25
N THR F 165 -64.61 25.89 55.33
CA THR F 165 -65.55 25.48 54.29
C THR F 165 -66.20 26.72 53.68
N SER F 166 -66.16 26.81 52.36
CA SER F 166 -66.77 27.94 51.65
C SER F 166 -67.34 27.44 50.34
N GLY F 167 -68.66 27.55 50.19
CA GLY F 167 -69.32 27.12 48.97
C GLY F 167 -69.19 25.63 48.69
N GLY F 168 -69.31 24.80 49.73
CA GLY F 168 -69.23 23.37 49.57
C GLY F 168 -67.83 22.81 49.44
N THR F 169 -66.80 23.64 49.53
CA THR F 169 -65.42 23.20 49.42
C THR F 169 -64.71 23.47 50.74
N ALA F 170 -64.10 22.42 51.30
CA ALA F 170 -63.38 22.50 52.56
C ALA F 170 -61.90 22.27 52.32
N ALA F 171 -61.06 23.06 53.00
CA ALA F 171 -59.62 23.00 52.85
C ALA F 171 -59.01 22.32 54.07
N LEU F 172 -58.20 21.28 53.82
CA LEU F 172 -57.45 20.58 54.85
C LEU F 172 -55.99 20.54 54.45
N GLY F 173 -55.17 19.85 55.24
CA GLY F 173 -53.78 19.70 54.85
C GLY F 173 -52.93 19.16 55.99
N CYS F 174 -51.63 19.36 55.86
CA CYS F 174 -50.66 18.94 56.86
C CYS F 174 -49.53 19.96 56.92
N LEU F 175 -49.11 20.29 58.14
CA LEU F 175 -48.02 21.23 58.37
C LEU F 175 -46.80 20.49 58.89
N VAL F 176 -45.63 20.90 58.42
CA VAL F 176 -44.35 20.32 58.80
C VAL F 176 -43.54 21.39 59.52
N LYS F 177 -43.04 21.04 60.71
CA LYS F 177 -42.34 21.97 61.58
C LYS F 177 -41.19 21.23 62.25
N ASP F 178 -40.16 22.00 62.66
CA ASP F 178 -39.02 21.48 63.41
C ASP F 178 -38.30 20.39 62.62
N TYR F 179 -37.78 20.79 61.46
CA TYR F 179 -37.00 19.90 60.61
C TYR F 179 -35.87 20.68 59.97
N PHE F 180 -34.76 19.99 59.73
CA PHE F 180 -33.58 20.60 59.14
C PHE F 180 -32.61 19.53 58.69
N PRO F 181 -31.99 19.67 57.51
CA PRO F 181 -32.18 20.74 56.52
C PRO F 181 -33.22 20.39 55.47
N GLU F 182 -33.22 21.11 54.35
CA GLU F 182 -34.11 20.80 53.24
C GLU F 182 -33.64 19.53 52.54
N PRO F 183 -34.52 18.88 51.78
CA PRO F 183 -35.95 19.17 51.58
C PRO F 183 -36.89 18.16 52.22
N VAL F 184 -38.19 18.40 52.13
CA VAL F 184 -39.22 17.44 52.55
C VAL F 184 -40.21 17.30 51.42
N THR F 185 -40.54 16.06 51.07
CA THR F 185 -41.48 15.78 49.99
C THR F 185 -42.84 15.40 50.57
N VAL F 186 -43.88 16.09 50.12
CA VAL F 186 -45.24 15.91 50.63
C VAL F 186 -46.12 15.44 49.47
N SER F 187 -46.86 14.35 49.71
CA SER F 187 -47.77 13.80 48.72
C SER F 187 -49.09 13.46 49.38
N TRP F 188 -50.14 13.39 48.57
CA TRP F 188 -51.49 13.08 49.05
C TRP F 188 -51.98 11.79 48.43
N ASN F 189 -52.42 10.86 49.28
CA ASN F 189 -52.98 9.57 48.84
C ASN F 189 -52.01 8.84 47.93
N SER F 190 -50.72 8.89 48.28
CA SER F 190 -49.65 8.29 47.48
C SER F 190 -49.68 8.81 46.05
N GLY F 191 -49.94 10.10 45.89
CA GLY F 191 -50.00 10.73 44.59
C GLY F 191 -51.31 10.60 43.85
N ALA F 192 -52.31 9.94 44.45
CA ALA F 192 -53.60 9.80 43.77
C ALA F 192 -54.29 11.15 43.59
N LEU F 193 -54.21 12.02 44.61
CA LEU F 193 -54.86 13.32 44.57
C LEU F 193 -53.80 14.38 44.30
N THR F 194 -53.99 15.15 43.23
CA THR F 194 -53.04 16.19 42.86
C THR F 194 -53.75 17.52 42.60
N SER F 195 -55.02 17.45 42.21
CA SER F 195 -55.78 18.66 41.89
C SER F 195 -56.08 19.44 43.16
N GLY F 196 -55.85 20.75 43.11
CA GLY F 196 -56.12 21.61 44.24
C GLY F 196 -55.10 21.53 45.36
N VAL F 197 -53.96 20.89 45.14
CA VAL F 197 -52.93 20.74 46.17
C VAL F 197 -51.96 21.89 46.05
N HIS F 198 -51.80 22.66 47.13
CA HIS F 198 -50.87 23.78 47.18
C HIS F 198 -49.83 23.52 48.26
N THR F 199 -48.57 23.50 47.87
CA THR F 199 -47.46 23.29 48.80
C THR F 199 -46.66 24.59 48.87
N PHE F 200 -46.89 25.37 49.93
CA PHE F 200 -46.21 26.64 50.07
C PHE F 200 -44.72 26.43 50.34
N PRO F 201 -43.86 27.29 49.81
CA PRO F 201 -42.42 27.14 50.04
C PRO F 201 -42.06 27.29 51.51
N ALA F 202 -41.03 26.56 51.92
CA ALA F 202 -40.59 26.60 53.31
C ALA F 202 -39.99 27.96 53.65
N VAL F 203 -40.08 28.32 54.92
CA VAL F 203 -39.56 29.60 55.42
C VAL F 203 -38.60 29.32 56.57
N LEU F 204 -37.78 30.32 56.88
CA LEU F 204 -36.78 30.23 57.92
C LEU F 204 -37.26 31.01 59.14
N GLN F 205 -37.27 30.35 60.30
CA GLN F 205 -37.65 30.96 61.56
C GLN F 205 -36.41 31.39 62.34
N SER F 206 -36.63 32.12 63.43
CA SER F 206 -35.53 32.57 64.27
C SER F 206 -34.84 31.40 64.97
N SER F 207 -35.52 30.27 65.13
CA SER F 207 -34.92 29.11 65.79
C SER F 207 -33.89 28.40 64.91
N GLY F 208 -33.77 28.77 63.64
CA GLY F 208 -32.84 28.14 62.74
C GLY F 208 -33.38 26.95 61.98
N LEU F 209 -34.63 26.57 62.21
CA LEU F 209 -35.27 25.46 61.52
C LEU F 209 -36.31 25.99 60.52
N TYR F 210 -36.80 25.09 59.69
CA TYR F 210 -37.74 25.42 58.63
C TYR F 210 -39.15 24.94 58.99
N SER F 211 -40.12 25.40 58.20
CA SER F 211 -41.51 25.07 58.41
C SER F 211 -42.28 25.33 57.13
N LEU F 212 -43.32 24.53 56.89
CA LEU F 212 -44.20 24.74 55.74
C LEU F 212 -45.55 24.08 56.04
N SER F 213 -46.48 24.24 55.09
CA SER F 213 -47.81 23.67 55.24
C SER F 213 -48.38 23.40 53.85
N SER F 214 -48.65 22.13 53.56
CA SER F 214 -49.21 21.72 52.28
C SER F 214 -50.70 21.45 52.47
N VAL F 215 -51.54 22.13 51.70
CA VAL F 215 -52.98 22.09 51.87
C VAL F 215 -53.62 21.62 50.56
N VAL F 216 -54.91 21.27 50.67
CA VAL F 216 -55.70 20.82 49.54
C VAL F 216 -57.16 21.10 49.84
N THR F 217 -57.89 21.54 48.80
CA THR F 217 -59.30 21.83 48.90
C THR F 217 -60.10 20.73 48.23
N VAL F 218 -61.06 20.16 48.95
CA VAL F 218 -61.86 19.04 48.45
C VAL F 218 -63.33 19.34 48.72
N PRO F 219 -64.23 18.74 47.94
CA PRO F 219 -65.65 18.93 48.20
C PRO F 219 -66.03 18.46 49.61
N SER F 220 -66.95 19.19 50.23
CA SER F 220 -67.32 18.90 51.61
C SER F 220 -68.06 17.57 51.75
N SER F 221 -68.71 17.12 50.68
CA SER F 221 -69.42 15.85 50.74
C SER F 221 -68.49 14.65 50.85
N SER F 222 -67.23 14.81 50.45
CA SER F 222 -66.26 13.73 50.50
C SER F 222 -65.51 13.66 51.81
N LEU F 223 -65.75 14.60 52.74
CA LEU F 223 -65.06 14.57 54.02
C LEU F 223 -65.40 13.31 54.81
N GLY F 224 -66.67 12.92 54.84
CA GLY F 224 -67.11 11.74 55.55
C GLY F 224 -67.01 10.45 54.78
N THR F 225 -66.58 10.48 53.52
CA THR F 225 -66.50 9.29 52.69
C THR F 225 -65.11 9.02 52.13
N GLN F 226 -64.30 10.05 51.92
CA GLN F 226 -62.97 9.89 51.34
C GLN F 226 -61.91 10.05 52.42
N THR F 227 -60.98 9.11 52.48
CA THR F 227 -59.89 9.15 53.46
C THR F 227 -58.71 9.92 52.86
N TYR F 228 -58.23 10.92 53.61
CA TYR F 228 -57.12 11.75 53.18
C TYR F 228 -55.92 11.45 54.06
N ILE F 229 -54.79 11.10 53.43
CA ILE F 229 -53.55 10.81 54.12
C ILE F 229 -52.43 11.57 53.44
N CYS F 230 -51.64 12.31 54.23
CA CYS F 230 -50.48 13.03 53.73
C CYS F 230 -49.22 12.25 54.07
N ASN F 231 -48.42 11.96 53.06
CA ASN F 231 -47.16 11.25 53.21
C ASN F 231 -46.02 12.24 53.06
N VAL F 232 -45.19 12.35 54.10
CA VAL F 232 -44.07 13.27 54.13
C VAL F 232 -42.78 12.48 54.29
N ASN F 233 -41.79 12.83 53.47
CA ASN F 233 -40.50 12.16 53.47
C ASN F 233 -39.40 13.18 53.70
N HIS F 234 -38.48 12.85 54.61
CA HIS F 234 -37.32 13.66 54.96
C HIS F 234 -36.12 12.73 54.81
N LYS F 235 -35.53 12.72 53.62
CA LYS F 235 -34.47 11.76 53.30
C LYS F 235 -33.22 11.91 54.16
N PRO F 236 -32.66 13.11 54.38
CA PRO F 236 -31.44 13.19 55.19
C PRO F 236 -31.59 12.63 56.60
N SER F 237 -32.78 12.73 57.19
CA SER F 237 -33.06 12.09 58.46
C SER F 237 -33.69 10.71 58.31
N ASN F 238 -33.94 10.28 57.07
CA ASN F 238 -34.54 8.97 56.79
C ASN F 238 -35.86 8.79 57.51
N THR F 239 -36.76 9.77 57.35
CA THR F 239 -38.04 9.76 58.03
C THR F 239 -39.17 9.70 57.00
N LYS F 240 -40.15 8.83 57.24
CA LYS F 240 -41.34 8.73 56.40
C LYS F 240 -42.55 8.67 57.32
N VAL F 241 -43.40 9.68 57.25
CA VAL F 241 -44.56 9.80 58.14
C VAL F 241 -45.82 9.90 57.29
N ASP F 242 -46.80 9.04 57.58
CA ASP F 242 -48.10 9.08 56.94
C ASP F 242 -49.13 9.51 57.98
N LYS F 243 -49.66 10.72 57.82
CA LYS F 243 -50.59 11.30 58.78
C LYS F 243 -51.97 11.41 58.13
N ARG F 244 -52.98 10.87 58.80
CA ARG F 244 -54.35 10.92 58.30
C ARG F 244 -55.03 12.19 58.77
N VAL F 245 -55.78 12.82 57.86
CA VAL F 245 -56.49 14.06 58.15
C VAL F 245 -57.98 13.74 58.21
N GLU F 246 -58.60 14.06 59.35
CA GLU F 246 -60.03 13.86 59.57
C GLU F 246 -60.63 15.12 60.16
N PRO F 247 -61.90 15.38 59.91
CA PRO F 247 -62.56 16.54 60.55
C PRO F 247 -62.50 16.43 62.05
N LYS F 248 -62.29 17.58 62.70
CA LYS F 248 -62.14 17.60 64.15
C LYS F 248 -63.45 17.25 64.84
N SER F 249 -63.38 16.32 65.79
CA SER F 249 -64.57 15.89 66.52
C SER F 249 -65.05 17.01 67.44
N CYS F 250 -66.35 17.24 67.46
CA CYS F 250 -66.93 18.31 68.26
C CYS F 250 -68.12 17.80 69.08
N ILE G 23 -17.21 35.30 27.41
CA ILE G 23 -18.36 35.79 26.66
C ILE G 23 -19.52 36.05 27.61
N GLN G 24 -20.08 37.25 27.54
CA GLN G 24 -21.17 37.66 28.41
C GLN G 24 -22.46 37.80 27.60
N LEU G 25 -23.54 37.28 28.14
CA LEU G 25 -24.86 37.32 27.50
C LEU G 25 -25.78 38.21 28.31
N THR G 26 -26.41 39.17 27.64
CA THR G 26 -27.37 40.07 28.26
C THR G 26 -28.75 39.76 27.72
N GLN G 27 -29.70 39.51 28.62
CA GLN G 27 -31.05 39.11 28.26
C GLN G 27 -32.04 40.19 28.66
N SER G 28 -32.91 40.58 27.73
CA SER G 28 -33.88 41.62 27.98
C SER G 28 -35.26 41.19 27.46
N PRO G 29 -36.34 41.64 28.09
CA PRO G 29 -36.41 42.43 29.33
C PRO G 29 -36.26 41.54 30.56
N SER G 30 -36.03 42.13 31.74
CA SER G 30 -35.91 41.32 32.95
C SER G 30 -37.22 40.63 33.30
N THR G 31 -38.33 41.36 33.24
CA THR G 31 -39.66 40.84 33.53
C THR G 31 -40.63 41.26 32.43
N LEU G 32 -41.62 40.41 32.17
CA LEU G 32 -42.59 40.71 31.13
C LEU G 32 -43.87 39.92 31.41
N SER G 33 -45.02 40.58 31.30
CA SER G 33 -46.32 39.95 31.49
C SER G 33 -47.24 40.37 30.35
N ALA G 34 -47.93 39.39 29.78
CA ALA G 34 -48.84 39.63 28.67
C ALA G 34 -50.08 38.76 28.83
N PRO G 35 -51.22 39.19 28.30
CA PRO G 35 -52.43 38.37 28.37
C PRO G 35 -52.36 37.19 27.42
N VAL G 36 -53.27 36.23 27.65
CA VAL G 36 -53.33 35.03 26.83
C VAL G 36 -53.77 35.41 25.42
N GLY G 37 -53.06 34.88 24.43
CA GLY G 37 -53.35 35.15 23.04
C GLY G 37 -52.39 36.10 22.36
N ALA G 38 -51.55 36.80 23.12
CA ALA G 38 -50.56 37.72 22.57
C ALA G 38 -49.19 37.06 22.52
N GLY G 39 -48.30 37.68 21.75
CA GLY G 39 -46.94 37.20 21.59
C GLY G 39 -45.94 38.07 22.32
N VAL G 40 -44.85 37.45 22.78
CA VAL G 40 -43.81 38.16 23.50
C VAL G 40 -42.47 37.85 22.85
N THR G 41 -41.50 38.75 23.03
CA THR G 41 -40.18 38.61 22.45
C THR G 41 -39.13 38.87 23.52
N ILE G 42 -38.10 38.01 23.53
CA ILE G 42 -36.97 38.12 24.44
C ILE G 42 -35.70 38.20 23.61
N THR G 43 -34.85 39.17 23.92
CA THR G 43 -33.64 39.43 23.15
C THR G 43 -32.40 39.04 23.97
N CYS G 44 -31.54 38.22 23.38
CA CYS G 44 -30.28 37.80 23.97
C CYS G 44 -29.15 38.39 23.13
N GLN G 45 -28.26 39.14 23.78
CA GLN G 45 -27.19 39.86 23.10
C GLN G 45 -25.84 39.39 23.63
N ALA G 46 -24.93 39.06 22.74
CA ALA G 46 -23.62 38.54 23.10
C ALA G 46 -22.56 39.62 22.98
N SER G 47 -21.59 39.60 23.90
CA SER G 47 -20.50 40.57 23.86
C SER G 47 -19.62 40.40 22.63
N GLN G 48 -19.58 39.20 22.05
CA GLN G 48 -18.81 38.94 20.85
C GLN G 48 -19.49 37.85 20.05
N SER G 49 -19.06 37.70 18.80
CA SER G 49 -19.69 36.74 17.90
C SER G 49 -19.52 35.31 18.43
N ILE G 50 -20.62 34.57 18.45
CA ILE G 50 -20.62 33.17 18.88
C ILE G 50 -21.18 32.31 17.76
N SER G 51 -21.00 32.76 16.52
CA SER G 51 -21.58 32.10 15.35
C SER G 51 -23.09 31.97 15.51
N ASN G 52 -23.57 30.73 15.70
CA ASN G 52 -24.98 30.50 15.97
C ASN G 52 -25.18 29.44 17.04
N GLY G 53 -24.23 29.34 17.97
CA GLY G 53 -24.31 28.35 19.02
C GLY G 53 -25.03 28.83 20.26
N LEU G 54 -26.34 29.01 20.17
CA LEU G 54 -27.16 29.47 21.28
C LEU G 54 -28.30 28.50 21.52
N ALA G 55 -28.65 28.30 22.79
CA ALA G 55 -29.72 27.42 23.20
C ALA G 55 -30.67 28.16 24.13
N TRP G 56 -31.96 27.97 23.91
CA TRP G 56 -33.01 28.56 24.73
C TRP G 56 -33.61 27.47 25.62
N TYR G 57 -33.61 27.72 26.92
CA TYR G 57 -34.13 26.80 27.93
C TYR G 57 -35.30 27.43 28.67
N GLN G 58 -36.22 26.57 29.12
CA GLN G 58 -37.35 26.98 29.94
C GLN G 58 -37.33 26.21 31.25
N GLN G 59 -37.68 26.89 32.34
CA GLN G 59 -37.72 26.28 33.66
C GLN G 59 -38.98 26.73 34.40
N LYS G 60 -39.69 25.78 34.96
CA LYS G 60 -40.81 26.05 35.83
C LYS G 60 -40.38 25.91 37.29
N PRO G 61 -41.05 26.61 38.21
CA PRO G 61 -40.66 26.50 39.63
C PRO G 61 -40.77 25.07 40.12
N GLY G 62 -39.78 24.66 40.92
CA GLY G 62 -39.72 23.30 41.40
C GLY G 62 -39.57 22.25 40.32
N ARG G 63 -38.78 22.54 39.29
CA ARG G 63 -38.60 21.60 38.19
C ARG G 63 -37.26 21.88 37.51
N ALA G 64 -36.65 20.84 36.96
CA ALA G 64 -35.40 21.00 36.26
C ALA G 64 -35.62 21.75 34.94
N PRO G 65 -34.59 22.43 34.44
CA PRO G 65 -34.75 23.15 33.17
C PRO G 65 -35.02 22.20 32.02
N LYS G 66 -35.74 22.69 31.02
CA LYS G 66 -36.08 21.94 29.82
C LYS G 66 -35.64 22.75 28.61
N MET G 67 -34.90 22.11 27.71
CA MET G 67 -34.40 22.81 26.53
C MET G 67 -35.51 22.99 25.50
N LEU G 68 -35.65 24.21 25.00
CA LEU G 68 -36.64 24.53 23.97
C LEU G 68 -36.02 24.64 22.58
N ILE G 69 -34.93 25.41 22.45
CA ILE G 69 -34.33 25.70 21.15
C ILE G 69 -32.85 25.37 21.20
N THR G 70 -32.35 24.75 20.14
CA THR G 70 -30.92 24.51 19.97
C THR G 70 -30.48 25.06 18.62
N GLU G 71 -29.18 25.33 18.52
CA GLU G 71 -28.55 25.88 17.32
C GLU G 71 -29.10 27.26 16.95
N GLY G 72 -29.82 27.90 17.86
CA GLY G 72 -30.39 29.21 17.63
C GLY G 72 -31.79 29.23 17.06
N SER G 73 -32.07 28.37 16.08
CA SER G 73 -33.37 28.37 15.42
C SER G 73 -33.95 26.98 15.20
N SER G 74 -33.26 25.91 15.59
CA SER G 74 -33.76 24.55 15.38
C SER G 74 -34.69 24.19 16.55
N LEU G 75 -35.92 23.83 16.22
CA LEU G 75 -36.91 23.49 17.24
C LEU G 75 -36.67 22.08 17.76
N LYS G 76 -36.69 21.94 19.09
CA LYS G 76 -36.47 20.64 19.71
C LYS G 76 -37.69 19.74 19.52
N SER G 77 -37.45 18.44 19.59
CA SER G 77 -38.53 17.47 19.47
C SER G 77 -39.41 17.49 20.72
N GLY G 78 -40.72 17.44 20.50
CA GLY G 78 -41.68 17.47 21.58
C GLY G 78 -42.04 18.86 22.08
N VAL G 79 -41.54 19.91 21.43
CA VAL G 79 -41.82 21.28 21.83
C VAL G 79 -42.90 21.85 20.93
N PRO G 80 -43.90 22.55 21.45
CA PRO G 80 -44.95 23.11 20.58
C PRO G 80 -44.39 24.13 19.61
N ASP G 81 -45.06 24.26 18.46
CA ASP G 81 -44.62 25.14 17.39
C ASP G 81 -44.71 26.61 17.76
N ARG G 82 -45.36 26.96 18.86
CA ARG G 82 -45.54 28.37 19.22
C ARG G 82 -44.23 29.07 19.52
N PHE G 83 -43.22 28.34 20.01
CA PHE G 83 -41.92 28.92 20.30
C PHE G 83 -41.10 29.00 19.01
N ARG G 84 -40.52 30.17 18.74
CA ARG G 84 -39.65 30.36 17.60
C ARG G 84 -38.36 31.04 18.04
N GLY G 85 -37.25 30.61 17.46
CA GLY G 85 -35.96 31.22 17.71
C GLY G 85 -35.34 31.70 16.41
N SER G 86 -34.64 32.84 16.49
CA SER G 86 -34.01 33.38 15.29
C SER G 86 -32.86 34.27 15.72
N GLY G 87 -32.09 34.72 14.73
CA GLY G 87 -30.98 35.62 14.95
C GLY G 87 -29.65 35.00 14.55
N SER G 88 -28.60 35.79 14.72
CA SER G 88 -27.25 35.39 14.34
C SER G 88 -26.29 36.44 14.90
N GLY G 89 -25.00 36.26 14.58
CA GLY G 89 -23.98 37.19 15.02
C GLY G 89 -23.92 37.31 16.52
N THR G 90 -24.37 38.45 17.04
CA THR G 90 -24.44 38.67 18.48
C THR G 90 -25.86 38.92 18.98
N HIS G 91 -26.86 38.88 18.10
CA HIS G 91 -28.24 39.17 18.48
C HIS G 91 -29.13 37.97 18.17
N PHE G 92 -29.89 37.52 19.17
CA PHE G 92 -30.83 36.43 19.00
C PHE G 92 -32.16 36.81 19.65
N ILE G 93 -33.24 36.28 19.10
CA ILE G 93 -34.59 36.61 19.56
C ILE G 93 -35.39 35.33 19.72
N LEU G 94 -36.12 35.23 20.84
CA LEU G 94 -37.07 34.16 21.10
C LEU G 94 -38.46 34.76 21.13
N THR G 95 -39.37 34.17 20.35
CA THR G 95 -40.71 34.72 20.16
C THR G 95 -41.75 33.67 20.52
N ILE G 96 -42.73 34.07 21.33
CA ILE G 96 -43.88 33.25 21.66
C ILE G 96 -45.09 33.89 20.99
N SER G 97 -45.67 33.19 20.01
CA SER G 97 -46.75 33.78 19.22
C SER G 97 -48.09 33.68 19.93
N ASP G 98 -48.42 32.50 20.46
CA ASP G 98 -49.70 32.25 21.11
C ASP G 98 -49.42 31.89 22.57
N LEU G 99 -49.63 32.86 23.46
CA LEU G 99 -49.40 32.63 24.87
C LEU G 99 -50.46 31.68 25.43
N GLN G 100 -50.04 30.83 26.36
CA GLN G 100 -50.87 29.80 26.95
C GLN G 100 -50.71 29.81 28.46
N PRO G 101 -51.68 29.25 29.20
CA PRO G 101 -51.61 29.31 30.67
C PRO G 101 -50.42 28.59 31.27
N ASP G 102 -49.71 27.76 30.52
CA ASP G 102 -48.57 27.02 31.03
C ASP G 102 -47.23 27.69 30.72
N ASP G 103 -47.25 28.90 30.14
CA ASP G 103 -46.02 29.55 29.70
C ASP G 103 -45.41 30.47 30.77
N SER G 104 -46.05 30.64 31.92
CA SER G 104 -45.48 31.47 32.98
C SER G 104 -44.30 30.74 33.60
N ALA G 105 -43.08 31.17 33.28
CA ALA G 105 -41.89 30.43 33.67
C ALA G 105 -40.67 31.29 33.40
N THR G 106 -39.49 30.74 33.72
CA THR G 106 -38.23 31.47 33.57
C THR G 106 -37.50 30.96 32.34
N TYR G 107 -37.04 31.88 31.50
CA TYR G 107 -36.39 31.55 30.23
C TYR G 107 -34.94 31.99 30.27
N PHE G 108 -34.07 31.14 29.73
CA PHE G 108 -32.64 31.40 29.71
C PHE G 108 -32.09 31.21 28.30
N CYS G 109 -31.07 32.00 27.96
CA CYS G 109 -30.28 31.79 26.76
C CYS G 109 -28.85 31.44 27.17
N GLN G 110 -28.29 30.40 26.56
CA GLN G 110 -26.97 29.90 26.90
C GLN G 110 -26.15 29.75 25.62
N GLN G 111 -24.84 29.94 25.74
CA GLN G 111 -23.92 29.77 24.63
C GLN G 111 -22.99 28.61 24.91
N TYR G 112 -22.71 27.81 23.88
CA TYR G 112 -21.80 26.68 23.99
C TYR G 112 -20.70 26.70 22.94
N ASN G 113 -20.56 27.81 22.20
CA ASN G 113 -19.59 27.84 21.11
C ASN G 113 -18.16 27.76 21.63
N THR G 114 -17.86 28.43 22.74
CA THR G 114 -16.52 28.45 23.29
C THR G 114 -16.58 28.28 24.80
N PHE G 115 -15.67 27.47 25.34
CA PHE G 115 -15.58 27.31 26.78
C PHE G 115 -15.03 28.59 27.41
N PRO G 116 -15.49 28.93 28.62
CA PRO G 116 -16.51 28.26 29.43
C PRO G 116 -17.92 28.61 28.97
N TRP G 117 -18.90 27.77 29.27
CA TRP G 117 -20.28 28.02 28.87
C TRP G 117 -20.96 28.91 29.91
N THR G 118 -21.73 29.89 29.43
CA THR G 118 -22.35 30.88 30.29
C THR G 118 -23.84 31.00 29.99
N PHE G 119 -24.64 31.17 31.03
CA PHE G 119 -26.07 31.38 30.91
C PHE G 119 -26.40 32.86 31.02
N GLY G 120 -27.58 33.21 30.51
CA GLY G 120 -28.09 34.55 30.69
C GLY G 120 -28.73 34.73 32.06
N ARG G 121 -29.16 35.97 32.33
CA ARG G 121 -29.82 36.25 33.60
C ARG G 121 -31.22 35.66 33.68
N GLY G 122 -31.90 35.49 32.55
CA GLY G 122 -33.21 34.88 32.57
C GLY G 122 -34.33 35.91 32.66
N THR G 123 -35.47 35.55 32.07
CA THR G 123 -36.65 36.40 32.07
C THR G 123 -37.83 35.61 32.61
N LYS G 124 -38.55 36.19 33.57
CA LYS G 124 -39.70 35.54 34.19
C LYS G 124 -40.96 36.01 33.48
N VAL G 125 -41.46 35.19 32.56
CA VAL G 125 -42.66 35.50 31.81
C VAL G 125 -43.88 35.15 32.66
N GLU G 126 -44.75 36.13 32.87
CA GLU G 126 -45.94 36.02 33.69
C GLU G 126 -47.18 36.20 32.82
N ILE G 127 -48.32 35.76 33.34
CA ILE G 127 -49.58 35.77 32.61
C ILE G 127 -50.49 36.84 33.19
N LYS G 128 -51.11 37.63 32.33
CA LYS G 128 -52.06 38.66 32.73
C LYS G 128 -53.48 38.16 32.48
N ARG G 129 -54.34 38.30 33.49
CA ARG G 129 -55.72 37.85 33.39
C ARG G 129 -56.61 38.82 34.15
N THR G 130 -57.89 38.48 34.24
CA THR G 130 -58.84 39.29 34.97
C THR G 130 -58.66 39.12 36.48
N VAL G 131 -59.13 40.13 37.22
CA VAL G 131 -59.02 40.12 38.68
C VAL G 131 -60.05 39.15 39.25
N ALA G 132 -59.61 38.30 40.18
CA ALA G 132 -60.45 37.30 40.81
C ALA G 132 -60.42 37.46 42.32
N ALA G 133 -61.58 37.34 42.95
CA ALA G 133 -61.69 37.46 44.39
C ALA G 133 -61.12 36.22 45.09
N PRO G 134 -60.47 36.41 46.23
CA PRO G 134 -59.90 35.27 46.96
C PRO G 134 -60.95 34.45 47.69
N SER G 135 -60.59 33.21 47.99
CA SER G 135 -61.35 32.36 48.89
C SER G 135 -60.61 32.32 50.22
N VAL G 136 -61.30 32.69 51.30
CA VAL G 136 -60.66 32.89 52.60
C VAL G 136 -60.97 31.70 53.50
N PHE G 137 -59.93 31.14 54.12
CA PHE G 137 -60.09 30.07 55.08
C PHE G 137 -59.19 30.33 56.28
N ILE G 138 -59.54 29.77 57.43
CA ILE G 138 -58.77 29.95 58.66
C ILE G 138 -58.76 28.63 59.43
N PHE G 139 -57.73 28.43 60.25
CA PHE G 139 -57.61 27.23 61.05
C PHE G 139 -56.71 27.42 62.26
N PRO G 140 -57.21 27.12 63.46
CA PRO G 140 -56.37 27.16 64.66
C PRO G 140 -55.42 25.97 64.70
N PRO G 141 -54.37 26.02 65.51
CA PRO G 141 -53.43 24.90 65.54
C PRO G 141 -54.06 23.63 66.09
N SER G 142 -53.56 22.49 65.62
CA SER G 142 -54.06 21.20 66.05
C SER G 142 -53.63 20.91 67.49
N ASP G 143 -54.34 19.98 68.13
CA ASP G 143 -54.04 19.62 69.50
C ASP G 143 -52.66 19.00 69.64
N GLU G 144 -52.23 18.23 68.64
CA GLU G 144 -50.90 17.62 68.69
C GLU G 144 -49.81 18.69 68.73
N GLN G 145 -49.97 19.76 67.95
CA GLN G 145 -49.02 20.87 68.02
C GLN G 145 -49.14 21.63 69.33
N LEU G 146 -50.36 21.75 69.87
CA LEU G 146 -50.53 22.40 71.17
C LEU G 146 -49.83 21.64 72.28
N LYS G 147 -49.73 20.31 72.15
CA LYS G 147 -49.02 19.52 73.15
C LYS G 147 -47.54 19.87 73.21
N SER G 148 -46.99 20.44 72.16
CA SER G 148 -45.57 20.80 72.10
C SER G 148 -45.29 22.19 72.68
N GLY G 149 -46.32 22.92 73.09
CA GLY G 149 -46.14 24.24 73.64
C GLY G 149 -46.10 25.37 72.62
N THR G 150 -46.27 25.07 71.34
CA THR G 150 -46.27 26.07 70.28
C THR G 150 -47.58 26.00 69.52
N ALA G 151 -48.14 27.16 69.19
CA ALA G 151 -49.43 27.25 68.50
C ALA G 151 -49.26 28.06 67.23
N SER G 152 -49.73 27.51 66.12
CA SER G 152 -49.65 28.17 64.82
C SER G 152 -51.06 28.28 64.23
N VAL G 153 -51.56 29.50 64.14
CA VAL G 153 -52.85 29.77 63.49
C VAL G 153 -52.59 30.14 62.04
N VAL G 154 -53.25 29.46 61.11
CA VAL G 154 -52.97 29.60 59.69
C VAL G 154 -54.23 30.06 58.96
N CYS G 155 -54.12 31.14 58.20
CA CYS G 155 -55.22 31.60 57.36
C CYS G 155 -54.74 31.72 55.92
N LEU G 156 -55.58 31.24 55.01
CA LEU G 156 -55.19 31.05 53.62
C LEU G 156 -56.13 31.80 52.69
N LEU G 157 -55.54 32.40 51.65
CA LEU G 157 -56.26 33.01 50.55
C LEU G 157 -55.99 32.19 49.29
N ASN G 158 -57.06 31.72 48.65
CA ASN G 158 -56.95 30.83 47.50
C ASN G 158 -57.44 31.52 46.24
N ASN G 159 -56.74 31.25 45.14
CA ASN G 159 -57.09 31.67 43.79
C ASN G 159 -57.52 33.14 43.73
N PHE G 160 -56.56 34.01 44.04
CA PHE G 160 -56.75 35.45 43.93
C PHE G 160 -55.71 36.03 42.98
N TYR G 161 -56.15 36.94 42.12
CA TYR G 161 -55.30 37.63 41.18
C TYR G 161 -55.65 39.12 41.19
N PRO G 162 -54.65 40.02 41.15
CA PRO G 162 -53.20 39.76 41.07
C PRO G 162 -52.61 39.29 42.40
N ARG G 163 -51.29 39.13 42.46
CA ARG G 163 -50.65 38.54 43.63
C ARG G 163 -50.62 39.51 44.81
N GLU G 164 -50.57 40.82 44.54
CA GLU G 164 -50.45 41.80 45.61
C GLU G 164 -51.73 41.85 46.44
N ALA G 165 -51.58 41.77 47.75
CA ALA G 165 -52.69 41.80 48.67
C ALA G 165 -52.18 42.20 50.05
N LYS G 166 -53.10 42.61 50.92
CA LYS G 166 -52.79 43.02 52.28
C LYS G 166 -53.37 42.01 53.25
N VAL G 167 -52.54 41.55 54.19
CA VAL G 167 -52.95 40.57 55.19
C VAL G 167 -52.57 41.10 56.57
N GLN G 168 -53.52 41.04 57.51
CA GLN G 168 -53.29 41.49 58.87
C GLN G 168 -53.86 40.48 59.86
N TRP G 169 -53.23 40.41 61.04
CA TRP G 169 -53.65 39.53 62.12
C TRP G 169 -54.21 40.37 63.26
N LYS G 170 -55.30 39.91 63.86
CA LYS G 170 -55.89 40.57 65.02
C LYS G 170 -56.16 39.52 66.09
N VAL G 171 -55.47 39.62 67.22
CA VAL G 171 -55.67 38.75 68.35
C VAL G 171 -56.33 39.56 69.46
N ASP G 172 -57.59 39.21 69.76
CA ASP G 172 -58.42 39.96 70.70
C ASP G 172 -58.42 41.45 70.34
N ASN G 173 -58.89 41.71 69.11
CA ASN G 173 -59.04 43.06 68.54
C ASN G 173 -57.74 43.87 68.58
N ALA G 174 -56.61 43.21 68.77
CA ALA G 174 -55.31 43.88 68.84
C ALA G 174 -54.45 43.45 67.66
N LEU G 175 -53.89 44.42 66.95
CA LEU G 175 -53.04 44.13 65.81
C LEU G 175 -51.74 43.47 66.26
N GLN G 176 -51.29 42.48 65.47
CA GLN G 176 -50.08 41.74 65.77
C GLN G 176 -49.04 41.99 64.68
N SER G 177 -47.81 42.28 65.10
CA SER G 177 -46.72 42.54 64.18
C SER G 177 -45.45 41.86 64.69
N GLY G 178 -44.60 41.44 63.76
CA GLY G 178 -43.35 40.80 64.10
C GLY G 178 -43.45 39.34 64.47
N ASN G 179 -44.64 38.73 64.35
CA ASN G 179 -44.83 37.33 64.72
C ASN G 179 -45.61 36.56 63.66
N SER G 180 -45.71 37.10 62.45
CA SER G 180 -46.46 36.46 61.37
C SER G 180 -45.54 36.26 60.17
N GLN G 181 -45.74 35.16 59.46
CA GLN G 181 -44.96 34.83 58.27
C GLN G 181 -45.92 34.54 57.12
N GLU G 182 -45.65 35.16 55.97
CA GLU G 182 -46.48 35.00 54.79
C GLU G 182 -45.72 34.21 53.73
N SER G 183 -46.37 33.20 53.17
CA SER G 183 -45.79 32.37 52.12
C SER G 183 -46.70 32.42 50.90
N VAL G 184 -46.13 32.73 49.74
CA VAL G 184 -46.86 32.88 48.49
C VAL G 184 -46.34 31.88 47.49
N THR G 185 -47.24 31.09 46.91
CA THR G 185 -46.87 30.17 45.85
C THR G 185 -46.79 30.90 44.52
N GLU G 186 -46.17 30.26 43.54
CA GLU G 186 -46.05 30.83 42.22
C GLU G 186 -47.39 30.75 41.48
N GLN G 187 -47.46 31.46 40.36
CA GLN G 187 -48.69 31.52 39.59
C GLN G 187 -49.06 30.13 39.06
N ASP G 188 -50.35 29.82 39.13
CA ASP G 188 -50.83 28.54 38.66
C ASP G 188 -50.69 28.42 37.14
N SER G 189 -50.50 27.19 36.68
CA SER G 189 -50.33 26.92 35.26
C SER G 189 -51.64 26.65 34.53
N LYS G 190 -52.77 26.69 35.24
CA LYS G 190 -54.07 26.42 34.64
C LYS G 190 -54.95 27.67 34.53
N ASP G 191 -55.19 28.35 35.65
CA ASP G 191 -56.00 29.56 35.64
C ASP G 191 -55.22 30.83 35.95
N SER G 192 -53.92 30.72 36.20
CA SER G 192 -53.05 31.86 36.51
C SER G 192 -53.57 32.65 37.70
N THR G 193 -53.62 31.96 38.84
CA THR G 193 -54.08 32.56 40.09
C THR G 193 -53.08 32.24 41.21
N TYR G 194 -52.99 33.14 42.17
CA TYR G 194 -52.06 33.02 43.27
C TYR G 194 -52.74 32.50 44.53
N SER G 195 -51.93 32.01 45.47
CA SER G 195 -52.40 31.55 46.76
C SER G 195 -51.43 32.02 47.83
N LEU G 196 -51.96 32.46 48.97
CA LEU G 196 -51.15 32.99 50.06
C LEU G 196 -51.54 32.30 51.37
N SER G 197 -50.56 32.12 52.23
CA SER G 197 -50.77 31.54 53.55
C SER G 197 -50.09 32.41 54.59
N SER G 198 -50.85 32.86 55.59
CA SER G 198 -50.32 33.65 56.70
C SER G 198 -50.36 32.79 57.95
N THR G 199 -49.19 32.60 58.57
CA THR G 199 -49.05 31.79 59.76
C THR G 199 -48.61 32.66 60.91
N LEU G 200 -49.38 32.64 61.99
CA LEU G 200 -49.05 33.35 63.23
C LEU G 200 -48.63 32.32 64.27
N THR G 201 -47.40 32.40 64.72
CA THR G 201 -46.82 31.41 65.63
C THR G 201 -46.54 32.04 66.99
N LEU G 202 -47.12 31.45 68.03
CA LEU G 202 -46.93 31.93 69.40
C LEU G 202 -46.66 30.73 70.30
N SER G 203 -46.38 31.03 71.57
CA SER G 203 -46.26 29.99 72.57
C SER G 203 -47.64 29.51 73.02
N LYS G 204 -47.66 28.39 73.74
CA LYS G 204 -48.92 27.85 74.22
C LYS G 204 -49.59 28.81 75.21
N ALA G 205 -48.79 29.43 76.09
CA ALA G 205 -49.36 30.36 77.06
C ALA G 205 -50.00 31.56 76.37
N ASP G 206 -49.33 32.09 75.34
CA ASP G 206 -49.92 33.19 74.58
C ASP G 206 -51.19 32.76 73.83
N TYR G 207 -51.25 31.51 73.36
CA TYR G 207 -52.43 31.03 72.66
C TYR G 207 -53.61 30.88 73.60
N GLU G 208 -53.39 30.32 74.78
CA GLU G 208 -54.46 30.15 75.76
C GLU G 208 -54.78 31.42 76.52
N LYS G 209 -53.93 32.45 76.44
CA LYS G 209 -54.23 33.73 77.04
C LYS G 209 -55.43 34.39 76.37
N HIS G 210 -55.49 34.32 75.04
CA HIS G 210 -56.52 35.01 74.28
C HIS G 210 -57.56 34.01 73.77
N LYS G 211 -58.67 34.56 73.25
CA LYS G 211 -59.78 33.76 72.78
C LYS G 211 -60.09 33.98 71.31
N VAL G 212 -60.17 35.23 70.86
CA VAL G 212 -60.60 35.57 69.51
C VAL G 212 -59.36 35.83 68.66
N TYR G 213 -59.31 35.19 67.49
CA TYR G 213 -58.23 35.38 66.53
C TYR G 213 -58.82 35.55 65.15
N ALA G 214 -58.32 36.53 64.39
CA ALA G 214 -58.91 36.87 63.11
C ALA G 214 -57.82 37.28 62.12
N CYS G 215 -58.11 37.04 60.84
CA CYS G 215 -57.30 37.51 59.72
C CYS G 215 -58.12 38.45 58.86
N GLU G 216 -57.52 39.58 58.51
CA GLU G 216 -58.16 40.57 57.66
C GLU G 216 -57.40 40.67 56.34
N VAL G 217 -58.12 40.57 55.23
CA VAL G 217 -57.53 40.53 53.90
C VAL G 217 -58.10 41.67 53.07
N THR G 218 -57.21 42.43 52.45
CA THR G 218 -57.58 43.49 51.51
C THR G 218 -57.06 43.13 50.13
N HIS G 219 -57.96 43.14 49.15
CA HIS G 219 -57.63 42.75 47.79
C HIS G 219 -58.22 43.77 46.83
N GLN G 220 -57.58 43.89 45.65
CA GLN G 220 -58.03 44.86 44.66
C GLN G 220 -59.45 44.56 44.21
N GLY G 221 -59.77 43.27 43.97
CA GLY G 221 -61.10 42.89 43.54
C GLY G 221 -62.16 42.84 44.62
N LEU G 222 -61.77 43.01 45.88
CA LEU G 222 -62.70 43.02 46.99
C LEU G 222 -63.12 44.45 47.30
N SER G 223 -64.44 44.70 47.32
CA SER G 223 -64.93 46.02 47.65
C SER G 223 -64.56 46.41 49.07
N SER G 224 -64.66 45.48 50.00
CA SER G 224 -64.31 45.70 51.40
C SER G 224 -63.40 44.57 51.88
N PRO G 225 -62.54 44.84 52.86
CA PRO G 225 -61.70 43.77 53.40
C PRO G 225 -62.53 42.67 54.01
N VAL G 226 -62.07 41.42 53.84
CA VAL G 226 -62.76 40.24 54.36
C VAL G 226 -62.04 39.79 55.62
N THR G 227 -62.81 39.62 56.70
CA THR G 227 -62.27 39.20 57.98
C THR G 227 -62.81 37.83 58.35
N LYS G 228 -61.91 36.90 58.62
CA LYS G 228 -62.26 35.57 59.11
C LYS G 228 -61.80 35.44 60.55
N SER G 229 -62.72 35.16 61.45
CA SER G 229 -62.44 35.14 62.88
C SER G 229 -62.93 33.84 63.50
N PHE G 230 -62.29 33.47 64.60
CA PHE G 230 -62.72 32.31 65.38
C PHE G 230 -62.43 32.57 66.85
N ASN G 231 -63.10 31.77 67.69
CA ASN G 231 -62.95 31.85 69.14
C ASN G 231 -62.32 30.58 69.66
N ARG G 232 -61.35 30.71 70.56
CA ARG G 232 -60.68 29.56 71.12
C ARG G 232 -61.65 28.71 71.93
N GLY G 233 -61.55 27.39 71.76
CA GLY G 233 -62.43 26.45 72.42
C GLY G 233 -63.74 26.18 71.73
N GLU G 234 -63.94 26.71 70.52
CA GLU G 234 -65.17 26.52 69.77
C GLU G 234 -64.87 25.91 68.41
N CYS G 235 -65.78 25.08 67.93
CA CYS G 235 -65.65 24.48 66.60
C CYS G 235 -66.25 25.40 65.53
N GLU H 21 -0.85 21.26 -38.26
CA GLU H 21 -0.85 22.58 -37.65
C GLU H 21 -2.19 22.88 -36.99
N VAL H 22 -2.28 24.02 -36.31
CA VAL H 22 -3.47 24.43 -35.58
C VAL H 22 -4.10 25.62 -36.31
N GLN H 23 -5.42 25.55 -36.51
CA GLN H 23 -6.14 26.60 -37.22
C GLN H 23 -7.43 26.94 -36.49
N LEU H 24 -7.81 28.22 -36.57
CA LEU H 24 -9.02 28.73 -35.94
C LEU H 24 -9.90 29.38 -37.00
N VAL H 25 -11.19 29.05 -36.98
CA VAL H 25 -12.16 29.56 -37.94
C VAL H 25 -13.27 30.26 -37.17
N GLN H 26 -13.58 31.49 -37.58
CA GLN H 26 -14.58 32.31 -36.92
C GLN H 26 -15.79 32.52 -37.83
N SER H 27 -16.82 33.15 -37.27
CA SER H 27 -18.04 33.42 -38.01
C SER H 27 -17.89 34.69 -38.85
N GLY H 28 -18.99 35.13 -39.46
CA GLY H 28 -18.98 36.27 -40.34
C GLY H 28 -19.19 37.58 -39.60
N ALA H 29 -19.32 38.65 -40.38
CA ALA H 29 -19.53 39.98 -39.82
C ALA H 29 -20.91 40.09 -39.17
N GLU H 30 -21.01 41.00 -38.20
CA GLU H 30 -22.24 41.18 -37.44
C GLU H 30 -22.58 42.66 -37.35
N LEU H 31 -23.87 42.96 -37.55
CA LEU H 31 -24.40 44.29 -37.34
C LEU H 31 -25.58 44.19 -36.37
N LYS H 32 -25.58 45.03 -35.35
CA LYS H 32 -26.57 44.98 -34.28
C LYS H 32 -27.03 46.39 -33.93
N LYS H 33 -27.92 46.46 -32.95
CA LYS H 33 -28.46 47.71 -32.45
C LYS H 33 -28.00 47.96 -31.02
N ALA H 34 -28.12 49.22 -30.59
CA ALA H 34 -27.72 49.59 -29.25
C ALA H 34 -28.61 48.87 -28.23
N GLY H 35 -27.97 48.35 -27.18
CA GLY H 35 -28.67 47.63 -26.14
C GLY H 35 -28.94 46.17 -26.42
N SER H 36 -28.57 45.66 -27.58
CA SER H 36 -28.80 44.27 -27.93
C SER H 36 -27.60 43.43 -27.51
N SER H 37 -27.55 42.17 -27.95
CA SER H 37 -26.47 41.26 -27.61
C SER H 37 -25.93 40.60 -28.87
N VAL H 38 -24.65 40.25 -28.83
CA VAL H 38 -23.96 39.63 -29.96
C VAL H 38 -23.26 38.37 -29.48
N LYS H 39 -23.21 37.37 -30.37
CA LYS H 39 -22.57 36.10 -30.07
C LYS H 39 -21.65 35.72 -31.22
N LEU H 40 -20.42 35.31 -30.89
CA LEU H 40 -19.42 34.90 -31.86
C LEU H 40 -18.92 33.52 -31.50
N SER H 41 -18.51 32.77 -32.52
CA SER H 41 -18.03 31.39 -32.35
C SER H 41 -16.65 31.24 -32.98
N CYS H 42 -15.87 30.33 -32.41
CA CYS H 42 -14.50 30.08 -32.88
C CYS H 42 -14.24 28.59 -32.79
N GLN H 43 -13.94 27.96 -33.93
CA GLN H 43 -13.74 26.52 -34.01
C GLN H 43 -12.27 26.22 -34.28
N ALA H 44 -11.74 25.21 -33.58
CA ALA H 44 -10.32 24.89 -33.61
C ALA H 44 -10.09 23.54 -34.28
N TYR H 45 -9.02 23.46 -35.06
CA TYR H 45 -8.60 22.22 -35.70
C TYR H 45 -7.12 22.00 -35.45
N GLY H 46 -6.76 20.80 -35.01
CA GLY H 46 -5.38 20.39 -34.90
C GLY H 46 -4.81 20.21 -33.51
N VAL H 47 -5.62 20.38 -32.46
CA VAL H 47 -5.16 20.21 -31.09
C VAL H 47 -6.24 19.50 -30.28
N ALA H 48 -5.85 19.04 -29.09
CA ALA H 48 -6.83 18.60 -28.10
C ALA H 48 -7.50 19.81 -27.49
N PHE H 49 -8.84 19.80 -27.48
CA PHE H 49 -9.59 21.01 -27.14
C PHE H 49 -9.55 21.30 -25.64
N SER H 50 -9.60 20.26 -24.82
CA SER H 50 -9.81 20.47 -23.38
C SER H 50 -8.60 21.05 -22.67
N THR H 51 -7.39 20.84 -23.20
CA THR H 51 -6.18 21.26 -22.52
C THR H 51 -5.45 22.40 -23.25
N TYR H 52 -6.17 23.15 -24.07
CA TYR H 52 -5.61 24.25 -24.84
C TYR H 52 -6.29 25.55 -24.43
N SER H 53 -5.51 26.57 -24.12
CA SER H 53 -6.07 27.83 -23.65
C SER H 53 -6.58 28.65 -24.82
N PHE H 54 -7.79 29.19 -24.70
CA PHE H 54 -8.42 30.01 -25.72
C PHE H 54 -8.72 31.39 -25.17
N HIS H 55 -8.46 32.42 -25.96
CA HIS H 55 -8.63 33.80 -25.54
C HIS H 55 -9.39 34.59 -26.59
N TRP H 56 -10.14 35.58 -26.14
CA TRP H 56 -10.86 36.52 -26.99
C TRP H 56 -10.28 37.91 -26.79
N VAL H 57 -9.93 38.56 -27.91
CA VAL H 57 -9.35 39.89 -27.92
C VAL H 57 -10.17 40.75 -28.88
N ARG H 58 -10.04 42.06 -28.75
CA ARG H 58 -10.70 42.98 -29.67
C ARG H 58 -9.78 44.14 -30.01
N GLN H 59 -10.04 44.75 -31.16
CA GLN H 59 -9.28 45.89 -31.65
C GLN H 59 -10.23 46.91 -32.24
N ALA H 60 -10.25 48.12 -31.68
CA ALA H 60 -11.07 49.18 -32.22
C ALA H 60 -10.42 49.77 -33.47
N PRO H 61 -11.22 50.34 -34.38
CA PRO H 61 -10.63 50.95 -35.59
C PRO H 61 -9.72 52.12 -35.27
N GLY H 62 -8.42 51.96 -35.53
CA GLY H 62 -7.45 53.00 -35.30
C GLY H 62 -6.79 52.97 -33.93
N GLN H 63 -7.24 52.10 -33.03
CA GLN H 63 -6.65 51.98 -31.71
C GLN H 63 -5.89 50.67 -31.59
N GLY H 64 -5.38 50.39 -30.39
CA GLY H 64 -4.59 49.20 -30.12
C GLY H 64 -5.46 48.00 -29.80
N LEU H 65 -4.79 46.95 -29.30
CA LEU H 65 -5.44 45.71 -28.92
C LEU H 65 -5.90 45.76 -27.48
N GLU H 66 -6.96 45.01 -27.18
CA GLU H 66 -7.56 44.99 -25.85
C GLU H 66 -7.93 43.55 -25.51
N TRP H 67 -7.16 42.92 -24.63
CA TRP H 67 -7.41 41.54 -24.24
C TRP H 67 -8.70 41.47 -23.44
N LEU H 68 -9.73 40.82 -24.02
CA LEU H 68 -11.02 40.76 -23.36
C LEU H 68 -11.07 39.64 -22.32
N GLY H 69 -10.78 38.40 -22.73
CA GLY H 69 -10.85 37.30 -21.80
C GLY H 69 -10.10 36.08 -22.30
N GLY H 70 -10.08 35.04 -21.47
CA GLY H 70 -9.45 33.79 -21.86
C GLY H 70 -9.58 32.75 -20.76
N PHE H 71 -9.44 31.49 -21.15
CA PHE H 71 -9.60 30.41 -20.20
C PHE H 71 -9.08 29.10 -20.79
N ILE H 72 -8.86 28.12 -19.91
CA ILE H 72 -8.64 26.73 -20.28
C ILE H 72 -9.95 25.98 -20.08
N PRO H 73 -10.49 25.30 -21.09
CA PRO H 73 -11.80 24.65 -20.93
C PRO H 73 -11.85 23.63 -19.81
N LEU H 74 -10.75 22.94 -19.54
CA LEU H 74 -10.75 21.90 -18.50
C LEU H 74 -10.99 22.50 -17.12
N VAL H 75 -10.37 23.64 -16.83
CA VAL H 75 -10.53 24.26 -15.52
C VAL H 75 -11.97 24.72 -15.32
N GLY H 76 -12.54 25.40 -16.31
CA GLY H 76 -13.93 25.76 -16.29
C GLY H 76 -14.27 27.11 -15.69
N LYS H 77 -13.29 27.86 -15.23
CA LYS H 77 -13.53 29.19 -14.65
C LYS H 77 -12.79 30.25 -15.45
N PRO H 78 -13.47 30.95 -16.36
CA PRO H 78 -12.79 31.94 -17.19
C PRO H 78 -12.35 33.16 -16.41
N ASN H 79 -11.46 33.94 -17.04
CA ASN H 79 -10.96 35.18 -16.48
C ASN H 79 -11.37 36.35 -17.36
N TYR H 80 -11.83 37.43 -16.73
CA TYR H 80 -12.34 38.59 -17.45
C TYR H 80 -11.63 39.85 -17.00
N THR H 81 -11.71 40.88 -17.85
CA THR H 81 -11.24 42.20 -17.49
C THR H 81 -12.32 42.94 -16.70
N ASN H 82 -11.89 43.72 -15.70
CA ASN H 82 -12.85 44.37 -14.81
C ASN H 82 -13.73 45.37 -15.56
N LYS H 83 -13.23 45.94 -16.66
CA LYS H 83 -14.05 46.85 -17.44
C LYS H 83 -15.25 46.14 -18.07
N PHE H 84 -15.04 44.93 -18.57
CA PHE H 84 -16.10 44.16 -19.22
C PHE H 84 -16.79 43.19 -18.29
N ARG H 85 -16.52 43.26 -16.98
CA ARG H 85 -17.18 42.39 -16.02
C ARG H 85 -18.68 42.70 -15.99
N GLY H 86 -19.49 41.64 -16.02
CA GLY H 86 -20.92 41.77 -16.04
C GLY H 86 -21.54 41.94 -17.42
N ARG H 87 -20.72 42.04 -18.47
CA ARG H 87 -21.21 42.20 -19.83
C ARG H 87 -20.71 41.12 -20.77
N LEU H 88 -19.71 40.32 -20.38
CA LEU H 88 -19.06 39.37 -21.27
C LEU H 88 -19.20 37.96 -20.71
N THR H 89 -19.46 37.01 -21.59
CA THR H 89 -19.55 35.61 -21.20
C THR H 89 -18.76 34.77 -22.20
N ILE H 90 -17.88 33.90 -21.68
CA ILE H 90 -17.07 33.02 -22.52
C ILE H 90 -17.40 31.59 -22.15
N THR H 91 -17.81 30.80 -23.13
CA THR H 91 -18.21 29.42 -22.92
C THR H 91 -17.53 28.52 -23.95
N ALA H 92 -17.62 27.21 -23.74
CA ALA H 92 -16.98 26.26 -24.63
C ALA H 92 -17.92 25.09 -24.89
N ASP H 93 -17.68 24.39 -26.00
CA ASP H 93 -18.45 23.22 -26.39
C ASP H 93 -17.46 22.22 -26.96
N GLU H 94 -17.14 21.18 -26.18
CA GLU H 94 -16.14 20.21 -26.59
C GLU H 94 -16.69 19.26 -27.66
N SER H 95 -18.01 19.03 -27.66
CA SER H 95 -18.59 18.17 -28.69
C SER H 95 -18.40 18.77 -30.08
N ALA H 96 -18.63 20.07 -30.22
CA ALA H 96 -18.35 20.78 -31.46
C ALA H 96 -16.97 21.43 -31.48
N ARG H 97 -16.25 21.40 -30.34
CA ARG H 97 -14.92 22.01 -30.22
C ARG H 97 -14.95 23.48 -30.60
N THR H 98 -15.97 24.19 -30.14
CA THR H 98 -16.13 25.61 -30.45
C THR H 98 -16.24 26.42 -29.18
N THR H 99 -15.55 27.56 -29.15
CA THR H 99 -15.66 28.50 -28.04
C THR H 99 -16.54 29.67 -28.45
N TYR H 100 -17.46 30.04 -27.57
CA TYR H 100 -18.45 31.08 -27.83
C TYR H 100 -18.20 32.27 -26.92
N MET H 101 -18.38 33.47 -27.49
CA MET H 101 -18.27 34.72 -26.76
C MET H 101 -19.56 35.51 -26.93
N GLU H 102 -20.16 35.90 -25.81
CA GLU H 102 -21.40 36.68 -25.82
C GLU H 102 -21.15 38.03 -25.16
N LEU H 103 -21.50 39.10 -25.86
CA LEU H 103 -21.35 40.46 -25.37
C LEU H 103 -22.71 41.13 -25.35
N ARG H 104 -23.08 41.67 -24.20
CA ARG H 104 -24.39 42.27 -23.98
C ARG H 104 -24.27 43.75 -23.71
N SER H 105 -25.38 44.46 -23.91
CA SER H 105 -25.47 45.91 -23.70
C SER H 105 -24.45 46.65 -24.56
N LEU H 106 -24.61 46.50 -25.87
CA LEU H 106 -23.71 47.13 -26.82
C LEU H 106 -23.85 48.64 -26.78
N ARG H 107 -22.72 49.34 -26.87
CA ARG H 107 -22.68 50.80 -26.89
C ARG H 107 -22.08 51.27 -28.21
N SER H 108 -21.99 52.59 -28.35
CA SER H 108 -21.55 53.17 -29.62
C SER H 108 -20.08 52.87 -29.91
N ASP H 109 -19.30 52.53 -28.90
CA ASP H 109 -17.87 52.28 -29.06
C ASP H 109 -17.54 50.80 -29.16
N ASP H 110 -18.54 49.92 -29.30
CA ASP H 110 -18.32 48.49 -29.39
C ASP H 110 -18.07 48.01 -30.81
N THR H 111 -18.11 48.90 -31.80
CA THR H 111 -17.79 48.51 -33.17
C THR H 111 -16.30 48.28 -33.30
N ALA H 112 -15.90 47.04 -33.58
CA ALA H 112 -14.48 46.69 -33.58
C ALA H 112 -14.31 45.34 -34.27
N ILE H 113 -13.05 44.92 -34.38
CA ILE H 113 -12.69 43.62 -34.94
C ILE H 113 -12.32 42.70 -33.79
N TYR H 114 -13.00 41.56 -33.69
CA TYR H 114 -12.81 40.62 -32.59
C TYR H 114 -12.01 39.42 -33.09
N TYR H 115 -10.97 39.08 -32.34
CA TYR H 115 -10.05 37.99 -32.68
C TYR H 115 -10.14 36.88 -31.64
N CYS H 116 -10.00 35.65 -32.13
CA CYS H 116 -9.93 34.45 -31.31
C CYS H 116 -8.52 33.89 -31.40
N ALA H 117 -7.87 33.72 -30.24
CA ALA H 117 -6.49 33.29 -30.21
C ALA H 117 -6.36 32.05 -29.33
N GLY H 118 -5.28 31.32 -29.54
CA GLY H 118 -5.02 30.11 -28.78
C GLY H 118 -3.58 30.03 -28.33
N GLY H 119 -3.38 29.33 -27.22
CA GLY H 119 -2.04 29.15 -26.68
C GLY H 119 -1.97 27.93 -25.81
N GLY H 120 -0.75 27.46 -25.58
CA GLY H 120 -0.49 26.29 -24.77
C GLY H 120 -0.09 26.66 -23.35
N ALA H 121 -0.45 25.79 -22.41
CA ALA H 121 -0.14 26.00 -21.01
C ALA H 121 0.28 24.68 -20.38
N TYR H 122 0.93 24.78 -19.22
CA TYR H 122 1.29 23.60 -18.44
C TYR H 122 1.04 23.90 -16.97
N SER H 123 1.21 22.87 -16.14
CA SER H 123 0.92 22.95 -14.72
C SER H 123 2.14 22.50 -13.91
N SER H 124 2.44 23.24 -12.86
CA SER H 124 3.52 22.90 -11.95
C SER H 124 3.02 22.34 -10.62
N GLY H 125 1.73 22.10 -10.50
CA GLY H 125 1.16 21.49 -9.32
C GLY H 125 0.54 22.50 -8.38
N GLY H 126 -0.45 22.05 -7.63
CA GLY H 126 -1.12 22.91 -6.66
C GLY H 126 -1.92 24.05 -7.26
N GLY H 127 -2.54 23.84 -8.42
CA GLY H 127 -3.35 24.86 -9.03
C GLY H 127 -2.60 25.95 -9.75
N ARG H 128 -1.32 25.75 -10.03
CA ARG H 128 -0.51 26.73 -10.75
C ARG H 128 -0.49 26.38 -12.23
N PHE H 129 -0.79 27.36 -13.07
CA PHE H 129 -0.74 27.19 -14.52
C PHE H 129 0.16 28.25 -15.13
N HIS H 130 0.99 27.84 -16.07
CA HIS H 130 1.93 28.72 -16.75
C HIS H 130 1.65 28.70 -18.25
N TYR H 131 1.62 29.88 -18.84
CA TYR H 131 1.22 30.08 -20.23
C TYR H 131 2.43 30.49 -21.08
N PHE H 132 2.19 30.67 -22.37
CA PHE H 132 3.23 31.07 -23.29
C PHE H 132 2.79 32.17 -24.26
N GLY H 133 1.58 32.66 -24.16
CA GLY H 133 1.08 33.70 -25.03
C GLY H 133 -0.05 33.22 -25.93
N MET H 134 -0.13 33.83 -27.10
CA MET H 134 -1.14 33.50 -28.11
C MET H 134 -0.42 33.29 -29.45
N ALA H 135 -0.11 32.03 -29.75
CA ALA H 135 0.65 31.73 -30.96
C ALA H 135 -0.23 31.60 -32.19
N VAL H 136 -1.51 31.25 -32.02
CA VAL H 136 -2.43 31.04 -33.14
C VAL H 136 -3.50 32.12 -33.07
N TRP H 137 -3.75 32.77 -34.20
CA TRP H 137 -4.74 33.82 -34.30
C TRP H 137 -5.76 33.51 -35.39
N GLY H 138 -7.00 33.93 -35.15
CA GLY H 138 -8.03 33.83 -36.17
C GLY H 138 -7.99 35.01 -37.13
N GLN H 139 -8.89 34.97 -38.10
CA GLN H 139 -8.95 36.05 -39.09
C GLN H 139 -9.73 37.26 -38.59
N GLY H 140 -10.49 37.12 -37.52
CA GLY H 140 -11.22 38.25 -36.97
C GLY H 140 -12.60 38.40 -37.57
N SER H 141 -13.50 39.00 -36.78
CA SER H 141 -14.86 39.27 -37.23
C SER H 141 -15.21 40.72 -36.87
N THR H 142 -15.83 41.42 -37.83
CA THR H 142 -16.16 42.82 -37.64
C THR H 142 -17.57 42.95 -37.06
N VAL H 143 -17.69 43.67 -35.95
CA VAL H 143 -18.97 43.88 -35.29
C VAL H 143 -19.26 45.37 -35.27
N THR H 144 -20.42 45.76 -35.77
CA THR H 144 -20.81 47.16 -35.87
C THR H 144 -22.23 47.35 -35.34
N VAL H 145 -22.43 48.42 -34.58
CA VAL H 145 -23.74 48.81 -34.07
C VAL H 145 -24.00 50.25 -34.48
N SER H 146 -25.15 50.48 -35.09
CA SER H 146 -25.53 51.81 -35.55
C SER H 146 -27.03 51.83 -35.82
N SER H 147 -27.57 53.04 -36.00
CA SER H 147 -28.98 53.20 -36.29
C SER H 147 -29.32 52.96 -37.76
N ALA H 148 -28.33 52.86 -38.63
CA ALA H 148 -28.57 52.64 -40.05
C ALA H 148 -28.91 51.17 -40.32
N SER H 149 -29.39 50.92 -41.53
CA SER H 149 -29.77 49.59 -41.97
C SER H 149 -28.85 49.13 -43.08
N THR H 150 -29.00 47.86 -43.46
CA THR H 150 -28.18 47.28 -44.50
C THR H 150 -28.49 47.91 -45.86
N LYS H 151 -27.48 47.97 -46.72
CA LYS H 151 -27.63 48.58 -48.04
C LYS H 151 -26.71 47.84 -49.01
N GLY H 152 -27.28 47.37 -50.12
CA GLY H 152 -26.53 46.67 -51.13
C GLY H 152 -25.52 47.57 -51.83
N PRO H 153 -24.32 47.03 -52.06
CA PRO H 153 -23.28 47.84 -52.69
C PRO H 153 -23.58 48.14 -54.15
N SER H 154 -23.06 49.28 -54.61
CA SER H 154 -23.15 49.70 -56.01
C SER H 154 -21.75 49.74 -56.60
N VAL H 155 -21.58 49.10 -57.74
CA VAL H 155 -20.27 48.92 -58.37
C VAL H 155 -20.24 49.69 -59.68
N PHE H 156 -19.20 50.49 -59.88
CA PHE H 156 -19.01 51.22 -61.12
C PHE H 156 -17.61 51.01 -61.66
N PRO H 157 -17.48 50.60 -62.92
CA PRO H 157 -16.15 50.27 -63.47
C PRO H 157 -15.39 51.52 -63.89
N LEU H 158 -14.27 51.79 -63.22
CA LEU H 158 -13.34 52.82 -63.67
C LEU H 158 -12.58 52.29 -64.88
N ALA H 159 -13.08 52.62 -66.07
CA ALA H 159 -12.58 52.11 -67.34
C ALA H 159 -11.33 52.88 -67.78
N PRO H 160 -10.28 52.16 -68.19
CA PRO H 160 -9.05 52.84 -68.62
C PRO H 160 -9.27 53.60 -69.92
N SER H 161 -8.47 54.64 -70.11
CA SER H 161 -8.55 55.47 -71.29
C SER H 161 -7.15 56.00 -71.60
N SER H 162 -7.07 56.94 -72.55
CA SER H 162 -5.78 57.53 -72.90
C SER H 162 -5.21 58.34 -71.74
N LYS H 163 -6.06 58.95 -70.92
CA LYS H 163 -5.60 59.73 -69.79
C LYS H 163 -5.02 58.87 -68.68
N SER H 164 -5.29 57.56 -68.66
CA SER H 164 -4.79 56.66 -67.63
C SER H 164 -3.55 55.90 -68.07
N THR H 165 -2.99 56.22 -69.23
CA THR H 165 -1.82 55.52 -69.75
C THR H 165 -0.59 56.42 -69.60
N SER H 166 0.47 55.86 -69.01
CA SER H 166 1.71 56.60 -68.83
C SER H 166 2.87 55.62 -68.97
N GLY H 167 3.66 55.78 -70.02
CA GLY H 167 4.81 54.90 -70.25
C GLY H 167 4.42 53.46 -70.52
N GLY H 168 3.35 53.25 -71.29
CA GLY H 168 2.92 51.92 -71.63
C GLY H 168 2.11 51.19 -70.56
N THR H 169 1.84 51.85 -69.43
CA THR H 169 1.08 51.24 -68.34
C THR H 169 -0.22 52.01 -68.17
N ALA H 170 -1.34 51.31 -68.22
CA ALA H 170 -2.67 51.91 -68.08
C ALA H 170 -3.32 51.41 -66.81
N ALA H 171 -4.03 52.31 -66.13
CA ALA H 171 -4.69 51.99 -64.87
C ALA H 171 -6.19 51.82 -65.12
N LEU H 172 -6.78 50.84 -64.44
CA LEU H 172 -8.22 50.61 -64.45
C LEU H 172 -8.66 50.24 -63.04
N GLY H 173 -9.95 49.97 -62.87
CA GLY H 173 -10.39 49.48 -61.57
C GLY H 173 -11.90 49.50 -61.43
N CYS H 174 -12.34 49.41 -60.17
CA CYS H 174 -13.75 49.40 -59.83
C CYS H 174 -13.98 50.18 -58.55
N LEU H 175 -15.02 51.00 -58.53
CA LEU H 175 -15.38 51.78 -57.35
C LEU H 175 -16.66 51.24 -56.75
N VAL H 176 -16.72 51.22 -55.42
CA VAL H 176 -17.87 50.73 -54.67
C VAL H 176 -18.44 51.90 -53.88
N LYS H 177 -19.74 52.12 -54.02
CA LYS H 177 -20.43 53.26 -53.43
C LYS H 177 -21.79 52.80 -52.90
N ASP H 178 -22.28 53.51 -51.88
CA ASP H 178 -23.61 53.29 -51.31
C ASP H 178 -23.74 51.86 -50.77
N TYR H 179 -22.93 51.58 -49.76
CA TYR H 179 -22.96 50.30 -49.07
C TYR H 179 -22.72 50.53 -47.58
N PHE H 180 -23.34 49.67 -46.76
CA PHE H 180 -23.22 49.76 -45.32
C PHE H 180 -23.72 48.48 -44.71
N PRO H 181 -23.05 47.93 -43.70
CA PRO H 181 -21.80 48.40 -43.10
C PRO H 181 -20.56 47.71 -43.67
N GLU H 182 -19.40 47.90 -43.05
CA GLU H 182 -18.19 47.24 -43.46
C GLU H 182 -18.26 45.75 -43.13
N PRO H 183 -17.45 44.92 -43.82
CA PRO H 183 -16.53 45.25 -44.91
C PRO H 183 -17.00 44.74 -46.28
N VAL H 184 -16.26 45.07 -47.33
CA VAL H 184 -16.51 44.54 -48.67
C VAL H 184 -15.17 44.06 -49.22
N THR H 185 -15.15 42.84 -49.74
CA THR H 185 -13.93 42.22 -50.24
C THR H 185 -13.88 42.34 -51.76
N VAL H 186 -12.76 42.84 -52.28
CA VAL H 186 -12.57 43.08 -53.71
C VAL H 186 -11.40 42.24 -54.19
N SER H 187 -11.60 41.49 -55.27
CA SER H 187 -10.58 40.65 -55.86
C SER H 187 -10.58 40.83 -57.37
N TRP H 188 -9.45 40.51 -57.99
CA TRP H 188 -9.27 40.63 -59.43
C TRP H 188 -9.02 39.27 -60.04
N ASN H 189 -9.80 38.91 -61.05
CA ASN H 189 -9.65 37.65 -61.78
C ASN H 189 -9.67 36.46 -60.83
N SER H 190 -10.55 36.51 -59.84
CA SER H 190 -10.67 35.47 -58.82
C SER H 190 -9.33 35.23 -58.13
N GLY H 191 -8.59 36.31 -57.86
CA GLY H 191 -7.31 36.23 -57.20
C GLY H 191 -6.14 35.93 -58.10
N ALA H 192 -6.36 35.78 -59.42
CA ALA H 192 -5.25 35.48 -60.31
C ALA H 192 -4.26 36.64 -60.38
N LEU H 193 -4.75 37.87 -60.42
CA LEU H 193 -3.90 39.05 -60.51
C LEU H 193 -3.83 39.72 -59.14
N THR H 194 -2.61 39.88 -58.62
CA THR H 194 -2.41 40.53 -57.33
C THR H 194 -1.40 41.67 -57.44
N SER H 195 -0.48 41.55 -58.40
CA SER H 195 0.54 42.58 -58.57
C SER H 195 -0.06 43.87 -59.12
N GLY H 196 0.33 44.99 -58.53
CA GLY H 196 -0.14 46.28 -58.97
C GLY H 196 -1.56 46.63 -58.52
N VAL H 197 -2.16 45.83 -57.65
CA VAL H 197 -3.51 46.07 -57.19
C VAL H 197 -3.45 46.89 -55.91
N HIS H 198 -4.15 48.03 -55.91
CA HIS H 198 -4.21 48.91 -54.76
C HIS H 198 -5.67 49.11 -54.38
N THR H 199 -6.01 48.74 -53.15
CA THR H 199 -7.37 48.89 -52.62
C THR H 199 -7.33 49.95 -51.54
N PHE H 200 -7.78 51.16 -51.88
CA PHE H 200 -7.76 52.26 -50.93
C PHE H 200 -8.77 52.01 -49.81
N PRO H 201 -8.46 52.42 -48.59
CA PRO H 201 -9.39 52.21 -47.47
C PRO H 201 -10.67 52.99 -47.66
N ALA H 202 -11.76 52.43 -47.13
CA ALA H 202 -13.07 53.07 -47.25
C ALA H 202 -13.12 54.34 -46.41
N VAL H 203 -13.97 55.27 -46.84
CA VAL H 203 -14.15 56.54 -46.16
C VAL H 203 -15.65 56.76 -45.93
N LEU H 204 -15.94 57.63 -44.97
CA LEU H 204 -17.31 57.96 -44.59
C LEU H 204 -17.67 59.32 -45.14
N GLN H 205 -18.80 59.39 -45.86
CA GLN H 205 -19.29 60.63 -46.43
C GLN H 205 -20.37 61.23 -45.53
N SER H 206 -20.85 62.41 -45.93
CA SER H 206 -21.90 63.08 -45.17
C SER H 206 -23.22 62.34 -45.22
N SER H 207 -23.42 61.47 -46.22
CA SER H 207 -24.66 60.71 -46.33
C SER H 207 -24.74 59.56 -45.33
N GLY H 208 -23.65 59.26 -44.62
CA GLY H 208 -23.64 58.17 -43.67
C GLY H 208 -23.26 56.82 -44.23
N LEU H 209 -22.91 56.75 -45.51
CA LEU H 209 -22.50 55.50 -46.14
C LEU H 209 -21.03 55.56 -46.50
N TYR H 210 -20.48 54.41 -46.87
CA TYR H 210 -19.07 54.25 -47.17
C TYR H 210 -18.83 54.17 -48.67
N SER H 211 -17.58 54.34 -49.06
CA SER H 211 -17.18 54.29 -50.46
C SER H 211 -15.70 53.98 -50.55
N LEU H 212 -15.30 53.31 -51.63
CA LEU H 212 -13.90 53.02 -51.88
C LEU H 212 -13.70 52.80 -53.38
N SER H 213 -12.44 52.63 -53.77
CA SER H 213 -12.11 52.38 -55.17
C SER H 213 -10.83 51.54 -55.21
N SER H 214 -10.92 50.37 -55.84
CA SER H 214 -9.78 49.47 -55.98
C SER H 214 -9.31 49.51 -57.42
N VAL H 215 -8.03 49.84 -57.62
CA VAL H 215 -7.47 50.04 -58.94
C VAL H 215 -6.31 49.07 -59.16
N VAL H 216 -5.89 48.98 -60.41
CA VAL H 216 -4.78 48.12 -60.81
C VAL H 216 -4.18 48.68 -62.10
N THR H 217 -2.85 48.65 -62.17
CA THR H 217 -2.11 49.11 -63.34
C THR H 217 -1.58 47.92 -64.12
N VAL H 218 -1.88 47.87 -65.41
CA VAL H 218 -1.49 46.75 -66.26
C VAL H 218 -0.87 47.30 -67.53
N PRO H 219 -0.03 46.51 -68.21
CA PRO H 219 0.53 46.96 -69.49
C PRO H 219 -0.57 47.28 -70.49
N SER H 220 -0.35 48.34 -71.28
CA SER H 220 -1.37 48.79 -72.21
C SER H 220 -1.63 47.79 -73.32
N SER H 221 -0.64 46.95 -73.64
CA SER H 221 -0.82 45.95 -74.68
C SER H 221 -1.80 44.85 -74.29
N SER H 222 -2.03 44.66 -72.99
CA SER H 222 -2.93 43.62 -72.51
C SER H 222 -4.37 44.10 -72.37
N LEU H 223 -4.65 45.38 -72.64
CA LEU H 223 -6.02 45.87 -72.54
C LEU H 223 -6.94 45.20 -73.54
N GLY H 224 -6.49 45.03 -74.77
CA GLY H 224 -7.27 44.40 -75.81
C GLY H 224 -7.19 42.89 -75.86
N THR H 225 -6.39 42.27 -75.01
CA THR H 225 -6.22 40.82 -75.01
C THR H 225 -6.57 40.15 -73.70
N GLN H 226 -6.42 40.84 -72.57
CA GLN H 226 -6.69 40.27 -71.25
C GLN H 226 -8.01 40.83 -70.72
N THR H 227 -8.89 39.94 -70.28
CA THR H 227 -10.17 40.33 -69.71
C THR H 227 -10.02 40.53 -68.21
N TYR H 228 -10.45 41.70 -67.73
CA TYR H 228 -10.34 42.06 -66.32
C TYR H 228 -11.73 42.09 -65.70
N ILE H 229 -11.89 41.36 -64.59
CA ILE H 229 -13.14 41.30 -63.86
C ILE H 229 -12.86 41.52 -62.39
N CYS H 230 -13.59 42.45 -61.78
CA CYS H 230 -13.50 42.70 -60.35
C CYS H 230 -14.67 42.04 -59.64
N ASN H 231 -14.38 41.21 -58.66
CA ASN H 231 -15.37 40.51 -57.87
C ASN H 231 -15.46 41.16 -56.50
N VAL H 232 -16.65 41.62 -56.14
CA VAL H 232 -16.89 42.31 -54.87
C VAL H 232 -17.93 41.53 -54.08
N ASN H 233 -17.65 41.33 -52.80
CA ASN H 233 -18.52 40.60 -51.90
C ASN H 233 -18.84 41.46 -50.69
N HIS H 234 -20.13 41.54 -50.36
CA HIS H 234 -20.65 42.26 -49.20
C HIS H 234 -21.47 41.25 -48.41
N LYS H 235 -20.82 40.59 -47.44
CA LYS H 235 -21.46 39.50 -46.71
C LYS H 235 -22.69 39.95 -45.92
N PRO H 236 -22.67 41.05 -45.16
CA PRO H 236 -23.89 41.42 -44.42
C PRO H 236 -25.11 41.65 -45.31
N SER H 237 -24.90 42.12 -46.54
CA SER H 237 -25.98 42.21 -47.52
C SER H 237 -26.01 41.02 -48.46
N ASN H 238 -25.19 40.00 -48.20
CA ASN H 238 -25.08 38.78 -49.01
C ASN H 238 -25.10 39.09 -50.51
N THR H 239 -24.27 40.05 -50.92
CA THR H 239 -24.20 40.50 -52.30
C THR H 239 -22.87 40.09 -52.92
N LYS H 240 -22.91 39.52 -54.12
CA LYS H 240 -21.71 39.17 -54.87
C LYS H 240 -21.87 39.69 -56.29
N VAL H 241 -21.00 40.64 -56.68
CA VAL H 241 -21.10 41.28 -57.98
C VAL H 241 -19.76 41.13 -58.70
N ASP H 242 -19.82 40.63 -59.94
CA ASP H 242 -18.66 40.52 -60.80
C ASP H 242 -18.82 41.52 -61.94
N LYS H 243 -17.97 42.55 -61.95
CA LYS H 243 -18.05 43.63 -62.93
C LYS H 243 -16.84 43.56 -63.87
N ARG H 244 -17.11 43.54 -65.17
CA ARG H 244 -16.06 43.49 -66.17
C ARG H 244 -15.61 44.91 -66.52
N VAL H 245 -14.29 45.08 -66.65
CA VAL H 245 -13.69 46.37 -66.97
C VAL H 245 -13.06 46.27 -68.36
N GLU H 246 -13.47 47.17 -69.25
CA GLU H 246 -12.91 47.29 -70.58
C GLU H 246 -12.68 48.76 -70.88
N PRO H 247 -11.75 49.08 -71.78
CA PRO H 247 -11.57 50.49 -72.16
C PRO H 247 -12.83 51.08 -72.74
N LYS H 248 -13.09 52.34 -72.40
CA LYS H 248 -14.33 52.99 -72.82
C LYS H 248 -14.36 53.15 -74.34
N SER H 249 -15.49 52.81 -74.93
CA SER H 249 -15.65 52.88 -76.38
C SER H 249 -15.65 54.35 -76.83
N CYS H 250 -14.93 54.62 -77.91
CA CYS H 250 -14.80 55.98 -78.42
C CYS H 250 -14.72 55.98 -79.95
N ILE I 23 -0.80 45.63 -14.32
CA ILE I 23 0.52 45.85 -14.88
C ILE I 23 0.40 46.63 -16.19
N GLN I 24 1.15 47.72 -16.28
CA GLN I 24 1.12 48.60 -17.44
C GLN I 24 2.45 48.52 -18.19
N LEU I 25 2.38 48.42 -19.50
CA LEU I 25 3.56 48.34 -20.36
C LEU I 25 3.68 49.62 -21.18
N THR I 26 4.85 50.24 -21.13
CA THR I 26 5.16 51.42 -21.91
C THR I 26 6.15 51.06 -23.00
N GLN I 27 5.80 51.38 -24.24
CA GLN I 27 6.60 51.01 -25.40
C GLN I 27 7.15 52.26 -26.07
N SER I 28 8.46 52.27 -26.32
CA SER I 28 9.11 53.42 -26.93
C SER I 28 10.04 52.96 -28.05
N PRO I 29 10.23 53.77 -29.09
CA PRO I 29 9.54 55.04 -29.38
C PRO I 29 8.18 54.81 -30.01
N SER I 30 7.30 55.82 -30.03
CA SER I 30 5.99 55.65 -30.63
C SER I 30 6.10 55.40 -32.14
N THR I 31 6.93 56.16 -32.83
CA THR I 31 7.16 56.00 -34.25
C THR I 31 8.65 56.01 -34.54
N LEU I 32 9.05 55.24 -35.55
CA LEU I 32 10.46 55.13 -35.91
C LEU I 32 10.58 54.74 -37.37
N SER I 33 11.44 55.44 -38.11
CA SER I 33 11.70 55.14 -39.51
C SER I 33 13.21 55.12 -39.73
N ALA I 34 13.68 54.08 -40.42
CA ALA I 34 15.10 53.89 -40.67
C ALA I 34 15.30 53.38 -42.09
N PRO I 35 16.44 53.67 -42.71
CA PRO I 35 16.71 53.14 -44.05
C PRO I 35 17.00 51.64 -44.01
N VAL I 36 16.86 51.03 -45.18
CA VAL I 36 17.11 49.59 -45.30
C VAL I 36 18.57 49.29 -45.03
N GLY I 37 18.83 48.26 -44.23
CA GLY I 37 20.16 47.87 -43.85
C GLY I 37 20.57 48.27 -42.45
N ALA I 38 19.83 49.17 -41.82
CA ALA I 38 20.13 49.59 -40.46
C ALA I 38 19.29 48.79 -39.46
N GLY I 39 19.68 48.86 -38.19
CA GLY I 39 19.00 48.17 -37.11
C GLY I 39 18.23 49.14 -36.26
N VAL I 40 17.10 48.68 -35.71
CA VAL I 40 16.25 49.50 -34.86
C VAL I 40 16.01 48.75 -33.56
N THR I 41 15.75 49.52 -32.49
CA THR I 41 15.52 48.96 -31.16
C THR I 41 14.25 49.55 -30.59
N ILE I 42 13.42 48.68 -30.02
CA ILE I 42 12.18 49.06 -29.37
C ILE I 42 12.24 48.58 -27.92
N THR I 43 11.94 49.47 -26.99
CA THR I 43 12.04 49.20 -25.56
C THR I 43 10.66 49.10 -24.94
N CYS I 44 10.40 48.00 -24.24
CA CYS I 44 9.17 47.77 -23.51
C CYS I 44 9.50 47.76 -22.02
N GLN I 45 8.83 48.62 -21.25
CA GLN I 45 9.11 48.80 -19.83
C GLN I 45 7.85 48.49 -19.03
N ALA I 46 8.01 47.67 -18.00
CA ALA I 46 6.88 47.23 -17.18
C ALA I 46 6.86 48.00 -15.87
N SER I 47 5.65 48.32 -15.40
CA SER I 47 5.50 49.03 -14.13
C SER I 47 5.97 48.19 -12.94
N GLN I 48 6.00 46.87 -13.08
CA GLN I 48 6.48 45.99 -12.02
C GLN I 48 7.07 44.74 -12.66
N SER I 49 7.79 43.98 -11.85
CA SER I 49 8.48 42.80 -12.35
C SER I 49 7.49 41.77 -12.87
N ILE I 50 7.75 41.25 -14.06
CA ILE I 50 6.92 40.22 -14.67
C ILE I 50 7.79 39.01 -15.01
N SER I 51 8.87 38.82 -14.24
CA SER I 51 9.85 37.79 -14.49
C SER I 51 10.39 37.91 -15.92
N ASN I 52 10.02 36.97 -16.79
CA ASN I 52 10.41 37.04 -18.20
C ASN I 52 9.26 36.63 -19.11
N GLY I 53 8.02 36.87 -18.67
CA GLY I 53 6.86 36.50 -19.46
C GLY I 53 6.38 37.59 -20.40
N LEU I 54 7.16 37.86 -21.44
CA LEU I 54 6.81 38.87 -22.43
C LEU I 54 6.85 38.26 -23.82
N ALA I 55 5.94 38.71 -24.68
CA ALA I 55 5.84 38.24 -26.06
C ALA I 55 5.81 39.43 -27.01
N TRP I 56 6.56 39.32 -28.10
CA TRP I 56 6.62 40.34 -29.14
C TRP I 56 5.81 39.86 -30.34
N TYR I 57 4.85 40.68 -30.76
CA TYR I 57 3.97 40.39 -31.89
C TYR I 57 4.17 41.42 -32.99
N GLN I 58 3.95 40.99 -34.23
CA GLN I 58 4.00 41.85 -35.41
C GLN I 58 2.67 41.79 -36.14
N GLN I 59 2.22 42.94 -36.65
CA GLN I 59 0.98 43.03 -37.40
C GLN I 59 1.18 43.91 -38.62
N LYS I 60 0.68 43.44 -39.75
CA LYS I 60 0.65 44.23 -40.97
C LYS I 60 -0.76 44.76 -41.21
N PRO I 61 -0.90 45.89 -41.90
CA PRO I 61 -2.23 46.45 -42.14
C PRO I 61 -3.11 45.46 -42.89
N GLY I 62 -4.37 45.37 -42.46
CA GLY I 62 -5.30 44.42 -43.05
C GLY I 62 -4.91 42.98 -42.87
N ARG I 63 -4.38 42.61 -41.70
CA ARG I 63 -3.98 41.24 -41.44
C ARG I 63 -4.00 41.00 -39.94
N ALA I 64 -4.17 39.73 -39.57
CA ALA I 64 -4.13 39.34 -38.17
C ALA I 64 -2.71 39.44 -37.62
N PRO I 65 -2.55 39.64 -36.32
CA PRO I 65 -1.21 39.70 -35.74
C PRO I 65 -0.49 38.36 -35.82
N LYS I 66 0.83 38.44 -35.82
CA LYS I 66 1.69 37.26 -35.88
C LYS I 66 2.71 37.33 -34.75
N MET I 67 2.82 36.24 -33.99
CA MET I 67 3.76 36.20 -32.88
C MET I 67 5.19 36.05 -33.40
N LEU I 68 6.08 36.89 -32.90
CA LEU I 68 7.50 36.83 -33.25
C LEU I 68 8.35 36.23 -32.14
N ILE I 69 8.22 36.72 -30.92
CA ILE I 69 9.08 36.32 -29.81
C ILE I 69 8.21 35.88 -28.63
N THR I 70 8.59 34.77 -28.01
CA THR I 70 7.95 34.32 -26.78
C THR I 70 9.00 34.14 -25.69
N GLU I 71 8.54 34.20 -24.44
CA GLU I 71 9.38 34.08 -23.25
C GLU I 71 10.44 35.17 -23.15
N GLY I 72 10.34 36.21 -23.96
CA GLY I 72 11.28 37.31 -23.95
C GLY I 72 12.44 37.21 -24.93
N SER I 73 13.02 36.02 -25.07
CA SER I 73 14.16 35.83 -25.94
C SER I 73 14.11 34.58 -26.80
N SER I 74 13.07 33.74 -26.67
CA SER I 74 12.97 32.53 -27.47
C SER I 74 12.36 32.86 -28.83
N LEU I 75 13.10 32.56 -29.89
CA LEU I 75 12.65 32.85 -31.24
C LEU I 75 11.63 31.82 -31.70
N LYS I 76 10.52 32.31 -32.26
CA LYS I 76 9.47 31.42 -32.72
C LYS I 76 9.89 30.71 -34.01
N SER I 77 9.24 29.59 -34.28
CA SER I 77 9.53 28.83 -35.49
C SER I 77 9.00 29.55 -36.72
N GLY I 78 9.78 29.53 -37.79
CA GLY I 78 9.40 30.20 -39.02
C GLY I 78 9.69 31.69 -39.07
N VAL I 79 10.36 32.23 -38.06
CA VAL I 79 10.66 33.66 -38.00
C VAL I 79 12.12 33.86 -38.39
N PRO I 80 12.44 34.84 -39.24
CA PRO I 80 13.84 35.07 -39.62
C PRO I 80 14.69 35.45 -38.42
N ASP I 81 15.98 35.13 -38.52
CA ASP I 81 16.93 35.39 -37.43
C ASP I 81 17.19 36.86 -37.20
N ARG I 82 16.74 37.74 -38.09
CA ARG I 82 17.01 39.17 -37.96
C ARG I 82 16.37 39.76 -36.70
N PHE I 83 15.28 39.17 -36.22
CA PHE I 83 14.62 39.65 -35.02
C PHE I 83 15.26 39.04 -33.79
N ARG I 84 15.62 39.87 -32.81
CA ARG I 84 16.18 39.40 -31.56
C ARG I 84 15.44 40.04 -30.39
N GLY I 85 15.24 39.27 -29.33
CA GLY I 85 14.61 39.77 -28.12
C GLY I 85 15.51 39.51 -26.92
N SER I 86 15.52 40.45 -25.99
CA SER I 86 16.34 40.30 -24.80
C SER I 86 15.75 41.14 -23.67
N GLY I 87 16.30 40.97 -22.49
CA GLY I 87 15.89 41.74 -21.33
C GLY I 87 15.34 40.85 -20.23
N SER I 88 14.98 41.50 -19.13
CA SER I 88 14.47 40.81 -17.94
C SER I 88 13.95 41.87 -16.99
N GLY I 89 13.51 41.41 -15.81
CA GLY I 89 13.01 42.31 -14.79
C GLY I 89 11.83 43.12 -15.27
N THR I 90 12.06 44.42 -15.50
CA THR I 90 11.04 45.30 -16.03
C THR I 90 11.41 45.92 -17.37
N HIS I 91 12.57 45.58 -17.93
CA HIS I 91 13.04 46.18 -19.18
C HIS I 91 13.28 45.08 -20.21
N PHE I 92 12.71 45.25 -21.41
CA PHE I 92 12.91 44.32 -22.51
C PHE I 92 13.17 45.12 -23.78
N ILE I 93 13.95 44.52 -24.68
CA ILE I 93 14.37 45.17 -25.92
C ILE I 93 14.16 44.23 -27.09
N LEU I 94 13.59 44.75 -28.17
CA LEU I 94 13.47 44.05 -29.44
C LEU I 94 14.34 44.75 -30.47
N THR I 95 15.21 43.99 -31.12
CA THR I 95 16.20 44.54 -32.04
C THR I 95 16.04 43.91 -33.42
N ILE I 96 16.01 44.77 -34.43
CA ILE I 96 16.02 44.34 -35.83
C ILE I 96 17.38 44.76 -36.41
N SER I 97 18.20 43.77 -36.75
CA SER I 97 19.57 44.05 -37.18
C SER I 97 19.62 44.45 -38.65
N ASP I 98 18.96 43.70 -39.51
CA ASP I 98 18.98 43.93 -40.96
C ASP I 98 17.55 44.26 -41.40
N LEU I 99 17.26 45.54 -41.54
CA LEU I 99 15.92 45.95 -41.96
C LEU I 99 15.67 45.55 -43.41
N GLN I 100 14.43 45.18 -43.69
CA GLN I 100 14.00 44.70 -44.99
C GLN I 100 12.73 45.40 -45.42
N PRO I 101 12.44 45.43 -46.72
CA PRO I 101 11.25 46.18 -47.19
C PRO I 101 9.93 45.66 -46.66
N ASP I 102 9.88 44.45 -46.10
CA ASP I 102 8.65 43.89 -45.57
C ASP I 102 8.46 44.14 -44.08
N ASP I 103 9.35 44.91 -43.46
CA ASP I 103 9.30 45.14 -42.02
C ASP I 103 8.49 46.38 -41.62
N SER I 104 7.95 47.11 -42.59
CA SER I 104 7.13 48.29 -42.27
C SER I 104 5.79 47.82 -41.73
N ALA I 105 5.63 47.85 -40.40
CA ALA I 105 4.46 47.24 -39.77
C ALA I 105 4.41 47.69 -38.32
N THR I 106 3.38 47.23 -37.60
CA THR I 106 3.17 47.59 -36.20
C THR I 106 3.70 46.47 -35.31
N TYR I 107 4.30 46.84 -34.19
CA TYR I 107 4.90 45.90 -33.26
C TYR I 107 4.33 46.13 -31.87
N PHE I 108 4.05 45.04 -31.16
CA PHE I 108 3.47 45.09 -29.83
C PHE I 108 4.25 44.21 -28.87
N CYS I 109 4.30 44.62 -27.61
CA CYS I 109 4.79 43.79 -26.52
C CYS I 109 3.65 43.50 -25.55
N GLN I 110 3.47 42.23 -25.21
CA GLN I 110 2.38 41.79 -24.35
C GLN I 110 2.94 40.99 -23.19
N GLN I 111 2.29 41.10 -22.04
CA GLN I 111 2.66 40.33 -20.85
C GLN I 111 1.56 39.33 -20.54
N TYR I 112 1.98 38.12 -20.13
CA TYR I 112 1.03 37.07 -19.75
C TYR I 112 1.35 36.47 -18.39
N ASN I 113 2.27 37.07 -17.63
CA ASN I 113 2.67 36.49 -16.35
C ASN I 113 1.54 36.48 -15.34
N THR I 114 0.75 37.55 -15.30
CA THR I 114 -0.34 37.67 -14.34
C THR I 114 -1.57 38.23 -15.03
N PHE I 115 -2.74 37.65 -14.74
CA PHE I 115 -3.97 38.17 -15.27
C PHE I 115 -4.30 39.51 -14.63
N PRO I 116 -4.91 40.45 -15.38
CA PRO I 116 -5.29 40.36 -16.80
C PRO I 116 -4.12 40.64 -17.73
N TRP I 117 -4.14 40.07 -18.93
CA TRP I 117 -3.05 40.29 -19.88
C TRP I 117 -3.24 41.63 -20.58
N THR I 118 -2.14 42.35 -20.77
CA THR I 118 -2.19 43.70 -21.33
C THR I 118 -1.18 43.84 -22.46
N PHE I 119 -1.57 44.59 -23.48
CA PHE I 119 -0.72 44.89 -24.63
C PHE I 119 -0.11 46.27 -24.48
N GLY I 120 0.99 46.49 -25.21
CA GLY I 120 1.56 47.81 -25.31
C GLY I 120 0.82 48.68 -26.30
N ARG I 121 1.23 49.94 -26.39
CA ARG I 121 0.60 50.87 -27.31
C ARG I 121 0.97 50.61 -28.77
N GLY I 122 2.11 49.98 -29.01
CA GLY I 122 2.51 49.63 -30.36
C GLY I 122 3.43 50.65 -31.01
N THR I 123 4.34 50.17 -31.85
CA THR I 123 5.27 51.02 -32.58
C THR I 123 5.16 50.72 -34.06
N LYS I 124 5.00 51.76 -34.87
CA LYS I 124 4.85 51.60 -36.32
C LYS I 124 6.20 51.85 -36.97
N VAL I 125 6.87 50.78 -37.38
CA VAL I 125 8.17 50.87 -38.03
C VAL I 125 7.95 51.11 -39.52
N GLU I 126 8.55 52.18 -40.03
CA GLU I 126 8.46 52.61 -41.41
C GLU I 126 9.80 52.40 -42.11
N ILE I 127 9.84 52.74 -43.40
CA ILE I 127 11.02 52.56 -44.23
C ILE I 127 11.42 53.91 -44.81
N LYS I 128 12.70 54.25 -44.72
CA LYS I 128 13.24 55.47 -45.30
C LYS I 128 13.96 55.14 -46.60
N ARG I 129 13.59 55.83 -47.66
CA ARG I 129 14.18 55.60 -48.98
C ARG I 129 14.33 56.93 -49.71
N THR I 130 14.80 56.87 -50.94
CA THR I 130 14.97 58.06 -51.75
C THR I 130 13.62 58.59 -52.21
N VAL I 131 13.59 59.88 -52.54
CA VAL I 131 12.38 60.55 -53.00
C VAL I 131 12.10 60.14 -54.44
N ALA I 132 10.85 59.76 -54.72
CA ALA I 132 10.43 59.33 -56.04
C ALA I 132 9.25 60.18 -56.51
N ALA I 133 9.26 60.55 -57.79
CA ALA I 133 8.19 61.36 -58.36
C ALA I 133 6.93 60.53 -58.57
N PRO I 134 5.76 61.13 -58.37
CA PRO I 134 4.51 60.38 -58.55
C PRO I 134 4.12 60.26 -60.02
N SER I 135 3.22 59.30 -60.27
CA SER I 135 2.58 59.16 -61.56
C SER I 135 1.13 59.60 -61.43
N VAL I 136 0.69 60.49 -62.32
CA VAL I 136 -0.60 61.16 -62.22
C VAL I 136 -1.57 60.52 -63.22
N PHE I 137 -2.76 60.17 -62.75
CA PHE I 137 -3.82 59.66 -63.61
C PHE I 137 -5.14 60.30 -63.21
N ILE I 138 -6.06 60.39 -64.16
CA ILE I 138 -7.36 61.00 -63.91
C ILE I 138 -8.45 60.07 -64.45
N PHE I 139 -9.63 60.14 -63.83
CA PHE I 139 -10.76 59.30 -64.17
C PHE I 139 -12.07 60.06 -64.02
N PRO I 140 -12.79 60.30 -65.11
CA PRO I 140 -14.14 60.87 -65.03
C PRO I 140 -15.12 59.83 -64.51
N PRO I 141 -16.28 60.25 -64.01
CA PRO I 141 -17.26 59.27 -63.53
C PRO I 141 -17.83 58.44 -64.68
N SER I 142 -18.16 57.20 -64.35
CA SER I 142 -18.76 56.31 -65.34
C SER I 142 -20.21 56.71 -65.63
N ASP I 143 -20.67 56.36 -66.83
CA ASP I 143 -22.05 56.68 -67.21
C ASP I 143 -23.05 55.97 -66.30
N GLU I 144 -22.71 54.77 -65.82
CA GLU I 144 -23.59 54.07 -64.90
C GLU I 144 -23.78 54.86 -63.62
N GLN I 145 -22.70 55.45 -63.10
CA GLN I 145 -22.83 56.33 -61.93
C GLN I 145 -23.55 57.62 -62.29
N LEU I 146 -23.36 58.13 -63.51
CA LEU I 146 -24.07 59.33 -63.94
C LEU I 146 -25.57 59.10 -63.99
N LYS I 147 -26.01 57.88 -64.30
CA LYS I 147 -27.44 57.57 -64.30
C LYS I 147 -28.07 57.72 -62.93
N SER I 148 -27.28 57.65 -61.87
CA SER I 148 -27.78 57.80 -60.50
C SER I 148 -27.84 59.25 -60.04
N GLY I 149 -27.40 60.20 -60.87
CA GLY I 149 -27.42 61.60 -60.51
C GLY I 149 -26.22 62.09 -59.74
N THR I 150 -25.22 61.25 -59.52
CA THR I 150 -24.02 61.62 -58.78
C THR I 150 -22.80 61.36 -59.66
N ALA I 151 -21.87 62.31 -59.67
CA ALA I 151 -20.64 62.21 -60.47
C ALA I 151 -19.44 62.30 -59.55
N SER I 152 -18.54 61.34 -59.65
CA SER I 152 -17.31 61.30 -58.86
C SER I 152 -16.12 61.27 -59.81
N VAL I 153 -15.33 62.34 -59.77
CA VAL I 153 -14.08 62.43 -60.54
C VAL I 153 -12.94 62.07 -59.61
N VAL I 154 -12.13 61.09 -60.02
CA VAL I 154 -11.07 60.55 -59.16
C VAL I 154 -9.73 60.70 -59.85
N CYS I 155 -8.78 61.36 -59.17
CA CYS I 155 -7.42 61.48 -59.68
C CYS I 155 -6.46 60.81 -58.72
N LEU I 156 -5.54 60.02 -59.28
CA LEU I 156 -4.68 59.13 -58.51
C LEU I 156 -3.21 59.50 -58.71
N LEU I 157 -2.46 59.46 -57.62
CA LEU I 157 -1.01 59.60 -57.63
C LEU I 157 -0.40 58.28 -57.17
N ASN I 158 0.43 57.69 -58.02
CA ASN I 158 0.99 56.36 -57.79
C ASN I 158 2.49 56.45 -57.57
N ASN I 159 2.98 55.68 -56.59
CA ASN I 159 4.40 55.47 -56.36
C ASN I 159 5.14 56.79 -56.11
N PHE I 160 4.76 57.44 -55.01
CA PHE I 160 5.40 58.66 -54.57
C PHE I 160 5.89 58.51 -53.14
N TYR I 161 7.10 59.00 -52.88
CA TYR I 161 7.70 59.02 -51.57
C TYR I 161 8.37 60.38 -51.39
N PRO I 162 8.24 61.01 -50.21
CA PRO I 162 7.58 60.53 -48.98
C PRO I 162 6.06 60.64 -49.00
N ARG I 163 5.46 60.53 -47.81
CA ARG I 163 4.01 60.49 -47.70
C ARG I 163 3.37 61.85 -48.01
N GLU I 164 3.94 62.92 -47.47
CA GLU I 164 3.30 64.23 -47.55
C GLU I 164 3.26 64.73 -48.99
N ALA I 165 2.10 65.25 -49.40
CA ALA I 165 1.92 65.81 -50.73
C ALA I 165 0.73 66.75 -50.70
N LYS I 166 0.64 67.61 -51.72
CA LYS I 166 -0.44 68.57 -51.84
C LYS I 166 -1.31 68.23 -53.04
N VAL I 167 -2.63 68.15 -52.80
CA VAL I 167 -3.60 67.85 -53.86
C VAL I 167 -4.70 68.90 -53.82
N GLN I 168 -5.00 69.48 -54.98
CA GLN I 168 -6.06 70.46 -55.11
C GLN I 168 -6.91 70.17 -56.34
N TRP I 169 -8.16 70.62 -56.30
CA TRP I 169 -9.12 70.46 -57.39
C TRP I 169 -9.43 71.81 -57.99
N LYS I 170 -9.48 71.88 -59.31
CA LYS I 170 -9.88 73.09 -60.02
C LYS I 170 -10.88 72.72 -61.11
N VAL I 171 -12.10 73.23 -61.01
CA VAL I 171 -13.13 73.00 -62.01
C VAL I 171 -13.45 74.33 -62.67
N ASP I 172 -13.34 74.37 -63.99
CA ASP I 172 -13.46 75.61 -64.76
C ASP I 172 -12.55 76.70 -64.19
N ASN I 173 -11.31 76.31 -63.86
CA ASN I 173 -10.30 77.18 -63.27
C ASN I 173 -10.77 77.81 -61.97
N ALA I 174 -11.54 77.08 -61.16
CA ALA I 174 -12.01 77.55 -59.87
C ALA I 174 -11.67 76.53 -58.79
N LEU I 175 -11.04 77.00 -57.72
CA LEU I 175 -10.65 76.11 -56.63
C LEU I 175 -11.87 75.60 -55.88
N GLN I 176 -11.81 74.35 -55.43
CA GLN I 176 -12.88 73.71 -54.70
C GLN I 176 -12.43 73.32 -53.30
N SER I 177 -13.36 73.42 -52.35
CA SER I 177 -13.09 73.04 -50.97
C SER I 177 -14.37 72.52 -50.34
N GLY I 178 -14.22 71.59 -49.41
CA GLY I 178 -15.35 71.03 -48.70
C GLY I 178 -16.09 69.92 -49.43
N ASN I 179 -15.63 69.52 -50.61
CA ASN I 179 -16.29 68.46 -51.36
C ASN I 179 -15.31 67.46 -51.94
N SER I 180 -14.10 67.36 -51.39
CA SER I 180 -13.09 66.43 -51.87
C SER I 180 -12.62 65.55 -50.72
N GLN I 181 -12.32 64.29 -51.05
CA GLN I 181 -11.86 63.32 -50.07
C GLN I 181 -10.56 62.68 -50.57
N GLU I 182 -9.61 62.51 -49.66
CA GLU I 182 -8.32 61.93 -49.98
C GLU I 182 -8.16 60.61 -49.24
N SER I 183 -7.77 59.56 -49.96
CA SER I 183 -7.54 58.24 -49.41
C SER I 183 -6.12 57.80 -49.74
N VAL I 184 -5.37 57.43 -48.72
CA VAL I 184 -3.97 57.04 -48.86
C VAL I 184 -3.81 55.62 -48.33
N THR I 185 -3.21 54.75 -49.13
CA THR I 185 -2.91 53.40 -48.68
C THR I 185 -1.63 53.39 -47.84
N GLU I 186 -1.43 52.29 -47.13
CA GLU I 186 -0.23 52.14 -46.33
C GLU I 186 0.99 51.91 -47.23
N GLN I 187 2.17 52.03 -46.63
CA GLN I 187 3.41 51.90 -47.38
C GLN I 187 3.53 50.51 -47.99
N ASP I 188 3.96 50.45 -49.25
CA ASP I 188 4.13 49.18 -49.93
C ASP I 188 5.26 48.38 -49.31
N SER I 189 5.11 47.05 -49.37
CA SER I 189 6.06 46.14 -48.77
C SER I 189 7.22 45.77 -49.68
N LYS I 190 7.24 46.27 -50.92
CA LYS I 190 8.29 45.94 -51.88
C LYS I 190 9.21 47.12 -52.17
N ASP I 191 8.65 48.25 -52.60
CA ASP I 191 9.45 49.43 -52.91
C ASP I 191 9.27 50.55 -51.90
N SER I 192 8.40 50.39 -50.90
CA SER I 192 8.14 51.39 -49.87
C SER I 192 7.70 52.71 -50.51
N THR I 193 6.57 52.65 -51.22
CA THR I 193 5.99 53.81 -51.89
C THR I 193 4.51 53.90 -51.55
N TYR I 194 4.01 55.13 -51.48
CA TYR I 194 2.61 55.38 -51.15
C TYR I 194 1.79 55.61 -52.41
N SER I 195 0.47 55.48 -52.25
CA SER I 195 -0.48 55.75 -53.31
C SER I 195 -1.62 56.57 -52.75
N LEU I 196 -2.04 57.59 -53.50
CA LEU I 196 -3.08 58.51 -53.05
C LEU I 196 -4.18 58.60 -54.11
N SER I 197 -5.41 58.75 -53.64
CA SER I 197 -6.56 58.92 -54.52
C SER I 197 -7.42 60.06 -53.99
N SER I 198 -7.67 61.06 -54.85
CA SER I 198 -8.50 62.20 -54.49
C SER I 198 -9.80 62.11 -55.28
N THR I 199 -10.93 62.10 -54.57
CA THR I 199 -12.25 61.98 -55.18
C THR I 199 -13.02 63.27 -54.95
N LEU I 200 -13.58 63.82 -56.02
CA LEU I 200 -14.47 64.97 -55.96
C LEU I 200 -15.86 64.50 -56.37
N THR I 201 -16.82 64.65 -55.46
CA THR I 201 -18.17 64.15 -55.66
C THR I 201 -19.15 65.31 -55.75
N LEU I 202 -19.92 65.34 -56.83
CA LEU I 202 -20.94 66.38 -57.04
C LEU I 202 -22.21 65.73 -57.56
N SER I 203 -23.26 66.53 -57.66
CA SER I 203 -24.49 66.07 -58.28
C SER I 203 -24.35 66.08 -59.79
N LYS I 204 -25.31 65.44 -60.47
CA LYS I 204 -25.28 65.39 -61.93
C LYS I 204 -25.41 66.78 -62.53
N ALA I 205 -26.28 67.61 -61.96
CA ALA I 205 -26.45 68.98 -62.45
C ALA I 205 -25.15 69.77 -62.31
N ASP I 206 -24.48 69.64 -61.17
CA ASP I 206 -23.19 70.30 -60.99
C ASP I 206 -22.14 69.77 -61.96
N TYR I 207 -22.15 68.47 -62.24
CA TYR I 207 -21.18 67.91 -63.18
C TYR I 207 -21.39 68.45 -64.59
N GLU I 208 -22.63 68.48 -65.05
CA GLU I 208 -22.93 68.95 -66.40
C GLU I 208 -22.95 70.47 -66.51
N LYS I 209 -22.96 71.19 -65.39
CA LYS I 209 -22.87 72.64 -65.44
C LYS I 209 -21.50 73.10 -65.91
N HIS I 210 -20.44 72.45 -65.43
CA HIS I 210 -19.08 72.88 -65.72
C HIS I 210 -18.53 72.11 -66.93
N LYS I 211 -17.35 72.52 -67.38
CA LYS I 211 -16.74 71.97 -68.59
C LYS I 211 -15.39 71.30 -68.34
N VAL I 212 -14.50 71.95 -67.58
CA VAL I 212 -13.13 71.49 -67.42
C VAL I 212 -12.92 71.08 -65.96
N TYR I 213 -12.23 69.95 -65.76
CA TYR I 213 -11.94 69.45 -64.42
C TYR I 213 -10.46 69.07 -64.34
N ALA I 214 -9.79 69.48 -63.28
CA ALA I 214 -8.34 69.27 -63.19
C ALA I 214 -7.93 69.03 -61.73
N CYS I 215 -6.84 68.27 -61.59
CA CYS I 215 -6.19 68.05 -60.31
C CYS I 215 -4.77 68.59 -60.37
N GLU I 216 -4.37 69.32 -59.34
CA GLU I 216 -3.03 69.86 -59.20
C GLU I 216 -2.33 69.20 -58.04
N VAL I 217 -1.14 68.66 -58.29
CA VAL I 217 -0.39 67.89 -57.29
C VAL I 217 0.98 68.51 -57.12
N THR I 218 1.36 68.78 -55.88
CA THR I 218 2.68 69.28 -55.53
C THR I 218 3.38 68.25 -54.66
N HIS I 219 4.61 67.92 -55.03
CA HIS I 219 5.40 66.90 -54.35
C HIS I 219 6.81 67.42 -54.14
N GLN I 220 7.47 66.90 -53.11
CA GLN I 220 8.83 67.35 -52.79
C GLN I 220 9.78 67.07 -53.94
N GLY I 221 9.67 65.90 -54.56
CA GLY I 221 10.54 65.56 -55.68
C GLY I 221 10.16 66.17 -57.00
N LEU I 222 9.03 66.88 -57.07
CA LEU I 222 8.60 67.54 -58.29
C LEU I 222 9.07 68.99 -58.28
N SER I 223 9.78 69.38 -59.34
CA SER I 223 10.27 70.75 -59.43
C SER I 223 9.10 71.73 -59.52
N SER I 224 8.07 71.40 -60.27
CA SER I 224 6.88 72.22 -60.41
C SER I 224 5.64 71.37 -60.21
N PRO I 225 4.54 71.97 -59.73
CA PRO I 225 3.31 71.19 -59.57
C PRO I 225 2.82 70.65 -60.91
N VAL I 226 2.29 69.43 -60.87
CA VAL I 226 1.78 68.75 -62.05
C VAL I 226 0.26 68.90 -62.06
N THR I 227 -0.27 69.43 -63.16
CA THR I 227 -1.71 69.64 -63.31
C THR I 227 -2.22 68.72 -64.42
N LYS I 228 -3.22 67.91 -64.10
CA LYS I 228 -3.87 67.04 -65.07
C LYS I 228 -5.31 67.50 -65.25
N SER I 229 -5.68 67.82 -66.48
CA SER I 229 -6.98 68.39 -66.78
C SER I 229 -7.67 67.58 -67.88
N PHE I 230 -8.99 67.64 -67.86
CA PHE I 230 -9.79 66.97 -68.90
C PHE I 230 -11.09 67.76 -69.09
N ASN I 231 -11.72 67.52 -70.24
CA ASN I 231 -12.93 68.21 -70.65
C ASN I 231 -14.09 67.24 -70.72
N ARG I 232 -15.26 67.69 -70.26
CA ARG I 232 -16.47 66.89 -70.33
C ARG I 232 -16.86 66.65 -71.79
N GLY I 233 -17.22 65.40 -72.08
CA GLY I 233 -17.62 65.02 -73.43
C GLY I 233 -16.50 64.66 -74.37
N GLU I 234 -15.26 64.60 -73.89
CA GLU I 234 -14.12 64.25 -74.72
C GLU I 234 -13.51 62.93 -74.26
N CYS I 235 -13.00 62.18 -75.23
CA CYS I 235 -12.37 60.89 -74.95
C CYS I 235 -10.88 61.05 -74.62
N GLU J 21 38.38 1.07 20.92
CA GLU J 21 38.36 2.52 21.09
C GLU J 21 38.62 3.23 19.78
N VAL J 22 38.54 4.56 19.80
CA VAL J 22 38.71 5.39 18.61
C VAL J 22 40.02 6.15 18.72
N GLN J 23 40.80 6.15 17.65
CA GLN J 23 42.11 6.81 17.64
C GLN J 23 42.28 7.60 16.35
N LEU J 24 42.94 8.75 16.46
CA LEU J 24 43.21 9.63 15.33
C LEU J 24 44.71 9.81 15.18
N VAL J 25 45.21 9.64 13.96
CA VAL J 25 46.63 9.76 13.66
C VAL J 25 46.81 10.85 12.61
N GLN J 26 47.69 11.81 12.91
CA GLN J 26 47.95 12.93 12.03
C GLN J 26 49.34 12.80 11.40
N SER J 27 49.61 13.68 10.45
CA SER J 27 50.90 13.70 9.76
C SER J 27 51.94 14.40 10.63
N GLY J 28 53.13 14.59 10.06
CA GLY J 28 54.24 15.19 10.78
C GLY J 28 54.21 16.71 10.73
N ALA J 29 55.26 17.31 11.29
CA ALA J 29 55.40 18.75 11.31
C ALA J 29 55.63 19.29 9.91
N GLU J 30 55.19 20.52 9.68
CA GLU J 30 55.27 21.15 8.37
C GLU J 30 55.97 22.50 8.47
N LEU J 31 56.90 22.73 7.54
CA LEU J 31 57.55 24.02 7.36
C LEU J 31 57.28 24.50 5.95
N LYS J 32 56.73 25.71 5.83
CA LYS J 32 56.33 26.25 4.53
C LYS J 32 56.78 27.70 4.42
N LYS J 33 56.53 28.28 3.24
CA LYS J 33 56.87 29.66 2.94
C LYS J 33 55.61 30.51 2.91
N ALA J 34 55.80 31.82 3.01
CA ALA J 34 54.68 32.75 2.98
C ALA J 34 54.03 32.73 1.59
N GLY J 35 52.70 32.74 1.57
CA GLY J 35 51.96 32.72 0.33
C GLY J 35 51.75 31.35 -0.28
N SER J 36 52.26 30.29 0.35
CA SER J 36 52.11 28.94 -0.17
C SER J 36 50.85 28.30 0.41
N SER J 37 50.71 26.99 0.24
CA SER J 37 49.58 26.24 0.76
C SER J 37 50.08 25.04 1.54
N VAL J 38 49.30 24.63 2.53
CA VAL J 38 49.64 23.51 3.40
C VAL J 38 48.47 22.55 3.46
N LYS J 39 48.78 21.25 3.48
CA LYS J 39 47.77 20.21 3.56
C LYS J 39 48.10 19.25 4.69
N LEU J 40 47.12 18.98 5.54
CA LEU J 40 47.26 18.07 6.67
C LEU J 40 46.25 16.94 6.56
N SER J 41 46.64 15.76 7.03
CA SER J 41 45.80 14.58 6.95
C SER J 41 45.55 14.02 8.34
N CYS J 42 44.38 13.39 8.51
CA CYS J 42 43.98 12.82 9.78
C CYS J 42 43.23 11.52 9.52
N GLN J 43 43.77 10.40 10.02
CA GLN J 43 43.20 9.09 9.77
C GLN J 43 42.60 8.53 11.06
N ALA J 44 41.43 7.90 10.93
CA ALA J 44 40.64 7.45 12.06
C ALA J 44 40.58 5.93 12.11
N TYR J 45 40.64 5.38 13.32
CA TYR J 45 40.52 3.95 13.55
C TYR J 45 39.51 3.71 14.67
N GLY J 46 38.54 2.83 14.42
CA GLY J 46 37.63 2.35 15.45
C GLY J 46 36.19 2.78 15.32
N VAL J 47 35.81 3.51 14.28
CA VAL J 47 34.43 3.94 14.08
C VAL J 47 34.08 3.83 12.60
N ALA J 48 32.78 3.94 12.32
CA ALA J 48 32.32 4.12 10.95
C ALA J 48 32.62 5.55 10.51
N PHE J 49 33.28 5.68 9.35
CA PHE J 49 33.81 6.98 8.97
C PHE J 49 32.72 7.93 8.49
N SER J 50 31.70 7.40 7.81
CA SER J 50 30.75 8.27 7.12
C SER J 50 29.79 8.97 8.06
N THR J 51 29.53 8.42 9.24
CA THR J 51 28.53 8.97 10.16
C THR J 51 29.16 9.56 11.42
N TYR J 52 30.43 9.90 11.38
CA TYR J 52 31.15 10.45 12.53
C TYR J 52 31.62 11.86 12.18
N SER J 53 31.35 12.81 13.07
CA SER J 53 31.69 14.19 12.79
C SER J 53 33.17 14.44 13.08
N PHE J 54 33.85 15.10 12.14
CA PHE J 54 35.27 15.41 12.25
C PHE J 54 35.46 16.92 12.19
N HIS J 55 36.35 17.43 13.07
CA HIS J 55 36.58 18.86 13.18
C HIS J 55 38.07 19.14 13.18
N TRP J 56 38.44 20.32 12.65
CA TRP J 56 39.80 20.83 12.67
C TRP J 56 39.86 22.07 13.53
N VAL J 57 40.80 22.08 14.48
CA VAL J 57 40.99 23.18 15.42
C VAL J 57 42.47 23.58 15.36
N ARG J 58 42.77 24.78 15.83
CA ARG J 58 44.16 25.24 15.89
C ARG J 58 44.41 25.99 17.18
N GLN J 59 45.68 26.04 17.58
CA GLN J 59 46.10 26.73 18.80
C GLN J 59 47.42 27.43 18.52
N ALA J 60 47.42 28.75 18.64
CA ALA J 60 48.62 29.55 18.48
C ALA J 60 49.50 29.42 19.73
N PRO J 61 50.82 29.60 19.59
CA PRO J 61 51.71 29.51 20.75
C PRO J 61 51.36 30.57 21.79
N GLY J 62 51.08 30.11 23.01
CA GLY J 62 50.75 31.01 24.09
C GLY J 62 49.36 31.60 24.04
N GLN J 63 48.49 31.09 23.18
CA GLN J 63 47.13 31.61 23.02
C GLN J 63 46.12 30.49 23.29
N GLY J 64 44.85 30.80 23.07
CA GLY J 64 43.77 29.86 23.30
C GLY J 64 43.48 29.01 22.08
N LEU J 65 42.36 28.31 22.15
CA LEU J 65 41.92 27.43 21.07
C LEU J 65 41.01 28.18 20.12
N GLU J 66 41.05 27.78 18.84
CA GLU J 66 40.29 28.44 17.78
C GLU J 66 39.70 27.37 16.88
N TRP J 67 38.40 27.13 17.00
CA TRP J 67 37.72 26.12 16.20
C TRP J 67 37.68 26.57 14.75
N LEU J 68 38.42 25.88 13.88
CA LEU J 68 38.49 26.26 12.48
C LEU J 68 37.28 25.77 11.69
N GLY J 69 37.06 24.46 11.68
CA GLY J 69 35.96 23.92 10.90
C GLY J 69 35.55 22.54 11.37
N GLY J 70 34.53 21.99 10.71
CA GLY J 70 34.07 20.65 11.02
C GLY J 70 32.90 20.27 10.15
N PHE J 71 32.66 18.95 10.04
CA PHE J 71 31.60 18.46 9.19
C PHE J 71 31.35 16.97 9.45
N ILE J 72 30.19 16.50 9.02
CA ILE J 72 29.90 15.07 8.91
C ILE J 72 30.11 14.66 7.47
N PRO J 73 30.95 13.65 7.20
CA PRO J 73 31.24 13.31 5.79
C PRO J 73 30.01 12.92 4.98
N LEU J 74 29.01 12.30 5.61
CA LEU J 74 27.84 11.88 4.86
C LEU J 74 27.07 13.05 4.28
N VAL J 75 26.92 14.13 5.06
CA VAL J 75 26.21 15.31 4.58
C VAL J 75 26.97 15.97 3.43
N GLY J 76 28.28 16.13 3.59
CA GLY J 76 29.13 16.63 2.53
C GLY J 76 29.21 18.13 2.38
N LYS J 77 28.67 18.89 3.33
CA LYS J 77 28.72 20.35 3.28
C LYS J 77 29.36 20.88 4.55
N PRO J 78 30.68 21.17 4.54
CA PRO J 78 31.35 21.58 5.76
C PRO J 78 30.92 22.96 6.22
N ASN J 79 31.24 23.26 7.48
CA ASN J 79 30.99 24.54 8.10
C ASN J 79 32.32 25.21 8.42
N TYR J 80 32.43 26.50 8.10
CA TYR J 80 33.67 27.24 8.29
C TYR J 80 33.42 28.48 9.12
N THR J 81 34.50 28.96 9.74
CA THR J 81 34.48 30.26 10.41
C THR J 81 34.63 31.38 9.39
N ASN J 82 33.92 32.48 9.62
CA ASN J 82 33.91 33.56 8.63
C ASN J 82 35.30 34.18 8.46
N LYS J 83 36.15 34.12 9.49
CA LYS J 83 37.50 34.65 9.36
C LYS J 83 38.31 33.87 8.33
N PHE J 84 38.17 32.54 8.33
CA PHE J 84 38.93 31.68 7.44
C PHE J 84 38.17 31.32 6.17
N ARG J 85 37.03 31.97 5.92
CA ARG J 85 36.28 31.72 4.70
C ARG J 85 37.09 32.15 3.48
N GLY J 86 37.13 31.28 2.47
CA GLY J 86 37.90 31.53 1.27
C GLY J 86 39.35 31.12 1.35
N ARG J 87 39.82 30.67 2.51
CA ARG J 87 41.20 30.22 2.67
C ARG J 87 41.30 28.78 3.15
N LEU J 88 40.22 28.18 3.63
CA LEU J 88 40.25 26.87 4.27
C LEU J 88 39.37 25.91 3.48
N THR J 89 39.87 24.69 3.28
CA THR J 89 39.11 23.63 2.61
C THR J 89 39.22 22.35 3.43
N ILE J 90 38.09 21.70 3.65
CA ILE J 90 38.03 20.45 4.40
C ILE J 90 37.40 19.39 3.51
N THR J 91 38.11 18.29 3.30
CA THR J 91 37.65 17.20 2.44
C THR J 91 37.83 15.88 3.16
N ALA J 92 37.26 14.82 2.59
CA ALA J 92 37.31 13.51 3.20
C ALA J 92 37.53 12.45 2.13
N ASP J 93 38.04 11.30 2.56
CA ASP J 93 38.28 10.15 1.68
C ASP J 93 37.86 8.91 2.46
N GLU J 94 36.71 8.34 2.10
CA GLU J 94 36.19 7.19 2.82
C GLU J 94 36.95 5.92 2.47
N SER J 95 37.52 5.85 1.26
CA SER J 95 38.30 4.68 0.88
C SER J 95 39.53 4.52 1.78
N ALA J 96 40.22 5.63 2.04
CA ALA J 96 41.34 5.64 2.97
C ALA J 96 40.92 6.08 4.37
N ARG J 97 39.65 6.47 4.56
CA ARG J 97 39.12 6.88 5.86
C ARG J 97 39.94 8.00 6.48
N THR J 98 40.29 9.00 5.69
CA THR J 98 41.11 10.10 6.17
C THR J 98 40.53 11.43 5.74
N THR J 99 40.61 12.42 6.62
CA THR J 99 40.15 13.77 6.34
C THR J 99 41.34 14.69 6.10
N TYR J 100 41.21 15.55 5.10
CA TYR J 100 42.27 16.46 4.69
C TYR J 100 41.84 17.90 4.93
N MET J 101 42.79 18.71 5.40
CA MET J 101 42.60 20.13 5.59
C MET J 101 43.64 20.90 4.79
N GLU J 102 43.18 21.80 3.93
CA GLU J 102 44.05 22.61 3.09
C GLU J 102 43.89 24.08 3.48
N LEU J 103 45.02 24.72 3.81
CA LEU J 103 45.04 26.14 4.16
C LEU J 103 45.94 26.86 3.16
N ARG J 104 45.41 27.91 2.53
CA ARG J 104 46.10 28.63 1.49
C ARG J 104 46.41 30.05 1.95
N SER J 105 47.41 30.66 1.29
CA SER J 105 47.86 32.02 1.57
C SER J 105 48.27 32.17 3.03
N LEU J 106 49.28 31.40 3.42
CA LEU J 106 49.78 31.43 4.78
C LEU J 106 50.44 32.77 5.09
N ARG J 107 50.23 33.26 6.31
CA ARG J 107 50.79 34.51 6.77
C ARG J 107 51.70 34.23 7.98
N SER J 108 52.31 35.30 8.50
CA SER J 108 53.30 35.15 9.56
C SER J 108 52.68 34.66 10.86
N ASP J 109 51.36 34.83 11.02
CA ASP J 109 50.67 34.45 12.25
C ASP J 109 50.01 33.08 12.17
N ASP J 110 50.29 32.31 11.12
CA ASP J 110 49.69 30.99 10.95
C ASP J 110 50.53 29.86 11.55
N THR J 111 51.67 30.17 12.16
CA THR J 111 52.47 29.15 12.82
C THR J 111 51.78 28.74 14.11
N ALA J 112 51.35 27.48 14.18
CA ALA J 112 50.54 27.03 15.31
C ALA J 112 50.48 25.51 15.32
N ILE J 113 49.80 24.96 16.33
CA ILE J 113 49.58 23.53 16.46
C ILE J 113 48.15 23.24 16.04
N TYR J 114 47.98 22.37 15.05
CA TYR J 114 46.68 22.03 14.49
C TYR J 114 46.24 20.67 14.99
N TYR J 115 45.02 20.60 15.52
CA TYR J 115 44.44 19.39 16.09
C TYR J 115 43.28 18.91 15.25
N CYS J 116 43.16 17.59 15.16
CA CYS J 116 42.04 16.91 14.50
C CYS J 116 41.23 16.21 15.58
N ALA J 117 39.93 16.53 15.66
CA ALA J 117 39.07 16.00 16.69
C ALA J 117 37.86 15.32 16.07
N GLY J 118 37.19 14.49 16.86
CA GLY J 118 36.04 13.75 16.39
C GLY J 118 34.96 13.70 17.45
N GLY J 119 33.72 13.57 16.99
CA GLY J 119 32.59 13.48 17.88
C GLY J 119 31.42 12.80 17.21
N GLY J 120 30.47 12.37 18.04
CA GLY J 120 29.28 11.70 17.56
C GLY J 120 28.09 12.63 17.47
N ALA J 121 27.19 12.33 16.54
CA ALA J 121 26.00 13.14 16.32
C ALA J 121 24.81 12.23 16.00
N TYR J 122 23.61 12.78 16.18
CA TYR J 122 22.39 12.07 15.80
C TYR J 122 21.45 13.03 15.09
N SER J 123 20.35 12.49 14.59
CA SER J 123 19.39 13.25 13.80
C SER J 123 17.99 13.09 14.39
N SER J 124 17.27 14.20 14.47
CA SER J 124 15.88 14.21 14.95
C SER J 124 14.88 14.39 13.82
N GLY J 125 15.33 14.37 12.58
CA GLY J 125 14.44 14.46 11.44
C GLY J 125 14.36 15.86 10.86
N GLY J 126 14.09 15.93 9.56
CA GLY J 126 13.96 17.20 8.88
C GLY J 126 15.23 18.01 8.79
N GLY J 127 16.38 17.35 8.63
CA GLY J 127 17.63 18.04 8.48
C GLY J 127 18.24 18.58 9.75
N ARG J 128 17.80 18.11 10.91
CA ARG J 128 18.33 18.55 12.20
C ARG J 128 19.38 17.56 12.67
N PHE J 129 20.54 18.07 13.08
CA PHE J 129 21.60 17.25 13.63
C PHE J 129 22.02 17.80 14.99
N HIS J 130 22.21 16.91 15.95
CA HIS J 130 22.59 17.26 17.30
C HIS J 130 23.92 16.59 17.64
N TYR J 131 24.84 17.36 18.20
CA TYR J 131 26.21 16.92 18.47
C TYR J 131 26.42 16.74 19.97
N PHE J 132 27.64 16.35 20.33
CA PHE J 132 28.00 16.16 21.73
C PHE J 132 29.36 16.73 22.10
N GLY J 133 30.10 17.30 21.15
CA GLY J 133 31.40 17.85 21.41
C GLY J 133 32.49 17.19 20.60
N MET J 134 33.69 17.17 21.17
CA MET J 134 34.87 16.57 20.56
C MET J 134 35.52 15.65 21.59
N ALA J 135 35.10 14.39 21.62
CA ALA J 135 35.59 13.45 22.62
C ALA J 135 37.00 12.94 22.31
N VAL J 136 37.33 12.76 21.04
CA VAL J 136 38.61 12.18 20.63
C VAL J 136 39.46 13.29 20.01
N TRP J 137 40.71 13.38 20.45
CA TRP J 137 41.66 14.37 19.97
C TRP J 137 42.89 13.70 19.41
N GLY J 138 43.47 14.31 18.38
CA GLY J 138 44.75 13.88 17.86
C GLY J 138 45.91 14.45 18.65
N GLN J 139 47.12 14.06 18.24
CA GLN J 139 48.32 14.53 18.93
C GLN J 139 48.75 15.93 18.48
N GLY J 140 48.23 16.41 17.35
CA GLY J 140 48.57 17.75 16.89
C GLY J 140 49.76 17.75 15.95
N SER J 141 49.74 18.70 15.01
CA SER J 141 50.81 18.89 14.05
C SER J 141 51.27 20.33 14.10
N THR J 142 52.58 20.55 14.16
CA THR J 142 53.14 21.89 14.25
C THR J 142 53.41 22.41 12.84
N VAL J 143 52.83 23.57 12.53
CA VAL J 143 52.97 24.19 11.21
C VAL J 143 53.66 25.54 11.41
N THR J 144 54.77 25.74 10.69
CA THR J 144 55.57 26.95 10.81
C THR J 144 55.91 27.49 9.42
N VAL J 145 55.81 28.81 9.28
CA VAL J 145 56.19 29.51 8.06
C VAL J 145 57.16 30.62 8.43
N SER J 146 58.29 30.67 7.74
CA SER J 146 59.32 31.65 7.98
C SER J 146 60.30 31.63 6.80
N SER J 147 61.26 32.55 6.83
CA SER J 147 62.28 32.64 5.79
C SER J 147 63.50 31.77 6.07
N ALA J 148 63.59 31.16 7.24
CA ALA J 148 64.73 30.33 7.57
C ALA J 148 64.63 28.96 6.92
N SER J 149 65.75 28.25 6.89
CA SER J 149 65.84 26.92 6.31
C SER J 149 66.06 25.87 7.39
N THR J 150 65.85 24.62 7.02
CA THR J 150 66.04 23.51 7.96
C THR J 150 67.51 23.39 8.37
N LYS J 151 67.73 23.07 9.64
CA LYS J 151 69.08 22.94 10.19
C LYS J 151 69.11 21.72 11.10
N GLY J 152 70.08 20.83 10.86
CA GLY J 152 70.26 19.66 11.70
C GLY J 152 70.65 20.02 13.11
N PRO J 153 70.07 19.33 14.09
CA PRO J 153 70.36 19.64 15.49
C PRO J 153 71.77 19.26 15.89
N SER J 154 72.30 19.98 16.88
CA SER J 154 73.59 19.70 17.48
C SER J 154 73.38 19.31 18.93
N VAL J 155 73.97 18.19 19.33
CA VAL J 155 73.74 17.61 20.65
C VAL J 155 75.05 17.62 21.44
N PHE J 156 74.99 18.11 22.67
CA PHE J 156 76.15 18.14 23.54
C PHE J 156 75.78 17.52 24.89
N PRO J 157 76.53 16.53 25.36
CA PRO J 157 76.16 15.83 26.61
C PRO J 157 76.55 16.63 27.83
N LEU J 158 75.56 17.04 28.61
CA LEU J 158 75.78 17.65 29.91
C LEU J 158 76.20 16.58 30.90
N ALA J 159 77.50 16.36 31.04
CA ALA J 159 78.05 15.28 31.85
C ALA J 159 77.91 15.59 33.33
N PRO J 160 77.68 14.57 34.16
CA PRO J 160 77.68 14.80 35.61
C PRO J 160 79.09 15.03 36.14
N SER J 161 79.17 15.72 37.27
CA SER J 161 80.44 16.03 37.90
C SER J 161 80.22 16.23 39.39
N SER J 162 81.29 16.57 40.10
CA SER J 162 81.19 16.83 41.54
C SER J 162 80.38 18.08 41.82
N LYS J 163 80.36 19.04 40.90
CA LYS J 163 79.59 20.26 41.06
C LYS J 163 78.10 20.04 40.83
N SER J 164 77.72 18.93 40.20
CA SER J 164 76.32 18.62 39.94
C SER J 164 75.77 17.54 40.88
N THR J 165 76.49 17.26 41.96
CA THR J 165 76.09 16.25 42.93
C THR J 165 75.73 16.93 44.25
N SER J 166 74.55 16.60 44.78
CA SER J 166 74.10 17.17 46.04
C SER J 166 73.30 16.12 46.79
N GLY J 167 73.81 15.70 47.94
CA GLY J 167 73.12 14.69 48.74
C GLY J 167 72.98 13.35 48.08
N GLY J 168 74.03 12.90 47.38
CA GLY J 168 74.02 11.62 46.72
C GLY J 168 73.28 11.58 45.40
N THR J 169 72.76 12.71 44.92
CA THR J 169 72.05 12.79 43.66
C THR J 169 72.81 13.69 42.70
N ALA J 170 73.12 13.16 41.52
CA ALA J 170 73.85 13.89 40.50
C ALA J 170 72.95 14.15 39.30
N ALA J 171 73.06 15.35 38.74
CA ALA J 171 72.23 15.76 37.61
C ALA J 171 73.07 15.75 36.33
N LEU J 172 72.57 15.06 35.31
CA LEU J 172 73.19 15.02 34.00
C LEU J 172 72.14 15.38 32.96
N GLY J 173 72.50 15.32 31.69
CA GLY J 173 71.51 15.57 30.65
C GLY J 173 72.15 15.75 29.28
N CYS J 174 71.38 16.36 28.39
CA CYS J 174 71.83 16.65 27.03
C CYS J 174 71.24 17.97 26.58
N LEU J 175 72.05 18.80 25.92
CA LEU J 175 71.60 20.08 25.40
C LEU J 175 71.56 20.00 23.87
N VAL J 176 70.54 20.64 23.30
CA VAL J 176 70.35 20.70 21.85
C VAL J 176 70.44 22.17 21.43
N LYS J 177 71.28 22.42 20.43
CA LYS J 177 71.56 23.77 19.95
C LYS J 177 71.66 23.74 18.43
N ASP J 178 71.41 24.88 17.80
CA ASP J 178 71.53 25.06 16.35
C ASP J 178 70.63 24.10 15.59
N TYR J 179 69.33 24.26 15.83
CA TYR J 179 68.32 23.49 15.13
C TYR J 179 67.13 24.40 14.80
N PHE J 180 66.46 24.09 13.70
CA PHE J 180 65.31 24.87 13.26
C PHE J 180 64.56 24.12 12.17
N PRO J 181 63.22 24.11 12.19
CA PRO J 181 62.33 24.69 13.21
C PRO J 181 61.97 23.68 14.29
N GLU J 182 60.93 23.98 15.06
CA GLU J 182 60.42 23.05 16.06
C GLU J 182 59.72 21.88 15.39
N PRO J 183 59.56 20.75 16.10
CA PRO J 183 60.04 20.44 17.44
C PRO J 183 61.17 19.42 17.47
N VAL J 184 61.70 19.13 18.66
CA VAL J 184 62.67 18.07 18.87
C VAL J 184 62.19 17.22 20.04
N THR J 185 62.20 15.90 19.86
CA THR J 185 61.75 14.98 20.89
C THR J 185 62.96 14.36 21.58
N VAL J 186 63.00 14.45 22.90
CA VAL J 186 64.12 13.96 23.71
C VAL J 186 63.61 12.88 24.64
N SER J 187 64.29 11.73 24.64
CA SER J 187 63.94 10.61 25.50
C SER J 187 65.20 10.04 26.14
N TRP J 188 65.01 9.34 27.25
CA TRP J 188 66.11 8.75 28.00
C TRP J 188 65.96 7.24 28.03
N ASN J 189 67.01 6.53 27.64
CA ASN J 189 67.04 5.06 27.65
C ASN J 189 65.86 4.47 26.89
N SER J 190 65.54 5.08 25.75
CA SER J 190 64.39 4.69 24.93
C SER J 190 63.10 4.70 25.74
N GLY J 191 62.96 5.70 26.61
CA GLY J 191 61.79 5.83 27.44
C GLY J 191 61.79 5.02 28.71
N ALA J 192 62.86 4.27 29.00
CA ALA J 192 62.92 3.49 30.23
C ALA J 192 62.95 4.39 31.45
N LEU J 193 63.71 5.48 31.40
CA LEU J 193 63.86 6.41 32.51
C LEU J 193 62.97 7.62 32.27
N THR J 194 62.03 7.86 33.19
CA THR J 194 61.12 8.99 33.07
C THR J 194 61.09 9.82 34.36
N SER J 195 61.39 9.18 35.48
CA SER J 195 61.35 9.87 36.77
C SER J 195 62.51 10.86 36.88
N GLY J 196 62.20 12.07 37.32
CA GLY J 196 63.22 13.09 37.50
C GLY J 196 63.70 13.74 36.22
N VAL J 197 63.04 13.51 35.09
CA VAL J 197 63.46 14.06 33.81
C VAL J 197 62.74 15.40 33.60
N HIS J 198 63.50 16.46 33.41
CA HIS J 198 62.97 17.79 33.17
C HIS J 198 63.45 18.27 31.80
N THR J 199 62.51 18.56 30.92
CA THR J 199 62.80 19.07 29.58
C THR J 199 62.32 20.52 29.52
N PHE J 200 63.25 21.45 29.66
CA PHE J 200 62.89 22.86 29.65
C PHE J 200 62.43 23.28 28.26
N PRO J 201 61.45 24.18 28.16
CA PRO J 201 60.96 24.61 26.84
C PRO J 201 62.03 25.34 26.05
N ALA J 202 61.96 25.22 24.73
CA ALA J 202 62.92 25.86 23.86
C ALA J 202 62.77 27.38 23.89
N VAL J 203 63.86 28.07 23.62
CA VAL J 203 63.90 29.53 23.62
C VAL J 203 64.47 30.00 22.28
N LEU J 204 64.25 31.28 21.98
CA LEU J 204 64.69 31.90 20.75
C LEU J 204 65.89 32.79 21.04
N GLN J 205 66.97 32.57 20.29
CA GLN J 205 68.18 33.37 20.41
C GLN J 205 68.22 34.42 19.31
N SER J 206 69.20 35.32 19.41
CA SER J 206 69.36 36.37 18.42
C SER J 206 69.77 35.84 17.06
N SER J 207 70.34 34.62 17.01
CA SER J 207 70.75 34.02 15.75
C SER J 207 69.58 33.51 14.92
N GLY J 208 68.37 33.47 15.48
CA GLY J 208 67.22 32.97 14.77
C GLY J 208 66.96 31.49 14.94
N LEU J 209 67.80 30.78 15.68
CA LEU J 209 67.63 29.35 15.94
C LEU J 209 67.26 29.13 17.40
N TYR J 210 66.80 27.92 17.70
CA TYR J 210 66.32 27.55 19.02
C TYR J 210 67.37 26.73 19.75
N SER J 211 67.12 26.51 21.04
CA SER J 211 68.02 25.76 21.90
C SER J 211 67.25 25.32 23.14
N LEU J 212 67.67 24.20 23.71
CA LEU J 212 67.08 23.71 24.95
C LEU J 212 68.05 22.73 25.61
N SER J 213 67.69 22.26 26.80
CA SER J 213 68.51 21.32 27.55
C SER J 213 67.60 20.45 28.40
N SER J 214 67.64 19.14 28.17
CA SER J 214 66.84 18.19 28.92
C SER J 214 67.75 17.46 29.91
N VAL J 215 67.41 17.51 31.19
CA VAL J 215 68.26 17.01 32.26
C VAL J 215 67.49 15.95 33.06
N VAL J 216 68.24 15.24 33.89
CA VAL J 216 67.69 14.19 34.74
C VAL J 216 68.63 14.02 35.93
N THR J 217 68.05 13.82 37.11
CA THR J 217 68.79 13.61 38.35
C THR J 217 68.71 12.13 38.72
N VAL J 218 69.87 11.52 38.95
CA VAL J 218 69.95 10.09 39.27
C VAL J 218 70.86 9.91 40.47
N PRO J 219 70.69 8.82 41.22
CA PRO J 219 71.59 8.56 42.35
C PRO J 219 73.03 8.45 41.89
N SER J 220 73.95 8.96 42.72
CA SER J 220 75.36 9.01 42.34
C SER J 220 75.97 7.62 42.26
N SER J 221 75.42 6.65 42.99
CA SER J 221 75.96 5.29 42.95
C SER J 221 75.73 4.62 41.61
N SER J 222 74.75 5.08 40.83
CA SER J 222 74.44 4.49 39.53
C SER J 222 75.22 5.11 38.39
N LEU J 223 76.05 6.13 38.67
CA LEU J 223 76.83 6.76 37.60
C LEU J 223 77.81 5.79 36.98
N GLY J 224 78.50 5.00 37.81
CA GLY J 224 79.45 4.03 37.33
C GLY J 224 78.89 2.68 36.95
N THR J 225 77.59 2.47 37.12
CA THR J 225 76.96 1.18 36.82
C THR J 225 75.84 1.26 35.80
N GLN J 226 75.14 2.39 35.71
CA GLN J 226 74.01 2.55 34.79
C GLN J 226 74.42 3.42 33.61
N THR J 227 74.13 2.94 32.41
CA THR J 227 74.43 3.67 31.18
C THR J 227 73.26 4.58 30.83
N TYR J 228 73.57 5.86 30.62
CA TYR J 228 72.56 6.87 30.29
C TYR J 228 72.77 7.31 28.85
N ILE J 229 71.72 7.21 28.04
CA ILE J 229 71.75 7.62 26.64
C ILE J 229 70.53 8.48 26.36
N CYS J 230 70.75 9.65 25.78
CA CYS J 230 69.69 10.55 25.37
C CYS J 230 69.45 10.42 23.87
N ASN J 231 68.22 10.13 23.49
CA ASN J 231 67.83 9.99 22.09
C ASN J 231 67.04 11.23 21.70
N VAL J 232 67.52 11.95 20.68
CA VAL J 232 66.89 13.17 20.21
C VAL J 232 66.50 12.99 18.76
N ASN J 233 65.28 13.40 18.43
CA ASN J 233 64.73 13.27 17.10
C ASN J 233 64.26 14.63 16.59
N HIS J 234 64.66 14.96 15.37
CA HIS J 234 64.30 16.20 14.68
C HIS J 234 63.70 15.75 13.36
N LYS J 235 62.37 15.58 13.35
CA LYS J 235 61.69 15.01 12.19
C LYS J 235 61.81 15.86 10.92
N PRO J 236 61.58 17.17 10.95
CA PRO J 236 61.67 17.93 9.68
C PRO J 236 63.03 17.83 9.01
N SER J 237 64.11 17.70 9.77
CA SER J 237 65.42 17.45 9.18
C SER J 237 65.75 15.96 9.12
N ASN J 238 64.86 15.10 9.59
CA ASN J 238 65.06 13.65 9.58
C ASN J 238 66.37 13.25 10.27
N THR J 239 66.54 13.71 11.50
CA THR J 239 67.75 13.47 12.27
C THR J 239 67.41 12.70 13.54
N LYS J 240 68.19 11.65 13.82
CA LYS J 240 68.06 10.87 15.05
C LYS J 240 69.45 10.66 15.64
N VAL J 241 69.69 11.24 16.81
CA VAL J 241 71.00 11.20 17.45
C VAL J 241 70.86 10.57 18.82
N ASP J 242 71.68 9.56 19.09
CA ASP J 242 71.76 8.92 20.40
C ASP J 242 73.10 9.27 21.02
N LYS J 243 73.09 10.07 22.08
CA LYS J 243 74.30 10.54 22.72
C LYS J 243 74.41 9.95 24.12
N ARG J 244 75.54 9.32 24.41
CA ARG J 244 75.76 8.72 25.72
C ARG J 244 76.36 9.75 26.67
N VAL J 245 75.86 9.75 27.91
CA VAL J 245 76.31 10.67 28.94
C VAL J 245 77.13 9.89 29.96
N GLU J 246 78.38 10.29 30.17
CA GLU J 246 79.27 9.68 31.13
C GLU J 246 79.94 10.76 31.96
N PRO J 247 80.31 10.45 33.20
CA PRO J 247 81.05 11.43 34.01
C PRO J 247 82.35 11.84 33.33
N LYS J 248 82.68 13.13 33.45
CA LYS J 248 83.85 13.65 32.77
C LYS J 248 85.13 13.10 33.40
N SER J 249 86.03 12.60 32.56
CA SER J 249 87.29 12.04 33.02
C SER J 249 88.19 13.16 33.54
N CYS J 250 88.82 12.91 34.70
CA CYS J 250 89.68 13.91 35.31
C CYS J 250 91.00 13.30 35.75
N ILE K 23 28.10 33.62 19.34
CA ILE K 23 27.95 33.40 20.77
C ILE K 23 29.32 33.50 21.44
N GLN K 24 29.41 34.31 22.50
CA GLN K 24 30.65 34.54 23.21
C GLN K 24 30.56 33.96 24.62
N LEU K 25 31.63 33.30 25.03
CA LEU K 25 31.72 32.67 26.35
C LEU K 25 32.77 33.40 27.19
N THR K 26 32.39 33.80 28.39
CA THR K 26 33.29 34.44 29.34
C THR K 26 33.53 33.51 30.50
N GLN K 27 34.80 33.24 30.79
CA GLN K 27 35.19 32.28 31.82
C GLN K 27 35.90 33.00 32.95
N SER K 28 35.47 32.74 34.19
CA SER K 28 36.04 33.39 35.36
C SER K 28 36.31 32.35 36.44
N PRO K 29 37.33 32.55 37.28
CA PRO K 29 38.35 33.62 37.21
C PRO K 29 39.44 33.30 36.20
N SER K 30 40.28 34.26 35.85
CA SER K 30 41.36 34.00 34.90
C SER K 30 42.38 33.03 35.49
N THR K 31 42.78 33.26 36.73
CA THR K 31 43.73 32.40 37.42
C THR K 31 43.20 32.08 38.82
N LEU K 32 43.58 30.90 39.32
CA LEU K 32 43.13 30.48 40.64
C LEU K 32 44.09 29.43 41.17
N SER K 33 44.46 29.57 42.45
CA SER K 33 45.33 28.61 43.12
C SER K 33 44.76 28.28 44.48
N ALA K 34 44.73 26.99 44.82
CA ALA K 34 44.19 26.52 46.08
C ALA K 34 45.04 25.38 46.60
N PRO K 35 45.07 25.18 47.91
CA PRO K 35 45.83 24.05 48.48
C PRO K 35 45.11 22.73 48.24
N VAL K 36 45.86 21.65 48.40
CA VAL K 36 45.32 20.31 48.21
C VAL K 36 44.27 20.03 49.28
N GLY K 37 43.13 19.49 48.86
CA GLY K 37 42.03 19.19 49.76
C GLY K 37 40.87 20.16 49.71
N ALA K 38 41.04 21.31 49.07
CA ALA K 38 39.97 22.29 48.94
C ALA K 38 39.32 22.19 47.56
N GLY K 39 38.16 22.82 47.43
CA GLY K 39 37.39 22.81 46.20
C GLY K 39 37.45 24.18 45.53
N VAL K 40 37.37 24.17 44.20
CA VAL K 40 37.40 25.39 43.41
C VAL K 40 36.22 25.38 42.45
N THR K 41 35.79 26.57 42.04
CA THR K 41 34.66 26.75 41.14
C THR K 41 35.05 27.67 40.00
N ILE K 42 34.65 27.29 38.78
CA ILE K 42 34.88 28.08 37.58
C ILE K 42 33.53 28.34 36.93
N THR K 43 33.26 29.59 36.57
CA THR K 43 31.98 30.01 36.02
C THR K 43 32.14 30.37 34.55
N CYS K 44 31.31 29.76 33.71
CA CYS K 44 31.26 30.05 32.28
C CYS K 44 29.91 30.69 31.97
N GLN K 45 29.94 31.87 31.36
CA GLN K 45 28.75 32.66 31.11
C GLN K 45 28.62 32.91 29.61
N ALA K 46 27.43 32.67 29.07
CA ALA K 46 27.18 32.79 27.64
C ALA K 46 26.42 34.09 27.35
N SER K 47 26.74 34.71 26.22
CA SER K 47 26.07 35.94 25.83
C SER K 47 24.59 35.70 25.51
N GLN K 48 24.21 34.48 25.15
CA GLN K 48 22.82 34.15 24.88
C GLN K 48 22.59 32.70 25.23
N SER K 49 21.32 32.32 25.31
CA SER K 49 20.95 30.96 25.71
C SER K 49 21.49 29.95 24.71
N ILE K 50 22.12 28.90 25.24
CA ILE K 50 22.64 27.81 24.41
C ILE K 50 22.04 26.50 24.90
N SER K 51 20.83 26.56 25.45
CA SER K 51 20.18 25.41 26.06
C SER K 51 21.08 24.80 27.13
N ASN K 52 21.61 23.61 26.87
CA ASN K 52 22.56 22.99 27.78
C ASN K 52 23.70 22.33 27.03
N GLY K 53 24.06 22.86 25.85
CA GLY K 53 25.12 22.29 25.05
C GLY K 53 26.48 22.87 25.36
N LEU K 54 27.03 22.53 26.52
CA LEU K 54 28.35 23.01 26.94
C LEU K 54 29.22 21.82 27.32
N ALA K 55 30.50 21.92 27.00
CA ALA K 55 31.48 20.89 27.30
C ALA K 55 32.67 21.50 28.04
N TRP K 56 33.13 20.80 29.07
CA TRP K 56 34.28 21.20 29.86
C TRP K 56 35.46 20.32 29.49
N TYR K 57 36.57 20.94 29.08
CA TYR K 57 37.79 20.26 28.68
C TYR K 57 38.94 20.64 29.60
N GLN K 58 39.88 19.71 29.77
CA GLN K 58 41.10 19.91 30.54
C GLN K 58 42.30 19.67 29.65
N GLN K 59 43.33 20.50 29.82
CA GLN K 59 44.57 20.37 29.06
C GLN K 59 45.77 20.56 29.98
N LYS K 60 46.71 19.64 29.89
CA LYS K 60 47.98 19.76 30.57
C LYS K 60 49.05 20.25 29.60
N PRO K 61 50.08 20.93 30.09
CA PRO K 61 51.14 21.43 29.20
C PRO K 61 51.78 20.29 28.42
N GLY K 62 52.04 20.55 27.14
CA GLY K 62 52.61 19.54 26.26
C GLY K 62 51.73 18.32 26.07
N ARG K 63 50.42 18.50 25.99
CA ARG K 63 49.49 17.39 25.83
C ARG K 63 48.21 17.90 25.17
N ALA K 64 47.55 17.01 24.43
CA ALA K 64 46.30 17.34 23.78
C ALA K 64 45.19 17.51 24.81
N PRO K 65 44.17 18.32 24.50
CA PRO K 65 43.06 18.49 25.44
C PRO K 65 42.30 17.19 25.66
N LYS K 66 41.72 17.07 26.85
CA LYS K 66 40.91 15.92 27.23
C LYS K 66 39.57 16.41 27.74
N MET K 67 38.49 15.83 27.22
CA MET K 67 37.15 16.25 27.60
C MET K 67 36.79 15.68 28.97
N LEU K 68 36.31 16.54 29.86
CA LEU K 68 35.86 16.14 31.18
C LEU K 68 34.35 16.02 31.28
N ILE K 69 33.62 17.02 30.82
CA ILE K 69 32.17 17.09 30.99
C ILE K 69 31.52 17.35 29.64
N THR K 70 30.42 16.63 29.37
CA THR K 70 29.61 16.87 28.19
C THR K 70 28.16 17.09 28.61
N GLU K 71 27.41 17.78 27.76
CA GLU K 71 26.01 18.12 27.99
C GLU K 71 25.80 18.97 29.24
N GLY K 72 26.87 19.58 29.75
CA GLY K 72 26.80 20.44 30.92
C GLY K 72 26.99 19.76 32.25
N SER K 73 26.38 18.59 32.44
CA SER K 73 26.43 17.91 33.73
C SER K 73 26.71 16.41 33.62
N SER K 74 26.83 15.85 32.43
CA SER K 74 27.07 14.42 32.27
C SER K 74 28.57 14.15 32.39
N LEU K 75 28.95 13.29 33.33
CA LEU K 75 30.35 12.97 33.57
C LEU K 75 30.85 11.99 32.51
N LYS K 76 32.02 12.28 31.95
CA LYS K 76 32.59 11.43 30.91
C LYS K 76 33.14 10.14 31.53
N SER K 77 33.20 9.10 30.71
CA SER K 77 33.74 7.82 31.16
C SER K 77 35.25 7.93 31.39
N GLY K 78 35.71 7.34 32.48
CA GLY K 78 37.11 7.38 32.84
C GLY K 78 37.55 8.61 33.59
N VAL K 79 36.63 9.51 33.92
CA VAL K 79 36.95 10.74 34.63
C VAL K 79 36.64 10.55 36.11
N PRO K 80 37.51 10.99 37.01
CA PRO K 80 37.22 10.84 38.44
C PRO K 80 35.98 11.62 38.86
N ASP K 81 35.31 11.13 39.90
CA ASP K 81 34.06 11.72 40.38
C ASP K 81 34.25 13.10 40.99
N ARG K 82 35.50 13.51 41.25
CA ARG K 82 35.73 14.80 41.90
C ARG K 82 35.28 15.99 41.06
N PHE K 83 35.25 15.84 39.74
CA PHE K 83 34.80 16.89 38.85
C PHE K 83 33.28 16.85 38.72
N ARG K 84 32.64 17.99 38.91
CA ARG K 84 31.20 18.10 38.74
C ARG K 84 30.87 19.31 37.87
N GLY K 85 29.84 19.17 37.05
CA GLY K 85 29.36 20.25 36.22
C GLY K 85 27.88 20.47 36.42
N SER K 86 27.46 21.73 36.35
CA SER K 86 26.05 22.05 36.53
C SER K 86 25.75 23.38 35.86
N GLY K 87 24.48 23.75 35.86
CA GLY K 87 24.04 25.00 35.30
C GLY K 87 23.12 24.80 34.11
N SER K 88 22.66 25.93 33.57
CA SER K 88 21.73 25.94 32.45
C SER K 88 21.63 27.38 31.95
N GLY K 89 20.75 27.58 30.97
CA GLY K 89 20.51 28.90 30.43
C GLY K 89 21.78 29.53 29.86
N THR K 90 22.31 30.52 30.56
CA THR K 90 23.56 31.16 30.18
C THR K 90 24.66 31.02 31.22
N HIS K 91 24.40 30.34 32.34
CA HIS K 91 25.36 30.21 33.41
C HIS K 91 25.67 28.74 33.68
N PHE K 92 26.95 28.40 33.69
CA PHE K 92 27.40 27.04 33.98
C PHE K 92 28.56 27.10 34.97
N ILE K 93 28.64 26.07 35.81
CA ILE K 93 29.61 26.02 36.90
C ILE K 93 30.33 24.67 36.86
N LEU K 94 31.66 24.72 36.95
CA LEU K 94 32.49 23.53 37.10
C LEU K 94 33.12 23.55 38.49
N THR K 95 32.95 22.46 39.24
CA THR K 95 33.37 22.40 40.62
C THR K 95 34.33 21.23 40.81
N ILE K 96 35.45 21.50 41.48
CA ILE K 96 36.41 20.47 41.88
C ILE K 96 36.35 20.39 43.41
N SER K 97 35.88 19.25 43.92
CA SER K 97 35.66 19.13 45.36
C SER K 97 36.95 18.79 46.10
N ASP K 98 37.68 17.79 45.61
CA ASP K 98 38.91 17.32 46.27
C ASP K 98 40.07 17.57 45.32
N LEU K 99 40.81 18.65 45.56
CA LEU K 99 41.95 18.98 44.71
C LEU K 99 43.06 17.95 44.91
N GLN K 100 43.77 17.65 43.83
CA GLN K 100 44.81 16.64 43.80
C GLN K 100 46.04 17.17 43.10
N PRO K 101 47.21 16.59 43.35
CA PRO K 101 48.45 17.13 42.77
C PRO K 101 48.49 17.10 41.24
N ASP K 102 47.57 16.40 40.58
CA ASP K 102 47.56 16.32 39.12
C ASP K 102 46.53 17.24 38.49
N ASP K 103 45.93 18.15 39.26
CA ASP K 103 44.87 19.02 38.76
C ASP K 103 45.38 20.39 38.30
N SER K 104 46.69 20.66 38.41
CA SER K 104 47.24 21.93 37.94
C SER K 104 47.30 21.92 36.42
N ALA K 105 46.37 22.62 35.78
CA ALA K 105 46.24 22.53 34.31
C ALA K 105 45.27 23.62 33.86
N THR K 106 45.05 23.69 32.55
CA THR K 106 44.17 24.68 31.94
C THR K 106 42.81 24.07 31.68
N TYR K 107 41.76 24.85 31.92
CA TYR K 107 40.38 24.39 31.76
C TYR K 107 39.64 25.30 30.79
N PHE K 108 38.83 24.69 29.93
CA PHE K 108 38.07 25.40 28.92
C PHE K 108 36.62 24.98 28.94
N CYS K 109 35.74 25.93 28.62
CA CYS K 109 34.33 25.65 28.36
C CYS K 109 34.02 25.99 26.91
N GLN K 110 33.38 25.06 26.21
CA GLN K 110 33.07 25.20 24.79
C GLN K 110 31.59 24.97 24.56
N GLN K 111 31.04 25.66 23.57
CA GLN K 111 29.64 25.49 23.19
C GLN K 111 29.56 24.88 21.80
N TYR K 112 28.60 23.97 21.61
CA TYR K 112 28.38 23.34 20.32
C TYR K 112 26.92 23.40 19.88
N ASN K 113 26.09 24.19 20.56
CA ASN K 113 24.67 24.23 20.23
C ASN K 113 24.43 24.82 18.85
N THR K 114 25.18 25.87 18.49
CA THR K 114 24.99 26.54 17.21
C THR K 114 26.36 26.84 16.60
N PHE K 115 26.47 26.62 15.29
CA PHE K 115 27.70 26.97 14.59
C PHE K 115 27.84 28.48 14.50
N PRO K 116 29.08 29.00 14.54
CA PRO K 116 30.35 28.30 14.74
C PRO K 116 30.60 27.97 16.21
N TRP K 117 31.43 26.97 16.49
CA TRP K 117 31.72 26.59 17.86
C TRP K 117 32.84 27.45 18.42
N THR K 118 32.69 27.89 19.67
CA THR K 118 33.62 28.81 20.29
C THR K 118 34.07 28.28 21.64
N PHE K 119 35.34 28.49 21.96
CA PHE K 119 35.92 28.12 23.24
C PHE K 119 35.99 29.33 24.17
N GLY K 120 36.14 29.04 25.46
CA GLY K 120 36.39 30.08 26.44
C GLY K 120 37.86 30.48 26.47
N ARG K 121 38.15 31.46 27.33
CA ARG K 121 39.54 31.91 27.46
C ARG K 121 40.39 30.98 28.30
N GLY K 122 39.77 30.11 29.10
CA GLY K 122 40.52 29.14 29.86
C GLY K 122 41.01 29.65 31.20
N THR K 123 41.04 28.77 32.20
CA THR K 123 41.52 29.11 33.53
C THR K 123 42.66 28.16 33.89
N LYS K 124 43.77 28.71 34.37
CA LYS K 124 44.94 27.92 34.74
C LYS K 124 44.89 27.67 36.24
N VAL K 125 44.44 26.47 36.62
CA VAL K 125 44.35 26.09 38.02
C VAL K 125 45.72 25.62 38.49
N GLU K 126 46.21 26.23 39.57
CA GLU K 126 47.52 26.00 40.14
C GLU K 126 47.35 25.42 41.55
N ILE K 127 48.41 24.80 42.04
CA ILE K 127 48.40 24.12 43.33
C ILE K 127 49.23 24.93 44.33
N LYS K 128 48.69 25.11 45.53
CA LYS K 128 49.38 25.81 46.61
C LYS K 128 49.91 24.79 47.61
N ARG K 129 51.20 24.91 47.95
CA ARG K 129 51.83 24.00 48.90
C ARG K 129 52.81 24.77 49.76
N THR K 130 53.56 24.05 50.58
CA THR K 130 54.55 24.67 51.44
C THR K 130 55.79 25.07 50.64
N VAL K 131 56.54 26.01 51.18
CA VAL K 131 57.75 26.52 50.54
C VAL K 131 58.85 25.48 50.69
N ALA K 132 59.54 25.20 49.58
CA ALA K 132 60.62 24.22 49.55
C ALA K 132 61.89 24.85 49.02
N ALA K 133 63.03 24.52 49.64
CA ALA K 133 64.31 25.05 49.23
C ALA K 133 64.76 24.41 47.92
N PRO K 134 65.39 25.18 47.03
CA PRO K 134 65.86 24.62 45.76
C PRO K 134 67.11 23.77 45.94
N SER K 135 67.30 22.88 44.96
CA SER K 135 68.55 22.14 44.81
C SER K 135 69.34 22.81 43.69
N VAL K 136 70.56 23.24 43.99
CA VAL K 136 71.35 24.07 43.08
C VAL K 136 72.42 23.21 42.43
N PHE K 137 72.53 23.29 41.11
CA PHE K 137 73.56 22.61 40.37
C PHE K 137 74.14 23.54 39.30
N ILE K 138 75.39 23.29 38.92
CA ILE K 138 76.07 24.11 37.92
C ILE K 138 76.86 23.20 37.00
N PHE K 139 77.01 23.64 35.74
CA PHE K 139 77.76 22.86 34.77
C PHE K 139 78.37 23.75 33.69
N PRO K 140 79.67 23.68 33.48
CA PRO K 140 80.31 24.41 32.37
C PRO K 140 80.05 23.74 31.04
N PRO K 141 80.25 24.43 29.93
CA PRO K 141 80.00 23.80 28.62
C PRO K 141 80.93 22.64 28.35
N SER K 142 80.42 21.67 27.59
CA SER K 142 81.21 20.51 27.22
C SER K 142 82.27 20.89 26.18
N ASP K 143 83.32 20.07 26.11
CA ASP K 143 84.40 20.33 25.16
C ASP K 143 83.91 20.26 23.72
N GLU K 144 82.94 19.39 23.43
CA GLU K 144 82.40 19.31 22.09
C GLU K 144 81.76 20.63 21.67
N GLN K 145 81.03 21.27 22.58
CA GLN K 145 80.47 22.59 22.31
C GLN K 145 81.57 23.64 22.21
N LEU K 146 82.63 23.51 23.03
CA LEU K 146 83.74 24.45 22.97
C LEU K 146 84.44 24.38 21.62
N LYS K 147 84.45 23.21 20.98
CA LYS K 147 85.05 23.08 19.66
C LYS K 147 84.33 23.94 18.62
N SER K 148 83.07 24.27 18.85
CA SER K 148 82.30 25.09 17.91
C SER K 148 82.47 26.57 18.13
N GLY K 149 83.25 26.98 19.13
CA GLY K 149 83.48 28.39 19.40
C GLY K 149 82.45 29.05 20.30
N THR K 150 81.48 28.30 20.81
CA THR K 150 80.44 28.84 21.68
C THR K 150 80.43 28.07 23.00
N ALA K 151 80.28 28.80 24.10
CA ALA K 151 80.30 28.22 25.43
C ALA K 151 78.99 28.58 26.14
N SER K 152 78.44 27.60 26.87
CA SER K 152 77.20 27.79 27.61
C SER K 152 77.37 27.22 29.00
N VAL K 153 77.33 28.09 30.02
CA VAL K 153 77.36 27.66 31.42
C VAL K 153 75.93 27.66 31.94
N VAL K 154 75.51 26.54 32.52
CA VAL K 154 74.12 26.34 32.91
C VAL K 154 74.04 26.08 34.41
N CYS K 155 73.18 26.82 35.10
CA CYS K 155 72.87 26.55 36.49
C CYS K 155 71.39 26.23 36.64
N LEU K 156 71.11 25.16 37.38
CA LEU K 156 69.77 24.61 37.49
C LEU K 156 69.30 24.63 38.94
N LEU K 157 68.05 25.05 39.13
CA LEU K 157 67.37 25.01 40.41
C LEU K 157 66.25 23.97 40.32
N ASN K 158 66.30 22.97 41.18
CA ASN K 158 65.38 21.85 41.15
C ASN K 158 64.45 21.88 42.35
N ASN K 159 63.19 21.54 42.11
CA ASN K 159 62.15 21.38 43.13
C ASN K 159 62.15 22.50 44.16
N PHE K 160 61.85 23.71 43.67
CA PHE K 160 61.70 24.88 44.52
C PHE K 160 60.30 25.46 44.33
N TYR K 161 59.68 25.85 45.45
CA TYR K 161 58.37 26.46 45.46
C TYR K 161 58.38 27.64 46.42
N PRO K 162 57.76 28.77 46.07
CA PRO K 162 57.02 29.05 44.82
C PRO K 162 57.92 29.27 43.61
N ARG K 163 57.34 29.62 42.47
CA ARG K 163 58.12 29.70 41.23
C ARG K 163 59.00 30.95 41.19
N GLU K 164 58.58 32.03 41.87
CA GLU K 164 59.33 33.28 41.82
C GLU K 164 60.66 33.14 42.54
N ALA K 165 61.73 33.55 41.87
CA ALA K 165 63.08 33.49 42.42
C ALA K 165 63.97 34.45 41.66
N LYS K 166 65.12 34.75 42.24
CA LYS K 166 66.09 35.66 41.63
C LYS K 166 67.33 34.87 41.23
N VAL K 167 67.79 35.09 40.00
CA VAL K 167 68.96 34.40 39.47
C VAL K 167 69.92 35.44 38.89
N GLN K 168 71.20 35.31 39.22
CA GLN K 168 72.23 36.22 38.72
C GLN K 168 73.47 35.42 38.33
N TRP K 169 74.25 36.00 37.42
CA TRP K 169 75.50 35.42 36.96
C TRP K 169 76.65 36.37 37.25
N LYS K 170 77.78 35.83 37.68
CA LYS K 170 78.98 36.60 37.96
C LYS K 170 80.18 35.93 37.30
N VAL K 171 80.79 36.60 36.35
CA VAL K 171 81.99 36.13 35.67
C VAL K 171 83.16 36.93 36.20
N ASP K 172 84.05 36.26 36.93
CA ASP K 172 85.17 36.90 37.62
C ASP K 172 84.66 38.07 38.49
N ASN K 173 83.77 37.72 39.42
CA ASN K 173 83.18 38.64 40.39
C ASN K 173 82.49 39.84 39.74
N ALA K 174 82.23 39.76 38.43
CA ALA K 174 81.55 40.82 37.69
C ALA K 174 80.20 40.32 37.20
N LEU K 175 79.15 41.06 37.51
CA LEU K 175 77.81 40.67 37.11
C LEU K 175 77.65 40.72 35.59
N GLN K 176 76.75 39.90 35.08
CA GLN K 176 76.49 39.79 33.65
C GLN K 176 75.03 40.09 33.37
N SER K 177 74.78 40.86 32.31
CA SER K 177 73.43 41.21 31.91
C SER K 177 73.34 41.21 30.39
N GLY K 178 72.16 40.88 29.87
CA GLY K 178 71.94 40.86 28.44
C GLY K 178 72.47 39.64 27.72
N ASN K 179 72.98 38.64 28.45
CA ASN K 179 73.52 37.45 27.81
C ASN K 179 73.09 36.17 28.52
N SER K 180 72.05 36.22 29.35
CA SER K 180 71.56 35.07 30.08
C SER K 180 70.10 34.82 29.75
N GLN K 181 69.75 33.56 29.57
CA GLN K 181 68.38 33.15 29.27
C GLN K 181 67.89 32.18 30.33
N GLU K 182 66.69 32.44 30.84
CA GLU K 182 66.09 31.63 31.88
C GLU K 182 64.89 30.87 31.33
N SER K 183 64.86 29.57 31.59
CA SER K 183 63.78 28.70 31.16
C SER K 183 63.16 28.02 32.37
N VAL K 184 61.84 28.14 32.51
CA VAL K 184 61.11 27.61 33.66
C VAL K 184 60.09 26.60 33.17
N THR K 185 60.14 25.39 33.73
CA THR K 185 59.14 24.39 33.43
C THR K 185 57.87 24.64 34.22
N GLU K 186 56.79 23.98 33.81
CA GLU K 186 55.52 24.12 34.50
C GLU K 186 55.56 23.34 35.81
N GLN K 187 54.54 23.57 36.64
CA GLN K 187 54.47 22.94 37.95
C GLN K 187 54.37 21.43 37.80
N ASP K 188 55.09 20.71 38.67
CA ASP K 188 55.07 19.26 38.64
C ASP K 188 53.70 18.73 39.05
N SER K 189 53.35 17.56 38.52
CA SER K 189 52.08 16.92 38.80
C SER K 189 52.12 16.00 40.00
N LYS K 190 53.27 15.87 40.66
CA LYS K 190 53.42 14.98 41.82
C LYS K 190 53.60 15.74 43.11
N ASP K 191 54.62 16.59 43.21
CA ASP K 191 54.88 17.36 44.41
C ASP K 191 54.60 18.85 44.24
N SER K 192 54.20 19.29 43.04
CA SER K 192 53.89 20.69 42.75
C SER K 192 55.10 21.60 43.07
N THR K 193 56.19 21.34 42.35
CA THR K 193 57.43 22.09 42.51
C THR K 193 57.95 22.50 41.15
N TYR K 194 58.60 23.66 41.10
CA TYR K 194 59.12 24.23 39.87
C TYR K 194 60.60 23.92 39.69
N SER K 195 61.06 24.07 38.45
CA SER K 195 62.46 23.92 38.11
C SER K 195 62.85 25.02 37.14
N LEU K 196 64.05 25.59 37.35
CA LEU K 196 64.54 26.69 36.53
C LEU K 196 65.92 26.36 36.00
N SER K 197 66.21 26.84 34.80
CA SER K 197 67.53 26.67 34.19
C SER K 197 67.99 28.01 33.63
N SER K 198 69.13 28.50 34.11
CA SER K 198 69.72 29.74 33.64
C SER K 198 70.95 29.39 32.81
N THR K 199 70.95 29.81 31.55
CA THR K 199 72.03 29.53 30.62
C THR K 199 72.71 30.84 30.24
N LEU K 200 74.02 30.89 30.44
CA LEU K 200 74.83 32.04 30.05
C LEU K 200 75.68 31.61 28.86
N THR K 201 75.49 32.29 27.72
CA THR K 201 76.13 31.93 26.47
C THR K 201 77.12 33.00 26.05
N LEU K 202 78.36 32.59 25.79
CA LEU K 202 79.42 33.47 25.36
C LEU K 202 80.18 32.83 24.20
N SER K 203 81.09 33.59 23.62
CA SER K 203 81.99 33.04 22.62
C SER K 203 83.12 32.27 23.30
N LYS K 204 83.87 31.52 22.50
CA LYS K 204 84.99 30.74 23.04
C LYS K 204 86.06 31.66 23.62
N ALA K 205 86.36 32.77 22.94
CA ALA K 205 87.36 33.71 23.44
C ALA K 205 86.93 34.30 24.78
N ASP K 206 85.65 34.67 24.90
CA ASP K 206 85.14 35.17 26.18
C ASP K 206 85.18 34.11 27.26
N TYR K 207 84.93 32.84 26.91
CA TYR K 207 84.96 31.77 27.90
C TYR K 207 86.38 31.53 28.41
N GLU K 208 87.36 31.49 27.52
CA GLU K 208 88.74 31.25 27.92
C GLU K 208 89.42 32.51 28.46
N LYS K 209 88.81 33.69 28.28
CA LYS K 209 89.35 34.90 28.88
C LYS K 209 89.29 34.85 30.40
N HIS K 210 88.20 34.35 30.96
CA HIS K 210 87.99 34.34 32.39
C HIS K 210 88.17 32.93 32.95
N LYS K 211 88.23 32.85 34.28
CA LYS K 211 88.45 31.59 34.97
C LYS K 211 87.31 31.22 35.90
N VAL K 212 86.84 32.15 36.73
CA VAL K 212 85.84 31.87 37.75
C VAL K 212 84.47 32.28 37.23
N TYR K 213 83.51 31.36 37.31
CA TYR K 213 82.13 31.62 36.93
C TYR K 213 81.20 31.16 38.04
N ALA K 214 80.27 32.01 38.44
CA ALA K 214 79.39 31.73 39.54
C ALA K 214 77.95 32.08 39.18
N CYS K 215 77.01 31.32 39.72
CA CYS K 215 75.59 31.56 39.56
C CYS K 215 74.97 31.65 40.95
N GLU K 216 74.23 32.73 41.19
CA GLU K 216 73.67 33.05 42.50
C GLU K 216 72.16 33.00 42.44
N VAL K 217 71.54 32.40 43.45
CA VAL K 217 70.10 32.19 43.49
C VAL K 217 69.58 32.73 44.82
N THR K 218 68.51 33.52 44.75
CA THR K 218 67.80 34.03 45.92
C THR K 218 66.37 33.48 45.89
N HIS K 219 65.96 32.87 46.99
CA HIS K 219 64.66 32.22 47.09
C HIS K 219 64.00 32.61 48.40
N GLN K 220 62.66 32.58 48.40
CA GLN K 220 61.92 32.97 49.60
C GLN K 220 62.24 32.05 50.78
N GLY K 221 62.33 30.75 50.53
CA GLY K 221 62.64 29.79 51.58
C GLY K 221 64.09 29.71 51.98
N LEU K 222 64.98 30.40 51.27
CA LEU K 222 66.40 30.40 51.60
C LEU K 222 66.71 31.62 52.48
N SER K 223 67.35 31.36 53.62
CA SER K 223 67.74 32.47 54.50
C SER K 223 68.74 33.39 53.82
N SER K 224 69.71 32.82 53.09
CA SER K 224 70.70 33.57 52.37
C SER K 224 70.81 33.06 50.94
N PRO K 225 71.20 33.92 50.00
CA PRO K 225 71.38 33.45 48.62
C PRO K 225 72.44 32.37 48.53
N VAL K 226 72.19 31.40 47.64
CA VAL K 226 73.11 30.29 47.43
C VAL K 226 73.88 30.52 46.14
N THR K 227 75.20 30.45 46.22
CA THR K 227 76.08 30.69 45.08
C THR K 227 76.83 29.40 44.75
N LYS K 228 76.76 29.00 43.48
CA LYS K 228 77.53 27.87 42.98
C LYS K 228 78.57 28.41 42.01
N SER K 229 79.84 28.16 42.31
CA SER K 229 80.94 28.71 41.53
C SER K 229 81.88 27.60 41.10
N PHE K 230 82.56 27.84 39.97
CA PHE K 230 83.55 26.91 39.46
C PHE K 230 84.68 27.70 38.82
N ASN K 231 85.83 27.03 38.68
CA ASN K 231 87.02 27.62 38.09
C ASN K 231 87.34 26.88 36.79
N ARG K 232 87.63 27.65 35.74
CA ARG K 232 87.91 27.05 34.44
C ARG K 232 89.18 26.21 34.51
N GLY K 233 89.13 25.04 33.87
CA GLY K 233 90.25 24.13 33.88
C GLY K 233 90.31 23.19 35.07
N GLU K 234 89.28 23.19 35.93
CA GLU K 234 89.24 22.33 37.10
C GLU K 234 87.98 21.48 37.08
N CYS K 235 88.10 20.26 37.57
CA CYS K 235 86.96 19.36 37.69
C CYS K 235 86.19 19.62 38.98
N ASN L 38 12.32 18.31 29.19
CA ASN L 38 11.45 18.52 28.04
C ASN L 38 11.80 17.57 26.89
N LEU L 39 11.52 16.29 27.10
CA LEU L 39 11.79 15.26 26.11
C LEU L 39 10.49 14.71 25.53
N TRP L 40 10.52 14.38 24.25
CA TRP L 40 9.35 13.93 23.52
C TRP L 40 9.67 12.64 22.79
N VAL L 41 8.62 11.84 22.56
CA VAL L 41 8.77 10.57 21.85
C VAL L 41 8.95 10.84 20.36
N THR L 42 9.99 10.27 19.77
CA THR L 42 10.25 10.38 18.34
C THR L 42 10.30 8.98 17.75
N VAL L 43 9.67 8.82 16.60
CA VAL L 43 9.50 7.52 15.95
C VAL L 43 10.49 7.40 14.81
N TYR L 44 11.22 6.28 14.77
CA TYR L 44 12.17 5.99 13.72
C TYR L 44 11.75 4.71 13.01
N TYR L 45 11.69 4.77 11.68
CA TYR L 45 11.29 3.63 10.86
C TYR L 45 12.49 3.21 10.02
N GLY L 46 12.92 1.96 10.19
CA GLY L 46 14.08 1.46 9.48
C GLY L 46 15.30 1.28 10.35
N VAL L 47 15.09 0.90 11.60
CA VAL L 47 16.20 0.71 12.54
C VAL L 47 16.75 -0.70 12.40
N PRO L 48 18.04 -0.92 12.68
CA PRO L 48 18.63 -2.27 12.51
C PRO L 48 18.40 -3.17 13.72
N VAL L 49 17.19 -3.69 13.82
CA VAL L 49 16.81 -4.62 14.87
C VAL L 49 16.23 -5.88 14.21
N TRP L 50 16.55 -7.04 14.78
CA TRP L 50 16.08 -8.30 14.24
C TRP L 50 15.72 -9.26 15.37
N LYS L 51 14.99 -10.30 15.01
CA LYS L 51 14.57 -11.34 15.94
C LYS L 51 14.66 -12.70 15.24
N ASP L 52 14.70 -13.76 16.04
CA ASP L 52 14.73 -15.11 15.48
C ASP L 52 13.35 -15.48 14.93
N ALA L 53 13.35 -16.14 13.77
CA ALA L 53 12.09 -16.45 13.10
C ALA L 53 12.27 -17.69 12.23
N GLU L 54 11.13 -18.25 11.82
CA GLU L 54 11.07 -19.35 10.88
C GLU L 54 10.25 -18.92 9.67
N THR L 55 10.73 -19.26 8.47
CA THR L 55 10.06 -18.87 7.26
C THR L 55 10.39 -19.88 6.16
N THR L 56 9.86 -19.62 4.97
CA THR L 56 10.12 -20.45 3.80
C THR L 56 11.15 -19.76 2.92
N LEU L 57 12.31 -20.39 2.76
CA LEU L 57 13.35 -19.90 1.88
C LEU L 57 13.18 -20.52 0.49
N PHE L 58 13.56 -19.77 -0.54
CA PHE L 58 13.38 -20.25 -1.90
C PHE L 58 14.73 -20.62 -2.51
N CYS L 59 14.68 -21.32 -3.63
CA CYS L 59 15.87 -21.92 -4.22
C CYS L 59 16.38 -21.07 -5.39
N ALA L 60 17.70 -21.08 -5.54
CA ALA L 60 18.36 -20.40 -6.66
C ALA L 60 19.46 -21.30 -7.18
N SER L 61 19.74 -21.20 -8.48
CA SER L 61 20.77 -22.01 -9.10
C SER L 61 21.39 -21.24 -10.26
N ASP L 62 22.60 -21.63 -10.62
CA ASP L 62 23.32 -20.94 -11.68
C ASP L 62 22.66 -21.21 -13.03
N ALA L 63 22.79 -20.23 -13.94
CA ALA L 63 22.22 -20.36 -15.28
C ALA L 63 23.31 -20.63 -16.31
N LYS L 70 19.41 -30.67 -19.03
CA LYS L 70 18.32 -29.96 -18.36
C LYS L 70 17.53 -30.91 -17.46
N HIS L 71 17.54 -32.19 -17.81
CA HIS L 71 16.81 -33.20 -17.07
C HIS L 71 17.61 -33.57 -15.82
N ASN L 72 17.20 -33.03 -14.68
CA ASN L 72 17.85 -33.28 -13.41
C ASN L 72 16.79 -33.57 -12.36
N VAL L 73 17.14 -34.41 -11.38
CA VAL L 73 16.19 -34.78 -10.34
C VAL L 73 15.73 -33.56 -9.55
N TRP L 74 16.67 -32.71 -9.17
CA TRP L 74 16.36 -31.47 -8.48
C TRP L 74 16.19 -30.39 -9.54
N ALA L 75 14.94 -29.98 -9.78
CA ALA L 75 14.60 -29.13 -10.91
C ALA L 75 15.10 -27.72 -10.64
N THR L 76 16.39 -27.52 -10.87
CA THR L 76 17.00 -26.21 -10.71
C THR L 76 16.60 -25.23 -11.82
N HIS L 77 16.03 -25.72 -12.92
CA HIS L 77 15.57 -24.81 -13.97
C HIS L 77 14.42 -23.96 -13.48
N ALA L 78 13.64 -24.44 -12.52
CA ALA L 78 12.54 -23.68 -11.96
C ALA L 78 12.99 -22.67 -10.91
N CYS L 79 14.21 -22.79 -10.39
CA CYS L 79 14.72 -21.86 -9.41
C CYS L 79 15.21 -20.58 -10.10
N VAL L 80 15.31 -19.52 -9.31
CA VAL L 80 15.74 -18.21 -9.82
C VAL L 80 17.21 -18.28 -10.20
N PRO L 81 17.63 -17.62 -11.28
CA PRO L 81 19.07 -17.53 -11.56
C PRO L 81 19.80 -16.74 -10.48
N THR L 82 21.07 -17.08 -10.29
CA THR L 82 21.90 -16.50 -9.24
C THR L 82 22.73 -15.36 -9.78
N ASP L 83 22.93 -14.34 -8.94
CA ASP L 83 23.74 -13.20 -9.32
C ASP L 83 25.21 -13.61 -9.43
N PRO L 84 25.97 -12.94 -10.30
CA PRO L 84 27.39 -13.31 -10.43
C PRO L 84 28.23 -12.94 -9.22
N ASN L 85 27.99 -11.78 -8.61
CA ASN L 85 28.74 -11.31 -7.45
C ASN L 85 27.78 -10.99 -6.31
N PRO L 86 27.49 -11.96 -5.44
CA PRO L 86 26.57 -11.71 -4.32
C PRO L 86 27.17 -10.73 -3.33
N GLN L 87 26.28 -10.03 -2.62
CA GLN L 87 26.68 -9.07 -1.61
C GLN L 87 26.77 -9.73 -0.24
N GLU L 88 27.88 -9.51 0.45
CA GLU L 88 28.11 -10.02 1.79
C GLU L 88 28.55 -8.87 2.67
N ILE L 89 27.74 -8.53 3.67
CA ILE L 89 27.96 -7.32 4.47
C ILE L 89 28.44 -7.74 5.85
N HIS L 90 29.69 -7.42 6.18
CA HIS L 90 30.23 -7.74 7.50
C HIS L 90 29.65 -6.79 8.53
N LEU L 91 29.11 -7.34 9.63
CA LEU L 91 28.50 -6.53 10.67
C LEU L 91 29.55 -6.27 11.75
N GLU L 92 30.09 -5.05 11.76
CA GLU L 92 31.13 -4.68 12.71
C GLU L 92 30.56 -4.58 14.11
N ASN L 93 31.32 -5.09 15.09
CA ASN L 93 31.00 -5.03 16.51
C ASN L 93 29.69 -5.72 16.86
N VAL L 94 29.30 -6.75 16.11
CA VAL L 94 28.04 -7.46 16.32
C VAL L 94 28.34 -8.87 16.77
N THR L 95 27.70 -9.28 17.87
CA THR L 95 27.82 -10.64 18.40
C THR L 95 26.47 -11.32 18.37
N GLU L 96 26.46 -12.57 17.91
CA GLU L 96 25.22 -13.33 17.75
C GLU L 96 25.42 -14.70 18.38
N GLU L 97 24.31 -15.38 18.65
CA GLU L 97 24.31 -16.71 19.25
C GLU L 97 23.74 -17.71 18.24
N PHE L 98 24.51 -18.75 17.95
CA PHE L 98 24.13 -19.77 16.99
C PHE L 98 23.92 -21.11 17.67
N ASN L 99 23.10 -21.95 17.06
CA ASN L 99 22.85 -23.31 17.55
C ASN L 99 22.66 -24.21 16.35
N MET L 100 23.67 -25.03 16.06
CA MET L 100 23.63 -25.91 14.89
C MET L 100 22.55 -26.98 15.01
N TRP L 101 22.26 -27.42 16.22
CA TRP L 101 21.41 -28.59 16.45
C TRP L 101 19.93 -28.27 16.54
N LYS L 102 19.55 -27.00 16.44
CA LYS L 102 18.14 -26.59 16.45
C LYS L 102 17.86 -25.64 15.29
N ASN L 103 18.32 -26.00 14.10
CA ASN L 103 18.14 -25.18 12.91
C ASN L 103 17.00 -25.74 12.08
N ASN L 104 16.17 -24.86 11.53
CA ASN L 104 15.02 -25.25 10.73
C ASN L 104 15.33 -25.31 9.24
N MET L 105 16.43 -24.71 8.80
CA MET L 105 16.86 -24.86 7.42
C MET L 105 17.15 -26.31 7.07
N VAL L 106 17.66 -27.08 8.04
CA VAL L 106 17.91 -28.50 7.82
C VAL L 106 16.61 -29.24 7.55
N GLU L 107 15.57 -28.97 8.36
CA GLU L 107 14.29 -29.62 8.16
C GLU L 107 13.68 -29.25 6.81
N GLN L 108 13.74 -27.96 6.45
CA GLN L 108 13.20 -27.55 5.17
C GLN L 108 13.95 -28.20 4.00
N MET L 109 15.28 -28.29 4.12
CA MET L 109 16.07 -28.92 3.05
C MET L 109 15.74 -30.40 2.93
N HIS L 110 15.59 -31.10 4.05
CA HIS L 110 15.22 -32.50 4.01
C HIS L 110 13.87 -32.69 3.31
N THR L 111 12.89 -31.87 3.70
CA THR L 111 11.56 -31.96 3.09
C THR L 111 11.61 -31.67 1.60
N ASP L 112 12.37 -30.64 1.20
CA ASP L 112 12.47 -30.30 -0.22
C ASP L 112 13.13 -31.42 -1.02
N ILE L 113 14.19 -32.02 -0.48
CA ILE L 113 14.86 -33.10 -1.20
C ILE L 113 13.92 -34.28 -1.38
N ILE L 114 13.21 -34.66 -0.30
CA ILE L 114 12.27 -35.78 -0.41
C ILE L 114 11.18 -35.48 -1.42
N SER L 115 10.64 -34.25 -1.39
CA SER L 115 9.57 -33.89 -2.31
C SER L 115 10.03 -33.90 -3.76
N LEU L 116 11.24 -33.39 -4.02
CA LEU L 116 11.75 -33.42 -5.39
C LEU L 116 11.97 -34.84 -5.87
N TRP L 117 12.51 -35.71 -5.00
CA TRP L 117 12.71 -37.10 -5.38
C TRP L 117 11.38 -37.78 -5.71
N ASP L 118 10.35 -37.53 -4.89
CA ASP L 118 9.04 -38.11 -5.18
C ASP L 118 8.45 -37.57 -6.47
N GLN L 119 8.60 -36.26 -6.71
CA GLN L 119 8.05 -35.66 -7.92
C GLN L 119 8.72 -36.18 -9.18
N SER L 120 10.02 -36.47 -9.12
CA SER L 120 10.74 -36.89 -10.32
C SER L 120 10.28 -38.24 -10.86
N LEU L 121 9.53 -39.03 -10.09
CA LEU L 121 9.16 -40.39 -10.48
C LEU L 121 7.74 -40.50 -11.03
N LYS L 122 6.98 -39.40 -11.09
CA LYS L 122 5.58 -39.49 -11.51
C LYS L 122 5.41 -39.95 -12.95
N PRO L 123 6.09 -39.39 -13.95
CA PRO L 123 5.79 -39.77 -15.34
C PRO L 123 6.49 -41.03 -15.83
N CYS L 124 7.13 -41.80 -14.96
CA CYS L 124 7.92 -42.93 -15.42
C CYS L 124 7.10 -44.22 -15.38
N VAL L 125 7.67 -45.28 -15.95
CA VAL L 125 6.95 -46.51 -16.24
C VAL L 125 6.76 -47.31 -14.96
N LYS L 126 5.55 -47.85 -14.77
CA LYS L 126 5.28 -48.77 -13.69
C LYS L 126 5.61 -50.20 -14.11
N LEU L 127 6.20 -50.97 -13.19
CA LEU L 127 6.66 -52.32 -13.46
C LEU L 127 5.81 -53.37 -12.77
N THR L 128 4.49 -53.16 -12.77
CA THR L 128 3.58 -54.14 -12.18
C THR L 128 3.66 -55.53 -12.82
N PRO L 129 3.74 -55.70 -14.14
CA PRO L 129 3.82 -57.06 -14.69
C PRO L 129 5.11 -57.80 -14.38
N LEU L 130 6.09 -57.15 -13.74
CA LEU L 130 7.35 -57.80 -13.42
C LEU L 130 7.27 -58.65 -12.16
N CYS L 131 6.18 -58.59 -11.41
CA CYS L 131 6.01 -59.39 -10.20
C CYS L 131 5.43 -60.75 -10.60
N VAL L 132 6.28 -61.58 -11.18
CA VAL L 132 5.94 -62.94 -11.57
C VAL L 132 7.00 -63.88 -11.03
N THR L 133 6.84 -65.16 -11.33
CA THR L 133 7.82 -66.16 -10.92
C THR L 133 8.90 -66.30 -11.98
N LEU L 134 10.15 -66.14 -11.56
CA LEU L 134 11.30 -66.25 -12.45
C LEU L 134 11.97 -67.60 -12.25
N GLN L 135 12.53 -68.14 -13.34
CA GLN L 135 13.32 -69.36 -13.28
C GLN L 135 14.78 -68.97 -13.48
N CYS L 136 15.59 -69.17 -12.45
CA CYS L 136 16.93 -68.59 -12.40
C CYS L 136 17.99 -69.68 -12.32
N THR L 137 19.12 -69.42 -12.98
CA THR L 137 20.30 -70.28 -12.93
C THR L 137 21.52 -69.46 -12.55
N ASN L 138 22.54 -70.13 -12.03
CA ASN L 138 23.79 -69.47 -11.70
C ASN L 138 24.53 -69.04 -12.95
N VAL L 139 25.34 -67.99 -12.82
CA VAL L 139 26.07 -67.42 -13.93
C VAL L 139 27.49 -67.99 -13.94
N THR L 140 27.93 -68.41 -15.12
CA THR L 140 29.24 -69.04 -15.31
C THR L 140 29.92 -68.28 -16.44
N ASN L 141 30.93 -68.92 -17.06
CA ASN L 141 31.65 -68.33 -18.19
C ASN L 141 32.45 -67.10 -17.80
N ASN L 142 33.56 -67.33 -17.10
CA ASN L 142 34.58 -66.34 -16.76
C ASN L 142 34.21 -65.46 -15.57
N ILE L 143 33.49 -66.04 -14.61
CA ILE L 143 33.37 -65.41 -13.30
C ILE L 143 34.60 -65.75 -12.46
N THR L 144 34.87 -64.92 -11.46
CA THR L 144 36.00 -65.13 -10.57
C THR L 144 35.54 -65.81 -9.30
N ASP L 145 36.49 -66.10 -8.41
CA ASP L 145 36.17 -66.78 -7.16
C ASP L 145 35.31 -65.89 -6.25
N ASP L 146 35.61 -64.60 -6.20
CA ASP L 146 34.86 -63.68 -5.35
C ASP L 146 33.52 -63.28 -5.94
N MET L 147 33.26 -63.62 -7.21
CA MET L 147 32.03 -63.23 -7.89
C MET L 147 31.07 -64.42 -8.06
N ARG L 148 31.28 -65.50 -7.32
CA ARG L 148 30.43 -66.67 -7.44
C ARG L 148 29.10 -66.43 -6.72
N GLY L 149 28.00 -66.65 -7.44
CA GLY L 149 26.68 -66.51 -6.84
C GLY L 149 26.15 -65.11 -6.74
N GLU L 150 26.86 -64.11 -7.26
CA GLU L 150 26.40 -62.73 -7.17
C GLU L 150 25.45 -62.36 -8.30
N LEU L 151 25.54 -63.06 -9.43
CA LEU L 151 24.67 -62.83 -10.58
C LEU L 151 23.83 -64.06 -10.86
N LYS L 152 22.61 -63.84 -11.33
CA LYS L 152 21.71 -64.92 -11.70
C LYS L 152 21.07 -64.60 -13.05
N ASN L 153 20.84 -65.65 -13.82
CA ASN L 153 20.27 -65.56 -15.16
C ASN L 153 18.84 -66.09 -15.08
N CYS L 154 17.86 -65.19 -15.18
CA CYS L 154 16.47 -65.52 -14.88
C CYS L 154 15.61 -65.33 -16.12
N SER L 155 14.78 -66.32 -16.42
CA SER L 155 13.83 -66.26 -17.53
C SER L 155 12.41 -66.24 -16.98
N PHE L 156 11.52 -65.61 -17.75
CA PHE L 156 10.13 -65.42 -17.33
C PHE L 156 9.27 -65.08 -18.55
N ASN L 157 7.96 -64.99 -18.30
CA ASN L 157 6.99 -64.61 -19.33
C ASN L 157 6.53 -63.18 -19.08
N MET L 158 6.51 -62.37 -20.13
CA MET L 158 6.20 -60.96 -20.06
C MET L 158 5.10 -60.62 -21.06
N THR L 159 4.27 -59.64 -20.69
CA THR L 159 3.20 -59.19 -21.57
C THR L 159 3.76 -58.47 -22.80
N THR L 160 2.95 -58.42 -23.85
CA THR L 160 3.32 -57.77 -25.10
C THR L 160 2.50 -56.50 -25.31
N GLU L 161 2.70 -55.86 -26.46
CA GLU L 161 1.97 -54.66 -26.81
C GLU L 161 0.53 -54.98 -27.19
N LEU L 162 0.24 -56.25 -27.42
CA LEU L 162 -1.12 -56.73 -27.67
C LEU L 162 -1.61 -57.47 -26.44
N ARG L 163 -2.84 -57.19 -26.03
CA ARG L 163 -3.42 -57.87 -24.87
C ARG L 163 -3.96 -59.24 -25.24
N ASP L 164 -3.15 -60.03 -25.94
CA ASP L 164 -3.58 -61.35 -26.41
C ASP L 164 -2.52 -62.43 -26.27
N LYS L 165 -1.26 -62.07 -26.04
CA LYS L 165 -0.17 -63.04 -26.10
C LYS L 165 0.98 -62.59 -25.21
N LYS L 166 1.89 -63.52 -24.94
CA LYS L 166 3.03 -63.31 -24.06
C LYS L 166 4.33 -63.57 -24.82
N GLN L 167 5.45 -63.24 -24.18
CA GLN L 167 6.77 -63.49 -24.74
C GLN L 167 7.68 -64.01 -23.65
N LYS L 168 8.51 -64.99 -23.99
CA LYS L 168 9.49 -65.53 -23.06
C LYS L 168 10.77 -64.72 -23.17
N VAL L 169 11.15 -64.04 -22.09
CA VAL L 169 12.32 -63.18 -22.07
C VAL L 169 13.19 -63.57 -20.89
N TYR L 170 14.40 -63.01 -20.85
CA TYR L 170 15.32 -63.31 -19.77
C TYR L 170 16.16 -62.07 -19.46
N SER L 171 16.77 -62.08 -18.29
CA SER L 171 17.59 -60.97 -17.83
C SER L 171 18.57 -61.48 -16.78
N LEU L 172 19.44 -60.59 -16.32
CA LEU L 172 20.40 -60.87 -15.27
C LEU L 172 20.08 -60.04 -14.04
N PHE L 173 20.04 -60.69 -12.88
CA PHE L 173 19.69 -60.03 -11.63
C PHE L 173 20.78 -60.27 -10.59
N TYR L 174 21.06 -59.26 -9.78
CA TYR L 174 21.98 -59.44 -8.66
C TYR L 174 21.32 -60.26 -7.57
N ARG L 175 22.15 -60.95 -6.78
CA ARG L 175 21.63 -61.84 -5.75
C ARG L 175 20.81 -61.10 -4.70
N LEU L 176 21.12 -59.83 -4.46
CA LEU L 176 20.42 -59.05 -3.45
C LEU L 176 19.03 -58.61 -3.88
N ASP L 177 18.65 -58.82 -5.14
CA ASP L 177 17.38 -58.35 -5.66
C ASP L 177 16.34 -59.46 -5.82
N VAL L 178 16.72 -60.72 -5.72
CA VAL L 178 15.82 -61.85 -5.91
C VAL L 178 15.81 -62.72 -4.68
N VAL L 179 14.63 -63.18 -4.29
CA VAL L 179 14.44 -64.08 -3.16
C VAL L 179 13.82 -65.37 -3.67
N GLN L 180 14.40 -66.50 -3.27
CA GLN L 180 13.91 -67.80 -3.71
C GLN L 180 12.59 -68.15 -3.04
N ILE L 181 11.66 -68.69 -3.82
CA ILE L 181 10.39 -69.17 -3.30
C ILE L 181 10.35 -70.68 -3.49
N ASN L 182 10.16 -71.41 -2.39
CA ASN L 182 10.21 -72.87 -2.42
C ASN L 182 8.92 -73.44 -2.99
N ASN L 193 16.30 -75.96 -12.58
CA ASN L 193 16.70 -74.72 -11.91
C ASN L 193 15.83 -74.44 -10.70
N LYS L 194 15.73 -73.17 -10.32
CA LYS L 194 15.00 -72.77 -9.13
C LYS L 194 14.10 -71.58 -9.44
N GLU L 195 13.11 -71.39 -8.58
CA GLU L 195 12.10 -70.36 -8.74
C GLU L 195 12.36 -69.22 -7.77
N TYR L 196 12.50 -68.01 -8.32
CA TYR L 196 12.77 -66.81 -7.56
C TYR L 196 11.69 -65.77 -7.84
N ARG L 197 11.73 -64.69 -7.06
CA ARG L 197 10.86 -63.54 -7.27
C ARG L 197 11.59 -62.29 -6.84
N LEU L 198 11.11 -61.14 -7.32
CA LEU L 198 11.71 -59.88 -6.90
C LEU L 198 11.52 -59.68 -5.40
N ILE L 199 12.51 -59.02 -4.78
CA ILE L 199 12.52 -58.86 -3.33
C ILE L 199 11.35 -58.00 -2.86
N ASN L 200 10.80 -57.16 -3.73
CA ASN L 200 9.80 -56.18 -3.33
C ASN L 200 8.36 -56.63 -3.53
N CYS L 201 8.12 -57.75 -4.21
CA CYS L 201 6.75 -58.09 -4.57
C CYS L 201 6.01 -58.79 -3.44
N ASN L 202 6.15 -58.28 -2.21
CA ASN L 202 5.17 -58.57 -1.17
C ASN L 202 4.94 -57.36 -0.28
N THR L 203 5.57 -56.21 -0.56
CA THR L 203 5.50 -55.07 0.35
C THR L 203 5.20 -53.77 -0.36
N SER L 204 5.59 -53.65 -1.62
CA SER L 204 5.52 -52.37 -2.31
C SER L 204 5.49 -52.60 -3.81
N ALA L 205 5.38 -51.51 -4.54
CA ALA L 205 5.42 -51.50 -5.99
C ALA L 205 6.66 -50.74 -6.47
N ILE L 206 7.17 -51.16 -7.63
CA ILE L 206 8.40 -50.62 -8.19
C ILE L 206 8.05 -49.71 -9.36
N THR L 207 8.71 -48.56 -9.41
CA THR L 207 8.66 -47.67 -10.57
C THR L 207 10.03 -47.64 -11.21
N GLN L 208 10.07 -47.76 -12.54
CA GLN L 208 11.33 -47.72 -13.26
C GLN L 208 11.78 -46.27 -13.43
N ALA L 209 13.00 -45.97 -13.02
CA ALA L 209 13.53 -44.62 -13.15
C ALA L 209 13.62 -44.24 -14.62
N CYS L 210 13.20 -43.02 -14.93
CA CYS L 210 13.29 -42.51 -16.29
C CYS L 210 14.75 -42.42 -16.71
N PRO L 211 15.16 -43.03 -17.82
CA PRO L 211 16.59 -43.08 -18.16
C PRO L 211 17.17 -41.74 -18.60
N LYS L 212 16.34 -40.77 -18.97
CA LYS L 212 16.85 -39.49 -19.43
C LYS L 212 17.17 -38.52 -18.29
N VAL L 213 16.79 -38.87 -17.05
CA VAL L 213 17.02 -38.02 -15.89
C VAL L 213 18.26 -38.50 -15.16
N SER L 214 19.16 -37.57 -14.86
CA SER L 214 20.43 -37.88 -14.23
C SER L 214 20.37 -37.64 -12.72
N PHE L 215 21.15 -38.41 -11.98
CA PHE L 215 21.21 -38.32 -10.52
C PHE L 215 22.35 -37.44 -10.04
N GLU L 216 23.10 -36.83 -10.94
CA GLU L 216 24.27 -36.03 -10.57
C GLU L 216 23.86 -34.82 -9.75
N PRO L 217 24.37 -34.64 -8.54
CA PRO L 217 24.02 -33.46 -7.74
C PRO L 217 24.65 -32.21 -8.31
N ILE L 218 23.92 -31.09 -8.19
CA ILE L 218 24.43 -29.79 -8.60
C ILE L 218 24.19 -28.80 -7.46
N PRO L 219 25.04 -27.78 -7.31
CA PRO L 219 24.86 -26.84 -6.19
C PRO L 219 23.54 -26.09 -6.27
N ILE L 220 22.94 -25.85 -5.10
CA ILE L 220 21.75 -25.02 -4.97
C ILE L 220 21.99 -24.02 -3.85
N HIS L 221 21.29 -22.89 -3.93
CA HIS L 221 21.41 -21.81 -2.95
C HIS L 221 20.04 -21.54 -2.34
N TYR L 222 20.03 -21.22 -1.05
CA TYR L 222 18.81 -20.87 -0.33
C TYR L 222 18.79 -19.37 -0.07
N CYS L 223 17.68 -18.73 -0.41
CA CYS L 223 17.52 -17.29 -0.27
C CYS L 223 16.31 -16.98 0.59
N ALA L 224 16.40 -15.88 1.34
CA ALA L 224 15.42 -15.38 2.29
C ALA L 224 14.51 -14.34 1.63
N PRO L 225 13.23 -14.31 1.99
CA PRO L 225 12.31 -13.33 1.41
C PRO L 225 12.57 -11.91 1.89
N ALA L 226 11.71 -10.98 1.50
CA ALA L 226 11.81 -9.60 1.94
C ALA L 226 11.39 -9.48 3.40
N GLY L 227 12.18 -8.74 4.18
CA GLY L 227 11.98 -8.65 5.61
C GLY L 227 12.76 -9.65 6.42
N PHE L 228 13.58 -10.49 5.78
CA PHE L 228 14.41 -11.48 6.45
C PHE L 228 15.84 -11.34 5.96
N ALA L 229 16.77 -11.85 6.76
CA ALA L 229 18.18 -11.86 6.41
C ALA L 229 18.81 -13.16 6.92
N ILE L 230 19.93 -13.55 6.31
CA ILE L 230 20.64 -14.75 6.72
C ILE L 230 21.95 -14.31 7.37
N LEU L 231 22.07 -14.54 8.68
CA LEU L 231 23.30 -14.25 9.40
C LEU L 231 24.25 -15.43 9.28
N LYS L 232 25.52 -15.12 9.08
CA LYS L 232 26.57 -16.09 8.81
C LYS L 232 27.73 -15.87 9.76
N CYS L 233 28.17 -16.94 10.41
CA CYS L 233 29.28 -16.87 11.36
C CYS L 233 30.60 -17.04 10.62
N LYS L 234 31.50 -16.08 10.78
CA LYS L 234 32.79 -16.09 10.10
C LYS L 234 33.92 -16.58 10.99
N ASP L 235 33.60 -17.12 12.17
CA ASP L 235 34.62 -17.69 13.04
C ASP L 235 35.19 -18.97 12.42
N LYS L 236 36.50 -19.14 12.55
CA LYS L 236 37.20 -20.27 11.96
C LYS L 236 37.31 -21.47 12.89
N LYS L 237 36.97 -21.33 14.17
CA LYS L 237 36.98 -22.43 15.12
C LYS L 237 35.64 -22.53 15.85
N PHE L 238 34.55 -22.25 15.15
CA PHE L 238 33.22 -22.31 15.74
C PHE L 238 32.78 -23.76 15.84
N ASN L 239 32.32 -24.17 17.02
CA ASN L 239 31.98 -25.56 17.29
C ASN L 239 30.48 -25.82 17.24
N GLY L 240 29.72 -24.96 16.56
CA GLY L 240 28.32 -25.18 16.29
C GLY L 240 27.36 -24.44 17.21
N THR L 241 27.67 -24.34 18.49
CA THR L 241 26.78 -23.70 19.46
C THR L 241 27.51 -22.60 20.20
N GLY L 242 26.76 -21.57 20.57
CA GLY L 242 27.30 -20.49 21.38
C GLY L 242 27.46 -19.18 20.64
N PRO L 243 28.20 -18.26 21.22
CA PRO L 243 28.37 -16.94 20.59
C PRO L 243 29.47 -16.94 19.54
N CYS L 244 29.18 -16.30 18.42
CA CYS L 244 30.14 -16.11 17.34
C CYS L 244 30.46 -14.63 17.21
N PRO L 245 31.66 -14.18 17.59
CA PRO L 245 31.95 -12.74 17.63
C PRO L 245 32.16 -12.10 16.27
N SER L 246 32.30 -12.88 15.20
CA SER L 246 32.49 -12.33 13.85
C SER L 246 31.29 -12.73 13.01
N VAL L 247 30.48 -11.76 12.62
CA VAL L 247 29.19 -12.00 11.99
C VAL L 247 29.09 -11.21 10.69
N SER L 248 28.48 -11.84 9.69
CA SER L 248 28.15 -11.18 8.43
C SER L 248 26.69 -11.44 8.11
N THR L 249 26.14 -10.66 7.19
CA THR L 249 24.78 -10.86 6.71
C THR L 249 24.80 -11.06 5.20
N VAL L 250 23.93 -11.97 4.74
CA VAL L 250 23.82 -12.33 3.34
C VAL L 250 22.33 -12.53 3.00
N GLN L 251 22.09 -12.70 1.71
CA GLN L 251 20.79 -13.07 1.17
C GLN L 251 20.74 -14.50 0.65
N CYS L 252 21.88 -15.07 0.24
CA CYS L 252 21.94 -16.43 -0.27
C CYS L 252 23.08 -17.18 0.40
N THR L 253 22.95 -18.51 0.44
CA THR L 253 24.01 -19.37 0.94
C THR L 253 24.86 -19.89 -0.21
N HIS L 254 26.02 -20.45 0.13
CA HIS L 254 26.91 -20.99 -0.88
C HIS L 254 26.30 -22.26 -1.50
N GLY L 255 26.84 -22.63 -2.66
CA GLY L 255 26.35 -23.78 -3.39
C GLY L 255 26.49 -25.08 -2.63
N ILE L 256 25.37 -25.68 -2.24
CA ILE L 256 25.33 -26.91 -1.46
C ILE L 256 24.84 -28.03 -2.36
N LYS L 257 25.67 -29.07 -2.52
CA LYS L 257 25.30 -30.21 -3.34
C LYS L 257 24.64 -31.27 -2.46
N PRO L 258 23.41 -31.66 -2.74
CA PRO L 258 22.74 -32.71 -1.93
C PRO L 258 23.26 -34.11 -2.23
N VAL L 259 24.41 -34.43 -1.68
CA VAL L 259 25.05 -35.74 -1.87
C VAL L 259 24.54 -36.67 -0.79
N VAL L 260 23.98 -37.81 -1.22
CA VAL L 260 23.44 -38.81 -0.31
C VAL L 260 24.48 -39.91 -0.14
N SER L 261 24.94 -40.10 1.09
CA SER L 261 25.95 -41.11 1.39
C SER L 261 25.88 -41.44 2.88
N THR L 262 26.48 -42.57 3.24
CA THR L 262 26.51 -43.04 4.61
C THR L 262 27.94 -43.31 5.05
N GLN L 263 28.21 -42.98 6.32
CA GLN L 263 29.47 -43.28 7.01
C GLN L 263 30.64 -42.44 6.53
N LEU L 264 30.46 -41.70 5.44
CA LEU L 264 31.51 -40.88 4.87
C LEU L 264 30.86 -39.71 4.15
N LEU L 265 31.40 -38.51 4.35
CA LEU L 265 30.90 -37.31 3.70
C LEU L 265 31.73 -37.05 2.46
N LEU L 266 31.07 -36.86 1.32
CA LEU L 266 31.73 -36.76 0.03
C LEU L 266 31.42 -35.43 -0.63
N ASN L 267 32.41 -34.90 -1.34
CA ASN L 267 32.26 -33.71 -2.18
C ASN L 267 31.71 -32.52 -1.40
N GLY L 268 32.18 -32.37 -0.17
CA GLY L 268 31.70 -31.31 0.70
C GLY L 268 32.68 -30.17 0.91
N SER L 269 32.59 -29.52 2.06
CA SER L 269 33.42 -28.38 2.42
C SER L 269 34.46 -28.78 3.46
N LEU L 270 35.59 -28.10 3.43
CA LEU L 270 36.72 -28.40 4.30
C LEU L 270 36.89 -27.30 5.34
N ALA L 271 37.33 -27.70 6.54
CA ALA L 271 37.63 -26.74 7.59
C ALA L 271 38.88 -25.94 7.24
N GLU L 272 38.93 -24.72 7.77
CA GLU L 272 39.97 -23.76 7.38
C GLU L 272 41.28 -23.96 8.13
N GLU L 273 41.24 -24.32 9.42
CA GLU L 273 42.45 -24.41 10.23
C GLU L 273 42.77 -25.82 10.67
N GLU L 274 41.85 -26.49 11.37
CA GLU L 274 42.13 -27.80 11.96
C GLU L 274 40.95 -28.73 11.66
N VAL L 275 41.09 -29.98 12.10
CA VAL L 275 39.98 -30.92 12.02
C VAL L 275 38.97 -30.58 13.11
N MET L 276 37.71 -30.44 12.72
CA MET L 276 36.67 -29.99 13.63
C MET L 276 35.84 -31.18 14.10
N ILE L 277 35.50 -31.19 15.39
CA ILE L 277 34.68 -32.23 15.99
C ILE L 277 33.47 -31.56 16.62
N ARG L 278 32.27 -31.99 16.22
CA ARG L 278 31.04 -31.36 16.67
C ARG L 278 30.07 -32.41 17.16
N SER L 279 29.42 -32.11 18.28
CA SER L 279 28.44 -33.02 18.87
C SER L 279 27.48 -32.20 19.72
N GLU L 280 26.24 -32.70 19.83
CA GLU L 280 25.22 -31.99 20.60
C GLU L 280 25.48 -32.12 22.10
N ASN L 281 25.90 -33.30 22.55
CA ASN L 281 26.28 -33.53 23.94
C ASN L 281 27.37 -34.59 23.92
N ILE L 282 28.62 -34.15 24.05
CA ILE L 282 29.76 -35.05 23.84
C ILE L 282 29.84 -36.14 24.90
N THR L 283 29.28 -35.89 26.09
CA THR L 283 29.28 -36.90 27.14
C THR L 283 28.13 -37.90 27.00
N ASN L 284 27.16 -37.63 26.14
CA ASN L 284 26.06 -38.55 25.88
C ASN L 284 26.42 -39.41 24.68
N ASN L 285 26.55 -40.71 24.91
CA ASN L 285 26.96 -41.61 23.84
C ASN L 285 25.85 -41.91 22.84
N ALA L 286 24.63 -41.49 23.12
CA ALA L 286 23.52 -41.68 22.19
C ALA L 286 23.51 -40.68 21.06
N LYS L 287 24.39 -39.68 21.09
CA LYS L 287 24.48 -38.66 20.06
C LYS L 287 25.62 -38.98 19.10
N ASN L 288 25.49 -38.49 17.86
CA ASN L 288 26.49 -38.72 16.85
C ASN L 288 27.56 -37.63 16.89
N ILE L 289 28.74 -37.96 16.37
CA ILE L 289 29.87 -37.05 16.30
C ILE L 289 30.17 -36.77 14.85
N LEU L 290 30.17 -35.49 14.47
CA LEU L 290 30.50 -35.07 13.12
C LEU L 290 31.94 -34.58 13.08
N VAL L 291 32.73 -35.16 12.18
CA VAL L 291 34.14 -34.82 12.03
C VAL L 291 34.32 -34.17 10.66
N GLN L 292 34.93 -32.99 10.65
CA GLN L 292 35.20 -32.25 9.43
C GLN L 292 36.70 -32.19 9.21
N PHE L 293 37.15 -32.64 8.05
CA PHE L 293 38.57 -32.73 7.75
C PHE L 293 39.14 -31.37 7.39
N ASN L 294 40.47 -31.29 7.42
CA ASN L 294 41.21 -30.13 6.95
C ASN L 294 41.65 -30.26 5.50
N THR L 295 42.03 -31.46 5.08
CA THR L 295 42.35 -31.79 3.70
C THR L 295 41.56 -33.02 3.27
N PRO L 296 41.17 -33.10 2.00
CA PRO L 296 40.33 -34.22 1.56
C PRO L 296 41.15 -35.49 1.34
N VAL L 297 40.44 -36.61 1.28
CA VAL L 297 41.05 -37.91 0.98
C VAL L 297 40.46 -38.42 -0.32
N GLN L 298 41.30 -38.60 -1.33
CA GLN L 298 40.81 -39.02 -2.64
C GLN L 298 40.48 -40.50 -2.65
N ILE L 299 39.31 -40.84 -3.21
CA ILE L 299 38.86 -42.22 -3.28
C ILE L 299 38.39 -42.51 -4.71
N ASN L 300 38.82 -43.64 -5.27
CA ASN L 300 38.47 -44.03 -6.62
C ASN L 300 37.62 -45.28 -6.59
N CYS L 301 36.40 -45.20 -7.12
CA CYS L 301 35.50 -46.34 -7.13
C CYS L 301 35.19 -46.74 -8.56
N THR L 302 35.02 -48.04 -8.80
CA THR L 302 34.79 -48.50 -10.16
C THR L 302 33.96 -49.78 -10.19
N ARG L 303 33.10 -49.86 -11.20
CA ARG L 303 32.48 -51.11 -11.65
C ARG L 303 33.09 -51.46 -13.00
N PRO L 304 33.89 -52.53 -13.09
CA PRO L 304 34.65 -52.81 -14.31
C PRO L 304 33.96 -53.71 -15.33
N ASN L 305 32.68 -54.04 -15.15
CA ASN L 305 32.01 -54.95 -16.07
C ASN L 305 31.57 -54.22 -17.33
N ASN L 306 31.77 -54.89 -18.47
CA ASN L 306 31.39 -54.35 -19.77
C ASN L 306 29.93 -54.73 -20.03
N ASN L 307 29.03 -53.90 -19.51
CA ASN L 307 27.62 -54.25 -19.46
C ASN L 307 26.91 -53.92 -20.77
N THR L 308 25.74 -54.54 -20.94
CA THR L 308 24.89 -54.33 -22.10
C THR L 308 23.46 -54.12 -21.63
N ARG L 309 22.71 -53.31 -22.37
CA ARG L 309 21.33 -52.99 -22.03
C ARG L 309 20.40 -53.38 -23.17
N LYS L 310 19.25 -53.96 -22.84
CA LYS L 310 18.27 -54.40 -23.83
C LYS L 310 16.91 -53.84 -23.45
N SER L 311 16.11 -53.50 -24.47
CA SER L 311 14.80 -52.92 -24.28
C SER L 311 13.73 -53.95 -24.63
N ILE L 312 12.76 -54.10 -23.74
CA ILE L 312 11.67 -55.07 -23.90
C ILE L 312 10.35 -54.31 -23.83
N ARG L 313 9.54 -54.42 -24.88
CA ARG L 313 8.27 -53.70 -24.95
C ARG L 313 7.23 -54.47 -24.12
N ILE L 314 6.71 -53.84 -23.07
CA ILE L 314 5.77 -54.50 -22.18
C ILE L 314 4.35 -53.97 -22.34
N GLY L 315 4.10 -53.12 -23.32
CA GLY L 315 2.80 -52.57 -23.56
C GLY L 315 2.84 -51.46 -24.58
N PRO L 316 1.69 -50.86 -24.88
CA PRO L 316 1.67 -49.74 -25.82
C PRO L 316 2.42 -48.53 -25.30
N GLY L 317 3.60 -48.26 -25.86
CA GLY L 317 4.39 -47.14 -25.43
C GLY L 317 5.07 -47.30 -24.08
N GLN L 318 5.41 -48.52 -23.69
CA GLN L 318 6.08 -48.76 -22.42
C GLN L 318 7.18 -49.81 -22.61
N ALA L 319 8.38 -49.47 -22.15
CA ALA L 319 9.55 -50.31 -22.32
C ALA L 319 10.22 -50.58 -20.97
N PHE L 320 10.93 -51.69 -20.90
CA PHE L 320 11.63 -52.13 -19.71
C PHE L 320 13.07 -52.43 -20.09
N TYR L 321 14.02 -51.85 -19.36
CA TYR L 321 15.43 -51.95 -19.68
C TYR L 321 16.06 -53.04 -18.81
N ALA L 322 16.42 -54.14 -19.43
CA ALA L 322 17.04 -55.27 -18.74
C ALA L 322 18.51 -55.36 -19.08
N THR L 323 19.23 -56.16 -18.28
CA THR L 323 20.64 -56.43 -18.54
C THR L 323 20.77 -57.55 -19.54
N GLY L 324 21.66 -57.38 -20.51
CA GLY L 324 21.86 -58.39 -21.53
C GLY L 324 22.95 -59.37 -21.15
N ASP L 325 24.06 -59.38 -21.89
CA ASP L 325 25.20 -60.22 -21.60
C ASP L 325 26.42 -59.37 -21.32
N ILE L 326 27.28 -59.85 -20.42
CA ILE L 326 28.52 -59.16 -20.07
C ILE L 326 29.63 -59.74 -20.92
N ILE L 327 30.12 -58.95 -21.87
CA ILE L 327 31.14 -59.41 -22.80
C ILE L 327 32.51 -59.28 -22.14
N GLY L 328 33.20 -60.41 -22.00
CA GLY L 328 34.46 -60.47 -21.29
C GLY L 328 34.32 -61.23 -19.98
N ASP L 329 35.28 -60.99 -19.09
CA ASP L 329 35.24 -61.60 -17.77
C ASP L 329 34.39 -60.77 -16.82
N ILE L 330 34.05 -61.37 -15.69
CA ILE L 330 33.20 -60.74 -14.69
C ILE L 330 34.02 -60.58 -13.41
N ARG L 331 34.12 -59.34 -12.93
CA ARG L 331 34.89 -59.03 -11.74
C ARG L 331 34.04 -58.17 -10.80
N GLN L 332 34.56 -57.97 -9.59
CA GLN L 332 33.84 -57.29 -8.53
C GLN L 332 34.17 -55.80 -8.51
N ALA L 333 33.13 -54.98 -8.33
CA ALA L 333 33.31 -53.54 -8.20
C ALA L 333 33.99 -53.22 -6.87
N HIS L 334 34.80 -52.17 -6.86
CA HIS L 334 35.60 -51.90 -5.67
C HIS L 334 36.03 -50.45 -5.65
N CYS L 335 36.50 -50.02 -4.47
CA CYS L 335 37.06 -48.69 -4.27
C CYS L 335 38.48 -48.79 -3.73
N ASN L 336 39.30 -47.79 -4.08
CA ASN L 336 40.66 -47.66 -3.59
C ASN L 336 40.79 -46.35 -2.84
N VAL L 337 41.43 -46.41 -1.67
CA VAL L 337 41.81 -45.21 -0.92
C VAL L 337 43.30 -45.32 -0.61
N SER L 338 43.90 -44.16 -0.34
CA SER L 338 45.33 -44.11 -0.01
C SER L 338 45.54 -44.50 1.45
N LYS L 339 46.63 -45.23 1.70
CA LYS L 339 46.88 -45.73 3.05
C LYS L 339 47.59 -44.70 3.92
N ALA L 340 48.63 -44.06 3.39
CA ALA L 340 49.35 -43.06 4.16
C ALA L 340 48.48 -41.84 4.46
N THR L 341 47.71 -41.38 3.47
CA THR L 341 46.84 -40.23 3.69
C THR L 341 45.78 -40.55 4.73
N TRP L 342 45.20 -41.76 4.68
CA TRP L 342 44.21 -42.14 5.67
C TRP L 342 44.84 -42.25 7.06
N ASN L 343 46.08 -42.75 7.13
CA ASN L 343 46.77 -42.81 8.41
C ASN L 343 46.99 -41.42 9.00
N GLU L 344 47.43 -40.48 8.17
CA GLU L 344 47.63 -39.11 8.64
C GLU L 344 46.33 -38.48 9.10
N THR L 345 45.26 -38.69 8.34
CA THR L 345 43.96 -38.13 8.72
C THR L 345 43.48 -38.73 10.03
N LEU L 346 43.65 -40.04 10.22
CA LEU L 346 43.23 -40.65 11.47
C LEU L 346 44.07 -40.16 12.64
N GLY L 347 45.36 -39.91 12.41
CA GLY L 347 46.19 -39.33 13.46
C GLY L 347 45.71 -37.96 13.87
N LYS L 348 45.37 -37.11 12.89
CA LYS L 348 44.82 -35.80 13.22
C LYS L 348 43.49 -35.92 13.95
N VAL L 349 42.64 -36.85 13.52
CA VAL L 349 41.33 -37.02 14.16
C VAL L 349 41.49 -37.45 15.61
N VAL L 350 42.38 -38.41 15.88
CA VAL L 350 42.57 -38.87 17.25
C VAL L 350 43.22 -37.79 18.10
N LYS L 351 44.13 -37.00 17.50
CA LYS L 351 44.72 -35.89 18.22
C LYS L 351 43.66 -34.87 18.64
N GLN L 352 42.72 -34.58 17.76
CA GLN L 352 41.63 -33.68 18.11
C GLN L 352 40.66 -34.31 19.11
N LEU L 353 40.45 -35.62 19.02
CA LEU L 353 39.56 -36.31 19.95
C LEU L 353 40.13 -36.33 21.36
N ARG L 354 41.45 -36.37 21.49
CA ARG L 354 42.05 -36.45 22.82
C ARG L 354 41.90 -35.16 23.62
N LYS L 355 41.18 -34.17 23.11
CA LYS L 355 40.89 -32.96 23.88
C LYS L 355 39.61 -33.05 24.68
N HIS L 356 38.82 -34.12 24.51
CA HIS L 356 37.57 -34.28 25.25
C HIS L 356 37.58 -35.47 26.21
N PHE L 357 38.51 -36.41 26.05
CA PHE L 357 38.49 -37.63 26.84
C PHE L 357 39.76 -37.88 27.64
N GLY L 358 40.79 -37.04 27.50
CA GLY L 358 42.01 -37.19 28.26
C GLY L 358 43.23 -37.35 27.38
N ASN L 359 44.39 -37.36 28.03
CA ASN L 359 45.66 -37.48 27.35
C ASN L 359 46.28 -38.87 27.43
N ASN L 360 45.73 -39.76 28.26
CA ASN L 360 46.28 -41.10 28.44
C ASN L 360 45.27 -42.18 28.09
N THR L 361 44.19 -41.83 27.42
CA THR L 361 43.17 -42.81 27.05
C THR L 361 43.50 -43.42 25.69
N ILE L 362 43.42 -44.74 25.63
CA ILE L 362 43.66 -45.49 24.38
C ILE L 362 42.43 -45.34 23.50
N ILE L 363 42.64 -44.97 22.24
CA ILE L 363 41.53 -44.69 21.32
C ILE L 363 41.64 -45.64 20.14
N ARG L 364 40.60 -46.45 19.94
CA ARG L 364 40.61 -47.48 18.91
C ARG L 364 39.39 -47.34 18.01
N PHE L 365 39.60 -47.60 16.72
CA PHE L 365 38.55 -47.59 15.71
C PHE L 365 38.22 -49.02 15.30
N ALA L 366 36.95 -49.37 15.43
CA ALA L 366 36.41 -50.65 14.98
C ALA L 366 35.36 -50.40 13.90
N ASN L 367 34.80 -51.49 13.37
CA ASN L 367 33.83 -51.38 12.29
C ASN L 367 32.41 -51.32 12.84
N SER L 368 31.44 -51.29 11.94
CA SER L 368 30.04 -51.13 12.33
C SER L 368 29.55 -52.37 13.09
N SER L 369 28.38 -52.22 13.71
CA SER L 369 27.81 -53.28 14.55
C SER L 369 26.32 -53.36 14.29
N GLY L 370 25.92 -54.32 13.44
CA GLY L 370 24.52 -54.62 13.23
C GLY L 370 23.75 -53.59 12.43
N GLY L 371 22.64 -54.03 11.83
CA GLY L 371 21.79 -53.18 11.02
C GLY L 371 21.57 -53.75 9.64
N ASP L 372 20.80 -53.00 8.85
CA ASP L 372 20.54 -53.39 7.47
C ASP L 372 21.72 -52.98 6.59
N LEU L 373 21.59 -53.24 5.28
CA LEU L 373 22.71 -53.02 4.38
C LEU L 373 23.06 -51.54 4.24
N GLU L 374 22.06 -50.65 4.34
CA GLU L 374 22.34 -49.23 4.13
C GLU L 374 23.16 -48.64 5.27
N VAL L 375 22.94 -49.08 6.51
CA VAL L 375 23.58 -48.46 7.66
C VAL L 375 24.91 -49.11 8.03
N THR L 376 25.16 -50.34 7.59
CA THR L 376 26.41 -51.04 7.91
C THR L 376 27.44 -50.92 6.80
N THR L 377 27.15 -50.20 5.72
CA THR L 377 28.06 -50.06 4.60
C THR L 377 28.05 -48.62 4.13
N HIS L 378 29.14 -48.23 3.46
CA HIS L 378 29.21 -46.93 2.80
C HIS L 378 28.38 -47.02 1.53
N SER L 379 27.18 -46.46 1.55
CA SER L 379 26.26 -46.51 0.43
C SER L 379 26.27 -45.17 -0.30
N PHE L 380 26.53 -45.22 -1.60
CA PHE L 380 26.59 -43.99 -2.39
C PHE L 380 26.14 -44.30 -3.81
N ASN L 381 26.25 -43.31 -4.68
CA ASN L 381 25.78 -43.42 -6.06
C ASN L 381 26.86 -42.89 -6.99
N CYS L 382 27.35 -43.76 -7.87
CA CYS L 382 28.48 -43.48 -8.75
C CYS L 382 27.99 -43.53 -10.20
N GLY L 383 27.47 -42.41 -10.68
CA GLY L 383 27.05 -42.31 -12.07
C GLY L 383 25.88 -43.18 -12.46
N GLY L 384 24.85 -43.25 -11.62
CA GLY L 384 23.65 -44.01 -11.91
C GLY L 384 23.58 -45.38 -11.26
N GLU L 385 24.68 -45.84 -10.68
CA GLU L 385 24.73 -47.15 -10.02
C GLU L 385 24.90 -46.96 -8.53
N PHE L 386 24.15 -47.74 -7.75
CA PHE L 386 24.12 -47.61 -6.30
C PHE L 386 25.09 -48.61 -5.68
N PHE L 387 26.17 -48.10 -5.08
CA PHE L 387 27.22 -48.92 -4.48
C PHE L 387 26.99 -49.05 -2.98
N TYR L 388 27.27 -50.24 -2.46
CA TYR L 388 27.30 -50.51 -1.01
C TYR L 388 28.67 -51.11 -0.71
N CYS L 389 29.58 -50.33 -0.14
CA CYS L 389 30.95 -50.75 0.05
C CYS L 389 31.23 -51.09 1.51
N ASN L 390 32.12 -52.05 1.72
CA ASN L 390 32.45 -52.58 3.03
C ASN L 390 33.69 -51.86 3.56
N THR L 391 33.53 -51.11 4.65
CA THR L 391 34.59 -50.27 5.20
C THR L 391 35.20 -50.88 6.44
N SER L 392 35.44 -52.19 6.43
CA SER L 392 36.11 -52.84 7.56
C SER L 392 37.62 -52.68 7.52
N GLY L 393 38.17 -52.18 6.42
CA GLY L 393 39.60 -51.97 6.32
C GLY L 393 40.02 -50.56 6.68
N LEU L 394 39.05 -49.66 6.79
CA LEU L 394 39.34 -48.28 7.17
C LEU L 394 39.31 -48.10 8.68
N PHE L 395 38.22 -48.52 9.32
CA PHE L 395 38.03 -48.33 10.75
C PHE L 395 38.43 -49.61 11.47
N ASN L 396 39.74 -49.87 11.52
CA ASN L 396 40.28 -51.03 12.23
C ASN L 396 41.70 -50.70 12.66
N SER L 397 41.86 -50.24 13.90
CA SER L 397 43.17 -49.83 14.41
C SER L 397 43.02 -49.41 15.87
N THR L 398 44.16 -49.19 16.51
CA THR L 398 44.19 -48.68 17.88
C THR L 398 45.36 -47.71 18.02
N TRP L 399 45.20 -46.77 18.96
CA TRP L 399 46.16 -45.69 19.17
C TRP L 399 46.44 -45.55 20.66
N ILE L 400 47.71 -45.62 21.01
CA ILE L 400 48.20 -45.52 22.39
C ILE L 400 48.68 -44.09 22.62
N SER L 401 48.51 -43.61 23.85
CA SER L 401 48.94 -42.27 24.21
C SER L 401 50.45 -42.09 24.04
N ASN L 414 52.07 -45.12 -1.82
CA ASN L 414 52.51 -46.29 -2.57
C ASN L 414 51.47 -47.40 -2.53
N ASP L 415 51.12 -47.85 -1.34
CA ASP L 415 50.12 -48.88 -1.15
C ASP L 415 48.72 -48.27 -1.23
N SER L 416 47.70 -49.13 -1.16
CA SER L 416 46.32 -48.70 -1.19
C SER L 416 45.48 -49.65 -0.35
N ILE L 417 44.33 -49.14 0.09
CA ILE L 417 43.32 -49.94 0.78
C ILE L 417 42.17 -50.16 -0.20
N THR L 418 41.83 -51.43 -0.41
CA THR L 418 40.80 -51.83 -1.36
C THR L 418 39.55 -52.23 -0.59
N LEU L 419 38.45 -51.55 -0.86
CA LEU L 419 37.16 -51.82 -0.25
C LEU L 419 36.27 -52.52 -1.25
N PRO L 420 35.87 -53.76 -1.00
CA PRO L 420 34.94 -54.44 -1.91
C PRO L 420 33.52 -53.91 -1.77
N CYS L 421 32.82 -53.82 -2.89
CA CYS L 421 31.50 -53.22 -2.94
C CYS L 421 30.51 -54.18 -3.59
N ARG L 422 29.23 -53.91 -3.37
CA ARG L 422 28.14 -54.64 -3.98
C ARG L 422 27.18 -53.68 -4.66
N ILE L 423 26.44 -54.19 -5.63
CA ILE L 423 25.54 -53.39 -6.46
C ILE L 423 24.12 -53.88 -6.25
N LYS L 424 23.19 -52.94 -6.16
CA LYS L 424 21.78 -53.23 -5.99
C LYS L 424 20.98 -52.42 -6.99
N GLN L 425 19.87 -52.99 -7.46
CA GLN L 425 19.05 -52.35 -8.48
C GLN L 425 17.67 -51.93 -8.00
N ILE L 426 17.13 -52.54 -6.95
CA ILE L 426 15.86 -52.13 -6.36
C ILE L 426 16.19 -51.32 -5.12
N ILE L 427 15.81 -50.04 -5.13
CA ILE L 427 16.29 -49.06 -4.17
C ILE L 427 15.13 -48.53 -3.36
N ASN L 428 15.27 -48.55 -2.04
CA ASN L 428 14.35 -47.90 -1.13
C ASN L 428 15.07 -46.73 -0.48
N MET L 429 14.65 -45.51 -0.79
CA MET L 429 15.29 -44.30 -0.33
C MET L 429 14.52 -43.69 0.84
N TRP L 430 15.23 -42.87 1.62
CA TRP L 430 14.65 -42.11 2.73
C TRP L 430 14.03 -43.00 3.79
N GLN L 431 14.48 -44.25 3.87
CA GLN L 431 14.06 -45.21 4.90
C GLN L 431 12.55 -45.42 4.91
N ARG L 432 11.89 -45.19 3.78
CA ARG L 432 10.46 -45.37 3.66
C ARG L 432 10.12 -46.78 3.18
N ILE L 433 8.84 -47.11 3.26
CA ILE L 433 8.33 -48.38 2.77
C ILE L 433 7.07 -48.11 1.97
N GLY L 434 6.74 -49.01 1.07
CA GLY L 434 5.58 -48.86 0.20
C GLY L 434 5.88 -48.31 -1.18
N GLN L 435 7.10 -47.82 -1.41
CA GLN L 435 7.50 -47.27 -2.70
C GLN L 435 8.91 -47.75 -2.99
N ALA L 436 9.12 -48.34 -4.16
CA ALA L 436 10.45 -48.79 -4.56
C ALA L 436 10.78 -48.28 -5.95
N MET L 437 12.07 -48.08 -6.20
CA MET L 437 12.56 -47.61 -7.48
C MET L 437 13.47 -48.68 -8.09
N TYR L 438 13.40 -48.81 -9.42
CA TYR L 438 14.27 -49.69 -10.18
C TYR L 438 15.22 -48.85 -11.01
N ALA L 439 16.52 -49.08 -10.84
CA ALA L 439 17.52 -48.32 -11.57
C ALA L 439 17.90 -49.06 -12.83
N PRO L 440 17.63 -48.52 -14.02
CA PRO L 440 18.00 -49.24 -15.24
C PRO L 440 19.50 -49.37 -15.37
N PRO L 441 19.99 -50.42 -16.01
CA PRO L 441 21.44 -50.63 -16.09
C PRO L 441 22.12 -49.54 -16.90
N ILE L 442 23.38 -49.28 -16.55
CA ILE L 442 24.22 -48.35 -17.27
C ILE L 442 25.12 -49.15 -18.20
N GLN L 443 25.32 -48.64 -19.41
CA GLN L 443 26.09 -49.36 -20.43
C GLN L 443 27.56 -48.93 -20.39
N GLY L 444 28.45 -49.91 -20.26
CA GLY L 444 29.87 -49.64 -20.24
C GLY L 444 30.49 -49.74 -18.86
N VAL L 445 31.80 -49.50 -18.83
CA VAL L 445 32.55 -49.52 -17.57
C VAL L 445 32.36 -48.20 -16.85
N ILE L 446 32.28 -48.26 -15.51
CA ILE L 446 31.96 -47.09 -14.71
C ILE L 446 33.11 -46.81 -13.74
N ARG L 447 33.54 -45.54 -13.70
CA ARG L 447 34.59 -45.11 -12.81
C ARG L 447 34.27 -43.72 -12.28
N CYS L 448 34.54 -43.50 -10.99
CA CYS L 448 34.30 -42.21 -10.36
C CYS L 448 35.41 -41.93 -9.35
N VAL L 449 35.67 -40.65 -9.12
CA VAL L 449 36.66 -40.19 -8.15
C VAL L 449 36.00 -39.13 -7.26
N SER L 450 36.24 -39.23 -5.95
CA SER L 450 35.55 -38.37 -5.01
C SER L 450 36.49 -37.97 -3.87
N ASN L 451 36.08 -36.95 -3.13
CA ASN L 451 36.76 -36.47 -1.94
C ASN L 451 36.02 -36.95 -0.69
N ILE L 452 36.74 -37.55 0.24
CA ILE L 452 36.24 -37.73 1.60
C ILE L 452 36.60 -36.50 2.39
N THR L 453 35.57 -35.82 2.93
CA THR L 453 35.78 -34.58 3.65
C THR L 453 35.21 -34.60 5.07
N GLY L 454 34.69 -35.73 5.53
CA GLY L 454 34.11 -35.77 6.86
C GLY L 454 33.77 -37.18 7.25
N LEU L 455 33.36 -37.32 8.51
CA LEU L 455 33.00 -38.60 9.09
C LEU L 455 31.81 -38.44 10.03
N ILE L 456 31.05 -39.50 10.17
CA ILE L 456 30.01 -39.62 11.18
C ILE L 456 30.38 -40.78 12.09
N LEU L 457 30.45 -40.53 13.38
CA LEU L 457 30.91 -41.54 14.34
C LEU L 457 29.92 -41.66 15.49
N THR L 458 29.98 -42.79 16.18
CA THR L 458 29.24 -43.02 17.39
C THR L 458 30.14 -43.73 18.39
N ARG L 459 29.90 -43.50 19.68
CA ARG L 459 30.76 -43.99 20.73
C ARG L 459 30.06 -45.06 21.55
N ASP L 460 30.77 -46.14 21.84
CA ASP L 460 30.23 -47.20 22.68
C ASP L 460 30.28 -46.80 24.14
N GLY L 461 29.20 -47.08 24.86
CA GLY L 461 29.11 -46.69 26.26
C GLY L 461 29.82 -47.64 27.19
N GLY L 462 31.15 -47.59 27.20
CA GLY L 462 31.93 -48.45 28.06
C GLY L 462 31.94 -48.00 29.51
N SER L 463 31.25 -48.74 30.36
CA SER L 463 31.14 -48.43 31.77
C SER L 463 32.14 -49.25 32.57
N THR L 464 31.99 -49.24 33.89
CA THR L 464 32.82 -50.01 34.82
C THR L 464 34.31 -49.65 34.67
N ASN L 465 34.58 -48.35 34.78
CA ASN L 465 35.94 -47.81 34.76
C ASN L 465 36.69 -48.24 33.51
N SER L 466 36.18 -47.79 32.37
CA SER L 466 36.77 -48.10 31.07
C SER L 466 37.84 -47.06 30.74
N THR L 467 39.06 -47.51 30.49
CA THR L 467 40.17 -46.63 30.13
C THR L 467 40.35 -46.49 28.63
N THR L 468 39.53 -47.17 27.83
CA THR L 468 39.63 -47.14 26.38
C THR L 468 38.28 -46.72 25.79
N GLU L 469 38.33 -46.01 24.67
CA GLU L 469 37.14 -45.57 23.96
C GLU L 469 37.14 -46.16 22.57
N THR L 470 35.98 -46.66 22.14
CA THR L 470 35.83 -47.26 20.82
C THR L 470 34.81 -46.47 20.02
N PHE L 471 35.18 -46.09 18.80
CA PHE L 471 34.34 -45.32 17.91
C PHE L 471 34.00 -46.14 16.67
N ARG L 472 32.73 -46.10 16.27
CA ARG L 472 32.27 -46.87 15.13
C ARG L 472 31.53 -45.96 14.14
N PRO L 473 31.68 -46.21 12.85
CA PRO L 473 30.97 -45.38 11.86
C PRO L 473 29.46 -45.54 11.99
N GLY L 474 28.75 -44.46 11.69
CA GLY L 474 27.30 -44.45 11.79
C GLY L 474 26.62 -43.80 10.61
N GLY L 475 25.39 -43.33 10.81
CA GLY L 475 24.65 -42.66 9.77
C GLY L 475 23.22 -43.18 9.71
N GLY L 476 22.61 -43.02 8.54
CA GLY L 476 21.25 -43.46 8.33
C GLY L 476 20.27 -42.32 8.20
N ASP L 477 20.44 -41.30 9.04
CA ASP L 477 19.61 -40.10 9.01
C ASP L 477 20.32 -39.06 8.15
N MET L 478 19.67 -38.61 7.09
CA MET L 478 20.30 -37.68 6.15
C MET L 478 20.30 -36.24 6.66
N ARG L 479 19.61 -35.95 7.77
CA ARG L 479 19.65 -34.60 8.30
C ARG L 479 21.04 -34.22 8.79
N ASP L 480 21.83 -35.20 9.22
CA ASP L 480 23.20 -34.94 9.64
C ASP L 480 24.16 -34.78 8.46
N ASN L 481 23.75 -35.17 7.25
CA ASN L 481 24.57 -34.91 6.08
C ASN L 481 24.49 -33.44 5.69
N TRP L 482 23.30 -32.85 5.75
CA TRP L 482 23.10 -31.45 5.42
C TRP L 482 23.15 -30.54 6.63
N ARG L 483 23.36 -31.10 7.83
CA ARG L 483 23.67 -30.28 8.99
C ARG L 483 25.14 -29.92 9.06
N SER L 484 25.98 -30.59 8.27
CA SER L 484 27.40 -30.30 8.20
C SER L 484 27.71 -29.22 7.17
N GLU L 485 26.72 -28.76 6.43
CA GLU L 485 26.85 -27.65 5.48
C GLU L 485 26.09 -26.41 5.92
N LEU L 486 24.88 -26.58 6.43
CA LEU L 486 24.10 -25.47 6.98
C LEU L 486 24.33 -25.33 8.49
N TYR L 487 25.59 -25.28 8.91
CA TYR L 487 25.92 -25.19 10.32
C TYR L 487 26.35 -23.80 10.74
N LYS L 488 26.59 -22.89 9.79
CA LYS L 488 27.03 -21.54 10.07
C LYS L 488 26.03 -20.48 9.62
N TYR L 489 24.78 -20.86 9.40
CA TYR L 489 23.75 -19.94 8.93
C TYR L 489 22.59 -19.90 9.91
N LYS L 490 21.95 -18.74 10.00
CA LYS L 490 20.69 -18.62 10.72
C LYS L 490 19.83 -17.57 10.04
N VAL L 491 18.53 -17.63 10.29
CA VAL L 491 17.56 -16.76 9.63
C VAL L 491 16.95 -15.84 10.67
N VAL L 492 16.93 -14.53 10.38
CA VAL L 492 16.34 -13.55 11.28
C VAL L 492 15.36 -12.69 10.49
N LYS L 493 14.42 -12.09 11.21
CA LYS L 493 13.44 -11.16 10.64
C LYS L 493 13.64 -9.77 11.22
N ILE L 494 13.49 -8.76 10.37
CA ILE L 494 13.78 -7.38 10.73
C ILE L 494 12.56 -6.75 11.39
N GLU L 495 12.82 -5.90 12.39
CA GLU L 495 11.77 -5.17 13.11
C GLU L 495 12.09 -3.69 13.05
N PRO L 496 11.73 -3.03 11.94
CA PRO L 496 12.23 -1.67 11.65
C PRO L 496 11.37 -0.54 12.23
N LEU L 497 11.07 -0.61 13.52
CA LEU L 497 10.24 0.42 14.14
C LEU L 497 10.70 0.64 15.58
N GLY L 498 11.06 1.88 15.91
CA GLY L 498 11.53 2.19 17.25
C GLY L 498 11.07 3.56 17.69
N VAL L 499 11.12 3.78 19.00
CA VAL L 499 10.78 5.05 19.62
C VAL L 499 11.89 5.45 20.57
N ALA L 500 12.20 6.74 20.64
CA ALA L 500 13.30 7.20 21.46
C ALA L 500 13.00 8.61 21.94
N PRO L 501 13.60 9.04 23.06
CA PRO L 501 13.37 10.40 23.54
C PRO L 501 14.31 11.40 22.87
N THR L 502 13.72 12.46 22.30
CA THR L 502 14.50 13.54 21.72
C THR L 502 13.97 14.86 22.26
N ARG L 503 14.45 15.96 21.69
CA ARG L 503 13.99 17.30 22.05
C ARG L 503 13.20 17.95 20.92
N CYS L 504 12.76 17.16 19.95
CA CYS L 504 11.94 17.64 18.84
C CYS L 504 10.47 17.53 19.22
N LYS L 505 9.75 18.64 19.12
CA LYS L 505 8.32 18.68 19.35
C LYS L 505 7.62 18.99 18.03
N ARG L 506 6.49 18.32 17.80
CA ARG L 506 5.74 18.52 16.56
C ARG L 506 5.20 19.94 16.50
N ARG L 507 5.32 20.57 15.35
CA ARG L 507 4.86 21.94 15.16
C ARG L 507 3.54 21.98 14.39
#